data_2J1K
#
_entry.id   2J1K
#
_cell.length_a   219.940
_cell.length_b   219.940
_cell.length_c   387.530
_cell.angle_alpha   90.00
_cell.angle_beta   90.00
_cell.angle_gamma   90.00
#
_symmetry.space_group_name_H-M   'I 4 2 2'
#
loop_
_entity.id
_entity.type
_entity.pdbx_description
1 polymer 'COXSACKIEVIRUS AND ADENOVIRUS RECEPTOR'
2 polymer 'FIBER PROTEIN'
3 water water
#
loop_
_entity_poly.entity_id
_entity_poly.type
_entity_poly.pdbx_seq_one_letter_code
_entity_poly.pdbx_strand_id
1 'polypeptide(L)'
;MADFARSLSITTPEEMIEKAKGETAYLPCKFTLSPEDQGPLDIEWLISPADNQKVDQVIILYSGDKIYDDYYPDLKGRVH
FTSNDLKSGDASINVTNLQLSDIGTYQCKVKKAPGVANKKIHLVVLVK
;
A,B,G,J,K,O,P,T,V,X,Y,Z
2 'polypeptide(L)'
;MRGSHHHHHHGSPPAAPITLWTGPGPSINGFINDTPVIRCFICLTRDSNLVTVNASFVGEGGYRIVSPTQSQFSLIMEFD
QFGQLMSTGNINSTTTWGEKPWGNNTVQPRPSHTWKLCMPNREVYSTPAATISRCGLDSIAVDGAPSRSIDCMLIINKPK
GVATYTLTFRFLNFNRLSGGTLFKTDVLTFTYVGENQ
;
C,D,E,F,H,I,L,M,N,Q,R,S
#
# COMPACT_ATOMS: atom_id res chain seq x y z
N SER A 7 -22.99 -58.35 -11.55
CA SER A 7 -23.85 -57.13 -11.52
C SER A 7 -24.43 -56.81 -12.91
N LEU A 8 -25.33 -55.82 -12.96
CA LEU A 8 -25.91 -55.35 -14.22
C LEU A 8 -24.91 -54.46 -14.96
N SER A 9 -24.76 -54.70 -16.25
CA SER A 9 -23.81 -53.95 -17.08
C SER A 9 -24.29 -53.80 -18.51
N ILE A 10 -23.83 -52.74 -19.17
CA ILE A 10 -24.06 -52.57 -20.60
C ILE A 10 -22.73 -52.78 -21.34
N THR A 11 -22.78 -53.43 -22.50
CA THR A 11 -21.58 -53.74 -23.27
C THR A 11 -21.02 -52.50 -23.97
N THR A 12 -19.77 -52.16 -23.66
CA THR A 12 -19.13 -50.92 -24.13
C THR A 12 -19.90 -49.69 -23.64
N PRO A 13 -19.52 -49.14 -22.46
CA PRO A 13 -20.30 -48.04 -21.87
C PRO A 13 -20.09 -46.65 -22.49
N GLU A 14 -19.27 -46.54 -23.54
CA GLU A 14 -19.14 -45.27 -24.27
C GLU A 14 -18.72 -45.46 -25.74
N GLU A 15 -19.35 -44.70 -26.64
CA GLU A 15 -19.13 -44.80 -28.08
C GLU A 15 -19.15 -43.43 -28.77
N MET A 16 -18.42 -43.34 -29.87
CA MET A 16 -18.55 -42.25 -30.84
C MET A 16 -19.17 -42.85 -32.10
N ILE A 17 -20.15 -42.15 -32.68
CA ILE A 17 -20.78 -42.60 -33.92
C ILE A 17 -20.93 -41.44 -34.90
N GLU A 18 -20.37 -41.61 -36.10
CA GLU A 18 -20.49 -40.66 -37.21
C GLU A 18 -21.57 -41.13 -38.19
N LYS A 19 -22.46 -40.21 -38.56
CA LYS A 19 -23.48 -40.48 -39.57
C LYS A 19 -23.71 -39.24 -40.46
N ALA A 20 -24.38 -39.43 -41.58
CA ALA A 20 -24.68 -38.33 -42.52
C ALA A 20 -26.17 -37.94 -42.44
N LYS A 21 -26.50 -36.77 -42.99
CA LYS A 21 -27.89 -36.30 -43.02
C LYS A 21 -28.79 -37.29 -43.76
N GLY A 22 -29.94 -37.61 -43.16
CA GLY A 22 -30.91 -38.51 -43.77
C GLY A 22 -30.72 -39.99 -43.48
N GLU A 23 -29.57 -40.36 -42.92
CA GLU A 23 -29.31 -41.74 -42.51
C GLU A 23 -30.05 -42.06 -41.21
N THR A 24 -30.02 -43.33 -40.81
CA THR A 24 -30.52 -43.75 -39.52
C THR A 24 -29.34 -44.17 -38.65
N ALA A 25 -29.28 -43.64 -37.43
CA ALA A 25 -28.19 -43.92 -36.49
C ALA A 25 -28.59 -45.01 -35.52
N TYR A 26 -27.95 -46.18 -35.61
CA TYR A 26 -28.20 -47.28 -34.70
C TYR A 26 -27.39 -47.11 -33.40
N LEU A 27 -28.11 -46.78 -32.31
CA LEU A 27 -27.50 -46.57 -30.99
C LEU A 27 -27.63 -47.84 -30.14
N PRO A 28 -26.53 -48.61 -29.98
CA PRO A 28 -26.65 -49.87 -29.26
C PRO A 28 -26.69 -49.70 -27.75
N CYS A 29 -27.49 -50.53 -27.09
CA CYS A 29 -27.48 -50.63 -25.64
C CYS A 29 -27.87 -52.05 -25.26
N LYS A 30 -26.87 -52.92 -25.19
CA LYS A 30 -27.07 -54.32 -24.89
C LYS A 30 -26.66 -54.50 -23.44
N PHE A 31 -27.54 -55.09 -22.63
CA PHE A 31 -27.28 -55.21 -21.20
C PHE A 31 -27.37 -56.66 -20.72
N THR A 32 -26.58 -56.97 -19.69
CA THR A 32 -26.62 -58.28 -19.03
C THR A 32 -27.18 -58.11 -17.62
N LEU A 33 -28.02 -59.06 -17.19
CA LEU A 33 -28.66 -59.02 -15.88
C LEU A 33 -28.03 -60.03 -14.93
N SER A 34 -28.05 -59.71 -13.63
CA SER A 34 -27.63 -60.66 -12.58
C SER A 34 -28.85 -61.40 -12.02
N PRO A 35 -28.61 -62.51 -11.30
CA PRO A 35 -29.73 -63.15 -10.60
C PRO A 35 -30.33 -62.28 -9.49
N GLU A 36 -29.52 -61.42 -8.88
CA GLU A 36 -29.97 -60.52 -7.82
C GLU A 36 -30.90 -59.41 -8.33
N ASP A 37 -30.81 -59.10 -9.64
CA ASP A 37 -31.59 -58.04 -10.25
C ASP A 37 -33.07 -58.44 -10.40
N GLN A 38 -33.79 -58.34 -9.28
CA GLN A 38 -35.19 -58.80 -9.18
C GLN A 38 -36.21 -57.68 -9.38
N GLY A 39 -35.76 -56.43 -9.46
CA GLY A 39 -36.67 -55.31 -9.65
C GLY A 39 -37.28 -55.28 -11.05
N PRO A 40 -38.26 -54.38 -11.26
CA PRO A 40 -38.85 -54.27 -12.58
C PRO A 40 -37.88 -53.56 -13.54
N LEU A 41 -37.89 -53.97 -14.81
CA LEU A 41 -37.00 -53.41 -15.80
C LEU A 41 -37.50 -52.05 -16.23
N ASP A 42 -36.66 -51.03 -16.09
CA ASP A 42 -37.00 -49.65 -16.42
C ASP A 42 -35.85 -49.07 -17.21
N ILE A 43 -36.09 -48.80 -18.50
CA ILE A 43 -35.08 -48.26 -19.39
C ILE A 43 -35.48 -46.86 -19.80
N GLU A 44 -34.49 -45.98 -19.94
CA GLU A 44 -34.72 -44.69 -20.58
C GLU A 44 -33.55 -44.26 -21.44
N TRP A 45 -33.86 -43.61 -22.55
CA TRP A 45 -32.86 -42.97 -23.38
C TRP A 45 -33.00 -41.46 -23.24
N LEU A 46 -31.88 -40.77 -23.06
CA LEU A 46 -31.87 -39.32 -22.85
C LEU A 46 -31.01 -38.65 -23.92
N ILE A 47 -31.29 -37.38 -24.19
CA ILE A 47 -30.50 -36.58 -25.12
C ILE A 47 -29.96 -35.34 -24.41
N SER A 48 -28.67 -35.09 -24.59
CA SER A 48 -28.04 -33.84 -24.18
C SER A 48 -27.59 -33.12 -25.45
N PRO A 49 -28.50 -32.35 -26.06
CA PRO A 49 -28.22 -31.79 -27.40
C PRO A 49 -27.17 -30.70 -27.39
N ALA A 50 -26.39 -30.61 -28.46
CA ALA A 50 -25.43 -29.53 -28.64
C ALA A 50 -26.18 -28.21 -28.90
N ASP A 51 -27.31 -28.29 -29.58
CA ASP A 51 -28.20 -27.14 -29.87
C ASP A 51 -28.43 -26.20 -28.69
N ASN A 52 -29.08 -26.71 -27.65
CA ASN A 52 -29.57 -25.90 -26.53
C ASN A 52 -28.85 -26.19 -25.22
N GLN A 53 -29.18 -25.39 -24.20
CA GLN A 53 -28.66 -25.57 -22.84
C GLN A 53 -29.41 -26.67 -22.07
N LYS A 54 -30.43 -27.28 -22.68
CA LYS A 54 -31.13 -28.42 -22.06
C LYS A 54 -30.17 -29.60 -21.94
N VAL A 55 -30.34 -30.39 -20.90
CA VAL A 55 -29.50 -31.55 -20.62
C VAL A 55 -30.37 -32.72 -20.18
N ASP A 56 -29.97 -33.93 -20.55
CA ASP A 56 -30.65 -35.16 -20.10
C ASP A 56 -32.17 -35.09 -20.30
N GLN A 57 -32.59 -34.95 -21.54
CA GLN A 57 -34.01 -34.88 -21.89
C GLN A 57 -34.47 -36.22 -22.45
N VAL A 58 -35.42 -36.87 -21.78
CA VAL A 58 -35.96 -38.16 -22.26
C VAL A 58 -36.41 -38.07 -23.71
N ILE A 59 -36.03 -39.10 -24.48
CA ILE A 59 -36.55 -39.26 -25.83
C ILE A 59 -37.47 -40.48 -25.93
N ILE A 60 -37.20 -41.51 -25.12
CA ILE A 60 -38.02 -42.73 -25.14
C ILE A 60 -37.80 -43.53 -23.84
N LEU A 61 -38.86 -44.19 -23.37
CA LEU A 61 -38.84 -44.96 -22.11
C LEU A 61 -39.39 -46.36 -22.31
N TYR A 62 -38.91 -47.30 -21.51
CA TYR A 62 -39.54 -48.61 -21.36
C TYR A 62 -39.80 -48.92 -19.89
N SER A 63 -41.06 -48.99 -19.49
CA SER A 63 -41.41 -49.50 -18.17
C SER A 63 -42.78 -50.16 -18.22
N GLY A 64 -42.97 -51.16 -17.36
CA GLY A 64 -44.23 -51.89 -17.28
C GLY A 64 -44.57 -52.64 -18.55
N ASP A 65 -43.52 -53.08 -19.27
CA ASP A 65 -43.64 -53.79 -20.56
C ASP A 65 -44.34 -52.92 -21.62
N LYS A 66 -43.98 -51.64 -21.65
CA LYS A 66 -44.67 -50.65 -22.47
C LYS A 66 -43.69 -49.53 -22.85
N ILE A 67 -43.71 -49.13 -24.11
CA ILE A 67 -42.83 -48.10 -24.66
C ILE A 67 -43.56 -46.76 -24.71
N TYR A 68 -42.94 -45.71 -24.16
CA TYR A 68 -43.46 -44.35 -24.23
C TYR A 68 -42.48 -43.47 -24.99
N ASP A 69 -42.94 -42.80 -26.06
CA ASP A 69 -42.06 -42.02 -26.94
C ASP A 69 -42.54 -40.61 -27.35
N ASP A 70 -43.62 -40.10 -26.75
CA ASP A 70 -44.16 -38.77 -27.12
C ASP A 70 -43.57 -37.68 -26.18
N TYR A 71 -42.25 -37.65 -26.05
CA TYR A 71 -41.58 -36.79 -25.04
C TYR A 71 -40.80 -35.64 -25.64
N TYR A 72 -39.96 -35.96 -26.63
CA TYR A 72 -39.06 -34.99 -27.24
C TYR A 72 -39.59 -34.59 -28.62
N PRO A 73 -40.05 -33.32 -28.76
CA PRO A 73 -40.66 -32.85 -30.02
C PRO A 73 -39.80 -33.02 -31.27
N ASP A 74 -38.52 -32.65 -31.19
CA ASP A 74 -37.63 -32.69 -32.36
C ASP A 74 -37.47 -34.09 -32.95
N LEU A 75 -37.62 -35.12 -32.11
CA LEU A 75 -37.44 -36.51 -32.52
C LEU A 75 -38.75 -37.25 -32.73
N LYS A 76 -39.86 -36.52 -32.86
CA LYS A 76 -41.19 -37.11 -32.99
C LYS A 76 -41.32 -38.04 -34.21
N GLY A 77 -41.58 -39.32 -33.95
CA GLY A 77 -41.74 -40.32 -35.00
C GLY A 77 -40.44 -40.88 -35.56
N ARG A 78 -39.31 -40.42 -35.04
CA ARG A 78 -38.00 -40.78 -35.58
C ARG A 78 -37.15 -41.64 -34.64
N VAL A 79 -37.65 -41.92 -33.44
CA VAL A 79 -36.93 -42.77 -32.48
C VAL A 79 -37.80 -43.98 -32.11
N HIS A 80 -37.15 -45.15 -32.05
CA HIS A 80 -37.83 -46.38 -31.65
C HIS A 80 -36.85 -47.46 -31.20
N PHE A 81 -37.32 -48.35 -30.33
CA PHE A 81 -36.55 -49.51 -29.90
C PHE A 81 -36.49 -50.53 -31.04
N THR A 82 -35.28 -51.01 -31.34
CA THR A 82 -35.06 -51.93 -32.46
C THR A 82 -35.44 -53.38 -32.13
N SER A 83 -35.28 -53.77 -30.86
CA SER A 83 -35.51 -55.17 -30.46
C SER A 83 -36.99 -55.55 -30.45
N ASN A 84 -37.28 -56.79 -30.85
CA ASN A 84 -38.61 -57.38 -30.70
C ASN A 84 -38.83 -58.06 -29.33
N ASP A 85 -37.77 -58.12 -28.53
CA ASP A 85 -37.82 -58.70 -27.18
C ASP A 85 -36.78 -57.97 -26.31
N LEU A 86 -37.19 -56.81 -25.81
CA LEU A 86 -36.32 -55.89 -25.07
C LEU A 86 -35.88 -56.45 -23.71
N LYS A 87 -36.77 -57.16 -23.03
CA LYS A 87 -36.46 -57.76 -21.73
C LYS A 87 -35.30 -58.79 -21.75
N SER A 88 -34.96 -59.29 -22.92
CA SER A 88 -33.87 -60.25 -23.07
C SER A 88 -32.47 -59.64 -23.04
N GLY A 89 -32.39 -58.30 -23.09
CA GLY A 89 -31.10 -57.61 -22.95
C GLY A 89 -30.70 -56.66 -24.08
N ASP A 90 -31.69 -56.14 -24.82
CA ASP A 90 -31.43 -55.26 -25.95
C ASP A 90 -32.32 -54.02 -25.86
N ALA A 91 -31.74 -52.92 -25.40
CA ALA A 91 -32.44 -51.64 -25.30
C ALA A 91 -31.97 -50.70 -26.41
N SER A 92 -31.42 -51.26 -27.48
CA SER A 92 -30.93 -50.47 -28.60
C SER A 92 -32.05 -49.73 -29.30
N ILE A 93 -31.70 -48.60 -29.89
CA ILE A 93 -32.64 -47.82 -30.67
C ILE A 93 -32.00 -47.44 -31.99
N ASN A 94 -32.76 -46.81 -32.86
CA ASN A 94 -32.17 -45.98 -33.90
C ASN A 94 -32.95 -44.69 -34.08
N VAL A 95 -32.26 -43.66 -34.56
CA VAL A 95 -32.86 -42.37 -34.84
C VAL A 95 -32.84 -42.18 -36.36
N THR A 96 -34.02 -42.20 -36.98
CA THR A 96 -34.16 -42.18 -38.43
C THR A 96 -34.13 -40.76 -38.98
N ASN A 97 -33.88 -40.63 -40.28
CA ASN A 97 -33.92 -39.33 -40.96
C ASN A 97 -33.13 -38.26 -40.19
N LEU A 98 -31.85 -38.53 -39.98
CA LEU A 98 -30.98 -37.69 -39.16
C LEU A 98 -30.85 -36.26 -39.69
N GLN A 99 -30.64 -35.33 -38.76
CA GLN A 99 -30.34 -33.94 -39.12
C GLN A 99 -29.29 -33.35 -38.17
N LEU A 100 -28.87 -32.12 -38.43
CA LEU A 100 -27.78 -31.48 -37.69
C LEU A 100 -28.19 -31.11 -36.26
N SER A 101 -29.48 -30.83 -36.06
CA SER A 101 -30.02 -30.54 -34.72
C SER A 101 -29.95 -31.76 -33.80
N ASP A 102 -29.83 -32.95 -34.38
CA ASP A 102 -29.76 -34.21 -33.62
C ASP A 102 -28.35 -34.52 -33.07
N ILE A 103 -27.37 -33.66 -33.36
CA ILE A 103 -26.04 -33.79 -32.78
C ILE A 103 -26.10 -33.62 -31.26
N GLY A 104 -25.48 -34.55 -30.53
CA GLY A 104 -25.40 -34.45 -29.08
C GLY A 104 -24.93 -35.74 -28.43
N THR A 105 -25.12 -35.84 -27.11
CA THR A 105 -24.82 -37.06 -26.35
C THR A 105 -26.11 -37.79 -25.98
N TYR A 106 -26.22 -39.03 -26.42
CA TYR A 106 -27.41 -39.85 -26.14
C TYR A 106 -27.05 -40.85 -25.07
N GLN A 107 -27.91 -40.96 -24.06
CA GLN A 107 -27.63 -41.81 -22.91
C GLN A 107 -28.69 -42.90 -22.70
N CYS A 108 -28.22 -44.14 -22.55
CA CYS A 108 -29.05 -45.28 -22.23
C CYS A 108 -28.90 -45.62 -20.75
N LYS A 109 -30.00 -45.57 -20.01
CA LYS A 109 -30.01 -45.96 -18.60
C LYS A 109 -30.86 -47.22 -18.42
N VAL A 110 -30.24 -48.28 -17.93
CA VAL A 110 -30.91 -49.54 -17.65
C VAL A 110 -30.95 -49.79 -16.15
N LYS A 111 -32.16 -49.89 -15.60
CA LYS A 111 -32.36 -50.24 -14.20
C LYS A 111 -33.13 -51.54 -14.08
N LYS A 112 -32.72 -52.36 -13.12
CA LYS A 112 -33.51 -53.53 -12.70
C LYS A 112 -33.03 -53.88 -11.30
N ALA A 113 -33.68 -53.28 -10.31
CA ALA A 113 -33.13 -53.15 -8.95
C ALA A 113 -32.62 -54.47 -8.37
N PRO A 114 -31.48 -54.43 -7.65
CA PRO A 114 -30.61 -53.27 -7.40
C PRO A 114 -29.72 -52.83 -8.58
N GLY A 115 -29.74 -53.57 -9.68
CA GLY A 115 -28.91 -53.27 -10.84
C GLY A 115 -29.15 -51.92 -11.47
N VAL A 116 -28.06 -51.22 -11.78
CA VAL A 116 -28.08 -49.98 -12.57
C VAL A 116 -26.87 -49.92 -13.50
N ALA A 117 -27.10 -49.45 -14.73
CA ALA A 117 -26.02 -49.27 -15.70
C ALA A 117 -26.39 -48.13 -16.64
N ASN A 118 -25.38 -47.38 -17.09
CA ASN A 118 -25.61 -46.38 -18.16
C ASN A 118 -24.51 -46.36 -19.22
N LYS A 119 -24.92 -46.07 -20.45
CA LYS A 119 -24.02 -45.96 -21.60
C LYS A 119 -24.18 -44.58 -22.22
N LYS A 120 -23.07 -43.94 -22.55
CA LYS A 120 -23.09 -42.68 -23.32
C LYS A 120 -22.69 -42.95 -24.76
N ILE A 121 -23.47 -42.41 -25.71
CA ILE A 121 -23.11 -42.47 -27.14
C ILE A 121 -23.10 -41.05 -27.69
N HIS A 122 -21.96 -40.64 -28.25
CA HIS A 122 -21.83 -39.30 -28.82
C HIS A 122 -22.08 -39.35 -30.31
N LEU A 123 -23.15 -38.68 -30.74
CA LEU A 123 -23.59 -38.68 -32.14
C LEU A 123 -23.12 -37.43 -32.86
N ALA B 5 36.86 37.93 -15.35
CA ALA B 5 36.09 36.67 -15.15
C ALA B 5 34.97 36.52 -16.18
N ARG B 6 35.12 35.55 -17.09
CA ARG B 6 34.06 35.20 -18.04
C ARG B 6 33.16 34.07 -17.52
N SER B 7 33.64 33.33 -16.53
CA SER B 7 32.87 32.24 -15.93
C SER B 7 33.28 32.01 -14.48
N LEU B 8 32.39 31.37 -13.73
CA LEU B 8 32.74 30.91 -12.39
C LEU B 8 33.87 29.89 -12.52
N SER B 9 34.94 30.12 -11.77
CA SER B 9 36.15 29.30 -11.83
C SER B 9 36.87 29.33 -10.50
N ILE B 10 37.56 28.23 -10.18
CA ILE B 10 38.27 28.09 -8.91
C ILE B 10 39.78 28.22 -9.13
N THR B 11 40.44 28.95 -8.23
CA THR B 11 41.89 29.15 -8.28
C THR B 11 42.64 27.91 -7.81
N THR B 12 43.41 27.29 -8.71
CA THR B 12 44.10 26.01 -8.47
C THR B 12 43.08 24.91 -8.15
N PRO B 13 42.58 24.20 -9.17
CA PRO B 13 41.59 23.14 -8.94
C PRO B 13 42.17 21.72 -8.78
N GLU B 14 43.47 21.60 -8.46
CA GLU B 14 44.13 20.29 -8.33
C GLU B 14 45.41 20.41 -7.48
N GLU B 15 45.31 20.06 -6.20
CA GLU B 15 46.39 20.25 -5.22
C GLU B 15 46.69 18.96 -4.45
N MET B 16 47.91 18.88 -3.90
CA MET B 16 48.31 17.79 -3.01
C MET B 16 48.74 18.30 -1.64
N ILE B 17 48.25 17.64 -0.60
CA ILE B 17 48.50 17.98 0.81
C ILE B 17 48.71 16.71 1.60
N GLU B 18 49.65 16.72 2.54
CA GLU B 18 49.81 15.61 3.48
C GLU B 18 50.27 16.15 4.84
N LYS B 19 49.57 15.72 5.91
CA LYS B 19 49.84 16.22 7.26
C LYS B 19 49.94 15.07 8.27
N ALA B 20 50.42 15.38 9.47
CA ALA B 20 50.58 14.38 10.55
C ALA B 20 49.27 14.08 11.29
N LYS B 21 49.27 12.97 12.03
CA LYS B 21 48.13 12.59 12.87
C LYS B 21 48.00 13.57 14.05
N GLY B 22 46.80 14.15 14.20
CA GLY B 22 46.53 15.14 15.24
C GLY B 22 46.68 16.58 14.78
N GLU B 23 47.18 16.77 13.55
CA GLU B 23 47.37 18.11 13.00
C GLU B 23 46.11 18.63 12.30
N THR B 24 46.16 19.92 11.95
CA THR B 24 45.10 20.59 11.23
C THR B 24 45.63 20.98 9.86
N ALA B 25 44.83 20.70 8.82
CA ALA B 25 45.17 21.02 7.44
C ALA B 25 44.24 22.11 6.90
N TYR B 26 44.73 22.81 5.87
CA TYR B 26 44.02 23.94 5.26
C TYR B 26 43.75 23.66 3.77
N LEU B 27 42.54 23.21 3.47
CA LEU B 27 42.12 22.94 2.07
C LEU B 27 41.54 24.22 1.47
N PRO B 28 42.21 24.79 0.45
CA PRO B 28 41.75 26.06 -0.13
C PRO B 28 40.83 25.89 -1.33
N CYS B 29 39.89 26.82 -1.48
CA CYS B 29 39.03 26.88 -2.67
C CYS B 29 38.50 28.30 -2.85
N LYS B 30 39.24 29.09 -3.64
CA LYS B 30 38.89 30.48 -3.89
C LYS B 30 38.35 30.62 -5.30
N PHE B 31 37.22 31.30 -5.43
CA PHE B 31 36.53 31.43 -6.72
C PHE B 31 36.27 32.87 -7.10
N THR B 32 36.06 33.10 -8.39
CA THR B 32 35.68 34.40 -8.92
C THR B 32 34.44 34.25 -9.81
N LEU B 33 33.36 34.93 -9.45
CA LEU B 33 32.08 34.83 -10.14
C LEU B 33 32.13 35.53 -11.51
N SER B 34 30.99 35.61 -12.19
CA SER B 34 30.89 36.26 -13.51
C SER B 34 29.61 37.10 -13.56
N PRO B 35 29.54 38.09 -14.48
CA PRO B 35 28.34 38.93 -14.58
C PRO B 35 27.00 38.20 -14.45
N GLU B 36 26.73 37.26 -15.35
CA GLU B 36 25.42 36.62 -15.42
C GLU B 36 25.31 35.30 -14.61
N ASP B 37 26.25 35.06 -13.70
CA ASP B 37 26.09 34.06 -12.64
C ASP B 37 25.16 34.59 -11.54
N GLN B 38 23.87 34.58 -11.84
CA GLN B 38 22.85 35.23 -11.02
C GLN B 38 22.17 34.29 -10.01
N GLY B 39 22.55 33.00 -9.99
CA GLY B 39 21.93 32.05 -9.06
C GLY B 39 22.47 32.24 -7.66
N PRO B 40 21.85 31.60 -6.65
CA PRO B 40 22.38 31.69 -5.30
C PRO B 40 23.68 30.92 -5.18
N LEU B 41 24.61 31.45 -4.40
CA LEU B 41 25.86 30.78 -4.14
C LEU B 41 25.60 29.45 -3.42
N ASP B 42 26.13 28.38 -3.99
CA ASP B 42 25.77 27.03 -3.58
C ASP B 42 27.06 26.19 -3.55
N ILE B 43 27.68 26.10 -2.36
CA ILE B 43 28.97 25.42 -2.18
C ILE B 43 28.82 24.09 -1.44
N GLU B 44 29.60 23.10 -1.82
CA GLU B 44 29.81 21.92 -0.97
C GLU B 44 31.22 21.35 -1.09
N TRP B 45 31.69 20.75 0.00
CA TRP B 45 32.94 20.00 0.00
C TRP B 45 32.64 18.53 0.18
N LEU B 46 33.34 17.68 -0.59
CA LEU B 46 33.14 16.24 -0.55
C LEU B 46 34.42 15.51 -0.16
N ILE B 47 34.28 14.39 0.55
CA ILE B 47 35.38 13.46 0.79
C ILE B 47 35.13 12.12 0.08
N SER B 48 36.16 11.62 -0.60
CA SER B 48 36.24 10.21 -0.96
C SER B 48 37.36 9.59 -0.12
N PRO B 49 36.99 8.79 0.90
CA PRO B 49 38.00 8.15 1.75
C PRO B 49 38.65 6.90 1.14
N ALA B 50 39.94 6.71 1.47
CA ALA B 50 40.70 5.56 0.99
C ALA B 50 40.36 4.34 1.83
N LYS B 54 32.16 3.76 0.34
CA LYS B 54 31.54 5.07 0.13
C LYS B 54 32.46 5.98 -0.69
N VAL B 55 31.86 6.69 -1.65
CA VAL B 55 32.57 7.71 -2.43
C VAL B 55 31.78 9.02 -2.35
N ASP B 56 32.44 10.14 -2.65
CA ASP B 56 31.79 11.45 -2.71
C ASP B 56 30.86 11.71 -1.52
N GLN B 57 31.37 11.55 -0.31
CA GLN B 57 30.61 11.85 0.90
C GLN B 57 30.79 13.33 1.24
N VAL B 58 29.68 14.04 1.39
CA VAL B 58 29.70 15.45 1.78
C VAL B 58 30.34 15.57 3.16
N ILE B 59 31.19 16.59 3.33
CA ILE B 59 31.76 16.94 4.64
C ILE B 59 31.22 18.28 5.19
N ILE B 60 31.02 19.28 4.33
CA ILE B 60 30.45 20.58 4.74
C ILE B 60 29.70 21.31 3.59
N LEU B 61 28.67 22.07 3.94
CA LEU B 61 27.85 22.82 2.94
C LEU B 61 27.71 24.31 3.24
N TYR B 62 27.69 25.12 2.19
CA TYR B 62 27.23 26.50 2.27
C TYR B 62 26.09 26.73 1.28
N SER B 63 24.91 27.03 1.81
CA SER B 63 23.77 27.47 1.01
C SER B 63 22.83 28.32 1.85
N GLY B 64 22.15 29.27 1.21
CA GLY B 64 21.20 30.15 1.90
C GLY B 64 21.83 30.98 3.02
N ASP B 65 23.10 31.34 2.83
CA ASP B 65 23.89 32.10 3.80
C ASP B 65 24.14 31.38 5.13
N LYS B 66 24.12 30.04 5.10
CA LYS B 66 24.25 29.25 6.31
C LYS B 66 25.18 28.06 6.07
N ILE B 67 25.83 27.63 7.15
CA ILE B 67 26.78 26.54 7.13
C ILE B 67 26.15 25.33 7.81
N TYR B 68 26.18 24.20 7.13
CA TYR B 68 25.73 22.92 7.68
C TYR B 68 26.93 21.99 7.63
N ASP B 69 27.27 21.37 8.76
CA ASP B 69 28.52 20.62 8.86
C ASP B 69 28.52 19.32 9.68
N ASP B 70 27.37 18.68 9.91
CA ASP B 70 27.33 17.44 10.72
C ASP B 70 27.06 16.20 9.86
N TYR B 71 27.88 15.98 8.84
CA TYR B 71 27.56 14.98 7.80
C TYR B 71 28.30 13.64 7.95
N TYR B 72 29.63 13.70 7.90
CA TYR B 72 30.45 12.48 8.02
C TYR B 72 30.81 12.24 9.51
N PRO B 73 30.19 11.22 10.15
CA PRO B 73 30.33 10.99 11.58
C PRO B 73 31.77 10.94 12.10
N ASP B 74 32.67 10.32 11.33
CA ASP B 74 34.07 10.19 11.71
C ASP B 74 34.77 11.55 11.91
N LEU B 75 34.35 12.55 11.13
CA LEU B 75 34.89 13.92 11.19
C LEU B 75 34.08 14.86 12.11
N LYS B 76 33.08 14.32 12.81
CA LYS B 76 32.13 15.13 13.60
C LYS B 76 32.84 16.09 14.55
N GLY B 77 32.58 17.39 14.35
CA GLY B 77 33.10 18.46 15.22
C GLY B 77 34.49 18.97 14.85
N ARG B 78 35.07 18.42 13.79
CA ARG B 78 36.44 18.76 13.39
C ARG B 78 36.54 19.49 12.05
N VAL B 79 35.43 19.55 11.30
CA VAL B 79 35.38 20.29 10.03
C VAL B 79 34.66 21.64 10.20
N HIS B 80 35.30 22.71 9.73
CA HIS B 80 34.76 24.07 9.80
C HIS B 80 35.21 24.88 8.57
N PHE B 81 34.37 25.84 8.15
CA PHE B 81 34.74 26.79 7.10
C PHE B 81 35.73 27.78 7.70
N THR B 82 36.86 28.01 7.03
CA THR B 82 37.88 28.90 7.59
C THR B 82 37.48 30.38 7.52
N SER B 83 36.88 30.80 6.40
CA SER B 83 36.63 32.22 6.15
C SER B 83 35.45 32.78 6.95
N ASN B 84 35.68 33.94 7.57
CA ASN B 84 34.63 34.73 8.23
C ASN B 84 33.73 35.49 7.23
N ASP B 85 34.03 35.38 5.93
CA ASP B 85 33.14 35.86 4.88
C ASP B 85 33.24 34.96 3.63
N LEU B 86 32.30 34.03 3.50
CA LEU B 86 32.36 32.97 2.50
C LEU B 86 31.84 33.44 1.14
N LYS B 87 30.89 34.38 1.16
CA LYS B 87 30.24 34.86 -0.07
C LYS B 87 31.16 35.70 -0.96
N SER B 88 32.23 36.25 -0.38
CA SER B 88 33.21 37.03 -1.15
C SER B 88 34.03 36.18 -2.14
N GLY B 89 34.23 34.89 -1.83
CA GLY B 89 35.05 34.02 -2.66
C GLY B 89 35.82 32.90 -1.97
N ASP B 90 35.72 32.77 -0.65
CA ASP B 90 36.59 31.85 0.11
C ASP B 90 35.84 30.67 0.77
N ALA B 91 35.67 29.61 -0.01
CA ALA B 91 35.04 28.36 0.44
C ALA B 91 35.98 27.39 1.16
N SER B 92 37.15 27.88 1.62
CA SER B 92 38.16 27.00 2.19
C SER B 92 37.73 26.45 3.56
N ILE B 93 38.20 25.24 3.88
CA ILE B 93 37.88 24.58 5.16
C ILE B 93 39.11 24.23 6.03
N ASN B 94 38.85 23.91 7.30
CA ASN B 94 39.87 23.40 8.23
C ASN B 94 39.44 22.05 8.83
N VAL B 95 40.37 21.10 8.89
CA VAL B 95 40.07 19.72 9.32
C VAL B 95 40.82 19.34 10.60
N ASP B 102 40.16 9.02 7.64
CA ASP B 102 40.36 10.42 7.30
C ASP B 102 41.02 10.63 5.93
N ILE B 103 41.98 9.75 5.61
CA ILE B 103 42.69 9.78 4.32
C ILE B 103 41.71 9.81 3.16
N GLY B 104 41.94 10.66 2.16
CA GLY B 104 41.08 10.69 0.96
C GLY B 104 41.26 11.84 -0.03
N THR B 105 40.34 11.93 -0.98
CA THR B 105 40.31 13.04 -1.95
C THR B 105 39.16 14.00 -1.61
N TYR B 106 39.50 15.29 -1.46
CA TYR B 106 38.56 16.32 -1.02
C TYR B 106 38.20 17.26 -2.18
N GLN B 107 36.92 17.35 -2.52
CA GLN B 107 36.49 18.16 -3.68
C GLN B 107 35.66 19.39 -3.30
N CYS B 108 36.00 20.53 -3.90
CA CYS B 108 35.25 21.76 -3.73
C CYS B 108 34.39 22.03 -4.95
N LYS B 109 33.06 22.02 -4.75
CA LYS B 109 32.10 22.31 -5.80
C LYS B 109 31.42 23.63 -5.49
N VAL B 110 31.49 24.57 -6.43
CA VAL B 110 30.88 25.89 -6.27
C VAL B 110 29.90 26.11 -7.41
N LYS B 111 28.65 26.41 -7.05
CA LYS B 111 27.60 26.72 -8.02
C LYS B 111 27.10 28.14 -7.80
N LYS B 112 27.00 28.89 -8.89
CA LYS B 112 26.25 30.13 -8.91
C LYS B 112 25.59 30.24 -10.27
N ALA B 113 24.41 29.63 -10.39
CA ALA B 113 23.81 29.33 -11.69
C ALA B 113 23.87 30.52 -12.63
N PRO B 114 24.22 30.29 -13.91
CA PRO B 114 24.62 29.04 -14.57
C PRO B 114 26.03 28.53 -14.28
N GLY B 115 26.85 29.31 -13.57
CA GLY B 115 28.21 28.91 -13.26
C GLY B 115 28.32 27.69 -12.36
N VAL B 116 29.21 26.80 -12.73
CA VAL B 116 29.60 25.63 -11.95
C VAL B 116 31.11 25.56 -12.04
N ALA B 117 31.76 25.08 -11.00
CA ALA B 117 33.20 24.83 -11.05
C ALA B 117 33.58 23.91 -9.92
N ASN B 118 34.58 23.06 -10.15
CA ASN B 118 35.08 22.18 -9.11
C ASN B 118 36.59 22.21 -8.99
N LYS B 119 37.06 21.89 -7.78
CA LYS B 119 38.47 21.79 -7.43
C LYS B 119 38.67 20.53 -6.61
N LYS B 120 39.68 19.74 -6.94
CA LYS B 120 40.03 18.58 -6.13
C LYS B 120 41.30 18.85 -5.31
N ILE B 121 41.35 18.26 -4.11
CA ILE B 121 42.58 18.18 -3.30
C ILE B 121 42.68 16.78 -2.74
N HIS B 122 43.90 16.27 -2.62
CA HIS B 122 44.14 14.94 -2.08
C HIS B 122 44.84 15.06 -0.73
N LEU B 123 44.33 14.35 0.28
CA LEU B 123 44.91 14.35 1.63
C LEU B 123 45.23 12.93 2.12
N VAL B 124 46.42 12.75 2.69
CA VAL B 124 46.87 11.47 3.23
C VAL B 124 47.56 11.67 4.58
N VAL B 125 46.86 11.34 5.67
CA VAL B 125 47.38 11.52 7.03
C VAL B 125 48.62 10.66 7.25
N LEU B 126 49.52 11.10 8.13
CA LEU B 126 50.78 10.40 8.40
C LEU B 126 50.75 9.76 9.79
N ALA C 16 19.53 63.01 -25.68
CA ALA C 16 19.71 61.80 -24.86
C ALA C 16 20.33 62.16 -23.51
N PRO C 17 20.19 61.25 -22.53
CA PRO C 17 20.83 61.46 -21.24
C PRO C 17 22.30 61.12 -21.28
N ILE C 18 23.03 61.60 -20.27
CA ILE C 18 24.46 61.34 -20.19
C ILE C 18 24.88 61.46 -18.72
N THR C 19 25.71 60.51 -18.29
CA THR C 19 26.24 60.53 -16.95
C THR C 19 27.75 60.68 -16.99
N LEU C 20 28.27 61.61 -16.20
CA LEU C 20 29.71 61.77 -15.99
C LEU C 20 29.96 61.41 -14.55
N TRP C 21 30.99 60.61 -14.30
CA TRP C 21 31.25 60.19 -12.93
C TRP C 21 32.71 59.76 -12.65
N THR C 22 32.97 59.50 -11.37
CA THR C 22 34.29 59.11 -10.87
C THR C 22 34.48 57.60 -10.99
N GLY C 23 33.38 56.90 -11.25
CA GLY C 23 33.37 55.45 -11.19
C GLY C 23 33.07 54.99 -9.78
N PRO C 24 32.84 53.69 -9.62
CA PRO C 24 32.66 53.17 -8.30
C PRO C 24 34.04 53.04 -7.64
N GLY C 25 34.08 52.99 -6.33
CA GLY C 25 35.36 52.87 -5.63
C GLY C 25 36.28 53.99 -6.09
N PRO C 26 35.87 55.25 -5.84
CA PRO C 26 36.64 56.35 -6.35
C PRO C 26 37.99 56.48 -5.65
N SER C 27 38.96 57.07 -6.34
CA SER C 27 40.25 57.35 -5.74
C SER C 27 40.19 58.58 -4.83
N ILE C 28 41.28 58.82 -4.12
CA ILE C 28 41.44 60.02 -3.32
C ILE C 28 41.71 61.13 -4.32
N ASN C 29 40.70 61.96 -4.52
CA ASN C 29 40.70 62.87 -5.65
C ASN C 29 40.33 64.30 -5.28
N GLY C 30 40.20 64.56 -3.98
CA GLY C 30 39.85 65.88 -3.46
C GLY C 30 41.05 66.45 -2.73
N PHE C 31 41.62 67.50 -3.30
CA PHE C 31 42.81 68.15 -2.75
C PHE C 31 42.44 69.21 -1.74
N ILE C 32 43.05 69.14 -0.56
CA ILE C 32 43.05 70.25 0.38
C ILE C 32 44.52 70.63 0.58
N ASN C 33 44.85 71.89 0.32
CA ASN C 33 46.21 72.41 0.48
C ASN C 33 47.27 71.57 -0.27
N ASP C 34 46.98 71.29 -1.54
CA ASP C 34 47.92 70.65 -2.49
C ASP C 34 48.18 69.16 -2.24
N THR C 35 47.39 68.57 -1.34
CA THR C 35 47.47 67.14 -1.03
C THR C 35 46.08 66.50 -1.22
N PRO C 36 46.00 65.39 -1.98
CA PRO C 36 44.72 64.70 -2.13
C PRO C 36 44.36 63.92 -0.86
N VAL C 37 43.24 64.30 -0.25
CA VAL C 37 42.88 63.80 1.07
C VAL C 37 41.42 63.34 1.19
N ILE C 38 40.58 63.73 0.24
CA ILE C 38 39.18 63.34 0.27
C ILE C 38 38.88 62.44 -0.91
N ARG C 39 38.25 61.32 -0.60
CA ARG C 39 37.85 60.36 -1.59
C ARG C 39 36.41 60.73 -1.95
N CYS C 40 36.22 61.23 -3.17
CA CYS C 40 34.94 61.76 -3.62
C CYS C 40 34.27 60.85 -4.67
N PHE C 41 33.14 60.25 -4.29
CA PHE C 41 32.23 59.69 -5.27
C PHE C 41 31.35 60.83 -5.78
N ILE C 42 31.39 61.06 -7.09
CA ILE C 42 30.65 62.14 -7.73
C ILE C 42 30.06 61.63 -9.04
N CYS C 43 28.74 61.70 -9.13
CA CYS C 43 27.99 61.36 -10.32
C CYS C 43 27.17 62.58 -10.77
N LEU C 44 27.35 63.02 -12.01
CA LEU C 44 26.50 64.04 -12.62
C LEU C 44 25.64 63.39 -13.70
N THR C 45 24.35 63.21 -13.42
CA THR C 45 23.46 62.50 -14.33
C THR C 45 22.50 63.50 -14.92
N ARG C 46 22.63 63.71 -16.22
CA ARG C 46 21.76 64.53 -17.00
C ARG C 46 20.65 63.68 -17.59
N ASP C 47 19.41 63.99 -17.21
CA ASP C 47 18.26 63.37 -17.89
C ASP C 47 17.70 64.32 -18.94
N SER C 48 16.39 64.56 -19.02
CA SER C 48 15.89 65.42 -20.10
C SER C 48 16.36 66.86 -19.97
N ASN C 49 16.31 67.41 -18.77
CA ASN C 49 16.58 68.83 -18.60
C ASN C 49 17.47 69.15 -17.42
N LEU C 50 17.27 68.44 -16.32
CA LEU C 50 18.00 68.70 -15.10
C LEU C 50 19.13 67.69 -14.94
N VAL C 51 20.18 68.16 -14.27
CA VAL C 51 21.31 67.35 -13.89
C VAL C 51 21.20 67.09 -12.39
N THR C 52 21.16 65.82 -12.01
CA THR C 52 21.26 65.41 -10.62
C THR C 52 22.72 65.19 -10.27
N VAL C 53 23.16 65.83 -9.20
CA VAL C 53 24.43 65.60 -8.60
C VAL C 53 24.24 64.57 -7.49
N ASN C 54 24.87 63.40 -7.61
CA ASN C 54 24.85 62.38 -6.57
C ASN C 54 26.31 62.16 -6.14
N ALA C 55 26.58 62.36 -4.85
CA ALA C 55 27.95 62.49 -4.38
C ALA C 55 28.07 62.04 -2.93
N SER C 56 29.21 61.44 -2.61
CA SER C 56 29.55 61.10 -1.24
C SER C 56 31.05 61.21 -1.06
N PHE C 57 31.48 61.41 0.19
CA PHE C 57 32.87 61.73 0.50
C PHE C 57 33.39 60.94 1.67
N VAL C 58 34.63 60.48 1.56
CA VAL C 58 35.31 59.81 2.67
C VAL C 58 36.67 60.47 2.90
N GLY C 59 36.82 61.06 4.07
CA GLY C 59 38.09 61.65 4.46
C GLY C 59 39.14 60.60 4.73
N GLU C 60 40.38 60.88 4.32
CA GLU C 60 41.47 59.93 4.48
C GLU C 60 42.64 60.62 5.16
N GLY C 61 43.56 59.81 5.67
CA GLY C 61 44.75 60.30 6.36
C GLY C 61 44.37 61.26 7.46
N GLY C 62 44.86 62.49 7.38
CA GLY C 62 44.56 63.52 8.38
C GLY C 62 43.10 63.96 8.43
N TYR C 63 42.33 63.62 7.39
CA TYR C 63 40.93 63.98 7.35
C TYR C 63 40.00 62.80 7.58
N ARG C 64 40.53 61.68 8.07
CA ARG C 64 39.70 60.51 8.33
C ARG C 64 38.67 60.78 9.42
N ILE C 65 39.10 61.51 10.44
CA ILE C 65 38.25 61.92 11.54
C ILE C 65 38.31 63.43 11.56
N VAL C 66 37.14 64.07 11.61
CA VAL C 66 37.06 65.52 11.72
C VAL C 66 36.50 65.84 13.10
N SER C 67 36.95 66.96 13.68
CA SER C 67 36.49 67.38 14.99
C SER C 67 35.71 68.68 14.83
N PRO C 68 34.94 69.09 15.87
CA PRO C 68 34.18 70.35 15.87
C PRO C 68 34.96 71.61 15.48
N THR C 69 36.26 71.62 15.74
CA THR C 69 37.12 72.75 15.42
C THR C 69 37.65 72.72 13.98
N GLN C 70 37.27 71.71 13.19
CA GLN C 70 37.75 71.58 11.82
C GLN C 70 37.38 72.83 11.04
N SER C 71 38.32 73.34 10.25
CA SER C 71 38.05 74.49 9.40
C SER C 71 37.35 74.04 8.12
N GLN C 72 36.54 74.94 7.61
CA GLN C 72 35.69 74.69 6.48
C GLN C 72 36.56 74.72 5.22
N PHE C 73 36.14 73.98 4.20
CA PHE C 73 36.91 73.93 2.97
C PHE C 73 36.00 73.66 1.78
N SER C 74 36.50 74.02 0.61
CA SER C 74 35.81 73.85 -0.65
C SER C 74 36.59 72.88 -1.51
N LEU C 75 35.88 71.94 -2.14
CA LEU C 75 36.44 71.13 -3.22
C LEU C 75 35.83 71.62 -4.53
N ILE C 76 36.63 72.33 -5.34
CA ILE C 76 36.16 72.95 -6.57
C ILE C 76 36.44 72.07 -7.81
N MET C 77 35.39 71.78 -8.57
CA MET C 77 35.49 71.19 -9.90
C MET C 77 35.38 72.29 -10.94
N GLU C 78 36.41 72.41 -11.77
CA GLU C 78 36.41 73.39 -12.86
C GLU C 78 36.22 72.67 -14.19
N PHE C 79 35.33 73.21 -15.01
CA PHE C 79 35.06 72.68 -16.33
C PHE C 79 35.19 73.75 -17.42
N ASP C 80 35.65 73.34 -18.59
CA ASP C 80 35.73 74.23 -19.74
C ASP C 80 34.37 74.35 -20.44
N GLN C 81 34.34 75.07 -21.57
CA GLN C 81 33.09 75.36 -22.33
C GLN C 81 32.44 74.12 -22.92
N PHE C 82 33.21 73.05 -23.05
CA PHE C 82 32.71 71.81 -23.65
C PHE C 82 32.39 70.77 -22.58
N GLY C 83 32.40 71.19 -21.32
CA GLY C 83 32.07 70.31 -20.20
C GLY C 83 33.15 69.33 -19.80
N GLN C 84 34.40 69.64 -20.14
CA GLN C 84 35.55 68.82 -19.78
C GLN C 84 36.19 69.32 -18.50
N LEU C 85 36.41 68.40 -17.58
CA LEU C 85 37.03 68.69 -16.30
C LEU C 85 38.44 69.20 -16.54
N MET C 86 38.77 70.34 -15.94
CA MET C 86 40.09 70.96 -16.07
C MET C 86 41.01 70.45 -15.00
N SER C 87 42.28 70.83 -15.09
CA SER C 87 43.30 70.33 -14.19
C SER C 87 43.49 71.24 -12.99
N THR C 88 42.71 72.31 -12.94
CA THR C 88 43.02 73.41 -12.04
C THR C 88 42.24 73.38 -10.72
N GLY C 89 41.20 72.55 -10.62
CA GLY C 89 40.37 72.51 -9.43
C GLY C 89 40.95 71.62 -8.34
N ASN C 90 40.27 71.59 -7.20
CA ASN C 90 40.61 70.66 -6.12
C ASN C 90 40.25 69.24 -6.50
N ILE C 91 39.25 69.11 -7.35
CA ILE C 91 38.91 67.85 -8.03
C ILE C 91 39.12 68.14 -9.50
N ASN C 92 39.98 67.36 -10.13
CA ASN C 92 40.51 67.75 -11.42
C ASN C 92 40.82 66.56 -12.33
N SER C 93 41.32 66.84 -13.52
CA SER C 93 41.49 65.84 -14.57
C SER C 93 42.67 64.87 -14.38
N THR C 94 43.42 65.01 -13.29
CA THR C 94 44.43 64.02 -12.91
C THR C 94 43.82 62.76 -12.27
N THR C 95 42.52 62.79 -11.93
CA THR C 95 41.83 61.57 -11.45
C THR C 95 40.89 60.97 -12.46
N THR C 96 40.54 59.71 -12.19
CA THR C 96 39.56 58.98 -13.00
C THR C 96 38.22 59.73 -13.00
N TRP C 97 37.77 60.04 -14.20
CA TRP C 97 36.59 60.86 -14.43
C TRP C 97 36.20 60.69 -15.89
N GLY C 98 34.89 60.57 -16.16
CA GLY C 98 34.41 60.37 -17.52
C GLY C 98 33.00 59.79 -17.57
N GLU C 99 32.61 59.37 -18.77
CA GLU C 99 31.23 58.96 -19.00
C GLU C 99 30.92 57.57 -18.49
N LYS C 100 29.75 57.42 -17.88
CA LYS C 100 29.22 56.10 -17.50
C LYS C 100 28.35 55.60 -18.62
N PRO C 101 28.75 54.48 -19.27
CA PRO C 101 27.84 53.82 -20.21
C PRO C 101 26.67 53.16 -19.50
N TRP C 102 25.51 53.23 -20.13
CA TRP C 102 24.36 52.50 -19.67
C TRP C 102 24.71 51.03 -19.75
N GLY C 103 24.51 50.30 -18.66
CA GLY C 103 24.76 48.86 -18.68
C GLY C 103 26.08 48.41 -18.06
N ASN C 104 26.97 49.36 -17.74
CA ASN C 104 28.21 49.01 -17.00
C ASN C 104 28.77 50.13 -16.11
N ASN C 105 29.77 49.75 -15.31
CA ASN C 105 30.37 50.62 -14.32
C ASN C 105 31.74 51.16 -14.74
N THR C 106 32.02 51.16 -16.05
CA THR C 106 33.26 51.74 -16.55
C THR C 106 33.21 53.27 -16.51
N VAL C 107 34.38 53.87 -16.59
CA VAL C 107 34.54 55.31 -16.68
C VAL C 107 35.20 55.53 -18.03
N GLN C 108 34.46 56.12 -18.97
CA GLN C 108 34.96 56.31 -20.33
C GLN C 108 35.52 57.72 -20.48
N PRO C 109 36.85 57.86 -20.61
CA PRO C 109 37.50 59.17 -20.58
C PRO C 109 37.46 59.99 -21.88
N ARG C 110 37.06 59.36 -22.99
CA ARG C 110 37.06 60.02 -24.29
C ARG C 110 35.98 61.10 -24.33
N PRO C 111 36.38 62.38 -24.54
CA PRO C 111 35.33 63.39 -24.55
C PRO C 111 34.30 63.25 -25.67
N SER C 112 33.11 63.75 -25.38
CA SER C 112 32.03 63.80 -26.34
C SER C 112 31.40 65.17 -26.17
N HIS C 113 30.78 65.64 -27.24
CA HIS C 113 30.04 66.90 -27.21
C HIS C 113 28.89 66.87 -26.17
N THR C 114 28.39 65.67 -25.88
CA THR C 114 27.28 65.47 -24.95
C THR C 114 27.63 65.82 -23.47
N TRP C 115 28.92 65.92 -23.19
CA TRP C 115 29.43 66.24 -21.84
C TRP C 115 28.99 67.62 -21.37
N LYS C 116 28.83 68.53 -22.33
CA LYS C 116 28.32 69.86 -22.07
C LYS C 116 26.96 69.80 -21.37
N LEU C 117 26.18 68.78 -21.69
CA LEU C 117 24.82 68.61 -21.16
C LEU C 117 24.76 68.41 -19.64
N CYS C 118 25.86 67.98 -19.04
CA CYS C 118 25.99 67.86 -17.58
C CYS C 118 26.38 69.15 -16.89
N MET C 119 26.65 70.19 -17.67
CA MET C 119 27.09 71.44 -17.11
C MET C 119 25.91 72.28 -16.69
N PRO C 120 26.11 73.15 -15.69
CA PRO C 120 25.09 74.07 -15.23
C PRO C 120 24.84 75.21 -16.22
N ASN C 121 23.64 75.17 -16.80
CA ASN C 121 23.15 76.14 -17.75
C ASN C 121 23.66 77.54 -17.43
N ARG C 122 24.46 78.11 -18.31
CA ARG C 122 25.14 79.34 -17.95
C ARG C 122 24.24 80.57 -17.97
N GLU C 123 23.08 80.45 -18.61
CA GLU C 123 22.12 81.54 -18.60
C GLU C 123 21.24 81.51 -17.36
N VAL C 124 20.84 80.31 -16.95
CA VAL C 124 20.15 80.14 -15.67
C VAL C 124 21.09 80.53 -14.53
N TYR C 125 22.36 80.14 -14.64
CA TYR C 125 23.35 80.34 -13.56
C TYR C 125 24.43 81.34 -13.98
N SER C 126 23.97 82.49 -14.46
CA SER C 126 24.83 83.58 -14.92
C SER C 126 25.40 84.38 -13.77
N THR C 127 24.77 84.25 -12.59
CA THR C 127 25.40 84.60 -11.31
C THR C 127 25.41 83.34 -10.43
N PRO C 128 26.36 83.26 -9.48
CA PRO C 128 26.46 82.03 -8.66
C PRO C 128 25.18 81.66 -7.91
N ALA C 129 24.87 80.38 -7.93
CA ALA C 129 23.75 79.81 -7.21
C ALA C 129 24.28 78.82 -6.16
N ALA C 130 23.46 78.52 -5.16
CA ALA C 130 23.88 77.61 -4.11
C ALA C 130 22.71 76.81 -3.54
N THR C 131 23.04 75.62 -3.03
CA THR C 131 22.14 74.84 -2.17
C THR C 131 22.95 74.34 -0.99
N ILE C 132 22.62 74.83 0.21
CA ILE C 132 23.20 74.30 1.44
C ILE C 132 22.28 73.22 2.01
N SER C 133 22.86 72.04 2.20
CA SER C 133 22.14 70.90 2.78
C SER C 133 22.89 70.24 3.94
N ARG C 134 22.11 69.60 4.80
CA ARG C 134 22.62 68.70 5.78
C ARG C 134 23.53 67.66 5.17
N CYS C 135 24.60 67.34 5.90
CA CYS C 135 25.54 66.32 5.51
C CYS C 135 25.84 65.43 6.72
N GLY C 136 25.05 64.38 6.88
CA GLY C 136 25.28 63.44 7.97
C GLY C 136 26.65 62.80 7.84
N LEU C 137 27.34 62.65 8.96
CA LEU C 137 28.61 61.94 9.00
C LEU C 137 28.44 60.65 9.80
N ASP C 138 29.02 59.58 9.27
CA ASP C 138 29.05 58.26 9.89
C ASP C 138 27.66 57.83 10.37
N SER C 139 26.64 58.13 9.56
CA SER C 139 25.25 58.11 10.03
C SER C 139 24.74 56.76 10.47
N ILE C 140 25.18 55.70 9.81
CA ILE C 140 24.76 54.35 10.19
C ILE C 140 25.32 54.03 11.58
N ALA C 141 26.64 54.16 11.73
CA ALA C 141 27.36 53.82 12.99
C ALA C 141 26.94 54.66 14.19
N VAL C 142 26.76 55.96 13.98
CA VAL C 142 26.27 56.87 15.03
C VAL C 142 24.75 56.93 15.09
N ASP C 143 24.09 56.09 14.31
CA ASP C 143 22.63 56.00 14.23
C ASP C 143 21.94 57.34 14.07
N GLY C 144 22.49 58.17 13.16
CA GLY C 144 21.89 59.46 12.84
C GLY C 144 21.79 60.46 13.99
N ALA C 145 22.69 60.36 14.97
CA ALA C 145 22.72 61.32 16.07
C ALA C 145 22.72 62.75 15.48
N PRO C 146 21.81 63.62 15.96
CA PRO C 146 21.68 64.98 15.37
C PRO C 146 22.95 65.82 15.38
N SER C 147 23.82 65.55 16.37
CA SER C 147 25.10 66.23 16.54
C SER C 147 26.25 65.60 15.73
N ARG C 148 25.90 64.78 14.73
CA ARG C 148 26.88 64.16 13.86
C ARG C 148 26.72 64.57 12.40
N SER C 149 26.02 65.69 12.18
CA SER C 149 25.83 66.27 10.87
C SER C 149 26.63 67.56 10.73
N ILE C 150 27.19 67.75 9.56
CA ILE C 150 27.72 69.04 9.18
C ILE C 150 26.81 69.56 8.06
N ASP C 151 27.26 70.61 7.38
CA ASP C 151 26.62 71.06 6.14
C ASP C 151 27.54 70.85 4.96
N CYS C 152 26.94 70.59 3.80
CA CYS C 152 27.64 70.67 2.53
C CYS C 152 26.83 71.61 1.64
N MET C 153 27.50 72.62 1.10
CA MET C 153 26.89 73.53 0.16
C MET C 153 27.47 73.28 -1.23
N LEU C 154 26.60 73.00 -2.19
CA LEU C 154 26.99 73.05 -3.59
C LEU C 154 26.88 74.51 -4.02
N ILE C 155 27.98 75.06 -4.54
CA ILE C 155 27.97 76.35 -5.20
C ILE C 155 28.07 76.08 -6.69
N ILE C 156 27.15 76.67 -7.46
CA ILE C 156 27.07 76.52 -8.92
C ILE C 156 27.66 77.75 -9.60
N ASN C 157 28.69 77.56 -10.41
CA ASN C 157 29.30 78.62 -11.21
C ASN C 157 29.82 79.83 -10.44
N LYS C 158 30.39 79.62 -9.27
CA LYS C 158 31.23 80.64 -8.66
C LYS C 158 32.49 80.76 -9.52
N PRO C 159 32.78 81.98 -10.03
CA PRO C 159 33.88 82.12 -10.99
C PRO C 159 35.19 81.65 -10.41
N LYS C 160 35.99 80.99 -11.23
CA LYS C 160 37.31 80.51 -10.81
C LYS C 160 38.23 80.52 -12.00
N GLY C 161 39.12 81.52 -12.04
CA GLY C 161 40.11 81.64 -13.11
C GLY C 161 39.49 81.57 -14.49
N VAL C 162 39.96 80.63 -15.31
CA VAL C 162 39.51 80.54 -16.70
C VAL C 162 38.36 79.54 -16.92
N ALA C 163 37.87 78.90 -15.87
CA ALA C 163 36.76 77.94 -15.99
C ALA C 163 35.49 78.59 -16.54
N THR C 164 34.78 77.85 -17.39
CA THR C 164 33.48 78.28 -17.86
C THR C 164 32.38 77.85 -16.87
N TYR C 165 32.55 76.67 -16.26
CA TYR C 165 31.62 76.15 -15.27
C TYR C 165 32.38 75.70 -14.05
N THR C 166 31.75 75.87 -12.88
CA THR C 166 32.28 75.34 -11.64
C THR C 166 31.17 74.71 -10.80
N LEU C 167 31.56 73.66 -10.07
CA LEU C 167 30.78 73.04 -9.03
C LEU C 167 31.69 72.91 -7.80
N THR C 168 31.28 73.53 -6.70
CA THR C 168 32.07 73.55 -5.49
C THR C 168 31.29 72.79 -4.44
N PHE C 169 31.94 71.82 -3.81
CA PHE C 169 31.42 71.20 -2.59
C PHE C 169 32.10 71.85 -1.39
N ARG C 170 31.36 72.69 -0.66
CA ARG C 170 31.88 73.41 0.47
C ARG C 170 31.37 72.80 1.78
N PHE C 171 32.29 72.31 2.59
CA PHE C 171 31.97 71.63 3.85
C PHE C 171 32.11 72.63 4.97
N LEU C 172 31.00 72.78 5.70
CA LEU C 172 30.71 73.90 6.55
C LEU C 172 30.17 73.44 7.89
N ASN C 173 30.31 74.30 8.90
CA ASN C 173 29.62 74.12 10.18
C ASN C 173 29.99 72.81 10.85
N PHE C 174 31.29 72.56 10.86
CA PHE C 174 31.86 71.45 11.60
C PHE C 174 31.62 71.61 13.08
N ASN C 175 31.45 72.86 13.55
CA ASN C 175 31.15 73.15 14.96
C ASN C 175 29.76 72.72 15.43
N ARG C 176 28.96 72.19 14.51
CA ARG C 176 27.73 71.46 14.86
C ARG C 176 28.07 70.13 15.55
N LEU C 177 29.25 69.59 15.27
CA LEU C 177 29.61 68.27 15.79
C LEU C 177 29.80 68.30 17.31
N SER C 178 29.31 67.28 18.00
CA SER C 178 29.52 67.09 19.44
C SER C 178 30.96 66.71 19.78
N GLY C 179 31.61 66.04 18.82
CA GLY C 179 32.95 65.53 19.00
C GLY C 179 33.47 64.93 17.71
N GLY C 180 34.65 64.30 17.81
CA GLY C 180 35.34 63.68 16.70
C GLY C 180 34.49 62.66 15.98
N THR C 181 34.32 62.85 14.68
CA THR C 181 33.43 62.04 13.87
C THR C 181 34.18 61.60 12.62
N LEU C 182 34.01 60.32 12.27
CA LEU C 182 34.53 59.79 11.03
C LEU C 182 33.96 60.57 9.86
N PHE C 183 34.84 61.09 8.99
CA PHE C 183 34.41 61.94 7.87
C PHE C 183 33.93 61.07 6.71
N LYS C 184 32.84 60.36 7.00
CA LYS C 184 32.22 59.41 6.10
C LYS C 184 30.81 59.93 5.84
N THR C 185 30.69 60.72 4.77
CA THR C 185 29.43 61.45 4.50
C THR C 185 28.30 60.55 4.01
N ASP C 186 27.10 61.04 4.24
CA ASP C 186 25.93 60.56 3.54
C ASP C 186 26.06 60.73 2.02
N VAL C 187 25.18 60.04 1.31
CA VAL C 187 24.97 60.26 -0.10
C VAL C 187 24.16 61.57 -0.23
N LEU C 188 24.77 62.57 -0.86
CA LEU C 188 24.22 63.90 -1.01
C LEU C 188 23.66 64.04 -2.41
N THR C 189 22.50 64.68 -2.51
CA THR C 189 21.87 64.94 -3.81
C THR C 189 21.57 66.41 -3.99
N PHE C 190 21.90 66.92 -5.18
CA PHE C 190 21.57 68.27 -5.61
C PHE C 190 21.10 68.20 -7.06
N THR C 191 20.46 69.28 -7.50
CA THR C 191 19.86 69.37 -8.80
C THR C 191 20.09 70.78 -9.35
N TYR C 192 20.41 70.87 -10.63
CA TYR C 192 20.44 72.14 -11.32
C TYR C 192 20.00 71.93 -12.77
N VAL C 193 19.63 73.01 -13.44
CA VAL C 193 19.28 72.95 -14.87
C VAL C 193 20.52 72.72 -15.73
N GLY C 194 20.43 71.73 -16.63
CA GLY C 194 21.52 71.39 -17.50
C GLY C 194 21.72 72.40 -18.62
N GLU C 195 22.97 72.54 -19.05
CA GLU C 195 23.28 73.33 -20.23
C GLU C 195 22.65 72.74 -21.50
N ASN C 196 22.46 73.61 -22.50
CA ASN C 196 21.96 73.20 -23.79
C ASN C 196 23.12 72.89 -24.71
N GLN C 197 22.89 71.92 -25.59
CA GLN C 197 23.92 71.51 -26.51
C GLN C 197 24.30 72.65 -27.42
N ALA D 16 5.68 27.09 -26.70
CA ALA D 16 6.99 26.38 -26.66
C ALA D 16 7.12 25.49 -25.42
N PRO D 17 7.93 24.43 -25.52
CA PRO D 17 8.23 23.64 -24.33
C PRO D 17 9.18 24.40 -23.39
N ILE D 18 9.27 23.93 -22.14
CA ILE D 18 10.15 24.58 -21.14
C ILE D 18 10.46 23.57 -20.01
N THR D 19 11.74 23.52 -19.62
CA THR D 19 12.19 22.63 -18.56
C THR D 19 12.80 23.45 -17.42
N LEU D 20 12.34 23.18 -16.20
CA LEU D 20 12.93 23.70 -14.96
C LEU D 20 13.57 22.51 -14.25
N TRP D 21 14.81 22.69 -13.78
CA TRP D 21 15.52 21.59 -13.13
C TRP D 21 16.61 22.05 -12.15
N THR D 22 17.14 21.07 -11.44
CA THR D 22 18.19 21.26 -10.48
C THR D 22 19.56 21.28 -11.16
N GLY D 23 19.60 20.84 -12.42
CA GLY D 23 20.86 20.59 -13.15
C GLY D 23 21.33 19.18 -12.84
N PRO D 24 22.36 18.72 -13.55
CA PRO D 24 22.87 17.41 -13.20
C PRO D 24 23.75 17.54 -11.95
N GLY D 25 23.98 16.43 -11.29
CA GLY D 25 24.82 16.44 -10.09
C GLY D 25 24.24 17.42 -9.09
N PRO D 26 23.01 17.16 -8.63
CA PRO D 26 22.29 18.10 -7.80
C PRO D 26 22.93 18.25 -6.43
N SER D 27 22.70 19.41 -5.82
CA SER D 27 23.18 19.70 -4.49
C SER D 27 22.28 18.99 -3.49
N ILE D 28 22.70 19.00 -2.23
CA ILE D 28 21.86 18.56 -1.14
C ILE D 28 20.89 19.69 -0.88
N ASN D 29 19.66 19.50 -1.34
CA ASN D 29 18.67 20.57 -1.44
C ASN D 29 17.31 20.19 -0.84
N GLY D 30 17.25 19.04 -0.18
CA GLY D 30 16.02 18.57 0.43
C GLY D 30 16.14 18.67 1.93
N PHE D 31 15.35 19.54 2.52
CA PHE D 31 15.43 19.84 3.95
C PHE D 31 14.50 18.93 4.73
N ILE D 32 15.05 18.35 5.80
CA ILE D 32 14.26 17.65 6.81
C ILE D 32 14.69 18.21 8.16
N ASN D 33 13.71 18.62 8.96
CA ASN D 33 14.00 19.25 10.24
C ASN D 33 15.07 20.33 10.11
N ASP D 34 14.94 21.15 9.07
CA ASP D 34 15.76 22.34 8.87
C ASP D 34 17.25 22.08 8.60
N THR D 35 17.55 20.87 8.15
CA THR D 35 18.89 20.51 7.67
C THR D 35 18.77 19.94 6.26
N PRO D 36 19.70 20.31 5.35
CA PRO D 36 19.71 19.67 4.04
C PRO D 36 20.31 18.27 4.10
N VAL D 37 19.50 17.26 3.80
CA VAL D 37 19.92 15.85 3.96
C VAL D 37 19.68 14.96 2.74
N ILE D 38 18.84 15.37 1.81
CA ILE D 38 18.59 14.60 0.58
C ILE D 38 19.09 15.41 -0.61
N ARG D 39 19.87 14.78 -1.50
CA ARG D 39 20.09 15.41 -2.79
C ARG D 39 19.07 14.93 -3.82
N CYS D 40 18.31 15.90 -4.30
CA CYS D 40 17.17 15.67 -5.16
C CYS D 40 17.52 16.13 -6.54
N PHE D 41 17.57 15.20 -7.50
CA PHE D 41 17.51 15.56 -8.91
C PHE D 41 16.04 15.72 -9.26
N ILE D 42 15.65 16.92 -9.67
CA ILE D 42 14.26 17.18 -10.07
C ILE D 42 14.27 17.89 -11.41
N CYS D 43 13.48 17.36 -12.32
CA CYS D 43 13.32 17.94 -13.63
C CYS D 43 11.81 18.07 -13.86
N LEU D 44 11.34 19.30 -14.11
CA LEU D 44 9.97 19.53 -14.55
C LEU D 44 9.99 19.89 -16.03
N THR D 45 9.59 18.98 -16.90
CA THR D 45 9.58 19.25 -18.33
C THR D 45 8.17 19.38 -18.87
N ARG D 46 7.87 20.58 -19.34
CA ARG D 46 6.61 20.90 -19.98
C ARG D 46 6.77 20.75 -21.49
N ASP D 47 5.95 19.88 -22.08
CA ASP D 47 5.87 19.81 -23.52
C ASP D 47 4.59 20.53 -23.90
N SER D 48 3.76 20.01 -24.79
CA SER D 48 2.64 20.79 -25.30
C SER D 48 1.58 21.14 -24.24
N ASN D 49 1.25 20.18 -23.39
CA ASN D 49 0.14 20.32 -22.44
C ASN D 49 0.46 19.78 -21.08
N LEU D 50 1.18 18.66 -21.02
CA LEU D 50 1.50 18.04 -19.75
C LEU D 50 2.91 18.36 -19.29
N VAL D 51 3.08 18.33 -17.98
CA VAL D 51 4.39 18.44 -17.33
C VAL D 51 4.78 17.05 -16.84
N THR D 52 5.99 16.63 -17.21
CA THR D 52 6.55 15.40 -16.69
C THR D 52 7.48 15.75 -15.52
N VAL D 53 7.24 15.12 -14.37
CA VAL D 53 8.16 15.20 -13.25
C VAL D 53 9.12 14.02 -13.35
N ASN D 54 10.40 14.30 -13.57
CA ASN D 54 11.43 13.31 -13.55
C ASN D 54 12.35 13.63 -12.37
N ALA D 55 12.46 12.67 -11.44
CA ALA D 55 13.14 12.89 -10.19
C ALA D 55 13.82 11.63 -9.65
N SER D 56 14.91 11.84 -8.94
CA SER D 56 15.58 10.80 -8.17
C SER D 56 16.25 11.45 -6.93
N PHE D 57 16.48 10.63 -5.90
CA PHE D 57 16.90 11.14 -4.59
C PHE D 57 17.98 10.26 -3.96
N VAL D 58 18.97 10.93 -3.37
CA VAL D 58 19.99 10.24 -2.59
C VAL D 58 20.12 10.89 -1.21
N GLY D 59 19.86 10.09 -0.18
CA GLY D 59 20.04 10.52 1.19
C GLY D 59 21.49 10.72 1.53
N GLU D 60 21.76 11.78 2.28
CA GLU D 60 23.10 12.04 2.77
C GLU D 60 23.04 12.10 4.29
N GLY D 61 24.21 11.95 4.92
CA GLY D 61 24.33 12.04 6.39
C GLY D 61 23.61 10.91 7.12
N GLY D 62 22.75 11.27 8.05
CA GLY D 62 21.92 10.30 8.77
C GLY D 62 20.76 9.73 7.97
N TYR D 63 20.58 10.19 6.73
CA TYR D 63 19.56 9.67 5.83
C TYR D 63 20.13 8.81 4.68
N ARG D 64 21.43 8.52 4.73
CA ARG D 64 22.09 7.75 3.68
C ARG D 64 21.58 6.31 3.66
N ILE D 65 21.38 5.75 4.85
CA ILE D 65 20.73 4.47 5.03
C ILE D 65 19.41 4.72 5.74
N VAL D 66 18.33 4.12 5.23
CA VAL D 66 17.03 4.17 5.88
C VAL D 66 16.69 2.76 6.33
N SER D 67 15.91 2.67 7.41
CA SER D 67 15.51 1.40 8.00
C SER D 67 13.99 1.26 7.91
N PRO D 68 13.46 0.05 8.20
CA PRO D 68 11.99 -0.11 8.19
C PRO D 68 11.22 0.76 9.20
N THR D 69 11.93 1.31 10.19
CA THR D 69 11.29 2.10 11.24
C THR D 69 11.38 3.59 10.93
N GLN D 70 12.04 3.91 9.82
CA GLN D 70 12.19 5.27 9.35
C GLN D 70 10.81 5.92 9.31
N SER D 71 10.70 7.12 9.87
CA SER D 71 9.45 7.84 9.79
C SER D 71 9.34 8.55 8.44
N GLN D 72 8.10 8.68 8.01
CA GLN D 72 7.73 9.20 6.72
C GLN D 72 7.94 10.71 6.72
N PHE D 73 8.19 11.27 5.54
CA PHE D 73 8.50 12.68 5.43
C PHE D 73 8.17 13.24 4.05
N SER D 74 7.88 14.54 4.04
CA SER D 74 7.53 15.26 2.82
C SER D 74 8.65 16.24 2.44
N LEU D 75 8.99 16.28 1.14
CA LEU D 75 9.82 17.35 0.57
C LEU D 75 8.90 18.21 -0.31
N ILE D 76 8.51 19.36 0.21
CA ILE D 76 7.58 20.27 -0.44
C ILE D 76 8.31 21.39 -1.20
N MET D 77 8.00 21.51 -2.50
CA MET D 77 8.43 22.64 -3.30
C MET D 77 7.27 23.64 -3.38
N GLU D 78 7.50 24.88 -3.01
CA GLU D 78 6.49 25.93 -3.07
C GLU D 78 6.84 26.87 -4.21
N PHE D 79 5.88 27.17 -5.07
CA PHE D 79 6.14 28.10 -6.17
C PHE D 79 5.18 29.29 -6.12
N ASP D 80 5.65 30.47 -6.51
CA ASP D 80 4.79 31.65 -6.50
C ASP D 80 3.88 31.61 -7.74
N GLN D 81 3.08 32.65 -7.92
CA GLN D 81 2.09 32.69 -9.00
C GLN D 81 2.69 32.76 -10.41
N PHE D 82 3.99 33.01 -10.50
CA PHE D 82 4.68 33.13 -11.79
C PHE D 82 5.56 31.93 -12.08
N GLY D 83 5.46 30.89 -11.25
CA GLY D 83 6.19 29.65 -11.42
C GLY D 83 7.61 29.70 -10.86
N GLN D 84 7.85 30.61 -9.93
CA GLN D 84 9.17 30.75 -9.32
C GLN D 84 9.19 30.05 -7.98
N LEU D 85 10.24 29.27 -7.77
CA LEU D 85 10.46 28.57 -6.53
C LEU D 85 10.64 29.57 -5.39
N MET D 86 9.89 29.36 -4.31
CA MET D 86 9.93 30.23 -3.15
C MET D 86 10.95 29.76 -2.13
N SER D 87 11.21 30.59 -1.13
CA SER D 87 12.25 30.31 -0.13
C SER D 87 11.81 29.35 0.98
N THR D 88 10.54 29.02 1.04
CA THR D 88 9.91 28.48 2.24
C THR D 88 9.72 26.95 2.25
N GLY D 89 9.88 26.29 1.10
CA GLY D 89 9.70 24.85 1.04
C GLY D 89 10.92 24.08 1.54
N ASN D 90 10.76 22.77 1.64
CA ASN D 90 11.86 21.85 1.92
C ASN D 90 12.85 21.82 0.78
N ILE D 91 12.34 22.05 -0.42
CA ILE D 91 13.15 22.32 -1.61
C ILE D 91 12.84 23.74 -2.02
N ASN D 92 13.86 24.60 -2.05
CA ASN D 92 13.62 26.04 -2.12
C ASN D 92 14.68 26.84 -2.87
N SER D 93 14.46 28.14 -2.99
CA SER D 93 15.30 29.04 -3.81
C SER D 93 16.74 29.28 -3.31
N THR D 94 17.12 28.67 -2.19
CA THR D 94 18.53 28.68 -1.77
C THR D 94 19.43 27.69 -2.56
N THR D 95 18.87 26.73 -3.28
CA THR D 95 19.74 25.89 -4.17
C THR D 95 19.55 26.13 -5.64
N THR D 96 20.49 25.59 -6.41
CA THR D 96 20.49 25.71 -7.84
C THR D 96 19.20 25.17 -8.43
N TRP D 97 18.48 26.07 -9.10
CA TRP D 97 17.22 25.75 -9.72
C TRP D 97 16.99 26.76 -10.82
N GLY D 98 16.56 26.27 -11.98
CA GLY D 98 16.31 27.15 -13.09
C GLY D 98 16.00 26.42 -14.38
N GLU D 99 16.03 27.17 -15.47
CA GLU D 99 15.66 26.64 -16.77
C GLU D 99 16.81 25.86 -17.37
N LYS D 100 16.48 24.74 -18.00
CA LYS D 100 17.43 23.99 -18.84
C LYS D 100 17.29 24.42 -20.29
N PRO D 101 18.35 25.07 -20.84
CA PRO D 101 18.27 25.40 -22.25
C PRO D 101 18.37 24.14 -23.11
N TRP D 102 17.69 24.14 -24.24
CA TRP D 102 17.80 23.04 -25.17
C TRP D 102 19.24 23.03 -25.66
N GLY D 103 19.89 21.88 -25.58
CA GLY D 103 21.25 21.75 -26.10
C GLY D 103 22.39 21.90 -25.11
N ASN D 104 22.10 22.19 -23.85
CA ASN D 104 23.14 22.14 -22.82
C ASN D 104 22.58 21.78 -21.45
N ASN D 105 23.49 21.58 -20.49
CA ASN D 105 23.14 21.13 -19.13
C ASN D 105 23.24 22.24 -18.08
N THR D 106 23.15 23.49 -18.51
CA THR D 106 23.19 24.64 -17.59
C THR D 106 21.86 24.82 -16.85
N VAL D 107 21.92 25.54 -15.74
CA VAL D 107 20.77 25.97 -14.97
C VAL D 107 20.70 27.49 -15.03
N GLN D 108 19.67 28.01 -15.70
CA GLN D 108 19.54 29.43 -15.92
C GLN D 108 18.55 30.01 -14.90
N PRO D 109 19.04 30.80 -13.93
CA PRO D 109 18.21 31.31 -12.84
C PRO D 109 17.32 32.52 -13.18
N ARG D 110 17.54 33.13 -14.33
CA ARG D 110 16.81 34.35 -14.68
C ARG D 110 15.36 34.01 -15.04
N PRO D 111 14.39 34.50 -14.25
CA PRO D 111 13.00 34.05 -14.46
C PRO D 111 12.41 34.47 -15.80
N SER D 112 11.53 33.63 -16.33
CA SER D 112 10.78 33.92 -17.53
C SER D 112 9.32 33.66 -17.21
N HIS D 113 8.42 34.42 -17.84
CA HIS D 113 6.98 34.15 -17.82
C HIS D 113 6.64 32.70 -18.19
N THR D 114 7.46 32.11 -19.04
CA THR D 114 7.30 30.70 -19.44
C THR D 114 7.35 29.70 -18.27
N TRP D 115 8.04 30.05 -17.20
CA TRP D 115 8.16 29.19 -16.01
C TRP D 115 6.83 28.73 -15.44
N LYS D 116 5.81 29.57 -15.59
CA LYS D 116 4.45 29.24 -15.16
C LYS D 116 3.92 28.00 -15.87
N LEU D 117 4.41 27.74 -17.08
CA LEU D 117 3.96 26.61 -17.88
C LEU D 117 4.27 25.25 -17.24
N CYS D 118 5.27 25.17 -16.39
CA CYS D 118 5.62 23.94 -15.65
C CYS D 118 4.80 23.74 -14.38
N MET D 119 3.99 24.73 -14.02
CA MET D 119 3.21 24.67 -12.80
C MET D 119 1.98 23.80 -13.03
N PRO D 120 1.49 23.14 -11.96
CA PRO D 120 0.24 22.38 -12.09
C PRO D 120 -0.99 23.27 -12.27
N ASN D 121 -1.68 23.07 -13.40
CA ASN D 121 -2.90 23.81 -13.76
C ASN D 121 -3.79 24.04 -12.54
N ARG D 122 -3.97 25.31 -12.18
CA ARG D 122 -4.69 25.71 -10.97
C ARG D 122 -6.17 25.33 -11.02
N GLU D 123 -6.74 25.29 -12.21
CA GLU D 123 -8.16 24.95 -12.36
C GLU D 123 -8.39 23.45 -12.34
N VAL D 124 -7.52 22.71 -13.03
CA VAL D 124 -7.56 21.24 -12.99
C VAL D 124 -7.30 20.75 -11.57
N TYR D 125 -6.28 21.34 -10.92
CA TYR D 125 -5.89 20.96 -9.55
C TYR D 125 -6.35 21.98 -8.54
N SER D 126 -7.66 22.25 -8.54
CA SER D 126 -8.26 23.24 -7.64
C SER D 126 -8.43 22.65 -6.26
N THR D 127 -8.52 21.33 -6.19
CA THR D 127 -8.31 20.55 -4.97
C THR D 127 -7.10 19.63 -5.17
N PRO D 128 -6.38 19.32 -4.07
CA PRO D 128 -5.12 18.59 -4.23
C PRO D 128 -5.25 17.24 -4.92
N ALA D 129 -4.28 16.92 -5.77
CA ALA D 129 -4.25 15.62 -6.46
C ALA D 129 -3.03 14.86 -5.97
N ALA D 130 -3.04 13.54 -6.12
CA ALA D 130 -1.88 12.72 -5.74
C ALA D 130 -1.68 11.54 -6.68
N THR D 131 -0.44 11.07 -6.74
CA THR D 131 -0.08 9.79 -7.35
C THR D 131 0.92 9.11 -6.43
N ILE D 132 0.53 7.98 -5.86
CA ILE D 132 1.47 7.18 -5.09
C ILE D 132 2.03 6.04 -5.97
N SER D 133 3.35 5.97 -6.04
CA SER D 133 4.02 5.00 -6.87
C SER D 133 5.10 4.28 -6.08
N ARG D 134 5.53 3.14 -6.63
CA ARG D 134 6.63 2.39 -6.09
C ARG D 134 7.86 3.25 -6.17
N CYS D 135 8.71 3.15 -5.16
CA CYS D 135 9.99 3.84 -5.14
C CYS D 135 11.07 2.85 -4.75
N GLY D 136 11.67 2.20 -5.75
CA GLY D 136 12.74 1.25 -5.51
C GLY D 136 13.94 1.94 -4.94
N LEU D 137 14.58 1.28 -3.97
CA LEU D 137 15.81 1.78 -3.33
C LEU D 137 16.99 0.86 -3.63
N ASP D 138 18.13 1.45 -3.97
CA ASP D 138 19.37 0.74 -4.29
C ASP D 138 19.14 -0.45 -5.22
N SER D 139 18.37 -0.22 -6.29
CA SER D 139 17.74 -1.30 -7.06
C SER D 139 18.71 -2.15 -7.87
N ILE D 140 19.70 -1.51 -8.49
CA ILE D 140 20.76 -2.24 -9.18
C ILE D 140 21.47 -3.17 -8.19
N ALA D 141 21.90 -2.62 -7.04
CA ALA D 141 22.69 -3.34 -6.04
C ALA D 141 21.96 -4.52 -5.38
N VAL D 142 20.70 -4.31 -5.01
CA VAL D 142 19.86 -5.37 -4.45
C VAL D 142 19.11 -6.20 -5.52
N ASP D 143 19.41 -5.93 -6.78
CA ASP D 143 18.77 -6.55 -7.94
C ASP D 143 17.23 -6.62 -7.90
N GLY D 144 16.62 -5.50 -7.50
CA GLY D 144 15.18 -5.32 -7.58
C GLY D 144 14.39 -6.21 -6.64
N ALA D 145 14.99 -6.54 -5.49
CA ALA D 145 14.36 -7.40 -4.50
C ALA D 145 13.06 -6.72 -4.04
N PRO D 146 11.94 -7.45 -4.05
CA PRO D 146 10.65 -6.82 -3.76
C PRO D 146 10.59 -6.03 -2.44
N SER D 147 11.31 -6.52 -1.43
CA SER D 147 11.31 -5.90 -0.10
C SER D 147 12.33 -4.76 0.05
N ARG D 148 12.79 -4.19 -1.07
CA ARG D 148 13.73 -3.06 -1.06
C ARG D 148 13.12 -1.82 -1.71
N SER D 149 11.79 -1.77 -1.74
CA SER D 149 11.05 -0.63 -2.29
C SER D 149 10.25 0.00 -1.18
N ILE D 150 10.19 1.34 -1.22
CA ILE D 150 9.24 2.11 -0.43
C ILE D 150 8.24 2.71 -1.43
N ASP D 151 7.42 3.65 -0.97
CA ASP D 151 6.58 4.45 -1.85
C ASP D 151 7.02 5.89 -1.86
N CYS D 152 6.79 6.53 -3.00
CA CYS D 152 6.86 7.98 -3.11
C CYS D 152 5.54 8.47 -3.68
N MET D 153 4.86 9.34 -2.93
CA MET D 153 3.65 9.97 -3.39
C MET D 153 3.93 11.42 -3.73
N LEU D 154 3.63 11.79 -4.98
CA LEU D 154 3.62 13.18 -5.38
C LEU D 154 2.26 13.74 -5.01
N ILE D 155 2.26 14.82 -4.23
CA ILE D 155 1.01 15.55 -3.99
C ILE D 155 1.10 16.86 -4.77
N ILE D 156 0.03 17.16 -5.51
CA ILE D 156 -0.05 18.36 -6.33
C ILE D 156 -0.99 19.40 -5.73
N ASN D 157 -0.45 20.58 -5.43
CA ASN D 157 -1.24 21.73 -4.94
C ASN D 157 -1.93 21.56 -3.58
N LYS D 158 -1.34 20.78 -2.69
CA LYS D 158 -1.71 20.85 -1.30
C LYS D 158 -1.34 22.25 -0.83
N PRO D 159 -2.31 23.00 -0.26
CA PRO D 159 -2.08 24.34 0.25
C PRO D 159 -0.91 24.40 1.25
N LYS D 160 -0.12 25.46 1.16
CA LYS D 160 1.04 25.66 2.02
C LYS D 160 1.43 27.14 2.01
N GLY D 161 1.34 27.79 3.16
CA GLY D 161 1.70 29.22 3.29
C GLY D 161 0.96 30.10 2.30
N VAL D 162 1.69 31.00 1.64
CA VAL D 162 1.14 31.83 0.56
C VAL D 162 1.63 31.37 -0.82
N ALA D 163 1.96 30.09 -0.94
CA ALA D 163 2.35 29.49 -2.21
C ALA D 163 1.13 29.39 -3.12
N THR D 164 1.34 29.59 -4.42
CA THR D 164 0.26 29.39 -5.39
C THR D 164 0.22 27.96 -5.85
N TYR D 165 1.40 27.39 -6.10
CA TYR D 165 1.51 25.99 -6.51
C TYR D 165 2.44 25.27 -5.57
N THR D 166 2.19 23.97 -5.38
CA THR D 166 3.06 23.12 -4.56
C THR D 166 3.23 21.75 -5.21
N LEU D 167 4.46 21.24 -5.13
CA LEU D 167 4.75 19.84 -5.42
C LEU D 167 5.40 19.23 -4.21
N THR D 168 4.79 18.18 -3.70
CA THR D 168 5.31 17.47 -2.55
C THR D 168 5.70 16.06 -2.93
N PHE D 169 6.93 15.71 -2.63
CA PHE D 169 7.40 14.34 -2.68
C PHE D 169 7.33 13.77 -1.27
N ARG D 170 6.35 12.89 -1.03
CA ARG D 170 6.18 12.30 0.28
C ARG D 170 6.66 10.86 0.23
N PHE D 171 7.64 10.54 1.07
CA PHE D 171 8.24 9.22 1.11
C PHE D 171 7.63 8.45 2.29
N LEU D 172 7.09 7.28 1.97
CA LEU D 172 6.13 6.55 2.80
C LEU D 172 6.41 5.05 2.82
N ASN D 173 5.85 4.37 3.82
CA ASN D 173 5.85 2.92 3.91
C ASN D 173 7.26 2.33 3.88
N PHE D 174 8.12 2.88 4.73
CA PHE D 174 9.49 2.38 4.89
C PHE D 174 9.47 1.01 5.53
N ASN D 175 8.38 0.72 6.24
CA ASN D 175 8.13 -0.60 6.85
C ASN D 175 7.94 -1.77 5.86
N ARG D 176 7.99 -1.49 4.56
CA ARG D 176 8.02 -2.55 3.54
C ARG D 176 9.43 -3.07 3.32
N LEU D 177 10.42 -2.31 3.78
CA LEU D 177 11.82 -2.70 3.64
C LEU D 177 12.14 -3.91 4.51
N SER D 178 12.97 -4.81 3.99
CA SER D 178 13.41 -5.99 4.75
C SER D 178 14.45 -5.62 5.79
N GLY D 179 15.09 -4.46 5.61
CA GLY D 179 16.09 -3.97 6.55
C GLY D 179 16.69 -2.66 6.10
N GLY D 180 17.77 -2.27 6.78
CA GLY D 180 18.58 -1.12 6.39
C GLY D 180 18.89 -1.13 4.89
N THR D 181 18.48 -0.05 4.21
CA THR D 181 18.63 0.08 2.78
C THR D 181 19.20 1.45 2.45
N LEU D 182 20.18 1.47 1.54
CA LEU D 182 20.70 2.74 1.04
C LEU D 182 19.57 3.55 0.39
N PHE D 183 19.46 4.83 0.75
CA PHE D 183 18.40 5.67 0.22
C PHE D 183 18.84 6.28 -1.10
N LYS D 184 18.91 5.43 -2.11
CA LYS D 184 19.28 5.77 -3.47
C LYS D 184 18.07 5.36 -4.30
N THR D 185 17.19 6.31 -4.57
CA THR D 185 15.92 5.99 -5.22
C THR D 185 16.13 5.71 -6.70
N ASP D 186 15.19 4.96 -7.25
CA ASP D 186 14.97 4.88 -8.66
C ASP D 186 14.70 6.25 -9.24
N VAL D 187 14.76 6.30 -10.57
CA VAL D 187 14.23 7.41 -11.31
C VAL D 187 12.72 7.29 -11.33
N LEU D 188 12.07 8.32 -10.80
CA LEU D 188 10.61 8.37 -10.63
C LEU D 188 10.03 9.34 -11.65
N THR D 189 8.85 9.00 -12.13
CA THR D 189 8.16 9.82 -13.11
C THR D 189 6.72 10.01 -12.70
N PHE D 190 6.28 11.27 -12.74
CA PHE D 190 4.88 11.64 -12.52
C PHE D 190 4.51 12.61 -13.63
N THR D 191 3.21 12.80 -13.82
CA THR D 191 2.68 13.65 -14.86
C THR D 191 1.49 14.44 -14.33
N TYR D 192 1.34 15.67 -14.81
CA TYR D 192 0.17 16.46 -14.49
C TYR D 192 -0.10 17.47 -15.60
N VAL D 193 -1.27 18.10 -15.58
CA VAL D 193 -1.61 19.09 -16.60
C VAL D 193 -0.90 20.39 -16.26
N GLY D 194 -0.18 20.91 -17.24
CA GLY D 194 0.50 22.18 -17.08
C GLY D 194 -0.43 23.36 -17.05
N GLU D 195 0.02 24.41 -16.39
CA GLU D 195 -0.72 25.66 -16.30
C GLU D 195 -0.69 26.40 -17.63
N ASN D 196 -1.73 27.19 -17.89
CA ASN D 196 -1.78 28.04 -19.07
C ASN D 196 -1.06 29.36 -18.85
N GLN D 197 -0.40 29.83 -19.90
CA GLN D 197 0.33 31.10 -19.82
C GLN D 197 -0.54 32.26 -19.34
N ALA E 16 2.01 18.72 -35.67
CA ALA E 16 1.72 19.48 -34.41
C ALA E 16 1.19 18.59 -33.30
N PRO E 17 1.37 19.01 -32.02
CA PRO E 17 0.76 18.30 -30.90
C PRO E 17 -0.75 18.57 -30.81
N ILE E 18 -1.46 17.71 -30.08
CA ILE E 18 -2.90 17.89 -29.88
C ILE E 18 -3.35 17.15 -28.62
N THR E 19 -4.24 17.79 -27.86
CA THR E 19 -4.83 17.24 -26.65
C THR E 19 -6.36 17.17 -26.80
N LEU E 20 -6.90 16.00 -26.49
CA LEU E 20 -8.33 15.81 -26.35
C LEU E 20 -8.57 15.54 -24.87
N TRP E 21 -9.58 16.19 -24.31
CA TRP E 21 -9.85 16.05 -22.89
C TRP E 21 -11.31 16.38 -22.54
N THR E 22 -11.66 16.05 -21.31
CA THR E 22 -12.96 16.30 -20.72
C THR E 22 -13.12 17.72 -20.17
N GLY E 23 -12.00 18.44 -20.09
CA GLY E 23 -11.97 19.72 -19.42
C GLY E 23 -11.80 19.53 -17.92
N PRO E 24 -11.60 20.64 -17.20
CA PRO E 24 -11.49 20.51 -15.76
C PRO E 24 -12.88 20.36 -15.16
N GLY E 25 -12.96 19.91 -13.93
CA GLY E 25 -14.25 19.77 -13.26
C GLY E 25 -15.14 18.89 -14.09
N PRO E 26 -14.71 17.64 -14.32
CA PRO E 26 -15.46 16.78 -15.23
C PRO E 26 -16.85 16.49 -14.68
N SER E 27 -17.80 16.33 -15.61
CA SER E 27 -19.14 15.89 -15.27
C SER E 27 -19.15 14.42 -14.89
N ILE E 28 -20.27 13.93 -14.40
CA ILE E 28 -20.42 12.50 -14.19
C ILE E 28 -20.62 11.92 -15.58
N ASN E 29 -19.55 11.36 -16.13
CA ASN E 29 -19.48 10.97 -17.53
C ASN E 29 -19.15 9.48 -17.74
N GLY E 30 -18.97 8.75 -16.64
CA GLY E 30 -18.65 7.32 -16.68
C GLY E 30 -19.84 6.48 -16.24
N PHE E 31 -20.43 5.75 -17.19
CA PHE E 31 -21.63 4.95 -16.96
C PHE E 31 -21.26 3.55 -16.52
N ILE E 32 -21.95 3.03 -15.50
CA ILE E 32 -21.88 1.62 -15.12
C ILE E 32 -23.31 1.12 -15.04
N ASN E 33 -23.64 0.12 -15.85
CA ASN E 33 -25.01 -0.38 -15.96
C ASN E 33 -25.99 0.74 -16.30
N ASP E 34 -25.60 1.53 -17.31
CA ASP E 34 -26.45 2.56 -17.93
C ASP E 34 -26.88 3.70 -16.97
N THR E 35 -26.08 3.91 -15.93
CA THR E 35 -26.27 4.99 -14.97
C THR E 35 -24.93 5.73 -14.83
N PRO E 36 -24.95 7.07 -14.93
CA PRO E 36 -23.68 7.79 -14.74
C PRO E 36 -23.28 7.86 -13.27
N VAL E 37 -22.13 7.28 -12.94
CA VAL E 37 -21.71 7.18 -11.53
C VAL E 37 -20.25 7.58 -11.27
N ILE E 38 -19.42 7.65 -12.30
CA ILE E 38 -18.03 8.07 -12.15
C ILE E 38 -17.80 9.38 -12.87
N ARG E 39 -17.20 10.34 -12.17
CA ARG E 39 -16.62 11.54 -12.80
C ARG E 39 -15.21 11.25 -13.27
N CYS E 40 -15.00 11.31 -14.57
CA CYS E 40 -13.74 10.91 -15.17
C CYS E 40 -13.06 12.14 -15.72
N PHE E 41 -11.96 12.55 -15.10
CA PHE E 41 -11.08 13.50 -15.74
C PHE E 41 -10.15 12.68 -16.64
N ILE E 42 -10.23 12.92 -17.95
CA ILE E 42 -9.42 12.21 -18.91
C ILE E 42 -8.79 13.21 -19.88
N CYS E 43 -7.51 13.04 -20.11
CA CYS E 43 -6.78 13.91 -21.01
C CYS E 43 -5.90 13.00 -21.88
N LEU E 44 -6.07 13.09 -23.19
CA LEU E 44 -5.21 12.42 -24.14
C LEU E 44 -4.34 13.48 -24.82
N THR E 45 -3.06 13.50 -24.48
CA THR E 45 -2.13 14.45 -25.06
C THR E 45 -1.16 13.76 -25.99
N ARG E 46 -1.26 14.12 -27.27
CA ARG E 46 -0.33 13.67 -28.28
C ARG E 46 0.77 14.72 -28.45
N ASP E 47 2.01 14.31 -28.21
CA ASP E 47 3.15 15.13 -28.56
C ASP E 47 3.72 14.61 -29.89
N SER E 48 5.02 14.51 -30.07
CA SER E 48 5.55 14.12 -31.38
C SER E 48 5.10 12.73 -31.87
N ASN E 49 5.19 11.71 -31.01
CA ASN E 49 4.88 10.33 -31.41
C ASN E 49 3.93 9.64 -30.46
N LEU E 50 4.13 9.86 -29.17
CA LEU E 50 3.37 9.16 -28.17
C LEU E 50 2.20 9.98 -27.64
N VAL E 51 1.19 9.26 -27.18
CA VAL E 51 0.05 9.85 -26.51
C VAL E 51 0.18 9.52 -25.03
N THR E 52 0.04 10.53 -24.18
CA THR E 52 -0.04 10.32 -22.76
C THR E 52 -1.50 10.39 -22.35
N VAL E 53 -1.96 9.33 -21.68
CA VAL E 53 -3.26 9.30 -21.04
C VAL E 53 -3.02 9.75 -19.61
N ASN E 54 -3.66 10.86 -19.25
CA ASN E 54 -3.59 11.39 -17.90
C ASN E 54 -5.01 11.44 -17.42
N ALA E 55 -5.32 10.68 -16.35
CA ALA E 55 -6.71 10.50 -15.95
C ALA E 55 -6.88 10.41 -14.43
N SER E 56 -8.04 10.87 -13.95
CA SER E 56 -8.46 10.65 -12.57
C SER E 56 -9.98 10.46 -12.50
N PHE E 57 -10.42 9.79 -11.43
CA PHE E 57 -11.82 9.36 -11.27
C PHE E 57 -12.32 9.62 -9.85
N VAL E 58 -13.57 10.05 -9.76
CA VAL E 58 -14.25 10.26 -8.50
C VAL E 58 -15.61 9.61 -8.61
N GLY E 59 -15.84 8.57 -7.82
CA GLY E 59 -17.12 7.91 -7.76
C GLY E 59 -18.22 8.75 -7.13
N GLU E 60 -19.41 8.66 -7.74
CA GLU E 60 -20.63 9.32 -7.25
C GLU E 60 -21.73 8.27 -7.04
N GLY E 61 -22.81 8.68 -6.38
CA GLY E 61 -23.90 7.78 -6.02
C GLY E 61 -23.44 6.59 -5.23
N GLY E 62 -23.78 5.39 -5.70
CA GLY E 62 -23.38 4.16 -5.02
C GLY E 62 -21.94 3.76 -5.25
N TYR E 63 -21.21 4.58 -6.02
CA TYR E 63 -19.79 4.35 -6.29
C TYR E 63 -18.90 5.37 -5.61
N ARG E 64 -19.46 6.12 -4.66
CA ARG E 64 -18.69 7.10 -3.89
C ARG E 64 -17.70 6.40 -2.97
N ILE E 65 -18.18 5.36 -2.30
CA ILE E 65 -17.36 4.48 -1.49
C ILE E 65 -17.34 3.14 -2.18
N VAL E 66 -16.15 2.56 -2.30
CA VAL E 66 -15.98 1.22 -2.81
C VAL E 66 -15.45 0.33 -1.65
N SER E 67 -15.80 -0.94 -1.70
CA SER E 67 -15.43 -1.89 -0.66
C SER E 67 -14.59 -3.02 -1.26
N PRO E 68 -13.90 -3.79 -0.40
CA PRO E 68 -13.05 -4.87 -0.89
C PRO E 68 -13.77 -5.96 -1.70
N THR E 69 -15.09 -6.06 -1.56
CA THR E 69 -15.87 -7.01 -2.33
C THR E 69 -16.50 -6.37 -3.58
N GLN E 70 -16.11 -5.12 -3.89
CA GLN E 70 -16.56 -4.44 -5.10
C GLN E 70 -16.22 -5.28 -6.33
N SER E 71 -17.19 -5.45 -7.22
CA SER E 71 -16.97 -6.17 -8.46
C SER E 71 -16.22 -5.26 -9.43
N GLN E 72 -15.29 -5.84 -10.16
CA GLN E 72 -14.50 -5.09 -11.09
C GLN E 72 -15.38 -4.59 -12.23
N PHE E 73 -15.00 -3.46 -12.81
CA PHE E 73 -15.74 -2.88 -13.94
C PHE E 73 -14.84 -2.14 -14.93
N SER E 74 -15.37 -1.99 -16.15
CA SER E 74 -14.68 -1.31 -17.25
C SER E 74 -15.40 -0.04 -17.65
N LEU E 75 -14.64 1.03 -17.86
CA LEU E 75 -15.13 2.21 -18.56
C LEU E 75 -14.44 2.28 -19.92
N ILE E 76 -15.22 1.98 -20.95
CA ILE E 76 -14.74 1.92 -22.32
C ILE E 76 -15.06 3.22 -23.04
N MET E 77 -14.03 3.79 -23.68
CA MET E 77 -14.19 4.84 -24.66
C MET E 77 -14.07 4.20 -26.04
N GLU E 78 -15.04 4.43 -26.91
CA GLU E 78 -15.00 3.97 -28.31
C GLU E 78 -14.82 5.17 -29.24
N PHE E 79 -13.89 5.06 -30.18
CA PHE E 79 -13.63 6.12 -31.15
C PHE E 79 -13.77 5.59 -32.57
N ASP E 80 -14.32 6.40 -33.46
CA ASP E 80 -14.36 6.05 -34.88
C ASP E 80 -12.97 6.15 -35.50
N GLN E 81 -12.92 5.96 -36.82
CA GLN E 81 -11.66 5.90 -37.56
C GLN E 81 -10.98 7.28 -37.74
N PHE E 82 -11.67 8.35 -37.36
CA PHE E 82 -11.14 9.69 -37.43
C PHE E 82 -10.85 10.23 -36.05
N GLY E 83 -10.89 9.36 -35.05
CA GLY E 83 -10.56 9.74 -33.67
C GLY E 83 -11.66 10.48 -32.95
N GLN E 84 -12.89 10.33 -33.42
CA GLN E 84 -14.03 10.98 -32.78
C GLN E 84 -14.67 10.00 -31.82
N LEU E 85 -14.84 10.46 -30.59
CA LEU E 85 -15.55 9.73 -29.56
C LEU E 85 -16.98 9.42 -30.02
N MET E 86 -17.34 8.15 -29.85
CA MET E 86 -18.64 7.63 -30.23
C MET E 86 -19.62 7.64 -29.05
N SER E 87 -20.89 7.40 -29.35
CA SER E 87 -21.96 7.44 -28.36
C SER E 87 -22.13 6.16 -27.55
N THR E 88 -21.36 5.14 -27.91
CA THR E 88 -21.65 3.76 -27.53
C THR E 88 -20.93 3.27 -26.28
N GLY E 89 -19.85 3.96 -25.87
CA GLY E 89 -19.06 3.51 -24.72
C GLY E 89 -19.61 3.92 -23.36
N ASN E 90 -18.96 3.44 -22.30
CA ASN E 90 -19.28 3.88 -20.94
C ASN E 90 -18.96 5.35 -20.72
N ILE E 91 -17.96 5.83 -21.47
CA ILE E 91 -17.59 7.24 -21.57
C ILE E 91 -17.80 7.59 -23.03
N ASN E 92 -18.69 8.53 -23.33
CA ASN E 92 -19.15 8.70 -24.70
C ASN E 92 -19.48 10.16 -25.06
N SER E 93 -19.83 10.36 -26.32
CA SER E 93 -20.01 11.71 -26.88
C SER E 93 -21.22 12.49 -26.35
N THR E 94 -21.97 11.93 -25.40
CA THR E 94 -22.98 12.71 -24.67
C THR E 94 -22.35 13.58 -23.57
N THR E 95 -21.06 13.39 -23.31
CA THR E 95 -20.34 14.20 -22.35
C THR E 95 -19.40 15.23 -23.01
N THR E 96 -19.02 16.24 -22.23
CA THR E 96 -18.06 17.26 -22.68
C THR E 96 -16.73 16.62 -23.02
N TRP E 97 -16.35 16.74 -24.30
CA TRP E 97 -15.17 16.12 -24.83
C TRP E 97 -14.71 16.89 -26.08
N GLY E 98 -13.42 17.14 -26.19
CA GLY E 98 -12.89 17.89 -27.30
C GLY E 98 -11.47 18.33 -27.10
N GLU E 99 -11.01 19.21 -27.98
CA GLU E 99 -9.63 19.64 -27.98
C GLU E 99 -9.37 20.68 -26.91
N LYS E 100 -8.23 20.57 -26.24
CA LYS E 100 -7.75 21.63 -25.36
C LYS E 100 -6.86 22.56 -26.15
N PRO E 101 -7.28 23.83 -26.32
CA PRO E 101 -6.36 24.77 -26.92
C PRO E 101 -5.20 25.08 -25.97
N TRP E 102 -4.02 25.25 -26.54
CA TRP E 102 -2.88 25.81 -25.81
C TRP E 102 -3.29 27.21 -25.32
N GLY E 103 -3.08 27.49 -24.04
CA GLY E 103 -3.34 28.82 -23.51
C GLY E 103 -4.63 28.98 -22.72
N ASN E 104 -5.53 28.02 -22.82
CA ASN E 104 -6.75 28.05 -22.00
C ASN E 104 -7.30 26.64 -21.66
N ASN E 105 -8.32 26.62 -20.81
CA ASN E 105 -8.95 25.39 -20.30
C ASN E 105 -10.33 25.09 -20.91
N THR E 106 -10.58 25.59 -22.12
CA THR E 106 -11.82 25.29 -22.80
C THR E 106 -11.75 23.87 -23.37
N VAL E 107 -12.92 23.38 -23.78
CA VAL E 107 -13.04 22.12 -24.49
C VAL E 107 -13.68 22.45 -25.84
N GLN E 108 -12.89 22.30 -26.89
CA GLN E 108 -13.35 22.65 -28.22
C GLN E 108 -13.88 21.39 -28.94
N PRO E 109 -15.20 21.29 -29.13
CA PRO E 109 -15.83 20.07 -29.64
C PRO E 109 -15.81 19.89 -31.16
N ARG E 110 -15.48 20.94 -31.91
CA ARG E 110 -15.47 20.88 -33.37
C ARG E 110 -14.40 19.91 -33.86
N PRO E 111 -14.82 18.81 -34.52
CA PRO E 111 -13.81 17.83 -34.89
C PRO E 111 -12.79 18.36 -35.89
N SER E 112 -11.59 17.80 -35.81
CA SER E 112 -10.50 18.16 -36.71
C SER E 112 -9.82 16.86 -37.11
N HIS E 113 -9.13 16.87 -38.25
CA HIS E 113 -8.34 15.71 -38.71
C HIS E 113 -7.23 15.31 -37.74
N THR E 114 -6.77 16.27 -36.96
CA THR E 114 -5.69 16.07 -36.00
C THR E 114 -6.08 15.14 -34.84
N TRP E 115 -7.39 15.00 -34.59
CA TRP E 115 -7.90 14.16 -33.52
C TRP E 115 -7.45 12.70 -33.62
N LYS E 116 -7.23 12.24 -34.85
CA LYS E 116 -6.76 10.88 -35.12
C LYS E 116 -5.37 10.64 -34.52
N LEU E 117 -4.54 11.68 -34.48
CA LEU E 117 -3.22 11.59 -33.85
C LEU E 117 -3.22 11.18 -32.37
N CYS E 118 -4.34 11.36 -31.67
CA CYS E 118 -4.49 10.93 -30.27
C CYS E 118 -4.89 9.46 -30.11
N MET E 119 -5.16 8.80 -31.23
CA MET E 119 -5.63 7.43 -31.18
C MET E 119 -4.48 6.44 -31.10
N PRO E 120 -4.73 5.25 -30.51
CA PRO E 120 -3.69 4.25 -30.44
C PRO E 120 -3.42 3.61 -31.82
N ASN E 121 -2.23 3.85 -32.34
CA ASN E 121 -1.77 3.35 -33.62
C ASN E 121 -2.31 1.94 -33.94
N ARG E 122 -3.08 1.84 -35.01
CA ARG E 122 -3.77 0.61 -35.37
C ARG E 122 -2.83 -0.54 -35.75
N GLU E 123 -1.68 -0.19 -36.30
CA GLU E 123 -0.69 -1.18 -36.69
C GLU E 123 0.15 -1.62 -35.50
N VAL E 124 0.50 -0.69 -34.61
CA VAL E 124 1.19 -1.06 -33.38
C VAL E 124 0.27 -1.89 -32.47
N TYR E 125 -1.00 -1.49 -32.38
CA TYR E 125 -1.99 -2.19 -31.54
C TYR E 125 -3.03 -2.91 -32.39
N SER E 126 -2.57 -3.81 -33.23
CA SER E 126 -3.45 -4.56 -34.12
C SER E 126 -4.06 -5.75 -33.40
N THR E 127 -3.43 -6.16 -32.31
CA THR E 127 -4.08 -7.01 -31.29
C THR E 127 -4.05 -6.23 -29.98
N PRO E 128 -5.02 -6.49 -29.09
CA PRO E 128 -5.10 -5.64 -27.89
C PRO E 128 -3.87 -5.64 -26.97
N ALA E 129 -3.60 -4.48 -26.38
CA ALA E 129 -2.50 -4.23 -25.48
C ALA E 129 -3.06 -3.77 -24.12
N ALA E 130 -2.26 -3.93 -23.08
CA ALA E 130 -2.68 -3.57 -21.73
C ALA E 130 -1.51 -3.04 -20.91
N THR E 131 -1.85 -2.17 -19.96
CA THR E 131 -0.95 -1.78 -18.90
C THR E 131 -1.73 -1.78 -17.60
N ILE E 132 -1.40 -2.71 -16.70
CA ILE E 132 -1.98 -2.71 -15.36
C ILE E 132 -1.05 -1.99 -14.39
N SER E 133 -1.63 -1.01 -13.70
CA SER E 133 -0.90 -0.14 -12.79
C SER E 133 -1.67 0.04 -11.49
N ARG E 134 -0.92 0.33 -10.44
CA ARG E 134 -1.48 0.71 -9.16
C ARG E 134 -2.43 1.89 -9.29
N CYS E 135 -3.48 1.85 -8.49
CA CYS E 135 -4.45 2.91 -8.48
C CYS E 135 -4.76 3.27 -7.03
N GLY E 136 -3.97 4.17 -6.48
CA GLY E 136 -4.20 4.62 -5.11
C GLY E 136 -5.58 5.26 -5.00
N LEU E 137 -6.27 4.97 -3.91
CA LEU E 137 -7.53 5.62 -3.60
C LEU E 137 -7.37 6.47 -2.36
N ASP E 138 -7.92 7.68 -2.42
CA ASP E 138 -7.98 8.61 -1.29
C ASP E 138 -6.60 8.78 -0.65
N SER E 139 -5.57 8.91 -1.48
CA SER E 139 -4.21 8.69 -1.02
C SER E 139 -3.71 9.72 -0.04
N ILE E 140 -4.14 10.97 -0.20
CA ILE E 140 -3.71 12.04 0.68
C ILE E 140 -4.33 11.79 2.05
N ALA E 141 -5.64 11.52 2.07
CA ALA E 141 -6.39 11.32 3.33
C ALA E 141 -5.96 10.06 4.10
N VAL E 142 -5.65 8.99 3.39
CA VAL E 142 -5.20 7.76 4.04
C VAL E 142 -3.68 7.73 4.16
N ASP E 143 -3.04 8.82 3.77
CA ASP E 143 -1.59 8.92 3.73
C ASP E 143 -0.91 7.71 3.05
N GLY E 144 -1.44 7.31 1.90
CA GLY E 144 -0.80 6.29 1.09
C GLY E 144 -0.67 4.91 1.73
N ALA E 145 -1.61 4.57 2.61
CA ALA E 145 -1.62 3.25 3.24
C ALA E 145 -1.74 2.21 2.13
N PRO E 146 -0.86 1.17 2.15
CA PRO E 146 -0.73 0.17 1.08
C PRO E 146 -2.01 -0.57 0.72
N SER E 147 -2.88 -0.79 1.72
CA SER E 147 -4.15 -1.47 1.51
C SER E 147 -5.29 -0.49 1.18
N ARG E 148 -4.95 0.66 0.58
CA ARG E 148 -5.92 1.62 0.07
C ARG E 148 -5.71 1.85 -1.43
N SER E 149 -5.01 0.91 -2.06
CA SER E 149 -4.77 0.92 -3.47
C SER E 149 -5.52 -0.23 -4.11
N ILE E 150 -6.06 0.05 -5.30
CA ILE E 150 -6.55 -0.98 -6.22
C ILE E 150 -5.65 -0.93 -7.46
N ASP E 151 -6.08 -1.61 -8.51
CA ASP E 151 -5.40 -1.59 -9.79
C ASP E 151 -6.28 -0.94 -10.83
N CYS E 152 -5.67 -0.21 -11.76
CA CYS E 152 -6.34 0.23 -12.96
C CYS E 152 -5.55 -0.26 -14.18
N MET E 153 -6.21 -1.03 -15.02
CA MET E 153 -5.63 -1.52 -16.24
C MET E 153 -6.22 -0.77 -17.42
N LEU E 154 -5.35 -0.09 -18.18
CA LEU E 154 -5.73 0.45 -19.48
C LEU E 154 -5.61 -0.66 -20.51
N ILE E 155 -6.67 -0.87 -21.27
CA ILE E 155 -6.68 -1.82 -22.37
C ILE E 155 -6.77 -1.01 -23.67
N ILE E 156 -5.89 -1.33 -24.62
CA ILE E 156 -5.78 -0.57 -25.85
C ILE E 156 -6.28 -1.41 -27.00
N ASN E 157 -7.30 -0.90 -27.69
CA ASN E 157 -7.87 -1.53 -28.89
C ASN E 157 -8.43 -2.95 -28.72
N LYS E 158 -8.97 -3.24 -27.55
CA LYS E 158 -9.83 -4.38 -27.42
C LYS E 158 -11.09 -4.11 -28.26
N PRO E 159 -11.41 -5.00 -29.21
CA PRO E 159 -12.55 -4.76 -30.10
C PRO E 159 -13.86 -4.54 -29.37
N LYS E 160 -14.66 -3.62 -29.86
CA LYS E 160 -15.97 -3.37 -29.26
C LYS E 160 -16.88 -2.81 -30.32
N GLY E 161 -17.80 -3.64 -30.80
CA GLY E 161 -18.82 -3.21 -31.76
C GLY E 161 -18.21 -2.71 -33.06
N VAL E 162 -18.57 -1.49 -33.43
CA VAL E 162 -18.14 -0.90 -34.70
C VAL E 162 -16.97 0.07 -34.50
N ALA E 163 -16.49 0.20 -33.27
CA ALA E 163 -15.39 1.13 -32.96
C ALA E 163 -14.10 0.74 -33.69
N THR E 164 -13.33 1.73 -34.13
CA THR E 164 -12.02 1.48 -34.70
C THR E 164 -10.95 1.47 -33.61
N TYR E 165 -11.10 2.37 -32.64
CA TYR E 165 -10.17 2.48 -31.53
C TYR E 165 -10.94 2.39 -30.24
N THR E 166 -10.36 1.74 -29.24
CA THR E 166 -10.92 1.73 -27.90
C THR E 166 -9.85 1.99 -26.85
N LEU E 167 -10.25 2.70 -25.81
CA LEU E 167 -9.48 2.85 -24.58
C LEU E 167 -10.36 2.41 -23.41
N THR E 168 -9.93 1.39 -22.66
CA THR E 168 -10.70 0.87 -21.52
C THR E 168 -9.97 1.09 -20.22
N PHE E 169 -10.62 1.78 -19.28
CA PHE E 169 -10.16 1.84 -17.90
C PHE E 169 -10.87 0.76 -17.09
N ARG E 170 -10.15 -0.29 -16.75
CA ARG E 170 -10.68 -1.41 -16.00
C ARG E 170 -10.14 -1.35 -14.58
N PHE E 171 -11.07 -1.27 -13.63
CA PHE E 171 -10.75 -1.19 -12.21
C PHE E 171 -10.98 -2.54 -11.60
N LEU E 172 -9.92 -3.03 -10.93
CA LEU E 172 -9.73 -4.43 -10.64
C LEU E 172 -9.09 -4.55 -9.27
N ASN E 173 -9.20 -5.74 -8.69
CA ASN E 173 -8.48 -6.11 -7.47
C ASN E 173 -8.82 -5.19 -6.32
N PHE E 174 -10.12 -4.90 -6.17
CA PHE E 174 -10.62 -4.19 -5.01
C PHE E 174 -10.38 -4.97 -3.71
N ASN E 175 -10.22 -6.29 -3.81
CA ASN E 175 -9.98 -7.12 -2.62
C ASN E 175 -8.63 -6.84 -1.94
N ARG E 176 -7.83 -5.97 -2.56
CA ARG E 176 -6.64 -5.40 -1.93
C ARG E 176 -7.00 -4.47 -0.79
N LEU E 177 -8.13 -3.79 -0.93
CA LEU E 177 -8.57 -2.81 0.05
C LEU E 177 -8.89 -3.47 1.41
N SER E 178 -8.45 -2.82 2.48
CA SER E 178 -8.63 -3.30 3.84
C SER E 178 -10.06 -3.07 4.34
N GLY E 179 -10.69 -2.01 3.84
CA GLY E 179 -12.09 -1.72 4.10
C GLY E 179 -12.63 -0.71 3.10
N GLY E 180 -13.82 -0.19 3.37
CA GLY E 180 -14.46 0.82 2.54
C GLY E 180 -13.56 2.03 2.34
N THR E 181 -13.48 2.51 1.10
CA THR E 181 -12.57 3.58 0.72
C THR E 181 -13.26 4.49 -0.29
N LEU E 182 -13.09 5.79 -0.11
CA LEU E 182 -13.55 6.79 -1.08
C LEU E 182 -12.94 6.48 -2.44
N PHE E 183 -13.77 6.34 -3.46
CA PHE E 183 -13.29 6.10 -4.82
C PHE E 183 -12.81 7.43 -5.42
N LYS E 184 -11.69 7.92 -4.88
CA LYS E 184 -11.09 9.17 -5.27
C LYS E 184 -9.69 8.80 -5.72
N THR E 185 -9.56 8.48 -7.01
CA THR E 185 -8.33 7.87 -7.50
C THR E 185 -7.19 8.86 -7.58
N ASP E 186 -5.99 8.30 -7.61
CA ASP E 186 -4.81 9.05 -7.94
C ASP E 186 -4.91 9.55 -9.37
N VAL E 187 -4.02 10.49 -9.69
CA VAL E 187 -3.75 10.83 -11.07
C VAL E 187 -3.02 9.64 -11.68
N LEU E 188 -3.65 9.00 -12.66
CA LEU E 188 -3.07 7.86 -13.37
C LEU E 188 -2.47 8.27 -14.71
N THR E 189 -1.35 7.65 -15.07
CA THR E 189 -0.70 7.95 -16.34
C THR E 189 -0.39 6.69 -17.15
N PHE E 190 -0.79 6.69 -18.42
CA PHE E 190 -0.47 5.63 -19.37
C PHE E 190 0.05 6.27 -20.66
N THR E 191 0.77 5.46 -21.44
CA THR E 191 1.38 5.90 -22.68
C THR E 191 1.20 4.85 -23.77
N TYR E 192 0.98 5.33 -24.99
CA TYR E 192 0.96 4.45 -26.16
C TYR E 192 1.39 5.21 -27.42
N VAL E 193 1.70 4.45 -28.46
CA VAL E 193 2.12 5.05 -29.72
C VAL E 193 0.88 5.59 -30.42
N GLY E 194 0.94 6.87 -30.76
CA GLY E 194 -0.10 7.56 -31.49
C GLY E 194 -0.24 7.15 -32.94
N GLU E 195 -1.46 7.29 -33.44
CA GLU E 195 -1.76 6.98 -34.82
C GLU E 195 -1.13 8.00 -35.74
N ASN E 196 -0.86 7.57 -36.96
CA ASN E 196 -0.36 8.45 -37.99
C ASN E 196 -1.49 9.18 -38.67
N GLN E 197 -1.23 10.42 -39.08
CA GLN E 197 -2.25 11.23 -39.75
C GLN E 197 -2.70 10.58 -41.05
N ALA F 16 14.44 19.64 -32.24
CA ALA F 16 13.17 18.99 -32.69
C ALA F 16 13.01 17.60 -32.05
N PRO F 17 11.79 17.04 -32.07
CA PRO F 17 11.56 15.69 -31.57
C PRO F 17 12.15 14.62 -32.48
N ILE F 18 12.38 13.42 -31.96
CA ILE F 18 12.91 12.33 -32.77
C ILE F 18 12.56 11.02 -32.09
N THR F 19 12.13 10.03 -32.89
CA THR F 19 11.79 8.70 -32.41
C THR F 19 12.64 7.64 -33.10
N LEU F 20 13.21 6.76 -32.28
CA LEU F 20 13.89 5.55 -32.76
C LEU F 20 13.08 4.37 -32.29
N TRP F 21 12.90 3.39 -33.16
CA TRP F 21 12.03 2.25 -32.82
C TRP F 21 12.28 1.00 -33.66
N THR F 22 11.64 -0.09 -33.25
CA THR F 22 11.75 -1.38 -33.90
C THR F 22 10.74 -1.51 -35.03
N GLY F 23 9.87 -0.52 -35.18
CA GLY F 23 8.71 -0.66 -36.04
C GLY F 23 7.59 -1.45 -35.38
N PRO F 24 6.41 -1.45 -36.01
CA PRO F 24 5.32 -2.25 -35.51
C PRO F 24 5.59 -3.68 -35.96
N GLY F 25 5.03 -4.66 -35.28
CA GLY F 25 5.30 -6.04 -35.63
C GLY F 25 6.79 -6.33 -35.54
N PRO F 26 7.37 -6.14 -34.34
CA PRO F 26 8.81 -6.29 -34.19
C PRO F 26 9.27 -7.72 -34.48
N SER F 27 10.50 -7.86 -34.96
CA SER F 27 11.10 -9.18 -35.15
C SER F 27 11.40 -9.79 -33.78
N ILE F 28 11.63 -11.10 -33.76
CA ILE F 28 12.21 -11.73 -32.60
C ILE F 28 13.63 -11.19 -32.53
N ASN F 29 13.86 -10.30 -31.58
CA ASN F 29 15.07 -9.49 -31.55
C ASN F 29 15.77 -9.41 -30.20
N GLY F 30 15.27 -10.16 -29.22
CA GLY F 30 15.90 -10.23 -27.90
C GLY F 30 16.61 -11.55 -27.71
N PHE F 31 17.94 -11.49 -27.65
CA PHE F 31 18.80 -12.65 -27.50
C PHE F 31 19.03 -13.03 -26.01
N ILE F 32 18.78 -14.30 -25.70
CA ILE F 32 19.13 -14.90 -24.41
C ILE F 32 19.95 -16.12 -24.77
N ASN F 33 21.18 -16.20 -24.27
CA ASN F 33 22.09 -17.31 -24.61
C ASN F 33 22.29 -17.52 -26.10
N ASP F 34 22.52 -16.43 -26.82
CA ASP F 34 22.84 -16.50 -28.26
C ASP F 34 21.72 -17.04 -29.16
N THR F 35 20.49 -17.06 -28.67
CA THR F 35 19.33 -17.37 -29.50
C THR F 35 18.29 -16.26 -29.36
N PRO F 36 17.76 -15.77 -30.49
CA PRO F 36 16.69 -14.77 -30.43
C PRO F 36 15.34 -15.42 -30.03
N VAL F 37 14.88 -15.10 -28.83
CA VAL F 37 13.67 -15.70 -28.27
C VAL F 37 12.64 -14.69 -27.73
N ILE F 38 13.03 -13.41 -27.59
CA ILE F 38 12.07 -12.40 -27.14
C ILE F 38 11.80 -11.44 -28.27
N ARG F 39 10.52 -11.19 -28.50
CA ARG F 39 10.06 -10.28 -29.51
C ARG F 39 9.79 -8.94 -28.84
N CYS F 40 10.70 -7.99 -29.03
CA CYS F 40 10.65 -6.70 -28.35
C CYS F 40 10.15 -5.56 -29.23
N PHE F 41 9.03 -4.96 -28.83
CA PHE F 41 8.64 -3.65 -29.35
C PHE F 41 9.25 -2.63 -28.42
N ILE F 42 10.08 -1.77 -28.98
CA ILE F 42 10.77 -0.74 -28.26
C ILE F 42 10.68 0.53 -29.07
N CYS F 43 10.33 1.61 -28.38
CA CYS F 43 10.18 2.91 -28.98
C CYS F 43 10.85 3.89 -28.02
N LEU F 44 11.87 4.59 -28.51
CA LEU F 44 12.49 5.69 -27.79
C LEU F 44 12.07 7.01 -28.46
N THR F 45 11.24 7.77 -27.77
CA THR F 45 10.68 9.00 -28.32
C THR F 45 11.23 10.17 -27.54
N ARG F 46 12.02 11.00 -28.23
CA ARG F 46 12.55 12.21 -27.64
C ARG F 46 11.63 13.35 -28.01
N ASP F 47 11.08 14.01 -26.99
CA ASP F 47 10.37 15.24 -27.22
C ASP F 47 11.32 16.39 -26.88
N SER F 48 10.92 17.41 -26.12
CA SER F 48 11.80 18.55 -25.96
C SER F 48 13.03 18.23 -25.11
N ASN F 49 12.85 17.46 -24.05
CA ASN F 49 13.94 17.25 -23.10
C ASN F 49 14.06 15.82 -22.65
N LEU F 50 12.92 15.20 -22.41
CA LEU F 50 12.91 13.84 -21.90
C LEU F 50 12.68 12.86 -23.04
N VAL F 51 13.19 11.65 -22.82
CA VAL F 51 12.96 10.51 -23.67
C VAL F 51 12.01 9.58 -22.93
N THR F 52 10.93 9.19 -23.61
CA THR F 52 10.03 8.15 -23.13
C THR F 52 10.42 6.87 -23.81
N VAL F 53 10.64 5.84 -23.00
CA VAL F 53 10.78 4.48 -23.47
C VAL F 53 9.39 3.86 -23.39
N ASN F 54 8.89 3.41 -24.52
CA ASN F 54 7.65 2.67 -24.58
C ASN F 54 8.01 1.31 -25.21
N ALA F 55 7.62 0.22 -24.55
CA ALA F 55 8.11 -1.08 -24.94
C ALA F 55 7.17 -2.17 -24.44
N SER F 56 7.23 -3.31 -25.12
CA SER F 56 6.46 -4.47 -24.74
C SER F 56 7.15 -5.67 -25.34
N PHE F 57 6.99 -6.82 -24.70
CA PHE F 57 7.78 -8.00 -25.01
C PHE F 57 6.88 -9.22 -25.12
N VAL F 58 7.16 -10.05 -26.12
CA VAL F 58 6.46 -11.30 -26.32
C VAL F 58 7.52 -12.38 -26.46
N GLY F 59 7.47 -13.35 -25.54
CA GLY F 59 8.37 -14.48 -25.58
C GLY F 59 7.94 -15.44 -26.65
N GLU F 60 8.92 -16.08 -27.28
CA GLU F 60 8.68 -17.02 -28.34
C GLU F 60 9.50 -18.28 -28.06
N GLY F 61 9.13 -19.37 -28.73
CA GLY F 61 9.83 -20.65 -28.58
C GLY F 61 9.79 -21.12 -27.16
N GLY F 62 10.97 -21.27 -26.56
CA GLY F 62 11.09 -21.72 -25.18
C GLY F 62 10.60 -20.72 -24.15
N TYR F 63 10.54 -19.44 -24.56
CA TYR F 63 10.11 -18.34 -23.69
C TYR F 63 8.67 -17.84 -23.92
N ARG F 64 7.89 -18.60 -24.69
CA ARG F 64 6.49 -18.28 -24.93
C ARG F 64 5.69 -18.30 -23.64
N ILE F 65 5.93 -19.35 -22.84
CA ILE F 65 5.40 -19.48 -21.48
C ILE F 65 6.59 -19.46 -20.52
N VAL F 66 6.48 -18.67 -19.47
CA VAL F 66 7.47 -18.71 -18.39
C VAL F 66 6.84 -19.30 -17.13
N SER F 67 7.65 -20.01 -16.34
CA SER F 67 7.18 -20.51 -15.06
C SER F 67 7.74 -19.64 -13.93
N PRO F 68 7.12 -19.71 -12.74
CA PRO F 68 7.65 -18.98 -11.59
C PRO F 68 9.12 -19.29 -11.24
N THR F 69 9.62 -20.44 -11.67
CA THR F 69 11.01 -20.81 -11.47
C THR F 69 11.97 -20.14 -12.50
N GLN F 70 11.41 -19.37 -13.43
CA GLN F 70 12.20 -18.71 -14.48
C GLN F 70 13.29 -17.84 -13.86
N SER F 71 14.51 -17.98 -14.36
CA SER F 71 15.60 -17.15 -13.90
C SER F 71 15.51 -15.78 -14.56
N GLN F 72 15.98 -14.79 -13.80
CA GLN F 72 15.95 -13.41 -14.20
C GLN F 72 16.98 -13.21 -15.32
N PHE F 73 16.69 -12.30 -16.25
CA PHE F 73 17.59 -12.04 -17.38
C PHE F 73 17.50 -10.60 -17.79
N SER F 74 18.57 -10.12 -18.43
CA SER F 74 18.69 -8.77 -18.97
C SER F 74 18.75 -8.79 -20.48
N LEU F 75 18.02 -7.87 -21.11
CA LEU F 75 18.19 -7.58 -22.52
C LEU F 75 18.82 -6.20 -22.59
N ILE F 76 20.09 -6.16 -22.99
CA ILE F 76 20.88 -4.93 -23.01
C ILE F 76 20.95 -4.39 -24.44
N MET F 77 20.59 -3.13 -24.60
CA MET F 77 20.86 -2.39 -25.83
C MET F 77 22.11 -1.55 -25.63
N GLU F 78 23.08 -1.72 -26.50
CA GLU F 78 24.31 -0.94 -26.45
C GLU F 78 24.29 0.05 -27.59
N PHE F 79 24.56 1.33 -27.28
CA PHE F 79 24.63 2.38 -28.29
C PHE F 79 25.99 3.06 -28.29
N ASP F 80 26.44 3.45 -29.47
CA ASP F 80 27.65 4.27 -29.59
C ASP F 80 27.32 5.71 -29.24
N GLN F 81 28.33 6.58 -29.28
CA GLN F 81 28.23 7.96 -28.78
C GLN F 81 27.36 8.88 -29.62
N PHE F 82 26.96 8.38 -30.80
CA PHE F 82 26.07 9.10 -31.71
C PHE F 82 24.64 8.54 -31.70
N GLY F 83 24.35 7.66 -30.75
CA GLY F 83 23.02 7.12 -30.58
C GLY F 83 22.63 6.04 -31.57
N GLN F 84 23.63 5.34 -32.08
CA GLN F 84 23.44 4.26 -33.04
C GLN F 84 23.64 2.93 -32.33
N LEU F 85 22.70 2.02 -32.54
CA LEU F 85 22.67 0.71 -31.89
C LEU F 85 23.85 -0.12 -32.37
N MET F 86 24.55 -0.75 -31.43
CA MET F 86 25.70 -1.57 -31.75
C MET F 86 25.26 -3.02 -31.92
N SER F 87 26.18 -3.83 -32.45
CA SER F 87 25.91 -5.23 -32.73
C SER F 87 26.10 -6.13 -31.49
N THR F 88 26.48 -5.54 -30.37
CA THR F 88 27.04 -6.28 -29.26
C THR F 88 26.03 -6.63 -28.14
N GLY F 89 24.88 -5.95 -28.12
CA GLY F 89 23.89 -6.19 -27.07
C GLY F 89 23.01 -7.38 -27.35
N ASN F 90 22.09 -7.66 -26.42
CA ASN F 90 21.07 -8.70 -26.58
C ASN F 90 20.00 -8.26 -27.53
N ILE F 91 19.82 -6.96 -27.64
CA ILE F 91 19.03 -6.35 -28.69
C ILE F 91 20.02 -5.49 -29.42
N ASN F 92 20.22 -5.76 -30.71
CA ASN F 92 21.35 -5.23 -31.45
C ASN F 92 21.03 -4.93 -32.90
N SER F 93 22.06 -4.48 -33.63
CA SER F 93 21.87 -3.86 -34.92
C SER F 93 21.64 -4.84 -36.05
N THR F 94 21.65 -6.13 -35.74
CA THR F 94 21.27 -7.16 -36.70
C THR F 94 19.76 -7.24 -36.93
N THR F 95 18.94 -6.63 -36.07
CA THR F 95 17.50 -6.55 -36.35
C THR F 95 17.06 -5.14 -36.74
N THR F 96 15.85 -5.10 -37.28
CA THR F 96 15.25 -3.87 -37.74
C THR F 96 15.17 -2.87 -36.61
N TRP F 97 15.83 -1.72 -36.84
CA TRP F 97 15.86 -0.65 -35.88
C TRP F 97 16.19 0.65 -36.59
N GLY F 98 15.51 1.72 -36.23
CA GLY F 98 15.76 3.00 -36.84
C GLY F 98 14.74 4.03 -36.45
N GLU F 99 14.73 5.10 -37.22
CA GLU F 99 13.89 6.24 -36.93
C GLU F 99 12.47 6.05 -37.48
N LYS F 100 11.50 6.53 -36.70
CA LYS F 100 10.13 6.58 -37.12
C LYS F 100 9.88 7.97 -37.66
N PRO F 101 9.58 8.09 -38.97
CA PRO F 101 9.18 9.41 -39.44
C PRO F 101 7.80 9.77 -38.91
N TRP F 102 7.54 11.06 -38.73
CA TRP F 102 6.20 11.54 -38.41
C TRP F 102 5.28 11.23 -39.60
N GLY F 103 4.18 10.53 -39.33
CA GLY F 103 3.17 10.31 -40.35
C GLY F 103 3.20 8.94 -41.00
N ASN F 104 4.21 8.12 -40.69
CA ASN F 104 4.18 6.72 -41.11
C ASN F 104 4.87 5.77 -40.14
N ASN F 105 4.70 4.47 -40.39
CA ASN F 105 5.19 3.43 -39.53
C ASN F 105 6.46 2.76 -40.06
N THR F 106 7.21 3.48 -40.89
CA THR F 106 8.46 2.95 -41.44
C THR F 106 9.55 2.97 -40.36
N VAL F 107 10.60 2.20 -40.60
CA VAL F 107 11.79 2.22 -39.78
C VAL F 107 12.91 2.66 -40.72
N GLN F 108 13.44 3.83 -40.46
CA GLN F 108 14.47 4.42 -41.33
C GLN F 108 15.87 4.16 -40.78
N PRO F 109 16.66 3.35 -41.49
CA PRO F 109 17.95 2.92 -40.99
C PRO F 109 19.10 3.91 -41.14
N ARG F 110 18.88 4.98 -41.91
CA ARG F 110 19.90 5.97 -42.19
C ARG F 110 20.17 6.85 -40.97
N PRO F 111 21.37 6.73 -40.37
CA PRO F 111 21.64 7.53 -39.18
C PRO F 111 21.56 9.05 -39.38
N SER F 112 21.17 9.73 -38.30
CA SER F 112 21.17 11.18 -38.24
C SER F 112 21.90 11.56 -36.96
N HIS F 113 22.47 12.75 -36.95
CA HIS F 113 22.99 13.36 -35.73
C HIS F 113 21.92 13.45 -34.63
N THR F 114 20.66 13.57 -35.01
CA THR F 114 19.56 13.70 -34.04
C THR F 114 19.34 12.45 -33.16
N TRP F 115 19.85 11.31 -33.61
CA TRP F 115 19.69 10.03 -32.94
C TRP F 115 20.27 10.07 -31.52
N LYS F 116 21.33 10.87 -31.35
CA LYS F 116 21.95 11.09 -30.05
C LYS F 116 20.97 11.61 -29.00
N LEU F 117 19.98 12.39 -29.45
CA LEU F 117 18.95 12.96 -28.58
C LEU F 117 18.07 11.95 -27.85
N CYS F 118 18.01 10.70 -28.34
CA CYS F 118 17.27 9.62 -27.67
C CYS F 118 18.12 8.92 -26.62
N MET F 119 19.39 9.28 -26.52
CA MET F 119 20.30 8.66 -25.57
C MET F 119 20.15 9.25 -24.19
N PRO F 120 20.38 8.45 -23.15
CA PRO F 120 20.36 8.98 -21.80
C PRO F 120 21.54 9.94 -21.51
N ASN F 121 21.21 11.16 -21.14
CA ASN F 121 22.19 12.23 -20.85
C ASN F 121 23.38 11.72 -20.03
N ARG F 122 24.58 11.75 -20.60
CA ARG F 122 25.77 11.21 -19.93
C ARG F 122 26.17 11.96 -18.65
N GLU F 123 25.86 13.26 -18.59
CA GLU F 123 26.10 14.03 -17.37
C GLU F 123 25.08 13.71 -16.28
N VAL F 124 23.79 13.68 -16.62
CA VAL F 124 22.77 13.34 -15.62
C VAL F 124 22.98 11.93 -15.10
N TYR F 125 23.32 11.00 -16.01
CA TYR F 125 23.49 9.57 -15.71
C TYR F 125 24.96 9.14 -15.85
N SER F 126 25.84 9.83 -15.13
CA SER F 126 27.26 9.54 -15.10
C SER F 126 27.56 8.30 -14.26
N THR F 127 26.72 8.00 -13.27
CA THR F 127 26.65 6.68 -12.67
C THR F 127 25.27 6.06 -12.99
N PRO F 128 25.18 4.72 -13.00
CA PRO F 128 23.96 4.04 -13.44
C PRO F 128 22.67 4.37 -12.68
N ALA F 129 21.59 4.66 -13.41
CA ALA F 129 20.28 4.93 -12.86
C ALA F 129 19.35 3.75 -13.13
N ALA F 130 18.27 3.64 -12.37
CA ALA F 130 17.30 2.56 -12.58
C ALA F 130 15.86 2.96 -12.27
N THR F 131 14.93 2.20 -12.84
CA THR F 131 13.52 2.26 -12.48
C THR F 131 12.96 0.86 -12.53
N ILE F 132 12.59 0.31 -11.37
CA ILE F 132 11.93 -1.00 -11.33
C ILE F 132 10.42 -0.80 -11.28
N SER F 133 9.75 -1.37 -12.27
CA SER F 133 8.32 -1.21 -12.40
C SER F 133 7.61 -2.56 -12.47
N ARG F 134 6.32 -2.51 -12.19
CA ARG F 134 5.47 -3.66 -12.37
C ARG F 134 5.41 -3.99 -13.84
N CYS F 135 5.41 -5.28 -14.15
CA CYS F 135 5.31 -5.76 -15.51
C CYS F 135 4.25 -6.87 -15.59
N GLY F 136 3.01 -6.48 -15.80
CA GLY F 136 1.93 -7.43 -15.99
C GLY F 136 2.21 -8.39 -17.13
N LEU F 137 1.85 -9.67 -16.93
CA LEU F 137 1.93 -10.68 -17.98
C LEU F 137 0.54 -11.18 -18.27
N ASP F 138 0.22 -11.29 -19.56
CA ASP F 138 -1.04 -11.83 -20.07
C ASP F 138 -2.25 -11.19 -19.41
N SER F 139 -2.17 -9.87 -19.24
CA SER F 139 -3.01 -9.14 -18.28
C SER F 139 -4.48 -9.15 -18.67
N ILE F 140 -4.77 -9.10 -19.95
CA ILE F 140 -6.15 -9.09 -20.43
C ILE F 140 -6.77 -10.43 -20.16
N ALA F 141 -6.08 -11.51 -20.55
CA ALA F 141 -6.59 -12.88 -20.41
C ALA F 141 -6.68 -13.38 -18.96
N VAL F 142 -5.73 -12.99 -18.12
CA VAL F 142 -5.77 -13.32 -16.69
C VAL F 142 -6.50 -12.26 -15.88
N ASP F 143 -7.01 -11.24 -16.58
CA ASP F 143 -7.76 -10.12 -16.00
C ASP F 143 -7.02 -9.46 -14.85
N GLY F 144 -5.71 -9.29 -15.00
CA GLY F 144 -4.92 -8.54 -14.03
C GLY F 144 -4.76 -9.15 -12.66
N ALA F 145 -4.85 -10.48 -12.58
CA ALA F 145 -4.62 -11.19 -11.32
C ALA F 145 -3.29 -10.70 -10.71
N PRO F 146 -3.32 -10.29 -9.43
CA PRO F 146 -2.10 -9.74 -8.81
C PRO F 146 -0.86 -10.63 -8.92
N SER F 147 -1.05 -11.94 -8.93
CA SER F 147 0.04 -12.90 -9.04
C SER F 147 0.37 -13.32 -10.49
N ARG F 148 -0.02 -12.53 -11.48
CA ARG F 148 0.39 -12.76 -12.87
C ARG F 148 1.32 -11.65 -13.35
N SER F 149 1.93 -10.98 -12.40
CA SER F 149 2.76 -9.83 -12.64
C SER F 149 4.20 -10.14 -12.22
N ILE F 150 5.16 -9.74 -13.03
CA ILE F 150 6.58 -9.80 -12.65
C ILE F 150 7.10 -8.37 -12.51
N ASP F 151 8.41 -8.18 -12.44
CA ASP F 151 8.99 -6.85 -12.56
C ASP F 151 9.88 -6.69 -13.79
N CYS F 152 9.92 -5.46 -14.29
CA CYS F 152 10.90 -5.09 -15.31
C CYS F 152 11.63 -3.87 -14.78
N MET F 153 12.94 -3.98 -14.65
CA MET F 153 13.78 -2.85 -14.26
C MET F 153 14.54 -2.34 -15.48
N LEU F 154 14.33 -1.07 -15.82
CA LEU F 154 15.14 -0.40 -16.82
C LEU F 154 16.41 0.09 -16.14
N ILE F 155 17.57 -0.28 -16.67
CA ILE F 155 18.82 0.25 -16.15
C ILE F 155 19.39 1.17 -17.21
N ILE F 156 19.78 2.38 -16.78
CA ILE F 156 20.27 3.43 -17.67
C ILE F 156 21.79 3.60 -17.49
N ASN F 157 22.52 3.37 -18.58
CA ASN F 157 24.00 3.56 -18.62
C ASN F 157 24.85 2.71 -17.68
N LYS F 158 24.39 1.52 -17.30
CA LYS F 158 25.29 0.58 -16.68
C LYS F 158 26.35 0.18 -17.73
N PRO F 159 27.65 0.42 -17.41
CA PRO F 159 28.74 0.18 -18.36
C PRO F 159 28.69 -1.21 -19.01
N LYS F 160 28.99 -1.26 -20.31
CA LYS F 160 29.04 -2.52 -21.03
C LYS F 160 29.99 -2.34 -22.23
N GLY F 161 31.14 -3.00 -22.17
CA GLY F 161 32.15 -2.89 -23.24
C GLY F 161 32.65 -1.49 -23.53
N VAL F 162 32.63 -1.11 -24.82
CA VAL F 162 32.98 0.25 -25.25
C VAL F 162 31.72 1.03 -25.69
N ALA F 163 30.55 0.52 -25.33
CA ALA F 163 29.27 1.26 -25.49
C ALA F 163 29.30 2.54 -24.68
N THR F 164 28.81 3.62 -25.30
CA THR F 164 28.72 4.91 -24.62
C THR F 164 27.42 4.99 -23.82
N TYR F 165 26.34 4.48 -24.42
CA TYR F 165 25.04 4.46 -23.77
C TYR F 165 24.50 3.04 -23.73
N THR F 166 23.79 2.72 -22.67
CA THR F 166 23.16 1.41 -22.56
C THR F 166 21.79 1.58 -21.95
N LEU F 167 20.84 0.81 -22.46
CA LEU F 167 19.53 0.63 -21.84
C LEU F 167 19.38 -0.87 -21.59
N THR F 168 19.10 -1.23 -20.35
CA THR F 168 18.87 -2.63 -20.00
C THR F 168 17.43 -2.84 -19.58
N PHE F 169 16.77 -3.82 -20.19
CA PHE F 169 15.50 -4.32 -19.69
C PHE F 169 15.74 -5.60 -18.92
N ARG F 170 15.70 -5.51 -17.59
CA ARG F 170 15.96 -6.63 -16.73
C ARG F 170 14.67 -7.18 -16.17
N PHE F 171 14.37 -8.42 -16.50
CA PHE F 171 13.13 -9.07 -16.09
C PHE F 171 13.39 -9.91 -14.84
N LEU F 172 12.63 -9.60 -13.79
CA LEU F 172 12.94 -9.99 -12.43
C LEU F 172 11.71 -10.50 -11.71
N ASN F 173 11.96 -11.26 -10.66
CA ASN F 173 10.96 -11.73 -9.71
C ASN F 173 9.83 -12.49 -10.38
N PHE F 174 10.22 -13.42 -11.24
CA PHE F 174 9.31 -14.39 -11.82
C PHE F 174 8.67 -15.24 -10.75
N ASN F 175 9.34 -15.38 -9.61
CA ASN F 175 8.78 -16.07 -8.46
C ASN F 175 7.54 -15.40 -7.84
N ARG F 176 7.22 -14.17 -8.23
CA ARG F 176 5.93 -13.54 -7.90
C ARG F 176 4.77 -14.28 -8.58
N LEU F 177 5.04 -14.97 -9.69
CA LEU F 177 3.99 -15.61 -10.48
C LEU F 177 3.43 -16.85 -9.77
N SER F 178 2.12 -17.05 -9.89
CA SER F 178 1.42 -18.17 -9.22
C SER F 178 1.48 -19.48 -10.01
N GLY F 179 1.77 -19.40 -11.30
CA GLY F 179 1.97 -20.56 -12.14
C GLY F 179 2.46 -20.15 -13.53
N GLY F 180 2.59 -21.13 -14.41
CA GLY F 180 2.93 -20.89 -15.82
C GLY F 180 2.06 -19.82 -16.46
N THR F 181 2.71 -18.86 -17.11
CA THR F 181 2.05 -17.68 -17.65
C THR F 181 2.66 -17.32 -19.02
N LEU F 182 1.80 -16.93 -19.96
CA LEU F 182 2.25 -16.45 -21.25
C LEU F 182 3.14 -15.23 -21.06
N PHE F 183 4.36 -15.28 -21.59
CA PHE F 183 5.29 -14.15 -21.50
C PHE F 183 4.89 -13.05 -22.51
N LYS F 184 3.78 -12.40 -22.20
CA LYS F 184 3.19 -11.39 -23.04
C LYS F 184 3.00 -10.15 -22.15
N THR F 185 4.01 -9.29 -22.15
CA THR F 185 4.05 -8.20 -21.21
C THR F 185 3.07 -7.12 -21.56
N ASP F 186 2.74 -6.36 -20.52
CA ASP F 186 2.11 -5.08 -20.67
C ASP F 186 3.00 -4.14 -21.48
N VAL F 187 2.39 -3.04 -21.89
CA VAL F 187 3.10 -1.89 -22.44
C VAL F 187 3.77 -1.19 -21.25
N LEU F 188 5.09 -1.10 -21.31
CA LEU F 188 5.88 -0.56 -20.23
C LEU F 188 6.37 0.81 -20.64
N THR F 189 6.35 1.74 -19.71
CA THR F 189 6.82 3.08 -19.97
C THR F 189 7.86 3.47 -18.93
N PHE F 190 8.98 4.01 -19.42
CA PHE F 190 10.03 4.60 -18.57
C PHE F 190 10.36 5.96 -19.14
N THR F 191 11.07 6.76 -18.35
CA THR F 191 11.45 8.10 -18.77
C THR F 191 12.86 8.46 -18.28
N TYR F 192 13.62 9.12 -19.15
CA TYR F 192 14.90 9.69 -18.74
C TYR F 192 15.22 10.99 -19.45
N VAL F 193 16.16 11.75 -18.90
CA VAL F 193 16.60 13.00 -19.50
C VAL F 193 17.47 12.67 -20.70
N GLY F 194 17.13 13.26 -21.84
CA GLY F 194 17.82 13.03 -23.08
C GLY F 194 19.13 13.79 -23.22
N GLU F 195 19.96 13.29 -24.12
CA GLU F 195 21.27 13.86 -24.37
C GLU F 195 21.14 15.16 -25.16
N ASN F 196 22.10 16.04 -24.97
CA ASN F 196 22.17 17.28 -25.75
C ASN F 196 22.89 17.04 -27.08
N GLN F 197 22.44 17.72 -28.14
CA GLN F 197 23.13 17.62 -29.43
C GLN F 197 24.59 17.95 -29.29
N ALA G 5 -59.86 -55.62 35.31
CA ALA G 5 -59.16 -56.71 36.04
C ALA G 5 -57.72 -56.87 35.54
N ARG G 6 -57.56 -57.38 34.31
CA ARG G 6 -56.25 -57.54 33.65
C ARG G 6 -55.89 -56.26 32.90
N SER G 7 -56.90 -55.72 32.22
CA SER G 7 -56.79 -54.40 31.58
C SER G 7 -58.14 -53.70 31.65
N LEU G 8 -58.15 -52.44 31.23
CA LEU G 8 -59.36 -51.62 31.23
C LEU G 8 -60.34 -52.14 30.16
N SER G 9 -61.55 -52.53 30.61
CA SER G 9 -62.57 -53.10 29.73
C SER G 9 -63.96 -52.56 30.05
N ILE G 10 -64.81 -52.46 29.02
CA ILE G 10 -66.20 -52.05 29.18
C ILE G 10 -67.09 -53.29 29.09
N THR G 11 -68.06 -53.39 30.00
CA THR G 11 -68.93 -54.56 30.10
C THR G 11 -70.06 -54.48 29.06
N THR G 12 -70.08 -55.44 28.13
CA THR G 12 -70.99 -55.41 26.98
C THR G 12 -70.55 -54.32 25.99
N PRO G 13 -69.57 -54.63 25.12
CA PRO G 13 -69.03 -53.57 24.26
C PRO G 13 -69.92 -53.09 23.10
N GLU G 14 -71.01 -53.81 22.77
CA GLU G 14 -71.90 -53.38 21.69
C GLU G 14 -73.34 -53.68 22.08
N GLU G 15 -74.26 -52.85 21.61
CA GLU G 15 -75.65 -52.92 22.04
C GLU G 15 -76.60 -52.16 21.10
N MET G 16 -77.81 -52.70 20.99
CA MET G 16 -78.90 -52.09 20.25
C MET G 16 -79.99 -51.76 21.25
N ILE G 17 -80.50 -50.53 21.21
CA ILE G 17 -81.51 -50.06 22.17
C ILE G 17 -82.66 -49.34 21.48
N GLU G 18 -83.83 -49.97 21.49
CA GLU G 18 -85.04 -49.37 20.95
C GLU G 18 -85.86 -48.70 22.05
N LYS G 19 -86.22 -47.44 21.82
CA LYS G 19 -87.04 -46.69 22.76
C LYS G 19 -88.12 -45.92 22.02
N ALA G 20 -89.18 -45.57 22.73
CA ALA G 20 -90.24 -44.74 22.16
C ALA G 20 -89.87 -43.26 22.32
N LYS G 21 -90.41 -42.44 21.42
CA LYS G 21 -90.29 -41.00 21.50
C LYS G 21 -90.87 -40.52 22.83
N GLY G 22 -90.15 -39.64 23.52
CA GLY G 22 -90.56 -39.11 24.83
C GLY G 22 -89.95 -39.80 26.04
N GLU G 23 -89.42 -41.01 25.85
CA GLU G 23 -88.82 -41.77 26.94
C GLU G 23 -87.35 -41.40 27.14
N THR G 24 -86.76 -41.91 28.20
CA THR G 24 -85.35 -41.70 28.45
C THR G 24 -84.60 -43.02 28.20
N ALA G 25 -83.59 -42.95 27.32
CA ALA G 25 -82.72 -44.07 27.07
C ALA G 25 -81.57 -44.09 28.05
N TYR G 26 -81.39 -45.21 28.73
CA TYR G 26 -80.24 -45.51 29.57
C TYR G 26 -79.16 -46.17 28.70
N LEU G 27 -78.05 -45.46 28.50
CA LEU G 27 -76.93 -45.97 27.72
C LEU G 27 -75.84 -46.47 28.67
N PRO G 28 -75.78 -47.79 28.93
CA PRO G 28 -74.83 -48.26 29.92
C PRO G 28 -73.40 -48.30 29.42
N CYS G 29 -72.47 -47.87 30.28
CA CYS G 29 -71.05 -47.94 29.99
C CYS G 29 -70.30 -48.10 31.30
N LYS G 30 -70.37 -49.31 31.84
CA LYS G 30 -69.64 -49.65 33.04
C LYS G 30 -68.30 -50.25 32.65
N PHE G 31 -67.28 -49.98 33.46
CA PHE G 31 -65.91 -50.36 33.12
C PHE G 31 -65.14 -50.81 34.35
N THR G 32 -64.12 -51.63 34.11
CA THR G 32 -63.22 -52.11 35.15
C THR G 32 -61.82 -51.61 34.85
N LEU G 33 -61.05 -51.32 35.89
CA LEU G 33 -59.67 -50.86 35.74
C LEU G 33 -58.73 -51.95 36.21
N SER G 34 -57.51 -51.93 35.69
CA SER G 34 -56.46 -52.84 36.15
C SER G 34 -55.42 -52.02 36.92
N PRO G 35 -54.60 -52.68 37.73
CA PRO G 35 -53.63 -51.90 38.50
C PRO G 35 -52.74 -50.99 37.65
N GLU G 36 -52.41 -51.43 36.43
CA GLU G 36 -51.50 -50.69 35.55
C GLU G 36 -52.09 -49.35 35.05
N ASP G 37 -53.40 -49.19 35.15
CA ASP G 37 -54.10 -48.02 34.61
C ASP G 37 -53.98 -46.80 35.50
N GLN G 38 -52.83 -46.13 35.39
CA GLN G 38 -52.42 -45.09 36.33
C GLN G 38 -52.56 -43.67 35.78
N GLY G 39 -53.01 -43.54 34.55
CA GLY G 39 -53.26 -42.23 33.98
C GLY G 39 -54.50 -41.60 34.56
N PRO G 40 -54.75 -40.33 34.22
CA PRO G 40 -55.96 -39.66 34.66
C PRO G 40 -57.17 -40.26 33.96
N LEU G 41 -58.28 -40.41 34.69
CA LEU G 41 -59.49 -40.95 34.08
C LEU G 41 -60.08 -39.91 33.14
N ASP G 42 -60.44 -40.37 31.94
CA ASP G 42 -60.71 -39.54 30.79
C ASP G 42 -61.85 -40.21 30.01
N ILE G 43 -63.08 -39.73 30.18
CA ILE G 43 -64.26 -40.28 29.49
C ILE G 43 -64.85 -39.29 28.49
N GLU G 44 -65.34 -39.81 27.36
CA GLU G 44 -66.24 -39.04 26.50
C GLU G 44 -67.32 -39.89 25.84
N TRP G 45 -68.42 -39.26 25.48
CA TRP G 45 -69.47 -39.86 24.68
C TRP G 45 -69.60 -39.05 23.41
N LEU G 46 -69.73 -39.74 22.29
CA LEU G 46 -69.87 -39.10 20.99
C LEU G 46 -71.18 -39.55 20.34
N ILE G 47 -71.69 -38.73 19.44
CA ILE G 47 -72.81 -39.15 18.60
C ILE G 47 -72.43 -39.06 17.11
N SER G 48 -72.75 -40.13 16.39
CA SER G 48 -72.84 -40.12 14.95
C SER G 48 -74.33 -40.22 14.64
N PRO G 49 -75.00 -39.07 14.39
CA PRO G 49 -76.44 -39.12 14.16
C PRO G 49 -76.77 -39.51 12.73
N ALA G 50 -77.88 -40.23 12.56
CA ALA G 50 -78.41 -40.55 11.23
C ALA G 50 -78.82 -39.28 10.45
N ASP G 51 -79.20 -38.25 11.20
CA ASP G 51 -79.65 -36.94 10.66
C ASP G 51 -78.82 -36.33 9.54
N ASN G 52 -77.49 -36.34 9.70
CA ASN G 52 -76.61 -35.66 8.73
C ASN G 52 -75.20 -36.23 8.65
N GLN G 53 -74.36 -35.62 7.80
CA GLN G 53 -73.04 -36.14 7.48
C GLN G 53 -72.01 -36.12 8.63
N LYS G 54 -72.22 -35.30 9.66
CA LYS G 54 -71.21 -35.18 10.74
C LYS G 54 -71.21 -36.37 11.70
N VAL G 55 -70.01 -36.75 12.13
CA VAL G 55 -69.75 -38.04 12.78
C VAL G 55 -68.86 -37.79 14.00
N ASP G 56 -68.95 -38.66 15.00
CA ASP G 56 -68.12 -38.57 16.19
C ASP G 56 -68.14 -37.18 16.81
N GLN G 57 -69.34 -36.73 17.19
CA GLN G 57 -69.53 -35.42 17.80
C GLN G 57 -69.71 -35.58 19.32
N VAL G 58 -68.78 -34.98 20.09
CA VAL G 58 -68.85 -35.03 21.57
C VAL G 58 -70.23 -34.60 22.05
N ILE G 59 -70.78 -35.37 22.98
CA ILE G 59 -72.00 -34.95 23.69
C ILE G 59 -71.72 -34.63 25.17
N ILE G 60 -70.76 -35.33 25.77
CA ILE G 60 -70.41 -35.12 27.18
C ILE G 60 -69.00 -35.66 27.45
N LEU G 61 -68.25 -34.94 28.27
CA LEU G 61 -66.91 -35.33 28.72
C LEU G 61 -66.87 -35.42 30.23
N TYR G 62 -66.05 -36.33 30.72
CA TYR G 62 -65.61 -36.31 32.10
C TYR G 62 -64.08 -36.28 32.10
N SER G 63 -63.52 -35.24 32.71
CA SER G 63 -62.09 -34.99 32.71
C SER G 63 -61.70 -34.13 33.91
N GLY G 64 -60.59 -34.48 34.57
CA GLY G 64 -60.11 -33.75 35.74
C GLY G 64 -61.17 -33.67 36.83
N ASP G 65 -61.85 -34.79 37.04
CA ASP G 65 -63.00 -34.90 37.96
C ASP G 65 -64.10 -33.84 37.72
N LYS G 66 -64.27 -33.41 36.48
CA LYS G 66 -65.32 -32.46 36.10
C LYS G 66 -66.08 -32.91 34.88
N ILE G 67 -67.35 -32.50 34.83
CA ILE G 67 -68.25 -32.82 33.72
C ILE G 67 -68.39 -31.60 32.82
N TYR G 68 -68.23 -31.82 31.51
CA TYR G 68 -68.45 -30.78 30.52
C TYR G 68 -69.49 -31.26 29.52
N ASP G 69 -70.60 -30.52 29.42
CA ASP G 69 -71.78 -31.00 28.70
C ASP G 69 -72.46 -29.96 27.80
N ASP G 70 -71.72 -28.97 27.32
CA ASP G 70 -72.31 -27.90 26.53
C ASP G 70 -71.82 -27.94 25.07
N TYR G 71 -71.84 -29.12 24.46
CA TYR G 71 -71.12 -29.32 23.17
C TYR G 71 -72.05 -29.50 21.99
N TYR G 72 -73.07 -30.34 22.18
CA TYR G 72 -74.02 -30.73 21.14
C TYR G 72 -75.38 -30.06 21.46
N PRO G 73 -75.71 -28.95 20.75
CA PRO G 73 -76.91 -28.15 21.04
C PRO G 73 -78.25 -28.91 21.04
N ASP G 74 -78.38 -29.89 20.15
CA ASP G 74 -79.59 -30.71 20.06
C ASP G 74 -79.87 -31.52 21.33
N LEU G 75 -78.82 -31.87 22.08
CA LEU G 75 -78.97 -32.63 23.32
C LEU G 75 -78.96 -31.75 24.57
N LYS G 76 -78.96 -30.43 24.37
CA LYS G 76 -78.89 -29.47 25.48
C LYS G 76 -79.85 -29.85 26.61
N GLY G 77 -79.29 -30.08 27.79
CA GLY G 77 -80.08 -30.38 28.98
C GLY G 77 -80.63 -31.79 29.08
N ARG G 78 -80.45 -32.60 28.04
CA ARG G 78 -81.07 -33.93 27.98
C ARG G 78 -80.07 -35.09 28.14
N VAL G 79 -78.80 -34.78 28.39
CA VAL G 79 -77.77 -35.79 28.62
C VAL G 79 -77.06 -35.58 29.96
N HIS G 80 -76.96 -36.64 30.75
CA HIS G 80 -76.24 -36.57 32.00
C HIS G 80 -75.75 -37.94 32.44
N PHE G 81 -74.61 -37.93 33.13
CA PHE G 81 -74.09 -39.15 33.75
C PHE G 81 -75.07 -39.58 34.83
N THR G 82 -75.32 -40.87 34.91
CA THR G 82 -76.33 -41.41 35.83
C THR G 82 -75.73 -41.78 37.18
N SER G 83 -74.43 -42.06 37.22
CA SER G 83 -73.75 -42.44 38.47
C SER G 83 -73.17 -41.24 39.22
N ASN G 84 -73.40 -41.22 40.53
CA ASN G 84 -72.76 -40.24 41.42
C ASN G 84 -71.27 -40.54 41.66
N ASP G 85 -70.89 -41.81 41.54
CA ASP G 85 -69.49 -42.24 41.66
C ASP G 85 -69.04 -42.81 40.32
N LEU G 86 -68.74 -41.89 39.40
CA LEU G 86 -68.39 -42.23 38.03
C LEU G 86 -67.00 -42.86 37.93
N LYS G 87 -66.09 -42.38 38.75
CA LYS G 87 -64.71 -42.86 38.73
C LYS G 87 -64.50 -44.28 39.26
N SER G 88 -65.53 -44.84 39.90
CA SER G 88 -65.52 -46.22 40.37
C SER G 88 -65.91 -47.26 39.31
N GLY G 89 -66.20 -46.82 38.09
CA GLY G 89 -66.52 -47.74 36.99
C GLY G 89 -67.86 -47.57 36.27
N ASP G 90 -68.54 -46.45 36.45
CA ASP G 90 -69.85 -46.23 35.80
C ASP G 90 -69.88 -44.91 35.03
N ALA G 91 -69.69 -45.01 33.71
CA ALA G 91 -69.75 -43.86 32.79
C ALA G 91 -71.06 -43.85 32.01
N SER G 92 -72.07 -44.56 32.51
CA SER G 92 -73.40 -44.61 31.86
C SER G 92 -74.08 -43.23 31.85
N ILE G 93 -74.89 -43.00 30.81
CA ILE G 93 -75.65 -41.75 30.67
C ILE G 93 -77.14 -41.99 30.35
N ASN G 94 -77.94 -40.97 30.65
CA ASN G 94 -79.34 -40.94 30.23
C ASN G 94 -79.49 -39.92 29.10
N VAL G 95 -80.25 -40.27 28.08
CA VAL G 95 -80.74 -39.30 27.11
C VAL G 95 -82.25 -39.21 27.29
N THR G 96 -82.70 -38.09 27.86
CA THR G 96 -84.07 -37.94 28.34
C THR G 96 -84.93 -37.29 27.27
N ASN G 97 -86.24 -37.56 27.31
CA ASN G 97 -87.19 -37.00 26.34
C ASN G 97 -86.72 -37.20 24.90
N LEU G 98 -86.65 -38.47 24.49
CA LEU G 98 -86.07 -38.83 23.20
C LEU G 98 -86.80 -38.22 22.02
N GLN G 99 -85.99 -37.68 21.10
CA GLN G 99 -86.48 -37.13 19.84
C GLN G 99 -86.21 -38.16 18.74
N LEU G 100 -86.97 -38.08 17.66
CA LEU G 100 -86.69 -38.91 16.48
C LEU G 100 -85.31 -38.56 15.90
N SER G 101 -84.90 -37.30 16.05
CA SER G 101 -83.60 -36.83 15.60
C SER G 101 -82.43 -37.33 16.50
N ASP G 102 -82.75 -38.00 17.61
CA ASP G 102 -81.72 -38.61 18.46
C ASP G 102 -81.25 -39.97 17.95
N ILE G 103 -81.81 -40.43 16.84
CA ILE G 103 -81.39 -41.69 16.21
C ILE G 103 -79.93 -41.58 15.76
N GLY G 104 -79.09 -42.49 16.23
CA GLY G 104 -77.69 -42.52 15.83
C GLY G 104 -76.89 -43.53 16.62
N THR G 105 -75.57 -43.51 16.42
CA THR G 105 -74.64 -44.37 17.14
C THR G 105 -73.97 -43.55 18.24
N TYR G 106 -74.12 -44.00 19.48
CA TYR G 106 -73.57 -43.33 20.65
C TYR G 106 -72.39 -44.14 21.15
N GLN G 107 -71.22 -43.51 21.20
CA GLN G 107 -70.00 -44.21 21.56
C GLN G 107 -69.41 -43.71 22.88
N CYS G 108 -69.20 -44.63 23.81
CA CYS G 108 -68.54 -44.38 25.07
C CYS G 108 -67.04 -44.70 24.95
N LYS G 109 -66.19 -43.73 25.29
CA LYS G 109 -64.75 -43.93 25.28
C LYS G 109 -64.20 -43.71 26.67
N VAL G 110 -63.55 -44.73 27.21
CA VAL G 110 -62.95 -44.64 28.53
C VAL G 110 -61.44 -44.80 28.42
N LYS G 111 -60.71 -43.82 28.94
CA LYS G 111 -59.26 -43.87 28.98
C LYS G 111 -58.77 -43.75 30.41
N LYS G 112 -57.82 -44.60 30.77
CA LYS G 112 -57.03 -44.42 31.97
C LYS G 112 -55.69 -45.08 31.72
N ALA G 113 -54.74 -44.27 31.22
CA ALA G 113 -53.54 -44.79 30.56
C ALA G 113 -52.82 -45.84 31.40
N PRO G 114 -52.34 -46.93 30.76
CA PRO G 114 -52.46 -47.27 29.33
C PRO G 114 -53.82 -47.83 28.88
N GLY G 115 -54.75 -48.01 29.81
CA GLY G 115 -56.06 -48.56 29.49
C GLY G 115 -56.89 -47.67 28.58
N VAL G 116 -57.56 -48.29 27.61
CA VAL G 116 -58.50 -47.63 26.72
C VAL G 116 -59.56 -48.66 26.39
N ALA G 117 -60.81 -48.22 26.28
CA ALA G 117 -61.88 -49.08 25.79
C ALA G 117 -62.96 -48.18 25.19
N ASN G 118 -63.70 -48.72 24.22
CA ASN G 118 -64.87 -48.05 23.68
C ASN G 118 -66.06 -49.00 23.47
N LYS G 119 -67.26 -48.43 23.53
CA LYS G 119 -68.50 -49.19 23.37
C LYS G 119 -69.45 -48.39 22.48
N LYS G 120 -70.00 -49.03 21.45
CA LYS G 120 -70.97 -48.37 20.58
C LYS G 120 -72.38 -48.83 20.94
N ILE G 121 -73.32 -47.89 20.96
CA ILE G 121 -74.72 -48.18 21.21
C ILE G 121 -75.53 -47.56 20.09
N HIS G 122 -76.29 -48.39 19.38
CA HIS G 122 -77.13 -47.92 18.30
C HIS G 122 -78.51 -47.67 18.87
N LEU G 123 -78.87 -46.39 18.96
CA LEU G 123 -80.10 -45.97 19.56
C LEU G 123 -81.13 -45.72 18.48
N VAL G 124 -82.24 -46.45 18.55
CA VAL G 124 -83.37 -46.28 17.66
C VAL G 124 -84.49 -45.64 18.48
N VAL G 125 -85.20 -44.69 17.86
CA VAL G 125 -86.31 -44.00 18.53
C VAL G 125 -87.59 -44.16 17.69
N LEU G 126 -88.56 -44.88 18.26
CA LEU G 126 -89.84 -45.18 17.58
C LEU G 126 -90.91 -44.14 17.94
N VAL G 127 -92.03 -44.15 17.21
CA VAL G 127 -93.13 -43.22 17.48
C VAL G 127 -94.24 -43.88 18.30
N ALA H 16 7.14 60.67 -23.27
CA ALA H 16 8.26 61.65 -23.47
C ALA H 16 8.41 62.59 -22.26
N PRO H 17 9.61 63.13 -22.04
CA PRO H 17 9.79 64.12 -21.00
C PRO H 17 9.24 65.48 -21.40
N ILE H 18 9.00 66.34 -20.41
CA ILE H 18 8.48 67.67 -20.69
C ILE H 18 8.82 68.60 -19.53
N THR H 19 9.26 69.81 -19.88
CA THR H 19 9.63 70.82 -18.89
C THR H 19 8.76 72.04 -19.08
N LEU H 20 8.13 72.50 -18.00
CA LEU H 20 7.50 73.83 -17.94
C LEU H 20 8.33 74.75 -17.06
N TRP H 21 8.48 76.01 -17.45
CA TRP H 21 9.34 76.89 -16.66
C TRP H 21 9.13 78.37 -16.92
N THR H 22 9.74 79.18 -16.08
CA THR H 22 9.67 80.63 -16.16
C THR H 22 10.68 81.18 -17.16
N GLY H 23 11.60 80.33 -17.59
CA GLY H 23 12.76 80.77 -18.35
C GLY H 23 13.87 81.18 -17.41
N PRO H 24 15.04 81.49 -17.97
CA PRO H 24 16.08 82.07 -17.16
C PRO H 24 15.78 83.57 -17.12
N GLY H 25 16.36 84.28 -16.18
CA GLY H 25 16.03 85.69 -16.01
C GLY H 25 14.55 85.83 -15.79
N PRO H 26 14.01 85.14 -14.78
CA PRO H 26 12.57 85.23 -14.56
C PRO H 26 12.09 86.66 -14.28
N SER H 27 10.85 86.96 -14.66
CA SER H 27 10.19 88.21 -14.29
C SER H 27 9.84 88.18 -12.81
N ILE H 28 9.58 89.35 -12.23
CA ILE H 28 9.00 89.39 -10.88
C ILE H 28 7.57 88.90 -10.99
N ASN H 29 7.34 87.68 -10.53
CA ASN H 29 6.13 86.93 -10.87
C ASN H 29 5.39 86.35 -9.67
N GLY H 30 5.90 86.62 -8.45
CA GLY H 30 5.27 86.14 -7.23
C GLY H 30 4.57 87.28 -6.52
N PHE H 31 3.24 87.26 -6.56
CA PHE H 31 2.41 88.30 -5.98
C PHE H 31 2.24 88.09 -4.47
N ILE H 32 2.46 89.15 -3.69
CA ILE H 32 2.06 89.20 -2.29
C ILE H 32 1.22 90.47 -2.11
N ASN H 33 -0.03 90.30 -1.69
CA ASN H 33 -0.99 91.40 -1.58
C ASN H 33 -1.09 92.22 -2.88
N ASP H 34 -1.29 91.52 -4.00
CA ASP H 34 -1.60 92.15 -5.31
C ASP H 34 -0.48 93.00 -5.93
N THR H 35 0.73 92.91 -5.40
CA THR H 35 1.91 93.45 -6.07
C THR H 35 2.88 92.30 -6.29
N PRO H 36 3.44 92.17 -7.51
CA PRO H 36 4.49 91.17 -7.70
C PRO H 36 5.77 91.67 -7.04
N VAL H 37 6.26 90.92 -6.07
CA VAL H 37 7.43 91.34 -5.28
C VAL H 37 8.50 90.26 -5.15
N ILE H 38 8.23 89.04 -5.59
CA ILE H 38 9.21 87.95 -5.52
C ILE H 38 9.51 87.50 -6.91
N ARG H 39 10.81 87.43 -7.23
CA ARG H 39 11.27 86.96 -8.52
C ARG H 39 11.49 85.44 -8.44
N CYS H 40 10.57 84.67 -9.02
CA CYS H 40 10.58 83.19 -8.90
C CYS H 40 11.13 82.51 -10.14
N PHE H 41 12.26 81.81 -9.99
CA PHE H 41 12.68 80.87 -11.02
C PHE H 41 12.07 79.54 -10.64
N ILE H 42 11.23 79.01 -11.53
CA ILE H 42 10.54 77.77 -11.30
C ILE H 42 10.65 76.93 -12.57
N CYS H 43 11.06 75.68 -12.37
CA CYS H 43 11.19 74.71 -13.43
C CYS H 43 10.52 73.42 -12.98
N LEU H 44 9.50 72.99 -13.73
CA LEU H 44 8.85 71.69 -13.53
C LEU H 44 9.31 70.78 -14.65
N THR H 45 10.15 69.80 -14.30
CA THR H 45 10.65 68.85 -15.27
C THR H 45 10.07 67.47 -14.99
N ARG H 46 9.29 66.99 -15.94
CA ARG H 46 8.78 65.62 -15.93
C ARG H 46 9.73 64.72 -16.74
N ASP H 47 10.29 63.72 -16.09
CA ASP H 47 11.02 62.69 -16.81
C ASP H 47 10.06 61.50 -16.96
N SER H 48 10.46 60.26 -16.72
CA SER H 48 9.56 59.11 -17.00
C SER H 48 8.28 59.12 -16.17
N ASN H 49 8.40 59.41 -14.89
CA ASN H 49 7.29 59.28 -13.94
C ASN H 49 7.20 60.44 -12.96
N LEU H 50 8.34 60.85 -12.43
CA LEU H 50 8.38 61.89 -11.41
C LEU H 50 8.58 63.25 -12.05
N VAL H 51 8.04 64.26 -11.38
CA VAL H 51 8.32 65.65 -11.69
C VAL H 51 9.28 66.16 -10.62
N THR H 52 10.37 66.77 -11.05
CA THR H 52 11.29 67.51 -10.19
C THR H 52 10.92 68.99 -10.29
N VAL H 53 10.66 69.60 -9.12
CA VAL H 53 10.53 71.03 -8.98
C VAL H 53 11.91 71.56 -8.64
N ASN H 54 12.46 72.42 -9.51
CA ASN H 54 13.72 73.08 -9.25
C ASN H 54 13.37 74.55 -9.24
N ALA H 55 13.60 75.22 -8.11
CA ALA H 55 13.15 76.59 -7.90
C ALA H 55 14.16 77.41 -7.09
N SER H 56 14.19 78.70 -7.34
CA SER H 56 14.91 79.67 -6.51
C SER H 56 14.15 80.99 -6.55
N PHE H 57 14.32 81.80 -5.51
CA PHE H 57 13.54 83.00 -5.31
C PHE H 57 14.44 84.17 -4.92
N VAL H 58 14.08 85.37 -5.40
CA VAL H 58 14.78 86.60 -5.01
C VAL H 58 13.71 87.66 -4.71
N GLY H 59 13.65 88.08 -3.44
CA GLY H 59 12.76 89.15 -3.05
C GLY H 59 13.21 90.45 -3.67
N GLU H 60 12.25 91.28 -4.07
CA GLU H 60 12.53 92.55 -4.71
C GLU H 60 11.78 93.66 -3.97
N GLY H 61 12.21 94.90 -4.18
CA GLY H 61 11.60 96.06 -3.51
C GLY H 61 11.65 95.92 -1.99
N GLY H 62 10.51 96.03 -1.32
CA GLY H 62 10.41 95.84 0.12
C GLY H 62 10.70 94.43 0.61
N TYR H 63 10.77 93.47 -0.32
CA TYR H 63 11.09 92.08 0.03
C TYR H 63 12.53 91.72 -0.30
N ARG H 64 13.35 92.70 -0.63
CA ARG H 64 14.75 92.45 -0.98
C ARG H 64 15.57 91.94 0.21
N ILE H 65 15.37 92.59 1.35
CA ILE H 65 15.87 92.17 2.64
C ILE H 65 14.69 91.77 3.49
N VAL H 66 14.73 90.55 4.03
CA VAL H 66 13.71 90.08 4.98
C VAL H 66 14.29 90.07 6.40
N SER H 67 13.44 90.44 7.35
CA SER H 67 13.83 90.44 8.76
C SER H 67 13.25 89.22 9.45
N PRO H 68 13.75 88.90 10.66
CA PRO H 68 13.19 87.83 11.46
C PRO H 68 11.70 87.98 11.81
N THR H 69 11.17 89.20 11.76
CA THR H 69 9.77 89.47 11.99
C THR H 69 8.89 89.29 10.74
N GLN H 70 9.48 88.86 9.62
CA GLN H 70 8.75 88.68 8.37
C GLN H 70 7.68 87.62 8.54
N SER H 71 6.43 87.97 8.22
CA SER H 71 5.36 87.00 8.26
C SER H 71 5.51 85.97 7.13
N GLN H 72 5.08 84.75 7.44
CA GLN H 72 5.11 83.64 6.52
C GLN H 72 4.12 83.98 5.39
N PHE H 73 4.39 83.49 4.17
CA PHE H 73 3.43 83.66 3.08
C PHE H 73 3.50 82.51 2.07
N SER H 74 2.38 82.30 1.37
CA SER H 74 2.29 81.29 0.32
C SER H 74 2.31 81.94 -1.06
N LEU H 75 3.11 81.37 -1.96
CA LEU H 75 2.97 81.66 -3.39
C LEU H 75 2.35 80.44 -4.04
N ILE H 76 1.06 80.54 -4.38
CA ILE H 76 0.30 79.44 -4.99
C ILE H 76 0.26 79.56 -6.54
N MET H 77 0.68 78.49 -7.22
CA MET H 77 0.44 78.31 -8.65
C MET H 77 -0.84 77.47 -8.82
N GLU H 78 -1.78 77.97 -9.62
CA GLU H 78 -3.01 77.26 -9.90
C GLU H 78 -3.01 76.82 -11.36
N PHE H 79 -3.30 75.53 -11.58
CA PHE H 79 -3.29 74.92 -12.90
C PHE H 79 -4.64 74.31 -13.20
N ASP H 80 -5.08 74.42 -14.45
CA ASP H 80 -6.29 73.71 -14.89
C ASP H 80 -6.02 72.23 -15.13
N GLN H 81 -7.05 71.51 -15.56
CA GLN H 81 -6.98 70.05 -15.67
C GLN H 81 -6.04 69.56 -16.77
N PHE H 82 -5.64 70.47 -17.65
CA PHE H 82 -4.70 70.18 -18.73
C PHE H 82 -3.28 70.66 -18.46
N GLY H 83 -3.01 71.15 -17.26
CA GLY H 83 -1.66 71.54 -16.87
C GLY H 83 -1.23 72.93 -17.29
N GLN H 84 -2.21 73.81 -17.51
CA GLN H 84 -1.98 75.18 -17.93
C GLN H 84 -2.17 76.09 -16.74
N LEU H 85 -1.20 76.95 -16.52
CA LEU H 85 -1.25 77.91 -15.42
C LEU H 85 -2.46 78.85 -15.58
N MET H 86 -3.23 78.99 -14.49
CA MET H 86 -4.38 79.89 -14.47
C MET H 86 -3.93 81.26 -14.02
N SER H 87 -4.82 82.24 -14.13
CA SER H 87 -4.47 83.62 -13.81
C SER H 87 -4.80 84.00 -12.35
N THR H 88 -5.18 83.01 -11.54
CA THR H 88 -5.78 83.25 -10.24
C THR H 88 -4.82 83.06 -9.06
N GLY H 89 -3.68 82.39 -9.27
CA GLY H 89 -2.74 82.16 -8.18
C GLY H 89 -1.82 83.32 -7.95
N ASN H 90 -0.94 83.20 -6.96
CA ASN H 90 0.09 84.21 -6.67
C ASN H 90 1.19 84.22 -7.72
N ILE H 91 1.43 83.05 -8.32
CA ILE H 91 2.24 82.91 -9.50
C ILE H 91 1.25 82.47 -10.56
N ASN H 92 1.14 83.24 -11.63
CA ASN H 92 0.01 83.10 -12.55
C ASN H 92 0.37 83.42 -14.01
N SER H 93 -0.62 83.24 -14.88
CA SER H 93 -0.41 83.33 -16.33
C SER H 93 -0.19 84.74 -16.88
N THR H 94 -0.14 85.75 -16.02
CA THR H 94 0.19 87.08 -16.46
C THR H 94 1.70 87.30 -16.65
N THR H 95 2.54 86.37 -16.18
CA THR H 95 3.97 86.44 -16.51
C THR H 95 4.40 85.29 -17.41
N THR H 96 5.61 85.43 -17.94
CA THR H 96 6.22 84.47 -18.86
C THR H 96 6.29 83.08 -18.21
N TRP H 97 5.69 82.12 -18.88
CA TRP H 97 5.60 80.76 -18.38
C TRP H 97 5.24 79.90 -19.57
N GLY H 98 5.93 78.77 -19.72
CA GLY H 98 5.65 77.84 -20.78
C GLY H 98 6.67 76.75 -20.83
N GLU H 99 6.69 76.04 -21.96
CA GLU H 99 7.56 74.90 -22.13
C GLU H 99 9.00 75.31 -22.50
N LYS H 100 9.97 74.58 -21.94
CA LYS H 100 11.35 74.63 -22.38
C LYS H 100 11.60 73.57 -23.45
N PRO H 101 11.99 74.00 -24.66
CA PRO H 101 12.42 73.02 -25.63
C PRO H 101 13.80 72.48 -25.24
N TRP H 102 14.02 71.21 -25.53
CA TRP H 102 15.35 70.64 -25.42
C TRP H 102 16.23 71.40 -26.42
N GLY H 103 17.36 71.94 -25.95
CA GLY H 103 18.31 72.60 -26.86
C GLY H 103 18.37 74.10 -26.80
N ASN H 104 17.37 74.75 -26.19
CA ASN H 104 17.44 76.20 -25.98
C ASN H 104 16.72 76.69 -24.71
N ASN H 105 16.93 77.96 -24.41
CA ASN H 105 16.41 78.55 -23.18
C ASN H 105 15.14 79.37 -23.40
N THR H 106 14.41 79.09 -24.48
CA THR H 106 13.16 79.81 -24.76
C THR H 106 11.99 79.33 -23.89
N VAL H 107 10.98 80.18 -23.80
CA VAL H 107 9.75 79.84 -23.10
C VAL H 107 8.65 79.83 -24.14
N GLN H 108 8.14 78.63 -24.42
CA GLN H 108 7.11 78.41 -25.42
C GLN H 108 5.71 78.39 -24.79
N PRO H 109 4.89 79.42 -25.09
CA PRO H 109 3.59 79.56 -24.45
C PRO H 109 2.47 78.68 -25.05
N ARG H 110 2.68 78.17 -26.27
CA ARG H 110 1.67 77.38 -26.94
C ARG H 110 1.43 76.08 -26.17
N PRO H 111 0.22 75.91 -25.61
CA PRO H 111 -0.02 74.71 -24.81
C PRO H 111 0.09 73.43 -25.63
N SER H 112 0.40 72.36 -24.93
CA SER H 112 0.46 71.04 -25.49
C SER H 112 -0.24 70.14 -24.49
N HIS H 113 -0.68 68.97 -24.98
CA HIS H 113 -1.38 67.97 -24.16
C HIS H 113 -0.43 67.37 -23.13
N THR H 114 0.85 67.41 -23.46
CA THR H 114 1.93 66.91 -22.60
C THR H 114 2.17 67.73 -21.33
N TRP H 115 1.63 68.95 -21.27
CA TRP H 115 1.81 69.81 -20.10
C TRP H 115 1.16 69.21 -18.86
N LYS H 116 0.09 68.45 -19.07
CA LYS H 116 -0.57 67.74 -17.97
C LYS H 116 0.40 66.82 -17.21
N LEU H 117 1.39 66.28 -17.90
CA LEU H 117 2.35 65.36 -17.29
C LEU H 117 3.23 66.01 -16.22
N CYS H 118 3.30 67.34 -16.22
CA CYS H 118 4.00 68.11 -15.19
C CYS H 118 3.20 68.29 -13.90
N MET H 119 1.96 67.80 -13.90
CA MET H 119 1.05 68.06 -12.80
C MET H 119 1.15 66.97 -11.75
N PRO H 120 0.88 67.32 -10.48
CA PRO H 120 0.89 66.31 -9.45
C PRO H 120 -0.27 65.31 -9.60
N ASN H 121 0.07 64.04 -9.76
CA ASN H 121 -0.89 62.95 -9.92
C ASN H 121 -2.09 63.09 -8.97
N ARG H 122 -3.29 63.22 -9.53
CA ARG H 122 -4.46 63.55 -8.72
C ARG H 122 -4.91 62.42 -7.82
N GLU H 123 -4.65 61.18 -8.22
CA GLU H 123 -4.96 60.02 -7.37
C GLU H 123 -3.92 59.84 -6.26
N VAL H 124 -2.64 59.97 -6.57
CA VAL H 124 -1.61 59.91 -5.53
C VAL H 124 -1.79 61.08 -4.54
N TYR H 125 -2.07 62.28 -5.06
CA TYR H 125 -2.23 63.46 -4.22
C TYR H 125 -3.69 63.90 -4.15
N SER H 126 -4.55 62.95 -3.78
CA SER H 126 -5.99 63.22 -3.61
C SER H 126 -6.28 63.92 -2.29
N THR H 127 -5.41 63.76 -1.29
CA THR H 127 -5.30 64.73 -0.18
C THR H 127 -3.96 65.47 -0.29
N PRO H 128 -3.87 66.68 0.25
CA PRO H 128 -2.63 67.42 0.09
C PRO H 128 -1.40 66.72 0.66
N ALA H 129 -0.28 66.87 -0.03
CA ALA H 129 1.01 66.37 0.44
C ALA H 129 1.88 67.57 0.63
N ALA H 130 2.96 67.41 1.40
CA ALA H 130 3.92 68.49 1.63
C ALA H 130 5.33 67.96 1.82
N THR H 131 6.29 68.83 1.56
CA THR H 131 7.69 68.64 1.89
C THR H 131 8.17 69.97 2.41
N ILE H 132 8.50 70.04 3.69
CA ILE H 132 9.19 71.21 4.24
C ILE H 132 10.69 71.00 4.17
N SER H 133 11.35 71.96 3.56
CA SER H 133 12.80 71.92 3.47
C SER H 133 13.44 73.21 3.94
N ARG H 134 14.68 73.04 4.41
CA ARG H 134 15.59 74.13 4.68
C ARG H 134 15.77 74.99 3.44
N CYS H 135 15.76 76.29 3.63
CA CYS H 135 15.91 77.26 2.56
C CYS H 135 16.97 78.27 2.96
N GLY H 136 18.20 78.02 2.53
CA GLY H 136 19.30 78.94 2.75
C GLY H 136 19.04 80.29 2.11
N LEU H 137 19.42 81.38 2.79
CA LEU H 137 19.33 82.71 2.22
C LEU H 137 20.72 83.31 2.11
N ASP H 138 21.00 83.94 0.98
CA ASP H 138 22.29 84.58 0.74
C ASP H 138 23.46 83.68 1.16
N SER H 139 23.38 82.41 0.82
CA SER H 139 24.26 81.42 1.45
C SER H 139 25.74 81.58 1.14
N ILE H 140 26.06 82.03 -0.07
CA ILE H 140 27.46 82.22 -0.47
C ILE H 140 28.08 83.34 0.35
N ALA H 141 27.40 84.48 0.41
CA ALA H 141 27.88 85.66 1.15
C ALA H 141 27.94 85.44 2.66
N VAL H 142 26.96 84.73 3.22
CA VAL H 142 26.98 84.44 4.67
C VAL H 142 27.73 83.14 4.99
N ASP H 143 28.24 82.50 3.95
CA ASP H 143 28.96 81.24 4.04
C ASP H 143 28.18 80.18 4.83
N GLY H 144 26.90 80.06 4.50
CA GLY H 144 26.06 79.02 5.06
C GLY H 144 25.92 79.06 6.58
N ALA H 145 25.96 80.27 7.14
CA ALA H 145 25.77 80.45 8.57
C ALA H 145 24.40 79.86 8.92
N PRO H 146 24.35 78.95 9.92
CA PRO H 146 23.13 78.20 10.25
C PRO H 146 21.86 79.03 10.53
N SER H 147 22.03 80.24 11.08
CA SER H 147 20.89 81.14 11.37
C SER H 147 20.61 82.14 10.20
N ARG H 148 20.99 81.76 8.99
CA ARG H 148 20.62 82.47 7.79
C ARG H 148 19.76 81.58 6.88
N SER H 149 19.15 80.55 7.47
CA SER H 149 18.16 79.74 6.76
C SER H 149 16.75 80.00 7.26
N ILE H 150 15.80 79.97 6.33
CA ILE H 150 14.39 79.82 6.65
C ILE H 150 13.97 78.43 6.18
N ASP H 151 12.67 78.19 6.13
CA ASP H 151 12.13 76.99 5.51
C ASP H 151 11.26 77.36 4.33
N CYS H 152 11.26 76.48 3.33
CA CYS H 152 10.28 76.54 2.25
C CYS H 152 9.53 75.23 2.24
N MET H 153 8.21 75.31 2.37
CA MET H 153 7.36 74.14 2.24
C MET H 153 6.67 74.13 0.91
N LEU H 154 6.88 73.06 0.15
CA LEU H 154 6.04 72.78 -1.01
C LEU H 154 4.78 72.11 -0.49
N ILE H 155 3.63 72.67 -0.83
CA ILE H 155 2.34 71.99 -0.61
C ILE H 155 1.83 71.55 -1.98
N ILE H 156 1.45 70.28 -2.09
CA ILE H 156 1.01 69.70 -3.37
C ILE H 156 -0.48 69.44 -3.33
N ASN H 157 -1.22 70.12 -4.21
CA ASN H 157 -2.66 69.93 -4.40
C ASN H 157 -3.56 70.31 -3.22
N LYS H 158 -3.15 71.28 -2.43
CA LYS H 158 -4.06 71.91 -1.49
C LYS H 158 -5.13 72.66 -2.31
N PRO H 159 -6.42 72.35 -2.10
CA PRO H 159 -7.48 72.93 -2.92
C PRO H 159 -7.52 74.47 -2.87
N LYS H 160 -7.78 75.08 -4.00
CA LYS H 160 -7.82 76.52 -4.07
C LYS H 160 -8.70 76.88 -5.25
N GLY H 161 -9.78 77.61 -4.98
CA GLY H 161 -10.72 78.02 -6.01
C GLY H 161 -11.22 76.85 -6.84
N VAL H 162 -11.05 76.97 -8.16
CA VAL H 162 -11.48 75.96 -9.12
C VAL H 162 -10.28 75.35 -9.87
N ALA H 163 -9.07 75.56 -9.34
CA ALA H 163 -7.89 74.85 -9.81
C ALA H 163 -8.10 73.34 -9.74
N THR H 164 -7.57 72.63 -10.72
CA THR H 164 -7.52 71.17 -10.69
C THR H 164 -6.24 70.71 -9.98
N TYR H 165 -5.14 71.42 -10.20
CA TYR H 165 -3.86 71.15 -9.55
C TYR H 165 -3.30 72.44 -8.93
N THR H 166 -2.61 72.31 -7.80
CA THR H 166 -1.93 73.44 -7.20
C THR H 166 -0.55 73.06 -6.68
N LEU H 167 0.37 74.01 -6.81
CA LEU H 167 1.65 73.91 -6.15
C LEU H 167 1.84 75.17 -5.33
N THR H 168 2.08 75.01 -4.03
CA THR H 168 2.29 76.14 -3.13
C THR H 168 3.72 76.12 -2.59
N PHE H 169 4.44 77.21 -2.79
CA PHE H 169 5.69 77.47 -2.11
C PHE H 169 5.35 78.33 -0.91
N ARG H 170 5.49 77.77 0.30
CA ARG H 170 5.19 78.50 1.51
C ARG H 170 6.49 78.77 2.25
N PHE H 171 6.77 80.03 2.47
CA PHE H 171 7.98 80.47 3.13
C PHE H 171 7.70 80.72 4.60
N LEU H 172 8.49 80.06 5.44
CA LEU H 172 8.18 79.88 6.85
C LEU H 172 9.39 80.04 7.72
N ASN H 173 9.12 80.33 8.99
CA ASN H 173 10.10 80.37 10.04
C ASN H 173 11.24 81.35 9.80
N PHE H 174 10.86 82.57 9.43
CA PHE H 174 11.81 83.68 9.33
C PHE H 174 12.40 84.04 10.68
N ASN H 175 11.70 83.72 11.76
CA ASN H 175 12.22 84.00 13.09
C ASN H 175 13.47 83.18 13.43
N ARG H 176 13.84 82.24 12.56
CA ARG H 176 15.12 81.55 12.63
C ARG H 176 16.29 82.43 12.26
N LEU H 177 16.02 83.50 11.53
CA LEU H 177 17.06 84.41 11.07
C LEU H 177 17.59 85.20 12.26
N SER H 178 18.90 85.42 12.29
CA SER H 178 19.56 86.19 13.34
C SER H 178 19.41 87.71 13.14
N GLY H 179 19.12 88.12 11.91
CA GLY H 179 18.85 89.51 11.60
C GLY H 179 18.45 89.67 10.14
N GLY H 180 18.42 90.91 9.66
CA GLY H 180 18.10 91.21 8.28
C GLY H 180 18.96 90.42 7.31
N THR H 181 18.32 89.78 6.34
CA THR H 181 19.02 88.89 5.43
C THR H 181 18.49 89.11 4.02
N LEU H 182 19.41 89.16 3.05
CA LEU H 182 19.00 89.24 1.65
C LEU H 182 18.15 88.03 1.31
N PHE H 183 16.94 88.28 0.80
CA PHE H 183 16.00 87.23 0.47
C PHE H 183 16.34 86.63 -0.89
N LYS H 184 17.50 86.00 -0.94
CA LYS H 184 18.07 85.44 -2.13
C LYS H 184 18.22 83.95 -1.84
N THR H 185 17.20 83.17 -2.19
CA THR H 185 17.14 81.79 -1.72
C THR H 185 18.14 80.90 -2.43
N ASP H 186 18.42 79.77 -1.78
CA ASP H 186 19.10 78.66 -2.41
C ASP H 186 18.23 78.11 -3.53
N VAL H 187 18.84 77.29 -4.37
CA VAL H 187 18.16 76.44 -5.32
C VAL H 187 17.55 75.25 -4.55
N LEU H 188 16.24 75.14 -4.66
CA LEU H 188 15.41 74.23 -3.92
C LEU H 188 14.93 73.18 -4.88
N THR H 189 14.94 71.92 -4.42
CA THR H 189 14.43 70.82 -5.21
C THR H 189 13.34 70.03 -4.45
N PHE H 190 12.29 69.65 -5.17
CA PHE H 190 11.23 68.83 -4.63
C PHE H 190 10.86 67.82 -5.69
N THR H 191 10.20 66.75 -5.28
CA THR H 191 9.76 65.70 -6.19
C THR H 191 8.35 65.25 -5.84
N TYR H 192 7.61 64.91 -6.88
CA TYR H 192 6.30 64.31 -6.75
C TYR H 192 5.99 63.45 -7.97
N VAL H 193 5.04 62.54 -7.82
CA VAL H 193 4.63 61.68 -8.94
C VAL H 193 3.81 62.51 -9.91
N GLY H 194 4.16 62.39 -11.20
CA GLY H 194 3.50 63.12 -12.25
C GLY H 194 2.17 62.51 -12.67
N GLU H 195 1.33 63.35 -13.27
CA GLU H 195 0.02 62.94 -13.76
C GLU H 195 0.16 62.05 -14.99
N ASN H 196 -0.81 61.18 -15.22
CA ASN H 196 -0.83 60.34 -16.43
C ASN H 196 -1.49 61.10 -17.56
N GLN H 197 -0.99 60.92 -18.79
CA GLN H 197 -1.56 61.56 -19.97
C GLN H 197 -3.07 61.30 -20.03
N ALA I 16 15.80 51.75 -20.87
CA ALA I 16 14.47 52.39 -20.71
C ALA I 16 14.23 52.62 -19.23
N PRO I 17 13.39 53.61 -18.87
CA PRO I 17 13.09 53.86 -17.46
C PRO I 17 12.10 52.83 -16.93
N ILE I 18 11.99 52.73 -15.61
CA ILE I 18 11.12 51.74 -14.97
C ILE I 18 10.79 52.26 -13.57
N THR I 19 9.51 52.17 -13.21
CA THR I 19 9.02 52.56 -11.89
C THR I 19 8.42 51.35 -11.21
N LEU I 20 8.90 51.07 -10.00
CA LEU I 20 8.28 50.11 -9.10
C LEU I 20 7.62 50.92 -7.97
N TRP I 21 6.40 50.58 -7.61
CA TRP I 21 5.72 51.30 -6.55
C TRP I 21 4.61 50.48 -5.85
N THR I 22 4.06 51.10 -4.81
CA THR I 22 2.96 50.52 -4.01
C THR I 22 1.59 50.83 -4.62
N GLY I 23 1.57 51.76 -5.58
CA GLY I 23 0.34 52.32 -6.10
C GLY I 23 -0.14 53.48 -5.24
N PRO I 24 -1.17 54.20 -5.73
CA PRO I 24 -1.76 55.22 -4.86
C PRO I 24 -2.63 54.50 -3.81
N GLY I 25 -3.06 55.22 -2.78
CA GLY I 25 -3.83 54.60 -1.70
C GLY I 25 -3.18 53.34 -1.17
N PRO I 26 -1.90 53.44 -0.75
CA PRO I 26 -1.16 52.24 -0.39
C PRO I 26 -1.77 51.53 0.83
N SER I 27 -1.54 50.23 0.91
CA SER I 27 -2.01 49.43 2.02
C SER I 27 -1.16 49.71 3.26
N ILE I 28 -1.60 49.22 4.41
CA ILE I 28 -0.76 49.21 5.59
C ILE I 28 0.25 48.10 5.39
N ASN I 29 1.50 48.52 5.18
CA ASN I 29 2.50 47.62 4.65
C ASN I 29 3.86 47.70 5.31
N GLY I 30 3.98 48.45 6.40
CA GLY I 30 5.23 48.54 7.15
C GLY I 30 5.06 47.88 8.51
N PHE I 31 5.71 46.72 8.65
CA PHE I 31 5.63 45.91 9.87
C PHE I 31 6.55 46.44 10.96
N ILE I 32 5.99 46.65 12.14
CA ILE I 32 6.77 46.85 13.35
C ILE I 32 6.34 45.77 14.34
N ASN I 33 7.30 45.01 14.85
CA ASN I 33 7.05 43.89 15.78
C ASN I 33 5.93 42.95 15.30
N ASP I 34 6.01 42.55 14.03
CA ASP I 34 5.15 41.52 13.44
C ASP I 34 3.70 41.92 13.22
N THR I 35 3.43 43.24 13.22
CA THR I 35 2.13 43.80 12.89
C THR I 35 2.36 44.90 11.86
N PRO I 36 1.59 44.89 10.75
CA PRO I 36 1.67 46.05 9.85
C PRO I 36 0.98 47.26 10.49
N VAL I 37 1.77 48.32 10.72
CA VAL I 37 1.26 49.51 11.40
C VAL I 37 1.51 50.81 10.65
N ILE I 38 2.43 50.81 9.70
CA ILE I 38 2.74 52.01 8.92
C ILE I 38 2.26 51.83 7.48
N ARG I 39 1.49 52.81 7.02
CA ARG I 39 1.04 52.86 5.64
C ARG I 39 2.08 53.63 4.81
N CYS I 40 2.84 52.91 4.00
CA CYS I 40 3.90 53.51 3.19
C CYS I 40 3.54 53.62 1.71
N PHE I 41 3.53 54.84 1.20
CA PHE I 41 3.59 55.06 -0.24
C PHE I 41 5.08 55.07 -0.59
N ILE I 42 5.49 54.16 -1.47
CA ILE I 42 6.89 54.07 -1.91
C ILE I 42 6.89 53.95 -3.42
N CYS I 43 7.75 54.75 -4.04
CA CYS I 43 7.91 54.74 -5.47
C CYS I 43 9.40 54.79 -5.75
N LEU I 44 9.87 53.79 -6.50
CA LEU I 44 11.25 53.75 -6.97
C LEU I 44 11.20 53.96 -8.46
N THR I 45 11.68 55.11 -8.93
CA THR I 45 11.68 55.45 -10.33
C THR I 45 13.12 55.53 -10.84
N ARG I 46 13.41 54.67 -11.80
CA ARG I 46 14.67 54.62 -12.49
C ARG I 46 14.54 55.38 -13.81
N ASP I 47 15.32 56.44 -13.97
CA ASP I 47 15.44 57.10 -15.26
C ASP I 47 16.73 56.61 -15.91
N SER I 48 17.55 57.46 -16.54
CA SER I 48 18.74 56.93 -17.24
C SER I 48 19.74 56.15 -16.35
N ASN I 49 20.05 56.69 -15.19
CA ASN I 49 21.13 56.16 -14.35
C ASN I 49 20.79 56.07 -12.86
N LEU I 50 20.02 57.02 -12.36
CA LEU I 50 19.75 57.13 -10.95
C LEU I 50 18.34 56.68 -10.67
N VAL I 51 18.15 56.19 -9.46
CA VAL I 51 16.85 55.82 -8.95
C VAL I 51 16.49 56.92 -7.95
N THR I 52 15.31 57.48 -8.12
CA THR I 52 14.71 58.38 -7.17
C THR I 52 13.76 57.55 -6.31
N VAL I 53 13.97 57.64 -5.00
CA VAL I 53 13.06 57.10 -4.02
C VAL I 53 12.13 58.26 -3.63
N ASN I 54 10.85 58.11 -3.92
CA ASN I 54 9.82 59.05 -3.50
C ASN I 54 8.85 58.28 -2.60
N ALA I 55 8.71 58.74 -1.36
CA ALA I 55 8.05 57.97 -0.30
C ALA I 55 7.38 58.89 0.71
N SER I 56 6.29 58.41 1.29
CA SER I 56 5.62 59.09 2.38
C SER I 56 4.94 58.02 3.23
N PHE I 57 4.74 58.35 4.51
CA PHE I 57 4.33 57.38 5.50
C PHE I 57 3.23 57.96 6.38
N VAL I 58 2.22 57.14 6.67
CA VAL I 58 1.22 57.48 7.69
C VAL I 58 1.17 56.32 8.69
N GLY I 59 1.44 56.62 9.95
CA GLY I 59 1.29 55.65 11.02
C GLY I 59 -0.17 55.36 11.28
N GLU I 60 -0.45 54.11 11.67
CA GLU I 60 -1.81 53.66 11.93
C GLU I 60 -1.89 52.99 13.29
N GLY I 61 -3.10 52.87 13.83
CA GLY I 61 -3.33 52.25 15.12
C GLY I 61 -2.56 52.96 16.23
N GLY I 62 -1.72 52.20 16.94
CA GLY I 62 -0.89 52.74 18.02
C GLY I 62 0.21 53.67 17.55
N TYR I 63 0.46 53.69 16.24
CA TYR I 63 1.48 54.56 15.64
C TYR I 63 0.90 55.76 14.90
N ARG I 64 -0.39 56.01 15.06
CA ARG I 64 -1.03 57.16 14.40
C ARG I 64 -0.51 58.48 14.94
N ILE I 65 -0.34 58.53 16.26
CA ILE I 65 0.23 59.67 16.95
C ILE I 65 1.51 59.19 17.61
N VAL I 66 2.64 59.82 17.30
CA VAL I 66 3.90 59.49 17.97
C VAL I 66 4.27 60.60 18.98
N SER I 67 4.96 60.20 20.04
CA SER I 67 5.35 61.10 21.09
C SER I 67 6.86 61.27 21.00
N PRO I 68 7.41 62.31 21.67
CA PRO I 68 8.86 62.50 21.76
C PRO I 68 9.64 61.30 22.29
N THR I 69 8.96 60.38 22.97
CA THR I 69 9.58 59.19 23.51
C THR I 69 9.38 57.97 22.62
N GLN I 70 8.84 58.17 21.41
CA GLN I 70 8.73 57.07 20.46
C GLN I 70 10.12 56.51 20.20
N SER I 71 10.29 55.21 20.37
CA SER I 71 11.55 54.57 20.03
C SER I 71 11.67 54.46 18.50
N GLN I 72 12.92 54.45 18.06
CA GLN I 72 13.26 54.52 16.66
C GLN I 72 13.09 53.16 16.06
N PHE I 73 12.81 53.11 14.77
CA PHE I 73 12.56 51.85 14.11
C PHE I 73 12.96 51.92 12.65
N SER I 74 13.16 50.75 12.07
CA SER I 74 13.60 50.57 10.69
C SER I 74 12.57 49.78 9.94
N LEU I 75 12.18 50.23 8.76
CA LEU I 75 11.38 49.41 7.85
C LEU I 75 12.26 48.98 6.69
N ILE I 76 12.65 47.71 6.65
CA ILE I 76 13.58 47.19 5.65
C ILE I 76 12.83 46.52 4.50
N MET I 77 13.11 46.97 3.28
CA MET I 77 12.69 46.28 2.06
C MET I 77 13.82 45.38 1.60
N GLU I 78 13.53 44.10 1.41
CA GLU I 78 14.53 43.15 0.91
C GLU I 78 14.20 42.74 -0.52
N PHE I 79 15.18 42.84 -1.40
CA PHE I 79 15.03 42.43 -2.79
C PHE I 79 16.03 41.36 -3.17
N ASP I 80 15.62 40.49 -4.08
CA ASP I 80 16.50 39.45 -4.59
C ASP I 80 17.37 39.96 -5.77
N GLN I 81 18.14 39.07 -6.36
CA GLN I 81 19.09 39.45 -7.41
C GLN I 81 18.45 39.99 -8.69
N PHE I 82 17.14 39.82 -8.83
CA PHE I 82 16.40 40.26 -10.02
C PHE I 82 15.51 41.46 -9.74
N GLY I 83 15.74 42.14 -8.62
CA GLY I 83 14.94 43.30 -8.25
C GLY I 83 13.54 43.00 -7.74
N GLN I 84 13.31 41.76 -7.31
CA GLN I 84 11.99 41.37 -6.80
C GLN I 84 11.94 41.41 -5.27
N LEU I 85 10.89 42.05 -4.77
CA LEU I 85 10.65 42.19 -3.34
C LEU I 85 10.48 40.82 -2.70
N MET I 86 11.15 40.61 -1.58
CA MET I 86 11.16 39.32 -0.90
C MET I 86 10.14 39.35 0.22
N SER I 87 9.90 38.18 0.81
CA SER I 87 8.84 38.04 1.82
C SER I 87 9.30 38.41 3.22
N THR I 88 10.59 38.71 3.38
CA THR I 88 11.24 38.69 4.69
C THR I 88 11.41 40.06 5.37
N GLY I 89 11.33 41.15 4.63
CA GLY I 89 11.51 42.47 5.20
C GLY I 89 10.30 43.00 5.94
N ASN I 90 10.46 44.17 6.56
CA ASN I 90 9.34 44.87 7.20
C ASN I 90 8.33 45.38 6.20
N ILE I 91 8.82 45.63 4.99
CA ILE I 91 8.00 45.88 3.82
C ILE I 91 8.33 44.75 2.84
N ASN I 92 7.32 43.95 2.48
CA ASN I 92 7.57 42.68 1.81
C ASN I 92 6.51 42.30 0.78
N SER I 93 6.69 41.14 0.14
CA SER I 93 5.87 40.69 -0.99
C SER I 93 4.41 40.27 -0.69
N THR I 94 3.99 40.35 0.57
CA THR I 94 2.57 40.18 0.93
C THR I 94 1.74 41.43 0.66
N THR I 95 2.41 42.56 0.42
CA THR I 95 1.73 43.80 0.08
C THR I 95 1.70 44.03 -1.43
N THR I 96 0.79 44.90 -1.84
CA THR I 96 0.68 45.36 -3.22
C THR I 96 1.91 46.15 -3.63
N TRP I 97 2.64 45.60 -4.58
CA TRP I 97 3.92 46.08 -5.00
C TRP I 97 4.12 45.61 -6.42
N GLY I 98 4.63 46.48 -7.28
CA GLY I 98 4.91 46.09 -8.66
C GLY I 98 5.13 47.28 -9.55
N GLU I 99 5.08 47.02 -10.85
CA GLU I 99 5.45 48.02 -11.82
C GLU I 99 4.32 49.02 -12.06
N LYS I 100 4.68 50.29 -12.20
CA LYS I 100 3.76 51.33 -12.64
C LYS I 100 3.87 51.52 -14.15
N PRO I 101 2.81 51.18 -14.91
CA PRO I 101 2.87 51.50 -16.33
C PRO I 101 2.86 53.01 -16.57
N TRP I 102 3.57 53.45 -17.60
CA TRP I 102 3.41 54.80 -18.08
C TRP I 102 1.96 54.95 -18.55
N GLY I 103 1.25 55.93 -18.01
CA GLY I 103 -0.08 56.25 -18.54
C GLY I 103 -1.26 55.82 -17.69
N ASN I 104 -1.02 55.03 -16.65
CA ASN I 104 -2.05 54.72 -15.66
C ASN I 104 -1.46 54.50 -14.27
N ASN I 105 -2.35 54.29 -13.29
CA ASN I 105 -2.01 54.17 -11.87
C ASN I 105 -2.16 52.76 -11.34
N THR I 106 -2.02 51.76 -12.22
CA THR I 106 -2.10 50.37 -11.79
C THR I 106 -0.79 49.93 -11.18
N VAL I 107 -0.86 48.83 -10.42
CA VAL I 107 0.32 48.16 -9.92
C VAL I 107 0.39 46.81 -10.62
N GLN I 108 1.44 46.61 -11.40
CA GLN I 108 1.59 45.39 -12.20
C GLN I 108 2.58 44.42 -11.53
N PRO I 109 2.10 43.27 -11.02
CA PRO I 109 2.91 42.31 -10.29
C PRO I 109 3.75 41.36 -11.16
N ARG I 110 3.48 41.29 -12.45
CA ARG I 110 4.23 40.39 -13.31
C ARG I 110 5.68 40.88 -13.43
N PRO I 111 6.63 40.08 -12.93
CA PRO I 111 8.04 40.51 -12.97
C PRO I 111 8.63 40.71 -14.37
N SER I 112 9.61 41.60 -14.44
CA SER I 112 10.35 41.85 -15.64
C SER I 112 11.84 41.96 -15.27
N HIS I 113 12.71 41.58 -16.20
CA HIS I 113 14.16 41.77 -16.06
C HIS I 113 14.56 43.22 -15.70
N THR I 114 13.76 44.18 -16.17
CA THR I 114 14.00 45.61 -15.95
C THR I 114 13.82 46.05 -14.50
N TRP I 115 13.20 45.21 -13.68
CA TRP I 115 13.02 45.50 -12.27
C TRP I 115 14.36 45.65 -11.56
N LYS I 116 15.39 44.95 -12.05
CA LYS I 116 16.72 45.04 -11.46
C LYS I 116 17.28 46.45 -11.56
N LEU I 117 16.87 47.17 -12.60
CA LEU I 117 17.29 48.55 -12.82
C LEU I 117 16.88 49.52 -11.69
N CYS I 118 15.90 49.14 -10.87
CA CYS I 118 15.52 49.94 -9.70
C CYS I 118 16.37 49.69 -8.46
N MET I 119 17.25 48.69 -8.54
CA MET I 119 18.02 48.27 -7.38
C MET I 119 19.25 49.13 -7.22
N PRO I 120 19.72 49.29 -5.96
CA PRO I 120 20.98 50.03 -5.74
C PRO I 120 22.20 49.28 -6.27
N ASN I 121 22.91 49.90 -7.21
CA ASN I 121 24.12 49.38 -7.85
C ASN I 121 25.03 48.66 -6.83
N ARG I 122 25.18 47.34 -6.96
CA ARG I 122 25.89 46.58 -5.93
C ARG I 122 27.39 46.90 -5.88
N GLU I 123 27.96 47.39 -6.98
CA GLU I 123 29.35 47.83 -7.00
C GLU I 123 29.55 49.20 -6.34
N VAL I 124 28.68 50.16 -6.64
CA VAL I 124 28.72 51.47 -5.98
C VAL I 124 28.40 51.39 -4.48
N TYR I 125 27.45 50.53 -4.12
CA TYR I 125 27.03 50.36 -2.72
C TYR I 125 27.45 48.97 -2.22
N SER I 126 28.74 48.67 -2.37
CA SER I 126 29.30 47.39 -1.91
C SER I 126 29.55 47.41 -0.41
N THR I 127 29.65 48.61 0.16
CA THR I 127 29.46 48.85 1.58
C THR I 127 28.24 49.74 1.72
N PRO I 128 27.48 49.59 2.81
CA PRO I 128 26.25 50.38 2.97
C PRO I 128 26.43 51.90 2.88
N ALA I 129 25.53 52.56 2.17
CA ALA I 129 25.44 54.03 2.11
C ALA I 129 24.19 54.51 2.89
N ALA I 130 24.18 55.78 3.28
CA ALA I 130 23.05 56.33 4.00
C ALA I 130 22.79 57.77 3.61
N THR I 131 21.52 58.16 3.66
CA THR I 131 21.12 59.58 3.66
C THR I 131 20.16 59.86 4.80
N ILE I 132 20.58 60.65 5.78
CA ILE I 132 19.68 61.11 6.84
C ILE I 132 19.09 62.48 6.48
N SER I 133 17.78 62.51 6.37
CA SER I 133 17.07 63.71 5.98
C SER I 133 16.01 64.09 7.00
N ARG I 134 15.68 65.37 7.02
CA ARG I 134 14.55 65.88 7.76
C ARG I 134 13.27 65.19 7.31
N CYS I 135 12.39 64.95 8.26
CA CYS I 135 11.11 64.34 7.99
C CYS I 135 10.03 65.08 8.79
N GLY I 136 9.50 66.15 8.21
CA GLY I 136 8.37 66.86 8.80
C GLY I 136 7.18 65.96 9.03
N LEU I 137 6.52 66.10 10.16
CA LEU I 137 5.27 65.40 10.45
C LEU I 137 4.12 66.40 10.49
N ASP I 138 3.00 66.02 9.91
CA ASP I 138 1.77 66.81 9.94
C ASP I 138 2.02 68.26 9.51
N SER I 139 2.82 68.45 8.47
CA SER I 139 3.42 69.76 8.17
C SER I 139 2.45 70.85 7.75
N ILE I 140 1.42 70.49 7.00
CA ILE I 140 0.41 71.49 6.61
C ILE I 140 -0.34 71.96 7.84
N ALA I 141 -0.84 71.01 8.63
CA ALA I 141 -1.65 71.30 9.82
C ALA I 141 -0.91 72.15 10.88
N VAL I 142 0.33 71.79 11.18
CA VAL I 142 1.16 72.52 12.16
C VAL I 142 1.98 73.66 11.53
N ASP I 143 1.69 73.96 10.27
CA ASP I 143 2.34 75.02 9.50
C ASP I 143 3.88 75.01 9.60
N GLY I 144 4.43 73.81 9.45
CA GLY I 144 5.87 73.63 9.39
C GLY I 144 6.62 74.10 10.62
N ALA I 145 5.98 74.01 11.79
CA ALA I 145 6.63 74.36 13.04
C ALA I 145 7.89 73.49 13.20
N PRO I 146 9.04 74.15 13.49
CA PRO I 146 10.35 73.46 13.53
C PRO I 146 10.38 72.15 14.33
N SER I 147 9.78 72.16 15.50
CA SER I 147 9.79 71.02 16.41
C SER I 147 8.70 69.99 16.11
N ARG I 148 8.22 69.95 14.86
CA ARG I 148 7.31 68.89 14.41
C ARG I 148 7.96 68.04 13.30
N SER I 149 9.29 68.02 13.28
CA SER I 149 10.06 67.20 12.36
C SER I 149 10.81 66.12 13.13
N ILE I 150 10.83 64.91 12.57
CA ILE I 150 11.76 63.88 13.00
C ILE I 150 12.77 63.74 11.85
N ASP I 151 13.55 62.66 11.87
CA ASP I 151 14.46 62.33 10.80
C ASP I 151 14.08 60.99 10.19
N CYS I 152 14.29 60.89 8.88
CA CYS I 152 14.22 59.61 8.19
C CYS I 152 15.56 59.36 7.52
N MET I 153 16.19 58.25 7.87
CA MET I 153 17.42 57.81 7.21
C MET I 153 17.14 56.67 6.22
N LEU I 154 17.49 56.88 4.96
CA LEU I 154 17.56 55.78 4.00
C LEU I 154 18.91 55.07 4.16
N ILE I 155 18.87 53.77 4.46
CA ILE I 155 20.08 52.96 4.39
C ILE I 155 20.01 52.09 3.13
N ILE I 156 21.06 52.18 2.32
CA ILE I 156 21.18 51.47 1.04
C ILE I 156 22.14 50.30 1.20
N ASN I 157 21.61 49.09 1.04
CA ASN I 157 22.37 47.83 1.05
C ASN I 157 23.04 47.42 2.36
N LYS I 158 22.42 47.79 3.48
CA LYS I 158 22.72 47.15 4.74
C LYS I 158 22.41 45.67 4.50
N PRO I 159 23.42 44.78 4.69
CA PRO I 159 23.17 43.37 4.47
C PRO I 159 22.08 42.79 5.37
N LYS I 160 21.26 41.92 4.81
CA LYS I 160 20.22 41.25 5.56
C LYS I 160 19.91 39.94 4.87
N GLY I 161 20.17 38.84 5.57
CA GLY I 161 19.82 37.51 5.11
C GLY I 161 20.43 37.14 3.77
N VAL I 162 19.64 36.50 2.94
CA VAL I 162 20.01 36.17 1.58
C VAL I 162 19.59 37.27 0.56
N ALA I 163 19.08 38.40 1.05
CA ALA I 163 18.79 39.55 0.18
C ALA I 163 20.02 40.04 -0.59
N THR I 164 19.83 40.40 -1.84
CA THR I 164 20.89 40.98 -2.64
C THR I 164 20.89 42.50 -2.50
N TYR I 165 19.71 43.11 -2.39
CA TYR I 165 19.58 44.55 -2.20
C TYR I 165 18.65 44.84 -1.06
N THR I 166 18.95 45.90 -0.33
CA THR I 166 18.06 46.37 0.72
C THR I 166 17.90 47.87 0.67
N LEU I 167 16.69 48.30 0.96
CA LEU I 167 16.40 49.70 1.24
C LEU I 167 15.78 49.76 2.61
N THR I 168 16.35 50.56 3.51
CA THR I 168 15.81 50.72 4.87
C THR I 168 15.41 52.16 5.10
N PHE I 169 14.15 52.37 5.50
CA PHE I 169 13.67 53.65 5.98
C PHE I 169 13.70 53.58 7.49
N ARG I 170 14.62 54.31 8.08
CA ARG I 170 14.81 54.28 9.52
C ARG I 170 14.34 55.62 10.08
N PHE I 171 13.34 55.56 10.96
CA PHE I 171 12.76 56.75 11.57
C PHE I 171 13.43 57.03 12.91
N LEU I 172 13.96 58.24 13.04
CA LEU I 172 14.92 58.58 14.08
C LEU I 172 14.58 59.93 14.70
N ASN I 173 15.07 60.10 15.93
CA ASN I 173 15.07 61.39 16.61
C ASN I 173 13.68 61.96 16.82
N PHE I 174 12.78 61.09 17.27
CA PHE I 174 11.45 61.48 17.73
C PHE I 174 11.51 62.47 18.91
N ASN I 175 12.57 62.39 19.71
CA ASN I 175 12.86 63.36 20.78
C ASN I 175 13.03 64.82 20.34
N ARG I 176 13.14 65.06 19.03
CA ARG I 176 13.03 66.42 18.50
C ARG I 176 11.62 66.99 18.63
N LEU I 177 10.61 66.13 18.67
CA LEU I 177 9.21 66.55 18.70
C LEU I 177 8.88 67.31 19.98
N SER I 178 8.04 68.35 19.86
CA SER I 178 7.63 69.14 21.03
C SER I 178 6.57 68.41 21.87
N GLY I 179 5.88 67.47 21.24
CA GLY I 179 4.86 66.68 21.91
C GLY I 179 4.22 65.72 20.92
N GLY I 180 3.05 65.21 21.28
CA GLY I 180 2.30 64.27 20.45
C GLY I 180 2.04 64.87 19.08
N THR I 181 2.43 64.13 18.05
CA THR I 181 2.33 64.59 16.66
C THR I 181 1.81 63.47 15.81
N LEU I 182 0.84 63.76 14.96
CA LEU I 182 0.32 62.81 14.00
C LEU I 182 1.47 62.33 13.12
N PHE I 183 1.65 61.01 13.03
CA PHE I 183 2.74 60.43 12.26
C PHE I 183 2.40 60.40 10.75
N LYS I 184 2.21 61.60 10.20
CA LYS I 184 1.87 61.79 8.80
C LYS I 184 3.03 62.53 8.17
N THR I 185 3.93 61.81 7.51
CA THR I 185 5.17 62.42 7.04
C THR I 185 4.99 63.23 5.77
N ASP I 186 5.93 64.16 5.59
CA ASP I 186 6.19 64.80 4.31
C ASP I 186 6.54 63.76 3.25
N VAL I 187 6.42 64.18 1.99
CA VAL I 187 6.99 63.44 0.88
C VAL I 187 8.50 63.57 0.96
N LEU I 188 9.16 62.42 1.07
CA LEU I 188 10.62 62.34 1.18
C LEU I 188 11.21 61.87 -0.15
N THR I 189 12.39 62.40 -0.49
CA THR I 189 13.07 62.02 -1.73
C THR I 189 14.49 61.66 -1.41
N PHE I 190 14.93 60.54 -1.98
CA PHE I 190 16.33 60.12 -1.93
C PHE I 190 16.73 59.69 -3.33
N THR I 191 18.02 59.59 -3.56
CA THR I 191 18.56 59.22 -4.84
C THR I 191 19.74 58.25 -4.65
N TYR I 192 19.86 57.28 -5.55
CA TYR I 192 21.01 56.42 -5.59
C TYR I 192 21.27 55.96 -7.02
N VAL I 193 22.47 55.46 -7.28
CA VAL I 193 22.84 54.95 -8.59
C VAL I 193 22.20 53.58 -8.78
N GLY I 194 21.45 53.44 -9.88
CA GLY I 194 20.77 52.20 -10.20
C GLY I 194 21.69 51.10 -10.66
N GLU I 195 21.24 49.87 -10.48
CA GLU I 195 21.96 48.71 -10.95
C GLU I 195 21.97 48.67 -12.49
N ASN I 196 23.02 48.08 -13.03
CA ASN I 196 23.12 47.82 -14.46
C ASN I 196 22.39 46.53 -14.78
N GLN I 197 21.76 46.48 -15.95
CA GLN I 197 21.03 45.29 -16.36
C GLN I 197 21.97 44.10 -16.44
N ALA J 5 8.18 92.46 -37.10
CA ALA J 5 9.55 92.06 -37.54
C ALA J 5 9.75 90.55 -37.38
N ARG J 6 10.97 90.08 -37.68
CA ARG J 6 11.31 88.65 -37.64
C ARG J 6 11.29 88.07 -36.22
N SER J 7 11.76 88.87 -35.27
CA SER J 7 11.74 88.50 -33.84
C SER J 7 11.51 89.74 -32.98
N LEU J 8 11.26 89.51 -31.69
CA LEU J 8 11.09 90.59 -30.72
C LEU J 8 12.41 91.36 -30.59
N SER J 9 12.38 92.64 -30.94
CA SER J 9 13.59 93.45 -30.93
C SER J 9 13.32 94.83 -30.36
N ILE J 10 14.36 95.42 -29.78
CA ILE J 10 14.32 96.79 -29.32
C ILE J 10 15.22 97.64 -30.25
N THR J 11 14.74 98.83 -30.60
CA THR J 11 15.50 99.77 -31.41
C THR J 11 16.61 100.42 -30.59
N THR J 12 17.84 100.38 -31.11
CA THR J 12 19.04 100.95 -30.48
C THR J 12 19.36 100.32 -29.11
N PRO J 13 19.69 99.01 -29.09
CA PRO J 13 19.77 98.27 -27.80
C PRO J 13 20.89 98.70 -26.81
N GLU J 14 21.71 99.69 -27.16
CA GLU J 14 22.59 100.34 -26.18
C GLU J 14 22.79 101.82 -26.47
N GLU J 15 22.52 102.66 -25.47
CA GLU J 15 22.67 104.12 -25.56
C GLU J 15 23.46 104.68 -24.38
N MET J 16 24.08 105.83 -24.61
CA MET J 16 24.76 106.60 -23.58
C MET J 16 24.10 107.98 -23.55
N ILE J 17 23.54 108.36 -22.42
CA ILE J 17 22.79 109.62 -22.28
C ILE J 17 23.40 110.49 -21.18
N GLU J 18 23.52 111.80 -21.46
CA GLU J 18 24.05 112.78 -20.52
C GLU J 18 23.00 113.85 -20.24
N LYS J 19 22.69 114.05 -18.96
CA LYS J 19 21.71 115.05 -18.54
C LYS J 19 22.29 115.94 -17.44
N ALA J 20 21.62 117.08 -17.22
CA ALA J 20 21.95 117.96 -16.13
C ALA J 20 21.12 117.60 -14.90
N LYS J 21 21.64 117.90 -13.71
CA LYS J 21 20.91 117.71 -12.47
C LYS J 21 19.61 118.51 -12.54
N GLY J 22 18.52 117.91 -12.09
CA GLY J 22 17.21 118.55 -12.14
C GLY J 22 16.42 118.29 -13.42
N GLU J 23 17.11 117.85 -14.48
CA GLU J 23 16.44 117.58 -15.76
C GLU J 23 15.59 116.31 -15.69
N THR J 24 14.81 116.09 -16.75
CA THR J 24 14.03 114.87 -16.92
C THR J 24 14.68 114.07 -18.04
N ALA J 25 15.01 112.81 -17.74
CA ALA J 25 15.69 111.93 -18.68
C ALA J 25 14.67 111.06 -19.40
N TYR J 26 14.66 111.13 -20.73
CA TYR J 26 13.84 110.24 -21.54
C TYR J 26 14.67 109.03 -21.94
N LEU J 27 14.32 107.87 -21.40
CA LEU J 27 15.02 106.61 -21.69
C LEU J 27 14.23 105.77 -22.70
N PRO J 28 14.61 105.80 -23.99
CA PRO J 28 13.79 105.11 -24.97
C PRO J 28 13.84 103.58 -24.90
N CYS J 29 12.69 102.95 -25.06
CA CYS J 29 12.61 101.51 -25.25
C CYS J 29 11.44 101.16 -26.16
N LYS J 30 11.68 101.27 -27.46
CA LYS J 30 10.69 100.97 -28.48
C LYS J 30 10.94 99.55 -28.91
N PHE J 31 9.88 98.75 -29.01
CA PHE J 31 10.05 97.36 -29.38
C PHE J 31 9.07 96.95 -30.46
N THR J 32 9.50 95.95 -31.24
CA THR J 32 8.68 95.36 -32.29
C THR J 32 8.42 93.90 -31.90
N LEU J 33 7.17 93.49 -31.97
CA LEU J 33 6.80 92.10 -31.72
C LEU J 33 6.81 91.34 -33.03
N SER J 34 7.09 90.04 -32.96
CA SER J 34 6.96 89.16 -34.12
C SER J 34 5.67 88.36 -33.97
N PRO J 35 5.19 87.73 -35.07
CA PRO J 35 3.95 86.95 -35.00
C PRO J 35 3.96 85.75 -34.04
N GLU J 36 5.13 85.18 -33.78
CA GLU J 36 5.25 84.02 -32.86
C GLU J 36 5.20 84.39 -31.36
N ASP J 37 5.33 85.68 -31.06
CA ASP J 37 5.35 86.19 -29.67
C ASP J 37 3.93 86.23 -29.12
N GLN J 38 3.50 85.07 -28.63
CA GLN J 38 2.12 84.81 -28.25
C GLN J 38 1.88 84.77 -26.74
N GLY J 39 2.93 84.99 -25.95
CA GLY J 39 2.83 85.02 -24.49
C GLY J 39 2.37 86.38 -24.02
N PRO J 40 2.21 86.57 -22.70
CA PRO J 40 1.80 87.88 -22.22
C PRO J 40 2.93 88.90 -22.29
N LEU J 41 2.60 90.16 -22.55
CA LEU J 41 3.59 91.21 -22.58
C LEU J 41 4.03 91.49 -21.14
N ASP J 42 5.34 91.45 -20.95
CA ASP J 42 5.97 91.35 -19.67
C ASP J 42 7.22 92.25 -19.76
N ILE J 43 7.12 93.45 -19.21
CA ILE J 43 8.15 94.46 -19.35
C ILE J 43 8.65 94.89 -17.97
N GLU J 44 9.96 95.05 -17.83
CA GLU J 44 10.54 95.64 -16.63
C GLU J 44 11.75 96.51 -16.96
N TRP J 45 11.97 97.53 -16.13
CA TRP J 45 13.19 98.31 -16.13
C TRP J 45 13.91 98.09 -14.82
N LEU J 46 15.23 97.95 -14.91
CA LEU J 46 16.12 97.75 -13.79
C LEU J 46 17.15 98.87 -13.79
N ILE J 47 17.78 99.09 -12.65
CA ILE J 47 18.83 100.09 -12.50
C ILE J 47 20.00 99.37 -11.82
N SER J 48 21.21 99.60 -12.31
CA SER J 48 22.45 99.23 -11.63
C SER J 48 23.17 100.54 -11.34
N PRO J 49 22.95 101.11 -10.15
CA PRO J 49 23.53 102.41 -9.81
C PRO J 49 25.05 102.39 -9.56
N ALA J 50 25.75 103.43 -9.97
CA ALA J 50 27.18 103.56 -9.72
C ALA J 50 27.45 103.83 -8.22
N ASP J 51 26.51 104.49 -7.56
CA ASP J 51 26.51 104.73 -6.11
C ASP J 51 26.87 103.54 -5.25
N ASN J 52 26.31 102.37 -5.57
CA ASN J 52 26.40 101.23 -4.66
C ASN J 52 26.50 99.87 -5.38
N GLN J 53 26.81 98.85 -4.60
CA GLN J 53 27.05 97.50 -5.10
C GLN J 53 25.79 96.80 -5.59
N LYS J 54 24.62 97.39 -5.33
CA LYS J 54 23.34 96.84 -5.79
C LYS J 54 23.29 96.88 -7.32
N VAL J 55 22.74 95.81 -7.89
CA VAL J 55 22.72 95.60 -9.32
C VAL J 55 21.32 95.10 -9.72
N ASP J 56 20.93 95.39 -10.96
CA ASP J 56 19.70 94.87 -11.55
C ASP J 56 18.48 95.01 -10.61
N GLN J 57 18.31 96.24 -10.12
CA GLN J 57 17.23 96.54 -9.20
C GLN J 57 16.06 97.10 -9.98
N VAL J 58 14.92 96.44 -9.87
CA VAL J 58 13.71 96.88 -10.55
C VAL J 58 13.29 98.29 -10.11
N ILE J 59 12.94 99.12 -11.09
CA ILE J 59 12.40 100.45 -10.83
C ILE J 59 10.93 100.57 -11.29
N ILE J 60 10.55 99.82 -12.32
CA ILE J 60 9.18 99.90 -12.82
C ILE J 60 8.87 98.68 -13.66
N LEU J 61 7.62 98.22 -13.63
CA LEU J 61 7.25 97.05 -14.41
C LEU J 61 5.83 97.10 -14.97
N TYR J 62 5.67 96.43 -16.11
CA TYR J 62 4.40 96.32 -16.78
C TYR J 62 4.10 94.84 -16.96
N SER J 63 2.98 94.43 -16.39
CA SER J 63 2.60 93.05 -16.34
C SER J 63 1.11 93.06 -16.11
N GLY J 64 0.39 92.13 -16.75
CA GLY J 64 -1.06 92.01 -16.60
C GLY J 64 -1.82 93.27 -16.95
N ASP J 65 -1.28 94.04 -17.90
CA ASP J 65 -1.85 95.33 -18.31
C ASP J 65 -1.92 96.35 -17.16
N LYS J 66 -1.04 96.17 -16.17
CA LYS J 66 -0.90 97.11 -15.06
C LYS J 66 0.55 97.54 -14.90
N ILE J 67 0.73 98.76 -14.39
CA ILE J 67 2.03 99.31 -14.06
C ILE J 67 2.28 99.18 -12.56
N TYR J 68 3.46 98.70 -12.18
CA TYR J 68 3.86 98.62 -10.80
C TYR J 68 5.15 99.44 -10.64
N ASP J 69 5.09 100.46 -9.77
CA ASP J 69 6.13 101.49 -9.73
C ASP J 69 6.54 101.91 -8.31
N ASP J 70 6.49 100.97 -7.37
CA ASP J 70 6.82 101.27 -5.98
C ASP J 70 7.87 100.28 -5.42
N TYR J 71 8.94 100.05 -6.19
CA TYR J 71 10.02 99.11 -5.83
C TYR J 71 11.29 99.80 -5.34
N TYR J 72 11.65 100.89 -6.02
CA TYR J 72 12.91 101.57 -5.80
C TYR J 72 12.64 102.89 -5.07
N PRO J 73 12.90 102.95 -3.75
CA PRO J 73 12.50 104.15 -3.00
C PRO J 73 13.08 105.49 -3.51
N ASP J 74 14.31 105.48 -4.03
CA ASP J 74 14.89 106.70 -4.59
C ASP J 74 14.12 107.23 -5.79
N LEU J 75 13.42 106.36 -6.53
CA LEU J 75 12.66 106.79 -7.71
C LEU J 75 11.13 106.89 -7.48
N LYS J 76 10.70 106.94 -6.22
CA LYS J 76 9.28 107.14 -5.90
C LYS J 76 8.85 108.47 -6.47
N GLY J 77 7.84 108.42 -7.34
CA GLY J 77 7.27 109.61 -7.96
C GLY J 77 8.14 110.23 -9.03
N ARG J 78 9.21 109.55 -9.44
CA ARG J 78 10.15 110.10 -10.40
C ARG J 78 10.34 109.29 -11.67
N VAL J 79 9.70 108.13 -11.77
CA VAL J 79 9.80 107.29 -12.96
C VAL J 79 8.40 107.00 -13.45
N HIS J 80 8.21 107.08 -14.76
CA HIS J 80 6.94 106.70 -15.34
C HIS J 80 7.08 106.31 -16.80
N PHE J 81 6.22 105.39 -17.21
CA PHE J 81 6.09 105.04 -18.61
C PHE J 81 5.52 106.25 -19.32
N THR J 82 6.11 106.61 -20.45
CA THR J 82 5.70 107.81 -21.18
C THR J 82 4.53 107.58 -22.13
N SER J 83 4.44 106.39 -22.72
CA SER J 83 3.45 106.11 -23.76
C SER J 83 2.05 105.93 -23.19
N ASN J 84 1.06 106.49 -23.89
CA ASN J 84 -0.36 106.29 -23.57
C ASN J 84 -0.84 104.88 -23.95
N ASP J 85 -0.15 104.24 -24.90
CA ASP J 85 -0.44 102.87 -25.34
C ASP J 85 0.86 102.02 -25.35
N LEU J 86 1.20 101.49 -24.18
CA LEU J 86 2.50 100.85 -23.96
C LEU J 86 2.61 99.51 -24.71
N LYS J 87 1.54 98.72 -24.68
CA LYS J 87 1.51 97.42 -25.39
C LYS J 87 1.77 97.54 -26.90
N SER J 88 1.56 98.72 -27.47
CA SER J 88 1.73 98.96 -28.91
C SER J 88 3.19 99.05 -29.38
N GLY J 89 4.16 98.94 -28.47
CA GLY J 89 5.58 98.98 -28.81
C GLY J 89 6.42 100.07 -28.16
N ASP J 90 5.90 100.73 -27.12
CA ASP J 90 6.65 101.83 -26.49
C ASP J 90 6.78 101.64 -24.98
N ALA J 91 7.92 101.13 -24.55
CA ALA J 91 8.22 100.89 -23.15
C ALA J 91 9.09 101.99 -22.52
N SER J 92 9.22 103.13 -23.20
CA SER J 92 10.09 104.21 -22.73
C SER J 92 9.58 104.78 -21.41
N ILE J 93 10.51 105.32 -20.62
CA ILE J 93 10.19 105.94 -19.36
C ILE J 93 10.84 107.32 -19.24
N ASN J 94 10.25 108.14 -18.39
CA ASN J 94 10.85 109.40 -17.94
C ASN J 94 11.40 109.19 -16.53
N VAL J 95 12.61 109.70 -16.27
CA VAL J 95 13.12 109.82 -14.91
C VAL J 95 13.24 111.33 -14.61
N THR J 96 12.33 111.84 -13.79
CA THR J 96 12.22 113.28 -13.53
C THR J 96 13.06 113.75 -12.33
N ASN J 97 13.36 115.05 -12.34
CA ASN J 97 14.20 115.70 -11.33
C ASN J 97 15.46 114.90 -11.04
N LEU J 98 16.34 114.84 -12.02
CA LEU J 98 17.52 113.99 -11.94
C LEU J 98 18.47 114.37 -10.80
N GLN J 99 18.99 113.33 -10.14
CA GLN J 99 19.90 113.46 -9.02
C GLN J 99 21.21 112.81 -9.45
N LEU J 100 22.31 113.13 -8.78
CA LEU J 100 23.60 112.51 -9.10
C LEU J 100 23.64 111.05 -8.65
N SER J 101 22.75 110.68 -7.72
CA SER J 101 22.56 109.29 -7.32
C SER J 101 21.91 108.44 -8.41
N ASP J 102 21.31 109.09 -9.40
CA ASP J 102 20.64 108.41 -10.53
C ASP J 102 21.60 107.87 -11.59
N ILE J 103 22.87 108.21 -11.46
CA ILE J 103 23.89 107.74 -12.38
C ILE J 103 23.98 106.21 -12.28
N GLY J 104 23.85 105.55 -13.42
CA GLY J 104 23.93 104.10 -13.48
C GLY J 104 23.58 103.55 -14.84
N THR J 105 23.46 102.22 -14.91
CA THR J 105 23.05 101.54 -16.12
C THR J 105 21.59 101.12 -15.96
N TYR J 106 20.74 101.65 -16.83
CA TYR J 106 19.32 101.32 -16.84
C TYR J 106 19.09 100.29 -17.94
N GLN J 107 18.32 99.25 -17.61
CA GLN J 107 18.07 98.14 -18.51
C GLN J 107 16.56 97.98 -18.73
N CYS J 108 16.15 98.01 -19.99
CA CYS J 108 14.77 97.71 -20.38
C CYS J 108 14.73 96.27 -20.88
N LYS J 109 13.98 95.42 -20.17
CA LYS J 109 13.73 94.05 -20.58
C LYS J 109 12.29 93.92 -21.07
N VAL J 110 12.11 93.54 -22.33
CA VAL J 110 10.78 93.23 -22.87
C VAL J 110 10.69 91.74 -23.20
N LYS J 111 9.69 91.07 -22.64
CA LYS J 111 9.38 89.67 -22.97
C LYS J 111 7.96 89.55 -23.52
N LYS J 112 7.81 88.81 -24.60
CA LYS J 112 6.51 88.33 -25.06
C LYS J 112 6.73 86.93 -25.60
N ALA J 113 6.59 85.93 -24.72
CA ALA J 113 7.12 84.56 -24.97
C ALA J 113 6.77 84.01 -26.35
N PRO J 114 7.74 83.41 -27.06
CA PRO J 114 9.13 83.17 -26.69
C PRO J 114 10.06 84.38 -26.91
N GLY J 115 9.51 85.53 -27.29
CA GLY J 115 10.31 86.73 -27.51
C GLY J 115 10.90 87.30 -26.23
N VAL J 116 12.17 87.68 -26.31
CA VAL J 116 12.89 88.39 -25.26
C VAL J 116 13.87 89.34 -25.95
N ALA J 117 13.89 90.59 -25.52
CA ALA J 117 14.94 91.54 -25.89
C ALA J 117 15.30 92.41 -24.69
N ASN J 118 16.53 92.88 -24.66
CA ASN J 118 16.91 93.87 -23.66
C ASN J 118 17.76 94.99 -24.24
N LYS J 119 17.74 96.12 -23.55
CA LYS J 119 18.46 97.32 -23.95
C LYS J 119 19.10 97.93 -22.73
N LYS J 120 20.35 98.39 -22.88
CA LYS J 120 21.06 99.10 -21.81
C LYS J 120 21.23 100.58 -22.14
N ILE J 121 20.96 101.44 -21.16
CA ILE J 121 21.20 102.86 -21.27
C ILE J 121 22.07 103.32 -20.11
N HIS J 122 23.18 103.98 -20.43
CA HIS J 122 24.11 104.48 -19.45
C HIS J 122 23.84 105.95 -19.25
N LEU J 123 23.25 106.27 -18.11
CA LEU J 123 22.83 107.62 -17.77
C LEU J 123 23.91 108.27 -16.91
N VAL J 124 24.39 109.42 -17.38
CA VAL J 124 25.28 110.29 -16.59
C VAL J 124 24.52 111.58 -16.27
N VAL J 125 24.75 112.09 -15.06
CA VAL J 125 24.10 113.31 -14.58
C VAL J 125 25.19 114.27 -14.10
N LEU J 126 25.21 115.47 -14.66
CA LEU J 126 26.22 116.48 -14.35
C LEU J 126 25.59 117.60 -13.53
N VAL J 127 26.40 118.25 -12.69
CA VAL J 127 25.97 119.46 -11.99
C VAL J 127 26.10 120.65 -12.93
N PHE K 4 17.17 -4.41 -59.01
CA PHE K 4 16.39 -3.68 -57.96
C PHE K 4 14.94 -3.43 -58.39
N ALA K 5 14.05 -3.36 -57.40
CA ALA K 5 12.66 -2.94 -57.59
C ALA K 5 12.51 -1.50 -57.10
N ARG K 6 11.29 -0.96 -57.18
CA ARG K 6 11.01 0.38 -56.64
C ARG K 6 10.69 0.35 -55.15
N SER K 7 10.23 -0.79 -54.65
CA SER K 7 10.10 -1.04 -53.21
C SER K 7 10.35 -2.52 -52.93
N LEU K 8 10.59 -2.86 -51.66
CA LEU K 8 10.77 -4.26 -51.26
C LEU K 8 9.47 -5.00 -51.51
N SER K 9 9.54 -6.09 -52.27
CA SER K 9 8.35 -6.87 -52.60
C SER K 9 8.65 -8.37 -52.72
N ILE K 10 7.59 -9.16 -52.67
CA ILE K 10 7.68 -10.61 -52.83
C ILE K 10 6.78 -11.00 -53.99
N THR K 11 7.30 -11.85 -54.87
CA THR K 11 6.58 -12.25 -56.08
C THR K 11 5.47 -13.22 -55.70
N THR K 12 4.26 -12.92 -56.14
CA THR K 12 3.06 -13.68 -55.74
C THR K 12 2.87 -13.51 -54.24
N PRO K 13 2.21 -12.43 -53.80
CA PRO K 13 2.01 -12.22 -52.36
C PRO K 13 0.94 -13.10 -51.70
N GLU K 14 0.18 -13.88 -52.50
CA GLU K 14 -0.72 -14.88 -51.94
C GLU K 14 -0.87 -16.11 -52.84
N GLU K 15 -0.89 -17.29 -52.22
CA GLU K 15 -0.94 -18.57 -52.92
C GLU K 15 -1.73 -19.59 -52.12
N MET K 16 -2.39 -20.50 -52.83
CA MET K 16 -2.93 -21.70 -52.24
C MET K 16 -2.14 -22.88 -52.81
N ILE K 17 -1.63 -23.72 -51.92
CA ILE K 17 -0.83 -24.88 -52.28
C ILE K 17 -1.49 -26.13 -51.73
N GLU K 18 -1.64 -27.13 -52.58
CA GLU K 18 -2.31 -28.37 -52.23
C GLU K 18 -1.34 -29.54 -52.43
N LYS K 19 -1.11 -30.31 -51.38
CA LYS K 19 -0.21 -31.46 -51.43
C LYS K 19 -0.83 -32.66 -50.72
N ALA K 20 -0.18 -33.81 -50.86
CA ALA K 20 -0.65 -35.05 -50.23
C ALA K 20 0.19 -35.36 -49.00
N LYS K 21 -0.42 -36.11 -48.10
CA LYS K 21 0.24 -36.58 -46.88
C LYS K 21 1.57 -37.25 -47.23
N GLY K 22 2.66 -36.81 -46.59
CA GLY K 22 3.97 -37.43 -46.80
C GLY K 22 4.88 -36.70 -47.77
N GLU K 23 4.31 -35.92 -48.68
CA GLU K 23 5.10 -35.12 -49.63
C GLU K 23 5.75 -33.92 -48.92
N THR K 24 6.66 -33.23 -49.61
CA THR K 24 7.23 -32.00 -49.07
C THR K 24 6.69 -30.79 -49.86
N ALA K 25 6.23 -29.78 -49.13
CA ALA K 25 5.68 -28.56 -49.73
C ALA K 25 6.79 -27.55 -49.92
N TYR K 26 6.98 -27.10 -51.15
CA TYR K 26 7.86 -25.99 -51.45
C TYR K 26 7.03 -24.72 -51.34
N LEU K 27 7.40 -23.85 -50.40
CA LEU K 27 6.66 -22.64 -50.09
C LEU K 27 7.48 -21.46 -50.58
N PRO K 28 7.15 -20.94 -51.79
CA PRO K 28 8.04 -19.94 -52.36
C PRO K 28 7.94 -18.59 -51.66
N CYS K 29 9.08 -17.95 -51.47
CA CYS K 29 9.13 -16.57 -51.01
C CYS K 29 10.40 -15.94 -51.55
N LYS K 30 10.33 -15.57 -52.82
CA LYS K 30 11.43 -14.91 -53.48
C LYS K 30 11.12 -13.42 -53.46
N PHE K 31 12.12 -12.62 -53.12
CA PHE K 31 11.91 -11.21 -52.87
C PHE K 31 12.89 -10.33 -53.64
N THR K 32 12.47 -9.10 -53.91
CA THR K 32 13.30 -8.11 -54.58
C THR K 32 13.46 -6.93 -53.65
N LEU K 33 14.69 -6.47 -53.51
CA LEU K 33 15.01 -5.28 -52.72
C LEU K 33 14.90 -4.05 -53.61
N SER K 34 14.84 -2.88 -52.97
CA SER K 34 14.96 -1.61 -53.66
C SER K 34 16.23 -0.89 -53.16
N PRO K 35 16.66 0.16 -53.88
CA PRO K 35 17.88 0.86 -53.44
C PRO K 35 17.84 1.43 -52.01
N GLU K 36 16.65 1.85 -51.55
CA GLU K 36 16.50 2.47 -50.22
C GLU K 36 16.58 1.48 -49.06
N ASP K 37 16.43 0.19 -49.36
CA ASP K 37 16.40 -0.86 -48.34
C ASP K 37 17.80 -1.13 -47.81
N GLN K 38 18.22 -0.29 -46.87
CA GLN K 38 19.60 -0.25 -46.36
C GLN K 38 19.79 -0.95 -45.01
N GLY K 39 18.69 -1.40 -44.40
CA GLY K 39 18.74 -2.06 -43.10
C GLY K 39 19.24 -3.49 -43.19
N PRO K 40 19.37 -4.16 -42.03
CA PRO K 40 19.76 -5.57 -42.05
C PRO K 40 18.62 -6.43 -42.58
N LEU K 41 18.95 -7.46 -43.36
CA LEU K 41 17.98 -8.45 -43.83
C LEU K 41 17.50 -9.30 -42.65
N ASP K 42 16.20 -9.41 -42.52
CA ASP K 42 15.55 -9.81 -41.28
C ASP K 42 14.29 -10.55 -41.72
N ILE K 43 14.36 -11.87 -41.81
CA ILE K 43 13.28 -12.71 -42.37
C ILE K 43 12.72 -13.67 -41.33
N GLU K 44 11.40 -13.90 -41.40
CA GLU K 44 10.76 -14.92 -40.59
C GLU K 44 9.54 -15.51 -41.29
N TRP K 45 9.32 -16.80 -41.01
CA TRP K 45 8.11 -17.51 -41.40
C TRP K 45 7.26 -17.80 -40.17
N LEU K 46 5.96 -17.60 -40.30
CA LEU K 46 4.99 -17.83 -39.24
C LEU K 46 3.94 -18.79 -39.76
N ILE K 47 3.32 -19.51 -38.84
CA ILE K 47 2.26 -20.46 -39.14
C ILE K 47 1.02 -20.07 -38.32
N SER K 48 -0.13 -20.06 -38.97
CA SER K 48 -1.42 -19.95 -38.30
C SER K 48 -2.20 -21.21 -38.63
N PRO K 49 -2.06 -22.25 -37.79
CA PRO K 49 -2.65 -23.53 -38.13
C PRO K 49 -4.14 -23.57 -37.85
N ALA K 50 -4.90 -24.20 -38.75
CA ALA K 50 -6.33 -24.47 -38.49
C ALA K 50 -6.43 -25.41 -37.28
N ASP K 51 -5.41 -26.26 -37.15
CA ASP K 51 -5.24 -27.23 -36.06
C ASP K 51 -5.63 -26.71 -34.69
N ASN K 52 -5.04 -25.59 -34.28
CA ASN K 52 -5.28 -25.02 -32.96
C ASN K 52 -5.48 -23.50 -32.98
N GLN K 53 -5.85 -22.94 -31.83
CA GLN K 53 -6.25 -21.54 -31.72
C GLN K 53 -5.12 -20.54 -31.89
N LYS K 54 -3.87 -20.99 -31.72
CA LYS K 54 -2.70 -20.12 -31.81
C LYS K 54 -2.52 -19.51 -33.22
N VAL K 55 -2.08 -18.25 -33.26
CA VAL K 55 -1.89 -17.51 -34.50
C VAL K 55 -0.47 -16.96 -34.60
N ASP K 56 0.01 -16.75 -35.81
CA ASP K 56 1.28 -16.06 -36.04
C ASP K 56 2.41 -16.65 -35.18
N GLN K 57 2.58 -17.96 -35.30
CA GLN K 57 3.62 -18.67 -34.56
C GLN K 57 4.85 -18.85 -35.44
N VAL K 58 5.97 -18.28 -34.97
CA VAL K 58 7.25 -18.38 -35.70
C VAL K 58 7.69 -19.82 -35.88
N ILE K 59 8.10 -20.17 -37.10
CA ILE K 59 8.60 -21.51 -37.36
C ILE K 59 10.09 -21.50 -37.70
N ILE K 60 10.56 -20.45 -38.36
CA ILE K 60 11.97 -20.33 -38.73
C ILE K 60 12.30 -18.87 -39.03
N LEU K 61 13.55 -18.49 -38.82
CA LEU K 61 13.97 -17.13 -39.10
C LEU K 61 15.41 -16.98 -39.55
N TYR K 62 15.68 -15.84 -40.17
CA TYR K 62 17.00 -15.50 -40.67
C TYR K 62 17.29 -14.07 -40.22
N SER K 63 18.32 -13.89 -39.41
CA SER K 63 18.83 -12.57 -39.08
C SER K 63 20.29 -12.70 -38.75
N GLY K 64 21.03 -11.60 -38.94
CA GLY K 64 22.47 -11.58 -38.69
C GLY K 64 23.19 -12.66 -39.47
N ASP K 65 22.67 -12.96 -40.66
CA ASP K 65 23.19 -14.00 -41.54
C ASP K 65 23.19 -15.41 -40.91
N LYS K 66 22.24 -15.65 -40.01
CA LYS K 66 22.11 -16.96 -39.36
C LYS K 66 20.68 -17.46 -39.42
N ILE K 67 20.53 -18.78 -39.49
CA ILE K 67 19.22 -19.42 -39.45
C ILE K 67 18.98 -19.90 -38.02
N TYR K 68 17.77 -19.65 -37.52
CA TYR K 68 17.33 -20.18 -36.24
C TYR K 68 16.01 -20.90 -36.47
N ASP K 69 15.92 -22.17 -36.04
CA ASP K 69 14.78 -23.04 -36.42
C ASP K 69 14.11 -23.85 -35.29
N ASP K 70 14.43 -23.55 -34.04
CA ASP K 70 13.96 -24.34 -32.89
C ASP K 70 12.79 -23.61 -32.18
N TYR K 71 11.67 -23.40 -32.90
CA TYR K 71 10.58 -22.52 -32.42
C TYR K 71 9.19 -23.17 -32.38
N TYR K 72 8.83 -23.87 -33.45
CA TYR K 72 7.51 -24.51 -33.58
C TYR K 72 7.70 -26.01 -33.47
N PRO K 73 7.39 -26.59 -32.28
CA PRO K 73 7.64 -28.00 -31.99
C PRO K 73 7.10 -29.00 -33.01
N ASP K 74 5.90 -28.75 -33.52
CA ASP K 74 5.26 -29.64 -34.49
C ASP K 74 5.97 -29.70 -35.86
N LEU K 75 6.92 -28.79 -36.10
CA LEU K 75 7.70 -28.79 -37.34
C LEU K 75 9.19 -29.07 -37.13
N LYS K 76 9.55 -29.45 -35.91
CA LYS K 76 10.93 -29.79 -35.56
C LYS K 76 11.49 -30.85 -36.53
N GLY K 77 12.59 -30.50 -37.20
CA GLY K 77 13.24 -31.39 -38.14
C GLY K 77 12.64 -31.41 -39.54
N ARG K 78 11.53 -30.68 -39.74
CA ARG K 78 10.76 -30.75 -40.99
C ARG K 78 10.61 -29.44 -41.76
N VAL K 79 11.30 -28.39 -41.34
CA VAL K 79 11.31 -27.10 -42.05
C VAL K 79 12.75 -26.65 -42.30
N HIS K 80 13.04 -26.20 -43.51
CA HIS K 80 14.32 -25.56 -43.79
C HIS K 80 14.25 -24.60 -44.93
N PHE K 81 15.12 -23.59 -44.91
CA PHE K 81 15.34 -22.75 -46.08
C PHE K 81 15.97 -23.61 -47.19
N THR K 82 15.54 -23.38 -48.42
CA THR K 82 15.96 -24.17 -49.57
C THR K 82 17.12 -23.53 -50.33
N SER K 83 17.31 -22.21 -50.16
CA SER K 83 18.37 -21.49 -50.86
C SER K 83 19.73 -21.57 -50.17
N ASN K 84 20.79 -21.53 -50.98
CA ASN K 84 22.17 -21.48 -50.48
C ASN K 84 22.71 -20.05 -50.45
N ASP K 85 22.11 -19.15 -51.24
CA ASP K 85 22.36 -17.71 -51.10
C ASP K 85 21.04 -17.01 -50.84
N LEU K 86 20.59 -17.14 -49.59
CA LEU K 86 19.30 -16.65 -49.15
C LEU K 86 19.19 -15.14 -49.29
N LYS K 87 20.29 -14.43 -49.01
CA LYS K 87 20.31 -12.97 -49.01
C LYS K 87 20.23 -12.33 -50.41
N SER K 88 20.43 -13.13 -51.45
CA SER K 88 20.30 -12.65 -52.82
C SER K 88 18.86 -12.75 -53.34
N GLY K 89 17.92 -13.08 -52.46
CA GLY K 89 16.49 -12.91 -52.75
C GLY K 89 15.59 -14.12 -52.66
N ASP K 90 16.05 -15.22 -52.04
CA ASP K 90 15.24 -16.45 -51.93
C ASP K 90 15.03 -16.91 -50.48
N ALA K 91 13.88 -16.51 -49.91
CA ALA K 91 13.49 -16.90 -48.54
C ALA K 91 12.56 -18.11 -48.52
N SER K 92 12.55 -18.89 -49.59
CA SER K 92 11.66 -20.05 -49.70
C SER K 92 12.09 -21.13 -48.72
N ILE K 93 11.10 -21.90 -48.25
CA ILE K 93 11.36 -23.04 -47.37
C ILE K 93 10.65 -24.31 -47.88
N ASN K 94 11.15 -25.46 -47.44
CA ASN K 94 10.44 -26.73 -47.59
C ASN K 94 9.84 -27.11 -46.25
N VAL K 95 8.66 -27.74 -46.30
CA VAL K 95 8.09 -28.41 -45.14
C VAL K 95 7.96 -29.87 -45.54
N THR K 96 8.89 -30.70 -45.07
CA THR K 96 8.97 -32.11 -45.46
C THR K 96 8.03 -33.01 -44.67
N ASN K 97 7.66 -34.13 -45.26
CA ASN K 97 6.85 -35.17 -44.60
C ASN K 97 5.50 -34.61 -44.11
N LEU K 98 4.79 -33.93 -45.00
CA LEU K 98 3.56 -33.22 -44.65
C LEU K 98 2.53 -34.11 -43.92
N GLN K 99 1.93 -33.54 -42.89
CA GLN K 99 0.88 -34.18 -42.12
C GLN K 99 -0.40 -33.36 -42.26
N LEU K 100 -1.54 -33.91 -41.83
CA LEU K 100 -2.80 -33.18 -41.88
C LEU K 100 -2.80 -32.05 -40.84
N SER K 101 -1.98 -32.23 -39.81
CA SER K 101 -1.70 -31.20 -38.80
C SER K 101 -1.18 -29.88 -39.41
N ASP K 102 -0.41 -29.99 -40.50
CA ASP K 102 0.28 -28.84 -41.09
C ASP K 102 -0.58 -27.93 -41.95
N ILE K 103 -1.90 -28.18 -42.00
CA ILE K 103 -2.81 -27.30 -42.70
C ILE K 103 -2.89 -25.96 -41.99
N GLY K 104 -2.72 -24.90 -42.77
CA GLY K 104 -2.86 -23.56 -42.26
C GLY K 104 -2.29 -22.54 -43.21
N THR K 105 -2.21 -21.31 -42.72
CA THR K 105 -1.66 -20.22 -43.50
C THR K 105 -0.22 -20.00 -43.02
N TYR K 106 0.71 -20.02 -43.95
CA TYR K 106 2.11 -19.75 -43.67
C TYR K 106 2.45 -18.36 -44.19
N GLN K 107 3.09 -17.54 -43.37
CA GLN K 107 3.43 -16.19 -43.76
C GLN K 107 4.93 -15.97 -43.80
N CYS K 108 5.42 -15.46 -44.93
CA CYS K 108 6.81 -15.05 -45.09
C CYS K 108 6.86 -13.55 -44.91
N LYS K 109 7.53 -13.08 -43.86
CA LYS K 109 7.75 -11.66 -43.65
C LYS K 109 9.21 -11.34 -43.96
N VAL K 110 9.45 -10.51 -44.97
CA VAL K 110 10.80 -10.04 -45.28
C VAL K 110 10.93 -8.56 -44.91
N LYS K 111 11.88 -8.26 -44.03
CA LYS K 111 12.28 -6.88 -43.71
C LYS K 111 13.73 -6.56 -44.14
N LYS K 112 13.90 -5.42 -44.81
CA LYS K 112 15.21 -4.77 -44.94
C LYS K 112 14.97 -3.25 -44.92
N ALA K 113 15.11 -2.67 -43.73
CA ALA K 113 14.55 -1.36 -43.42
C ALA K 113 14.98 -0.32 -44.44
N PRO K 114 14.05 0.53 -44.91
CA PRO K 114 12.62 0.63 -44.53
C PRO K 114 11.68 -0.39 -45.16
N GLY K 115 12.19 -1.26 -46.03
CA GLY K 115 11.37 -2.21 -46.74
C GLY K 115 10.77 -3.28 -45.85
N VAL K 116 9.52 -3.61 -46.15
CA VAL K 116 8.80 -4.70 -45.54
C VAL K 116 7.84 -5.28 -46.58
N ALA K 117 7.87 -6.60 -46.72
CA ALA K 117 6.91 -7.32 -47.56
C ALA K 117 6.45 -8.55 -46.79
N ASN K 118 5.19 -8.93 -46.98
CA ASN K 118 4.65 -10.15 -46.40
C ASN K 118 3.89 -10.99 -47.45
N LYS K 119 4.02 -12.31 -47.35
CA LYS K 119 3.32 -13.24 -48.25
C LYS K 119 2.57 -14.26 -47.42
N LYS K 120 1.33 -14.55 -47.82
CA LYS K 120 0.55 -15.62 -47.19
C LYS K 120 0.44 -16.80 -48.16
N ILE K 121 0.69 -18.02 -47.66
CA ILE K 121 0.46 -19.23 -48.43
C ILE K 121 -0.48 -20.12 -47.63
N HIS K 122 -1.62 -20.48 -48.23
CA HIS K 122 -2.59 -21.36 -47.58
C HIS K 122 -2.32 -22.80 -48.01
N LEU K 123 -1.84 -23.62 -47.07
CA LEU K 123 -1.46 -25.00 -47.35
C LEU K 123 -2.54 -25.99 -46.96
N VAL K 124 -2.98 -26.81 -47.93
CA VAL K 124 -3.93 -27.88 -47.68
C VAL K 124 -3.18 -29.20 -47.86
N VAL K 125 -3.45 -30.16 -46.97
CA VAL K 125 -2.84 -31.50 -47.06
C VAL K 125 -3.95 -32.55 -47.04
N LEU K 126 -4.05 -33.32 -48.13
CA LEU K 126 -5.15 -34.25 -48.35
C LEU K 126 -4.84 -35.66 -47.85
N ALA L 16 3.47 -57.82 14.27
CA ALA L 16 4.49 -57.97 15.36
C ALA L 16 5.89 -57.53 14.93
N PRO L 17 6.69 -57.03 15.88
CA PRO L 17 8.07 -56.69 15.57
C PRO L 17 8.97 -57.93 15.47
N ILE L 18 10.12 -57.77 14.85
CA ILE L 18 11.09 -58.86 14.75
C ILE L 18 12.50 -58.32 14.57
N THR L 19 13.46 -58.97 15.21
CA THR L 19 14.87 -58.65 15.06
C THR L 19 15.67 -59.85 14.54
N LEU L 20 16.42 -59.61 13.45
CA LEU L 20 17.44 -60.52 12.98
C LEU L 20 18.81 -59.97 13.33
N TRP L 21 19.72 -60.82 13.81
CA TRP L 21 21.03 -60.34 14.20
C TRP L 21 22.08 -61.45 14.26
N THR L 22 23.34 -61.00 14.42
CA THR L 22 24.49 -61.87 14.53
C THR L 22 24.72 -62.40 15.95
N GLY L 23 24.00 -61.84 16.92
CA GLY L 23 24.26 -62.06 18.32
C GLY L 23 25.35 -61.13 18.80
N PRO L 24 25.53 -61.04 20.12
CA PRO L 24 26.64 -60.25 20.66
C PRO L 24 27.95 -61.04 20.48
N GLY L 25 29.08 -60.39 20.63
CA GLY L 25 30.36 -61.05 20.43
C GLY L 25 30.37 -61.76 19.10
N PRO L 26 30.16 -61.02 18.00
CA PRO L 26 30.08 -61.69 16.70
C PRO L 26 31.40 -62.34 16.31
N SER L 27 31.31 -63.34 15.45
CA SER L 27 32.45 -64.00 14.86
C SER L 27 32.98 -63.17 13.71
N ILE L 28 34.13 -63.56 13.18
CA ILE L 28 34.68 -62.90 12.01
C ILE L 28 33.89 -63.43 10.83
N ASN L 29 33.00 -62.59 10.32
CA ASN L 29 31.94 -63.02 9.41
C ASN L 29 31.84 -62.18 8.13
N GLY L 30 32.72 -61.19 7.97
CA GLY L 30 32.75 -60.37 6.76
C GLY L 30 33.95 -60.69 5.87
N PHE L 31 33.68 -61.32 4.74
CA PHE L 31 34.74 -61.75 3.82
C PHE L 31 35.25 -60.61 2.95
N ILE L 32 36.58 -60.51 2.84
CA ILE L 32 37.26 -59.71 1.81
C ILE L 32 38.24 -60.62 1.07
N ASN L 33 38.03 -60.75 -0.25
CA ASN L 33 38.82 -61.63 -1.10
C ASN L 33 38.90 -63.07 -0.57
N ASP L 34 37.73 -63.61 -0.22
CA ASP L 34 37.56 -65.03 0.18
C ASP L 34 38.16 -65.40 1.54
N THR L 35 38.49 -64.39 2.35
CA THR L 35 38.95 -64.60 3.72
C THR L 35 38.11 -63.74 4.65
N PRO L 36 37.62 -64.33 5.76
CA PRO L 36 36.86 -63.57 6.74
C PRO L 36 37.78 -62.69 7.57
N VAL L 37 37.60 -61.38 7.45
CA VAL L 37 38.53 -60.41 8.02
C VAL L 37 37.86 -59.33 8.85
N ILE L 38 36.58 -59.04 8.60
CA ILE L 38 35.82 -58.08 9.41
C ILE L 38 34.89 -58.84 10.36
N ARG L 39 34.89 -58.41 11.61
CA ARG L 39 34.00 -58.93 12.63
C ARG L 39 32.83 -57.96 12.72
N CYS L 40 31.66 -58.39 12.26
CA CYS L 40 30.53 -57.50 12.07
C CYS L 40 29.43 -57.80 13.05
N PHE L 41 29.09 -56.79 13.87
CA PHE L 41 27.87 -56.84 14.63
C PHE L 41 26.78 -56.23 13.75
N ILE L 42 25.76 -57.00 13.43
CA ILE L 42 24.66 -56.53 12.62
C ILE L 42 23.35 -56.92 13.28
N CYS L 43 22.47 -55.93 13.35
CA CYS L 43 21.17 -56.07 13.92
C CYS L 43 20.17 -55.42 12.97
N LEU L 44 19.21 -56.21 12.47
CA LEU L 44 18.10 -55.65 11.72
C LEU L 44 16.88 -55.74 12.61
N THR L 45 16.44 -54.60 13.15
CA THR L 45 15.24 -54.55 13.98
C THR L 45 14.08 -53.88 13.26
N ARG L 46 13.04 -54.68 13.06
CA ARG L 46 11.80 -54.23 12.45
C ARG L 46 10.77 -53.97 13.54
N ASP L 47 10.28 -52.74 13.58
CA ASP L 47 9.19 -52.36 14.45
C ASP L 47 7.90 -52.29 13.63
N SER L 48 7.04 -51.28 13.77
CA SER L 48 5.77 -51.28 13.03
C SER L 48 5.97 -51.26 11.52
N ASN L 49 6.83 -50.36 11.05
CA ASN L 49 7.01 -50.11 9.61
C ASN L 49 8.48 -50.09 9.17
N LEU L 50 9.34 -49.42 9.95
CA LEU L 50 10.73 -49.26 9.54
C LEU L 50 11.61 -50.33 10.15
N VAL L 51 12.68 -50.65 9.44
CA VAL L 51 13.77 -51.46 9.95
C VAL L 51 14.92 -50.53 10.31
N THR L 52 15.39 -50.60 11.54
CA THR L 52 16.63 -49.96 11.93
C THR L 52 17.76 -50.98 11.76
N VAL L 53 18.79 -50.56 11.03
CA VAL L 53 20.02 -51.30 10.96
C VAL L 53 20.95 -50.72 12.02
N ASN L 54 21.45 -51.55 12.91
CA ASN L 54 22.35 -51.13 13.97
C ASN L 54 23.55 -52.06 13.85
N ALA L 55 24.72 -51.50 13.58
CA ALA L 55 25.88 -52.26 13.18
C ALA L 55 27.15 -51.63 13.69
N SER L 56 28.17 -52.46 13.88
CA SER L 56 29.51 -52.01 14.18
C SER L 56 30.50 -53.06 13.70
N PHE L 57 31.72 -52.62 13.41
CA PHE L 57 32.67 -53.47 12.70
C PHE L 57 34.03 -53.35 13.34
N VAL L 58 34.70 -54.49 13.49
CA VAL L 58 36.09 -54.54 13.96
C VAL L 58 36.92 -55.33 12.94
N GLY L 59 37.89 -54.66 12.32
CA GLY L 59 38.87 -55.32 11.46
C GLY L 59 39.83 -56.22 12.23
N GLU L 60 40.20 -57.34 11.60
CA GLU L 60 41.04 -58.37 12.21
C GLU L 60 42.14 -58.79 11.25
N GLY L 61 43.24 -59.29 11.78
CA GLY L 61 44.41 -59.66 10.98
C GLY L 61 45.01 -58.47 10.28
N GLY L 62 45.18 -58.58 8.96
CA GLY L 62 45.65 -57.46 8.14
C GLY L 62 44.73 -56.26 8.04
N TYR L 63 43.51 -56.35 8.57
CA TYR L 63 42.55 -55.24 8.57
C TYR L 63 42.35 -54.64 9.97
N ARG L 64 43.15 -55.10 10.94
CA ARG L 64 43.03 -54.61 12.30
C ARG L 64 43.33 -53.12 12.41
N ILE L 65 44.33 -52.68 11.67
CA ILE L 65 44.74 -51.30 11.60
C ILE L 65 44.63 -50.97 10.11
N VAL L 66 43.93 -49.89 9.78
CA VAL L 66 43.77 -49.45 8.39
C VAL L 66 44.53 -48.14 8.18
N SER L 67 45.06 -47.94 6.97
CA SER L 67 45.84 -46.74 6.63
C SER L 67 45.07 -45.86 5.66
N PRO L 68 45.52 -44.60 5.47
CA PRO L 68 44.87 -43.71 4.48
C PRO L 68 44.90 -44.18 3.02
N THR L 69 45.71 -45.19 2.72
CA THR L 69 45.80 -45.76 1.36
C THR L 69 44.95 -47.03 1.21
N GLN L 70 44.16 -47.35 2.23
CA GLN L 70 43.33 -48.54 2.25
C GLN L 70 42.30 -48.50 1.14
N SER L 71 42.14 -49.63 0.46
CA SER L 71 41.20 -49.77 -0.64
C SER L 71 39.80 -49.95 -0.09
N GLN L 72 38.86 -49.29 -0.72
CA GLN L 72 37.49 -49.34 -0.31
C GLN L 72 36.96 -50.74 -0.60
N PHE L 73 35.98 -51.15 0.17
CA PHE L 73 35.37 -52.46 -0.01
C PHE L 73 33.92 -52.49 0.44
N SER L 74 33.19 -53.45 -0.10
CA SER L 74 31.79 -53.69 0.23
C SER L 74 31.68 -55.02 0.95
N LEU L 75 30.84 -55.06 1.98
CA LEU L 75 30.37 -56.30 2.59
C LEU L 75 28.89 -56.47 2.24
N ILE L 76 28.58 -57.36 1.30
CA ILE L 76 27.22 -57.58 0.82
C ILE L 76 26.52 -58.72 1.56
N MET L 77 25.32 -58.44 2.07
CA MET L 77 24.40 -59.48 2.55
C MET L 77 23.35 -59.75 1.49
N GLU L 78 23.26 -60.99 1.00
CA GLU L 78 22.18 -61.38 0.07
C GLU L 78 21.12 -62.20 0.80
N PHE L 79 19.85 -61.86 0.59
CA PHE L 79 18.73 -62.57 1.20
C PHE L 79 17.80 -63.08 0.11
N ASP L 80 17.17 -64.22 0.32
CA ASP L 80 16.20 -64.72 -0.64
C ASP L 80 14.83 -64.04 -0.45
N GLN L 81 13.84 -64.47 -1.22
CA GLN L 81 12.52 -63.86 -1.19
C GLN L 81 11.75 -64.09 0.10
N PHE L 82 12.24 -65.00 0.93
CA PHE L 82 11.64 -65.27 2.24
C PHE L 82 12.40 -64.59 3.36
N GLY L 83 13.39 -63.78 3.01
CA GLY L 83 14.19 -63.08 3.98
C GLY L 83 15.27 -63.92 4.65
N GLN L 84 15.66 -65.02 4.02
CA GLN L 84 16.71 -65.88 4.55
C GLN L 84 18.05 -65.50 3.94
N LEU L 85 19.05 -65.29 4.80
CA LEU L 85 20.41 -65.02 4.38
C LEU L 85 20.94 -66.17 3.51
N MET L 86 21.55 -65.80 2.38
CA MET L 86 22.09 -66.76 1.43
C MET L 86 23.59 -66.99 1.66
N SER L 87 24.13 -68.00 0.99
CA SER L 87 25.54 -68.34 1.14
C SER L 87 26.47 -67.46 0.30
N THR L 88 25.90 -66.60 -0.53
CA THR L 88 26.65 -65.98 -1.63
C THR L 88 27.29 -64.63 -1.30
N GLY L 89 26.82 -63.93 -0.27
CA GLY L 89 27.33 -62.61 0.08
C GLY L 89 28.67 -62.66 0.80
N ASN L 90 29.24 -61.49 1.07
CA ASN L 90 30.46 -61.35 1.91
C ASN L 90 30.16 -61.62 3.38
N ILE L 91 28.90 -61.40 3.74
CA ILE L 91 28.33 -61.78 5.03
C ILE L 91 27.23 -62.75 4.64
N ASN L 92 27.33 -63.99 5.09
CA ASN L 92 26.55 -65.07 4.52
C ASN L 92 26.11 -66.15 5.53
N SER L 93 25.37 -67.15 5.04
CA SER L 93 24.73 -68.13 5.90
C SER L 93 25.70 -69.11 6.56
N THR L 94 27.00 -68.99 6.28
CA THR L 94 27.99 -69.79 7.01
C THR L 94 28.29 -69.20 8.38
N THR L 95 27.76 -68.01 8.66
CA THR L 95 27.91 -67.39 9.97
C THR L 95 26.63 -67.40 10.81
N THR L 96 26.82 -67.33 12.14
CA THR L 96 25.75 -67.22 13.11
C THR L 96 24.85 -66.02 12.79
N TRP L 97 23.58 -66.31 12.56
CA TRP L 97 22.63 -65.33 12.13
C TRP L 97 21.24 -65.91 12.36
N GLY L 98 20.34 -65.09 12.88
CA GLY L 98 19.00 -65.54 13.14
C GLY L 98 18.25 -64.55 14.00
N GLU L 99 17.14 -65.00 14.55
CA GLU L 99 16.23 -64.16 15.27
C GLU L 99 16.68 -63.94 16.71
N LYS L 100 16.53 -62.71 17.21
CA LYS L 100 16.73 -62.43 18.63
C LYS L 100 15.38 -62.49 19.32
N PRO L 101 15.21 -63.47 20.24
CA PRO L 101 13.99 -63.44 21.02
C PRO L 101 13.95 -62.24 21.96
N TRP L 102 12.75 -61.71 22.17
CA TRP L 102 12.55 -60.74 23.23
C TRP L 102 12.97 -61.39 24.56
N GLY L 103 13.93 -60.78 25.25
CA GLY L 103 14.26 -61.19 26.62
C GLY L 103 15.48 -62.07 26.80
N ASN L 104 16.17 -62.39 25.71
CA ASN L 104 17.51 -62.97 25.81
C ASN L 104 18.35 -62.64 24.59
N ASN L 105 19.64 -62.96 24.69
CA ASN L 105 20.62 -62.66 23.66
C ASN L 105 20.98 -63.85 22.77
N THR L 106 20.10 -64.84 22.67
CA THR L 106 20.33 -65.97 21.78
C THR L 106 20.15 -65.54 20.34
N VAL L 107 20.72 -66.35 19.44
CA VAL L 107 20.50 -66.23 18.01
C VAL L 107 19.74 -67.49 17.60
N GLN L 108 18.46 -67.34 17.29
CA GLN L 108 17.61 -68.46 16.85
C GLN L 108 17.61 -68.63 15.31
N PRO L 109 18.27 -69.69 14.80
CA PRO L 109 18.47 -69.82 13.37
C PRO L 109 17.29 -70.42 12.61
N ARG L 110 16.31 -70.97 13.30
CA ARG L 110 15.14 -71.54 12.62
C ARG L 110 14.37 -70.47 11.84
N PRO L 111 14.29 -70.62 10.51
CA PRO L 111 13.60 -69.59 9.74
C PRO L 111 12.12 -69.49 10.07
N SER L 112 11.58 -68.30 9.85
CA SER L 112 10.20 -67.98 10.10
C SER L 112 9.75 -66.99 9.02
N HIS L 113 8.47 -67.06 8.67
CA HIS L 113 7.86 -66.19 7.67
C HIS L 113 8.05 -64.71 8.01
N THR L 114 8.12 -64.42 9.29
CA THR L 114 8.26 -63.05 9.78
C THR L 114 9.58 -62.39 9.40
N TRP L 115 10.61 -63.18 9.11
CA TRP L 115 11.93 -62.70 8.73
C TRP L 115 11.89 -61.77 7.51
N LYS L 116 10.89 -61.94 6.66
CA LYS L 116 10.69 -61.10 5.50
C LYS L 116 10.40 -59.65 5.90
N LEU L 117 9.86 -59.44 7.10
CA LEU L 117 9.56 -58.09 7.61
C LEU L 117 10.80 -57.24 7.90
N CYS L 118 11.98 -57.88 7.96
CA CYS L 118 13.27 -57.20 8.13
C CYS L 118 13.90 -56.82 6.80
N MET L 119 13.27 -57.23 5.70
CA MET L 119 13.82 -57.01 4.40
C MET L 119 13.42 -55.63 3.88
N PRO L 120 14.29 -55.03 3.04
CA PRO L 120 13.96 -53.73 2.44
C PRO L 120 12.85 -53.86 1.39
N ASN L 121 11.73 -53.18 1.66
CA ASN L 121 10.54 -53.14 0.83
C ASN L 121 10.88 -53.05 -0.67
N ARG L 122 10.57 -54.11 -1.41
CA ARG L 122 11.00 -54.21 -2.80
C ARG L 122 10.32 -53.17 -3.72
N GLU L 123 9.12 -52.73 -3.37
CA GLU L 123 8.44 -51.65 -4.10
C GLU L 123 9.03 -50.27 -3.80
N VAL L 124 9.25 -49.97 -2.52
CA VAL L 124 9.93 -48.74 -2.15
C VAL L 124 11.35 -48.69 -2.72
N TYR L 125 12.05 -49.81 -2.67
CA TYR L 125 13.44 -49.89 -3.13
C TYR L 125 13.52 -50.72 -4.41
N SER L 126 12.71 -50.37 -5.40
CA SER L 126 12.70 -51.07 -6.68
C SER L 126 13.93 -50.70 -7.52
N THR L 127 14.49 -49.51 -7.28
CA THR L 127 15.86 -49.21 -7.69
C THR L 127 16.68 -48.98 -6.40
N PRO L 128 17.99 -49.25 -6.45
CA PRO L 128 18.83 -49.12 -5.26
C PRO L 128 18.75 -47.77 -4.57
N ALA L 129 18.77 -47.80 -3.24
CA ALA L 129 18.83 -46.60 -2.40
C ALA L 129 20.13 -46.66 -1.58
N ALA L 130 20.56 -45.53 -1.04
CA ALA L 130 21.83 -45.46 -0.30
C ALA L 130 21.79 -44.41 0.78
N THR L 131 22.54 -44.65 1.84
CA THR L 131 22.85 -43.63 2.85
C THR L 131 24.34 -43.72 3.16
N ILE L 132 25.07 -42.68 2.79
CA ILE L 132 26.46 -42.56 3.21
C ILE L 132 26.53 -41.74 4.49
N SER L 133 27.17 -42.31 5.49
CA SER L 133 27.28 -41.69 6.78
C SER L 133 28.70 -41.71 7.31
N ARG L 134 28.98 -40.77 8.20
CA ARG L 134 30.25 -40.75 8.91
C ARG L 134 30.44 -42.05 9.67
N CYS L 135 31.69 -42.52 9.70
CA CYS L 135 32.03 -43.73 10.44
C CYS L 135 33.30 -43.48 11.24
N GLY L 136 33.13 -42.99 12.46
CA GLY L 136 34.25 -42.83 13.39
C GLY L 136 34.97 -44.16 13.61
N LEU L 137 36.31 -44.11 13.63
CA LEU L 137 37.16 -45.25 13.94
C LEU L 137 37.92 -44.99 15.24
N ASP L 138 37.90 -45.97 16.14
CA ASP L 138 38.62 -45.89 17.42
C ASP L 138 38.30 -44.60 18.18
N SER L 139 37.02 -44.22 18.22
CA SER L 139 36.62 -42.88 18.66
C SER L 139 36.89 -42.57 20.12
N ILE L 140 36.72 -43.55 21.01
CA ILE L 140 37.01 -43.29 22.43
C ILE L 140 38.52 -43.02 22.58
N ALA L 141 39.34 -43.94 22.07
CA ALA L 141 40.80 -43.85 22.18
C ALA L 141 41.38 -42.59 21.52
N VAL L 142 40.90 -42.24 20.32
CA VAL L 142 41.35 -41.01 19.66
C VAL L 142 40.55 -39.78 20.06
N ASP L 143 39.65 -39.95 21.03
CA ASP L 143 38.75 -38.91 21.48
C ASP L 143 38.07 -38.13 20.35
N GLY L 144 37.51 -38.86 19.38
CA GLY L 144 36.75 -38.25 18.30
C GLY L 144 37.48 -37.26 17.40
N ALA L 145 38.79 -37.42 17.25
CA ALA L 145 39.59 -36.61 16.34
C ALA L 145 38.98 -36.58 14.94
N PRO L 146 38.73 -35.37 14.40
CA PRO L 146 38.11 -35.21 13.08
C PRO L 146 38.68 -36.09 11.96
N SER L 147 40.00 -36.22 11.90
CA SER L 147 40.65 -37.01 10.86
C SER L 147 40.78 -38.51 11.22
N ARG L 148 39.93 -38.97 12.12
CA ARG L 148 39.88 -40.39 12.46
C ARG L 148 38.57 -41.05 12.05
N SER L 149 37.85 -40.40 11.13
CA SER L 149 36.62 -40.93 10.56
C SER L 149 36.80 -41.28 9.09
N ILE L 150 36.20 -42.40 8.71
CA ILE L 150 35.95 -42.72 7.31
C ILE L 150 34.44 -42.63 7.06
N ASP L 151 34.00 -43.15 5.93
CA ASP L 151 32.57 -43.28 5.62
C ASP L 151 32.11 -44.72 5.55
N CYS L 152 30.88 -44.95 5.96
CA CYS L 152 30.19 -46.18 5.65
C CYS L 152 28.91 -45.84 4.88
N MET L 153 28.77 -46.43 3.70
CA MET L 153 27.56 -46.29 2.91
C MET L 153 26.76 -47.58 2.92
N LEU L 154 25.55 -47.50 3.45
CA LEU L 154 24.60 -48.58 3.26
C LEU L 154 23.94 -48.44 1.87
N ILE L 155 24.05 -49.47 1.06
CA ILE L 155 23.30 -49.56 -0.19
C ILE L 155 22.21 -50.60 -0.01
N ILE L 156 20.99 -50.23 -0.37
CA ILE L 156 19.79 -51.04 -0.18
C ILE L 156 19.30 -51.57 -1.52
N ASN L 157 19.28 -52.88 -1.66
CA ASN L 157 18.79 -53.56 -2.87
C ASN L 157 19.58 -53.30 -4.17
N LYS L 158 20.87 -53.05 -4.05
CA LYS L 158 21.71 -53.10 -5.23
C LYS L 158 21.69 -54.55 -5.72
N PRO L 159 21.29 -54.78 -6.98
CA PRO L 159 21.07 -56.16 -7.40
C PRO L 159 22.37 -56.97 -7.40
N LYS L 160 22.23 -58.25 -7.06
CA LYS L 160 23.36 -59.15 -7.01
C LYS L 160 22.83 -60.56 -7.23
N GLY L 161 23.35 -61.22 -8.27
CA GLY L 161 23.02 -62.61 -8.58
C GLY L 161 21.53 -62.93 -8.56
N VAL L 162 21.17 -63.93 -7.76
CA VAL L 162 19.78 -64.39 -7.66
C VAL L 162 19.11 -63.93 -6.35
N ALA L 163 19.72 -62.95 -5.67
CA ALA L 163 19.19 -62.43 -4.41
C ALA L 163 17.98 -61.56 -4.68
N THR L 164 16.94 -61.73 -3.88
CA THR L 164 15.78 -60.83 -3.92
C THR L 164 16.07 -59.52 -3.19
N TYR L 165 16.78 -59.61 -2.07
CA TYR L 165 17.12 -58.44 -1.26
C TYR L 165 18.61 -58.41 -0.95
N THR L 166 19.21 -57.23 -1.00
CA THR L 166 20.61 -57.04 -0.60
C THR L 166 20.77 -55.84 0.34
N LEU L 167 21.68 -55.99 1.31
CA LEU L 167 22.18 -54.89 2.13
C LEU L 167 23.68 -54.89 1.97
N THR L 168 24.25 -53.76 1.54
CA THR L 168 25.69 -53.61 1.37
C THR L 168 26.19 -52.56 2.36
N PHE L 169 27.20 -52.92 3.14
CA PHE L 169 27.96 -51.97 3.95
C PHE L 169 29.25 -51.68 3.19
N ARG L 170 29.37 -50.47 2.66
CA ARG L 170 30.52 -50.13 1.83
C ARG L 170 31.37 -49.09 2.55
N PHE L 171 32.62 -49.46 2.79
CA PHE L 171 33.53 -48.65 3.58
C PHE L 171 34.40 -47.82 2.64
N LEU L 172 34.34 -46.50 2.83
CA LEU L 172 34.78 -45.54 1.82
C LEU L 172 35.66 -44.48 2.44
N ASN L 173 36.51 -43.88 1.60
CA ASN L 173 37.21 -42.65 1.93
C ASN L 173 38.13 -42.81 3.13
N PHE L 174 38.98 -43.83 3.07
CA PHE L 174 40.00 -44.05 4.08
C PHE L 174 41.06 -42.97 4.00
N ASN L 175 41.15 -42.27 2.85
CA ASN L 175 42.08 -41.17 2.69
C ASN L 175 41.74 -39.89 3.49
N ARG L 176 40.58 -39.88 4.14
CA ARG L 176 40.27 -38.87 5.16
C ARG L 176 41.14 -39.05 6.39
N LEU L 177 41.59 -40.28 6.64
CA LEU L 177 42.41 -40.58 7.82
C LEU L 177 43.76 -39.88 7.77
N SER L 178 44.19 -39.39 8.93
CA SER L 178 45.49 -38.73 9.07
C SER L 178 46.63 -39.72 9.21
N GLY L 179 46.32 -40.99 9.49
CA GLY L 179 47.32 -42.04 9.59
C GLY L 179 46.69 -43.37 9.93
N GLY L 180 47.52 -44.39 10.10
CA GLY L 180 47.08 -45.72 10.48
C GLY L 180 46.17 -45.68 11.69
N THR L 181 44.96 -46.22 11.55
CA THR L 181 43.96 -46.17 12.58
C THR L 181 43.42 -47.56 12.86
N LEU L 182 43.18 -47.87 14.13
CA LEU L 182 42.51 -49.11 14.47
C LEU L 182 41.10 -49.11 13.83
N PHE L 183 40.82 -50.18 13.09
CA PHE L 183 39.57 -50.30 12.36
C PHE L 183 38.48 -50.79 13.33
N LYS L 184 38.13 -49.94 14.29
CA LYS L 184 37.16 -50.23 15.31
C LYS L 184 36.03 -49.19 15.19
N THR L 185 35.02 -49.50 14.37
CA THR L 185 34.03 -48.50 14.03
C THR L 185 33.15 -48.13 15.21
N ASP L 186 32.59 -46.94 15.08
CA ASP L 186 31.42 -46.55 15.84
C ASP L 186 30.24 -47.49 15.57
N VAL L 187 29.24 -47.35 16.43
CA VAL L 187 27.95 -47.95 16.24
C VAL L 187 27.27 -47.09 15.19
N LEU L 188 26.85 -47.74 14.11
CA LEU L 188 26.23 -47.09 12.98
C LEU L 188 24.78 -47.48 12.98
N THR L 189 23.93 -46.53 12.61
CA THR L 189 22.50 -46.70 12.51
C THR L 189 22.04 -46.22 11.12
N PHE L 190 21.26 -47.06 10.44
CA PHE L 190 20.57 -46.69 9.23
C PHE L 190 19.12 -47.13 9.39
N THR L 191 18.27 -46.65 8.49
CA THR L 191 16.85 -46.96 8.51
C THR L 191 16.32 -47.10 7.08
N TYR L 192 15.38 -48.02 6.89
CA TYR L 192 14.67 -48.20 5.62
C TYR L 192 13.27 -48.74 5.85
N VAL L 193 12.39 -48.60 4.86
CA VAL L 193 11.03 -49.13 4.97
C VAL L 193 11.06 -50.65 4.86
N GLY L 194 10.45 -51.30 5.85
CA GLY L 194 10.36 -52.74 5.86
C GLY L 194 9.41 -53.31 4.82
N GLU L 195 9.71 -54.53 4.41
CA GLU L 195 8.87 -55.27 3.48
C GLU L 195 7.58 -55.70 4.18
N ASN L 196 6.55 -55.89 3.37
CA ASN L 196 5.25 -56.35 3.82
C ASN L 196 5.21 -57.88 3.85
N GLN L 197 4.43 -58.42 4.78
CA GLN L 197 4.26 -59.86 4.93
C GLN L 197 3.63 -60.45 3.67
N ALA M 16 -0.90 -47.63 19.88
CA ALA M 16 -0.78 -48.15 18.48
C ALA M 16 0.15 -47.32 17.59
N PRO M 17 0.98 -48.01 16.77
CA PRO M 17 1.80 -47.30 15.80
C PRO M 17 1.01 -46.80 14.61
N ILE M 18 1.51 -45.75 13.96
CA ILE M 18 0.86 -45.22 12.77
C ILE M 18 1.92 -44.62 11.83
N THR M 19 1.77 -44.89 10.54
CA THR M 19 2.63 -44.36 9.50
C THR M 19 1.79 -43.52 8.54
N LEU M 20 2.23 -42.27 8.33
CA LEU M 20 1.77 -41.44 7.22
C LEU M 20 2.88 -41.39 6.18
N TRP M 21 2.51 -41.53 4.91
CA TRP M 21 3.54 -41.49 3.88
C TRP M 21 3.01 -41.07 2.53
N THR M 22 3.94 -40.86 1.60
CA THR M 22 3.62 -40.50 0.23
C THR M 22 3.27 -41.72 -0.60
N GLY M 23 3.57 -42.89 -0.08
CA GLY M 23 3.51 -44.13 -0.85
C GLY M 23 4.86 -44.38 -1.49
N PRO M 24 5.02 -45.55 -2.10
CA PRO M 24 6.22 -45.79 -2.88
C PRO M 24 6.02 -45.17 -4.27
N GLY M 25 7.12 -44.95 -4.97
CA GLY M 25 7.06 -44.30 -6.26
C GLY M 25 6.33 -42.97 -6.22
N PRO M 26 6.76 -42.05 -5.34
CA PRO M 26 5.98 -40.83 -5.18
C PRO M 26 5.98 -40.02 -6.48
N SER M 27 4.98 -39.16 -6.65
CA SER M 27 4.92 -38.26 -7.79
C SER M 27 5.87 -37.09 -7.57
N ILE M 28 5.96 -36.18 -8.55
CA ILE M 28 6.64 -34.93 -8.31
C ILE M 28 5.70 -34.12 -7.42
N ASN M 29 6.04 -34.04 -6.14
CA ASN M 29 5.15 -33.51 -5.12
C ASN M 29 5.79 -32.41 -4.25
N GLY M 30 7.02 -32.01 -4.57
CA GLY M 30 7.68 -30.92 -3.90
C GLY M 30 7.71 -29.72 -4.82
N PHE M 31 6.97 -28.68 -4.45
CA PHE M 31 6.85 -27.45 -5.23
C PHE M 31 7.84 -26.40 -4.77
N ILE M 32 8.59 -25.86 -5.73
CA ILE M 32 9.39 -24.65 -5.52
C ILE M 32 8.80 -23.58 -6.41
N ASN M 33 8.43 -22.45 -5.82
CA ASN M 33 7.74 -21.37 -6.52
C ASN M 33 6.55 -21.91 -7.31
N ASP M 34 5.69 -22.68 -6.66
CA ASP M 34 4.44 -23.19 -7.26
C ASP M 34 4.67 -24.07 -8.51
N THR M 35 5.87 -24.61 -8.62
CA THR M 35 6.25 -25.49 -9.72
C THR M 35 6.70 -26.81 -9.11
N PRO M 36 6.14 -27.92 -9.58
CA PRO M 36 6.54 -29.22 -9.04
C PRO M 36 7.86 -29.67 -9.63
N VAL M 37 8.89 -29.70 -8.78
CA VAL M 37 10.27 -29.93 -9.20
C VAL M 37 10.97 -31.10 -8.49
N ILE M 38 10.55 -31.44 -7.27
CA ILE M 38 11.21 -32.48 -6.48
C ILE M 38 10.25 -33.61 -6.19
N ARG M 39 10.74 -34.83 -6.39
CA ARG M 39 10.01 -36.06 -6.10
C ARG M 39 10.42 -36.49 -4.69
N CYS M 40 9.50 -36.36 -3.74
CA CYS M 40 9.79 -36.57 -2.33
C CYS M 40 9.11 -37.85 -1.87
N PHE M 41 9.91 -38.85 -1.53
CA PHE M 41 9.39 -39.98 -0.78
C PHE M 41 9.48 -39.59 0.70
N ILE M 42 8.35 -39.55 1.37
CA ILE M 42 8.33 -39.14 2.76
C ILE M 42 7.53 -40.16 3.55
N CYS M 43 8.14 -40.67 4.62
CA CYS M 43 7.51 -41.58 5.52
C CYS M 43 7.65 -41.05 6.96
N LEU M 44 6.53 -40.82 7.64
CA LEU M 44 6.53 -40.48 9.05
C LEU M 44 6.01 -41.68 9.81
N THR M 45 6.88 -42.38 10.50
CA THR M 45 6.47 -43.56 11.27
C THR M 45 6.52 -43.31 12.77
N ARG M 46 5.34 -43.37 13.38
CA ARG M 46 5.19 -43.24 14.81
C ARG M 46 5.16 -44.64 15.43
N ASP M 47 6.12 -44.92 16.31
CA ASP M 47 6.05 -46.12 17.12
C ASP M 47 5.55 -45.75 18.51
N SER M 48 6.21 -46.16 19.58
CA SER M 48 5.61 -45.96 20.90
C SER M 48 5.53 -44.46 21.25
N ASN M 49 6.64 -43.76 21.02
CA ASN M 49 6.84 -42.39 21.48
C ASN M 49 7.42 -41.48 20.41
N LEU M 50 8.42 -41.99 19.69
CA LEU M 50 9.09 -41.20 18.67
C LEU M 50 8.52 -41.45 17.28
N VAL M 51 8.67 -40.41 16.45
CA VAL M 51 8.38 -40.45 15.05
C VAL M 51 9.72 -40.46 14.33
N THR M 52 9.86 -41.39 13.39
CA THR M 52 11.01 -41.45 12.53
C THR M 52 10.56 -40.87 11.21
N VAL M 53 11.29 -39.83 10.78
CA VAL M 53 11.18 -39.30 9.43
C VAL M 53 12.19 -40.05 8.59
N ASN M 54 11.69 -40.67 7.53
CA ASN M 54 12.49 -41.41 6.55
C ASN M 54 12.10 -40.82 5.21
N ALA M 55 13.06 -40.16 4.55
CA ALA M 55 12.76 -39.45 3.31
C ALA M 55 13.91 -39.50 2.30
N SER M 56 13.56 -39.33 1.03
CA SER M 56 14.53 -39.28 -0.05
C SER M 56 13.95 -38.43 -1.17
N PHE M 57 14.84 -37.76 -1.90
CA PHE M 57 14.43 -36.73 -2.85
C PHE M 57 15.17 -36.91 -4.18
N VAL M 58 14.41 -36.72 -5.26
CA VAL M 58 14.95 -36.75 -6.63
C VAL M 58 14.47 -35.49 -7.35
N GLY M 59 15.42 -34.66 -7.75
CA GLY M 59 15.14 -33.50 -8.57
C GLY M 59 14.66 -33.89 -9.96
N GLU M 60 13.75 -33.08 -10.50
CA GLU M 60 13.19 -33.30 -11.82
C GLU M 60 13.22 -32.01 -12.61
N GLY M 61 13.18 -32.14 -13.93
CA GLY M 61 13.26 -31.00 -14.84
C GLY M 61 14.55 -30.25 -14.64
N GLY M 62 14.44 -28.97 -14.29
CA GLY M 62 15.59 -28.08 -14.08
C GLY M 62 16.30 -28.29 -12.75
N TYR M 63 15.71 -29.12 -11.90
CA TYR M 63 16.31 -29.50 -10.61
C TYR M 63 16.91 -30.90 -10.62
N ARG M 64 16.93 -31.53 -11.80
CA ARG M 64 17.48 -32.87 -11.95
C ARG M 64 18.98 -32.93 -11.65
N ILE M 65 19.68 -31.92 -12.11
CA ILE M 65 21.10 -31.77 -11.81
C ILE M 65 21.25 -30.46 -11.06
N VAL M 66 22.03 -30.47 -9.99
CA VAL M 66 22.30 -29.29 -9.20
C VAL M 66 23.77 -28.93 -9.25
N SER M 67 24.06 -27.63 -9.30
CA SER M 67 25.43 -27.13 -9.39
C SER M 67 25.81 -26.50 -8.06
N PRO M 68 27.13 -26.26 -7.83
CA PRO M 68 27.58 -25.65 -6.59
C PRO M 68 27.02 -24.25 -6.31
N THR M 69 26.50 -23.59 -7.33
CA THR M 69 25.89 -22.27 -7.19
C THR M 69 24.39 -22.33 -6.89
N GLN M 70 23.86 -23.54 -6.69
CA GLN M 70 22.42 -23.74 -6.45
C GLN M 70 21.98 -23.00 -5.20
N SER M 71 20.92 -22.21 -5.31
CA SER M 71 20.35 -21.55 -4.15
C SER M 71 19.69 -22.56 -3.22
N GLN M 72 19.80 -22.28 -1.94
CA GLN M 72 19.24 -23.11 -0.90
C GLN M 72 17.73 -22.94 -0.90
N PHE M 73 17.02 -23.97 -0.46
CA PHE M 73 15.57 -23.93 -0.46
C PHE M 73 14.96 -24.86 0.59
N SER M 74 13.77 -24.50 1.04
CA SER M 74 12.98 -25.27 2.02
C SER M 74 11.78 -25.89 1.33
N LEU M 75 11.52 -27.15 1.66
CA LEU M 75 10.23 -27.79 1.38
C LEU M 75 9.47 -27.96 2.69
N ILE M 76 8.43 -27.16 2.89
CA ILE M 76 7.67 -27.17 4.13
C ILE M 76 6.40 -28.00 3.98
N MET M 77 6.21 -28.93 4.91
CA MET M 77 4.92 -29.61 5.13
C MET M 77 4.19 -28.88 6.25
N GLU M 78 2.96 -28.46 5.97
CA GLU M 78 2.13 -27.77 6.95
C GLU M 78 0.98 -28.70 7.34
N PHE M 79 0.83 -28.95 8.62
CA PHE M 79 -0.23 -29.82 9.14
C PHE M 79 -1.14 -29.04 10.07
N ASP M 80 -2.42 -29.35 10.03
CA ASP M 80 -3.36 -28.76 10.99
C ASP M 80 -3.19 -29.45 12.34
N GLN M 81 -4.00 -29.05 13.31
CA GLN M 81 -3.86 -29.50 14.69
C GLN M 81 -4.28 -30.96 14.91
N PHE M 82 -4.83 -31.59 13.87
CA PHE M 82 -5.26 -32.98 13.92
C PHE M 82 -4.34 -33.87 13.10
N GLY M 83 -3.22 -33.30 12.64
CA GLY M 83 -2.23 -34.05 11.87
C GLY M 83 -2.59 -34.28 10.43
N GLN M 84 -3.43 -33.41 9.87
CA GLN M 84 -3.85 -33.52 8.47
C GLN M 84 -3.04 -32.55 7.62
N LEU M 85 -2.40 -33.05 6.57
CA LEU M 85 -1.59 -32.20 5.68
C LEU M 85 -2.45 -31.12 5.03
N MET M 86 -1.97 -29.88 5.06
CA MET M 86 -2.70 -28.77 4.50
C MET M 86 -2.32 -28.60 3.04
N SER M 87 -3.05 -27.73 2.35
CA SER M 87 -2.83 -27.47 0.91
C SER M 87 -1.75 -26.42 0.64
N THR M 88 -1.19 -25.86 1.70
CA THR M 88 -0.49 -24.59 1.64
C THR M 88 1.03 -24.71 1.59
N GLY M 89 1.58 -25.85 1.98
CA GLY M 89 3.04 -26.00 2.00
C GLY M 89 3.62 -26.37 0.64
N ASN M 90 4.94 -26.51 0.60
CA ASN M 90 5.64 -27.00 -0.61
C ASN M 90 5.33 -28.44 -0.93
N ILE M 91 5.02 -29.20 0.10
CA ILE M 91 4.55 -30.56 -0.01
C ILE M 91 3.20 -30.51 0.65
N ASN M 92 2.14 -30.81 -0.10
CA ASN M 92 0.79 -30.53 0.34
C ASN M 92 -0.23 -31.60 -0.04
N SER M 93 -1.49 -31.37 0.35
CA SER M 93 -2.57 -32.35 0.21
C SER M 93 -3.08 -32.53 -1.22
N THR M 94 -2.53 -31.80 -2.17
CA THR M 94 -2.88 -31.98 -3.57
C THR M 94 -2.13 -33.15 -4.18
N THR M 95 -1.20 -33.73 -3.44
CA THR M 95 -0.57 -34.99 -3.87
C THR M 95 -0.90 -36.15 -2.94
N THR M 96 -0.57 -37.35 -3.41
CA THR M 96 -0.85 -38.57 -2.70
C THR M 96 -0.16 -38.53 -1.35
N TRP M 97 -0.97 -38.61 -0.30
CA TRP M 97 -0.51 -38.63 1.08
C TRP M 97 -1.57 -39.30 1.95
N GLY M 98 -1.12 -40.07 2.94
CA GLY M 98 -2.05 -40.79 3.79
C GLY M 98 -1.40 -41.88 4.58
N GLU M 99 -2.23 -42.71 5.19
CA GLU M 99 -1.76 -43.76 6.09
C GLU M 99 -1.31 -45.01 5.33
N LYS M 100 -0.22 -45.60 5.79
CA LYS M 100 0.22 -46.90 5.28
C LYS M 100 -0.34 -47.97 6.20
N PRO M 101 -1.24 -48.81 5.66
CA PRO M 101 -1.64 -49.98 6.45
C PRO M 101 -0.51 -50.97 6.64
N TRP M 102 -0.48 -51.65 7.78
CA TRP M 102 0.46 -52.75 7.96
C TRP M 102 0.08 -53.82 6.95
N GLY M 103 1.05 -54.30 6.18
CA GLY M 103 0.82 -55.42 5.25
C GLY M 103 0.67 -55.08 3.79
N ASN M 104 0.52 -53.80 3.47
CA ASN M 104 0.51 -53.38 2.07
C ASN M 104 1.14 -52.00 1.89
N ASN M 105 1.29 -51.62 0.63
CA ASN M 105 1.91 -50.37 0.25
C ASN M 105 0.90 -49.33 -0.22
N THR M 106 -0.35 -49.42 0.25
CA THR M 106 -1.34 -48.42 -0.13
C THR M 106 -1.15 -47.13 0.65
N VAL M 107 -1.82 -46.08 0.17
CA VAL M 107 -1.85 -44.79 0.82
C VAL M 107 -3.34 -44.55 1.08
N GLN M 108 -3.71 -44.51 2.35
CA GLN M 108 -5.09 -44.40 2.75
C GLN M 108 -5.39 -42.94 3.12
N PRO M 109 -6.13 -42.24 2.25
CA PRO M 109 -6.35 -40.80 2.41
C PRO M 109 -7.35 -40.39 3.49
N ARG M 110 -8.10 -41.34 4.04
CA ARG M 110 -9.15 -41.04 5.00
C ARG M 110 -8.58 -40.64 6.35
N PRO M 111 -8.79 -39.38 6.76
CA PRO M 111 -8.19 -39.01 8.03
C PRO M 111 -8.72 -39.78 9.22
N SER M 112 -7.82 -40.02 10.17
CA SER M 112 -8.13 -40.66 11.42
C SER M 112 -7.53 -39.80 12.51
N HIS M 113 -8.07 -39.95 13.72
CA HIS M 113 -7.56 -39.25 14.89
C HIS M 113 -6.11 -39.66 15.23
N THR M 114 -5.71 -40.87 14.81
CA THR M 114 -4.36 -41.38 15.06
C THR M 114 -3.27 -40.62 14.30
N TRP M 115 -3.67 -39.86 13.28
CA TRP M 115 -2.73 -39.09 12.47
C TRP M 115 -1.96 -38.05 13.26
N LYS M 116 -2.57 -37.57 14.35
CA LYS M 116 -1.93 -36.60 15.22
C LYS M 116 -0.66 -37.15 15.88
N LEU M 117 -0.59 -38.46 16.01
CA LEU M 117 0.54 -39.11 16.67
C LEU M 117 1.83 -39.00 15.87
N CYS M 118 1.73 -38.68 14.59
CA CYS M 118 2.90 -38.45 13.75
C CYS M 118 3.45 -37.03 13.83
N MET M 119 2.71 -36.16 14.51
CA MET M 119 3.06 -34.74 14.58
C MET M 119 4.11 -34.46 15.65
N PRO M 120 4.96 -33.44 15.42
CA PRO M 120 5.93 -33.07 16.44
C PRO M 120 5.29 -32.45 17.70
N ASN M 121 5.45 -33.15 18.82
CA ASN M 121 4.95 -32.76 20.14
C ASN M 121 5.06 -31.26 20.39
N ARG M 122 3.91 -30.64 20.52
CA ARG M 122 3.78 -29.19 20.66
C ARG M 122 4.48 -28.63 21.91
N GLU M 123 4.50 -29.40 22.99
CA GLU M 123 5.13 -28.94 24.23
C GLU M 123 6.64 -29.13 24.17
N VAL M 124 7.09 -30.27 23.68
CA VAL M 124 8.52 -30.52 23.48
C VAL M 124 9.10 -29.53 22.46
N TYR M 125 8.37 -29.29 21.36
CA TYR M 125 8.84 -28.37 20.31
C TYR M 125 7.99 -27.11 20.27
N SER M 126 7.92 -26.43 21.41
CA SER M 126 7.23 -25.15 21.54
C SER M 126 8.05 -24.01 20.92
N THR M 127 9.38 -24.17 20.87
CA THR M 127 10.22 -23.34 19.99
C THR M 127 10.79 -24.24 18.88
N PRO M 128 11.00 -23.68 17.67
CA PRO M 128 11.48 -24.56 16.58
C PRO M 128 12.76 -25.33 16.93
N ALA M 129 12.83 -26.58 16.50
CA ALA M 129 13.99 -27.45 16.66
C ALA M 129 14.51 -27.81 15.27
N ALA M 130 15.76 -28.26 15.21
CA ALA M 130 16.42 -28.52 13.94
C ALA M 130 17.39 -29.67 14.09
N THR M 131 17.57 -30.42 13.00
CA THR M 131 18.67 -31.37 12.87
C THR M 131 19.28 -31.20 11.50
N ILE M 132 20.50 -30.70 11.45
CA ILE M 132 21.21 -30.64 10.17
C ILE M 132 22.10 -31.86 10.03
N SER M 133 21.89 -32.56 8.93
CA SER M 133 22.64 -33.75 8.63
C SER M 133 23.18 -33.73 7.20
N ARG M 134 24.19 -34.54 6.98
CA ARG M 134 24.75 -34.74 5.68
C ARG M 134 23.72 -35.35 4.75
N CYS M 135 23.77 -34.96 3.49
CA CYS M 135 22.83 -35.44 2.50
C CYS M 135 23.58 -35.78 1.21
N GLY M 136 24.03 -37.02 1.12
CA GLY M 136 24.68 -37.50 -0.08
C GLY M 136 23.81 -37.41 -1.31
N LEU M 137 24.42 -37.02 -2.44
CA LEU M 137 23.77 -36.98 -3.75
C LEU M 137 24.42 -37.97 -4.67
N ASP M 138 23.58 -38.75 -5.37
CA ASP M 138 24.04 -39.69 -6.40
C ASP M 138 25.12 -40.62 -5.84
N SER M 139 24.91 -41.05 -4.60
CA SER M 139 25.99 -41.64 -3.78
C SER M 139 26.58 -42.89 -4.38
N ILE M 140 25.73 -43.72 -4.97
CA ILE M 140 26.18 -44.99 -5.54
C ILE M 140 27.01 -44.73 -6.79
N ALA M 141 26.50 -43.89 -7.68
CA ALA M 141 27.17 -43.60 -8.96
C ALA M 141 28.48 -42.86 -8.78
N VAL M 142 28.53 -41.95 -7.81
CA VAL M 142 29.78 -41.24 -7.47
C VAL M 142 30.63 -41.96 -6.42
N ASP M 143 30.18 -43.15 -6.00
CA ASP M 143 30.84 -43.95 -4.96
C ASP M 143 31.17 -43.12 -3.70
N GLY M 144 30.17 -42.37 -3.23
CA GLY M 144 30.29 -41.58 -2.02
C GLY M 144 31.46 -40.60 -1.94
N ALA M 145 31.86 -40.03 -3.10
CA ALA M 145 32.93 -39.04 -3.13
C ALA M 145 32.57 -37.94 -2.14
N PRO M 146 33.52 -37.59 -1.25
CA PRO M 146 33.20 -36.59 -0.21
C PRO M 146 32.57 -35.28 -0.74
N SER M 147 33.05 -34.79 -1.88
CA SER M 147 32.56 -33.53 -2.46
C SER M 147 31.25 -33.68 -3.26
N ARG M 148 30.48 -34.74 -3.00
CA ARG M 148 29.17 -34.93 -3.62
C ARG M 148 28.03 -34.93 -2.60
N SER M 149 28.29 -34.43 -1.39
CA SER M 149 27.28 -34.27 -0.36
C SER M 149 26.87 -32.83 -0.20
N ILE M 150 25.60 -32.63 0.13
CA ILE M 150 25.11 -31.35 0.61
C ILE M 150 24.61 -31.57 2.04
N ASP M 151 23.91 -30.58 2.58
CA ASP M 151 23.20 -30.78 3.84
C ASP M 151 21.70 -30.70 3.66
N CYS M 152 20.99 -31.48 4.47
CA CYS M 152 19.55 -31.35 4.61
C CYS M 152 19.27 -31.12 6.08
N MET M 153 18.63 -29.99 6.39
CA MET M 153 18.19 -29.66 7.71
C MET M 153 16.69 -29.87 7.83
N LEU M 154 16.29 -30.69 8.79
CA LEU M 154 14.92 -30.80 9.19
C LEU M 154 14.66 -29.73 10.24
N ILE M 155 13.76 -28.80 9.96
CA ILE M 155 13.30 -27.84 10.94
C ILE M 155 11.94 -28.34 11.44
N ILE M 156 11.82 -28.42 12.76
CA ILE M 156 10.62 -28.91 13.44
C ILE M 156 9.85 -27.72 14.07
N ASN M 157 8.62 -27.54 13.61
CA ASN M 157 7.67 -26.54 14.14
C ASN M 157 8.03 -25.08 14.01
N LYS M 158 8.72 -24.73 12.93
CA LYS M 158 8.89 -23.33 12.62
C LYS M 158 7.53 -22.83 12.09
N PRO M 159 6.96 -21.78 12.74
CA PRO M 159 5.69 -21.18 12.32
C PRO M 159 5.59 -20.93 10.83
N LYS M 160 4.46 -21.32 10.25
CA LYS M 160 4.13 -20.98 8.86
C LYS M 160 2.62 -20.86 8.75
N GLY M 161 2.15 -19.65 8.43
CA GLY M 161 0.74 -19.42 8.10
C GLY M 161 -0.14 -19.79 9.27
N VAL M 162 -1.21 -20.54 9.00
CA VAL M 162 -2.12 -21.01 10.06
C VAL M 162 -1.87 -22.47 10.44
N ALA M 163 -0.71 -23.00 10.04
CA ALA M 163 -0.32 -24.38 10.37
C ALA M 163 -0.08 -24.51 11.87
N THR M 164 -0.42 -25.65 12.42
CA THR M 164 -0.20 -25.93 13.82
C THR M 164 1.15 -26.65 13.97
N TYR M 165 1.42 -27.59 13.10
CA TYR M 165 2.71 -28.27 13.04
C TYR M 165 3.35 -28.10 11.68
N THR M 166 4.67 -27.98 11.64
CA THR M 166 5.39 -27.94 10.37
C THR M 166 6.60 -28.86 10.41
N LEU M 167 6.91 -29.46 9.26
CA LEU M 167 8.18 -30.14 9.02
C LEU M 167 8.78 -29.53 7.78
N THR M 168 9.99 -29.00 7.91
CA THR M 168 10.70 -28.37 6.80
C THR M 168 11.98 -29.14 6.48
N PHE M 169 12.09 -29.55 5.22
CA PHE M 169 13.33 -30.03 4.65
C PHE M 169 14.00 -28.91 3.90
N ARG M 170 15.12 -28.44 4.44
CA ARG M 170 15.87 -27.35 3.88
C ARG M 170 17.21 -27.85 3.35
N PHE M 171 17.44 -27.66 2.05
CA PHE M 171 18.61 -28.19 1.39
C PHE M 171 19.60 -27.06 1.31
N LEU M 172 20.78 -27.28 1.88
CA LEU M 172 21.75 -26.24 2.18
C LEU M 172 23.13 -26.65 1.74
N ASN M 173 23.99 -25.63 1.59
CA ASN M 173 25.41 -25.83 1.37
C ASN M 173 25.71 -26.62 0.10
N PHE M 174 25.01 -26.26 -0.97
CA PHE M 174 25.26 -26.80 -2.31
C PHE M 174 26.67 -26.44 -2.78
N ASN M 175 27.24 -25.39 -2.20
CA ASN M 175 28.59 -24.99 -2.55
C ASN M 175 29.69 -25.92 -2.02
N ARG M 176 29.31 -26.92 -1.23
CA ARG M 176 30.20 -28.06 -0.93
C ARG M 176 30.47 -28.91 -2.18
N LEU M 177 29.58 -28.86 -3.16
CA LEU M 177 29.67 -29.71 -4.34
C LEU M 177 30.84 -29.31 -5.23
N SER M 178 31.53 -30.31 -5.79
CA SER M 178 32.68 -30.07 -6.66
C SER M 178 32.27 -29.74 -8.10
N GLY M 179 31.03 -30.05 -8.44
CA GLY M 179 30.49 -29.81 -9.77
C GLY M 179 29.03 -30.24 -9.83
N GLY M 180 28.44 -30.09 -11.02
CA GLY M 180 27.08 -30.53 -11.30
C GLY M 180 26.88 -31.96 -10.85
N THR M 181 25.83 -32.17 -10.06
CA THR M 181 25.51 -33.46 -9.46
C THR M 181 24.03 -33.75 -9.62
N LEU M 182 23.72 -34.97 -10.02
CA LEU M 182 22.34 -35.41 -10.08
C LEU M 182 21.74 -35.28 -8.68
N PHE M 183 20.61 -34.58 -8.56
CA PHE M 183 19.99 -34.32 -7.27
C PHE M 183 19.17 -35.54 -6.85
N LYS M 184 19.90 -36.62 -6.57
CA LYS M 184 19.35 -37.90 -6.22
C LYS M 184 19.85 -38.21 -4.82
N THR M 185 19.05 -37.84 -3.81
CA THR M 185 19.54 -37.84 -2.42
C THR M 185 19.56 -39.21 -1.83
N ASP M 186 20.42 -39.35 -0.82
CA ASP M 186 20.41 -40.49 0.07
C ASP M 186 19.05 -40.62 0.75
N VAL M 187 18.80 -41.79 1.31
CA VAL M 187 17.73 -42.00 2.28
C VAL M 187 18.17 -41.26 3.55
N LEU M 188 17.34 -40.32 3.97
CA LEU M 188 17.60 -39.47 5.12
C LEU M 188 16.71 -39.90 6.25
N THR M 189 17.25 -39.91 7.46
CA THR M 189 16.48 -40.27 8.65
C THR M 189 16.63 -39.21 9.73
N PHE M 190 15.50 -38.77 10.26
CA PHE M 190 15.44 -37.90 11.43
C PHE M 190 14.47 -38.49 12.44
N THR M 191 14.47 -37.92 13.64
CA THR M 191 13.68 -38.41 14.74
C THR M 191 13.22 -37.25 15.60
N TYR M 192 11.96 -37.29 16.02
CA TYR M 192 11.45 -36.34 17.03
C TYR M 192 10.43 -37.02 17.92
N VAL M 193 10.06 -36.36 19.01
CA VAL M 193 9.03 -36.88 19.93
C VAL M 193 7.65 -36.61 19.34
N GLY M 194 6.87 -37.69 19.23
CA GLY M 194 5.52 -37.63 18.75
C GLY M 194 4.57 -36.91 19.68
N GLU M 195 3.47 -36.44 19.10
CA GLU M 195 2.42 -35.76 19.85
C GLU M 195 1.56 -36.78 20.59
N ASN M 196 0.93 -36.32 21.68
CA ASN M 196 0.04 -37.12 22.49
C ASN M 196 -1.37 -37.07 21.91
N GLN M 197 -2.07 -38.21 21.93
CA GLN M 197 -3.44 -38.32 21.41
C GLN M 197 -4.32 -37.25 22.01
N ALA N 16 6.71 -55.00 26.10
CA ALA N 16 6.12 -53.65 25.85
C ALA N 16 7.21 -52.58 25.75
N PRO N 17 6.90 -51.45 25.09
CA PRO N 17 7.78 -50.29 25.01
C PRO N 17 7.76 -49.44 26.28
N ILE N 18 8.81 -48.64 26.47
CA ILE N 18 8.96 -47.81 27.65
C ILE N 18 9.90 -46.62 27.34
N THR N 19 9.52 -45.43 27.80
CA THR N 19 10.31 -44.21 27.59
C THR N 19 10.70 -43.59 28.94
N LEU N 20 11.99 -43.42 29.16
CA LEU N 20 12.50 -42.62 30.27
C LEU N 20 12.94 -41.28 29.70
N TRP N 21 12.60 -40.18 30.37
CA TRP N 21 12.97 -38.87 29.84
C TRP N 21 13.02 -37.77 30.91
N THR N 22 13.48 -36.59 30.50
CA THR N 22 13.60 -35.42 31.37
C THR N 22 12.28 -34.63 31.38
N GLY N 23 11.42 -34.92 30.41
CA GLY N 23 10.22 -34.16 30.20
C GLY N 23 10.54 -32.98 29.31
N PRO N 24 9.50 -32.26 28.89
CA PRO N 24 9.67 -31.07 28.09
C PRO N 24 10.08 -29.92 29.00
N GLY N 25 10.65 -28.89 28.42
CA GLY N 25 11.17 -27.79 29.20
C GLY N 25 12.06 -28.29 30.32
N PRO N 26 13.15 -28.99 29.95
CA PRO N 26 14.03 -29.59 30.95
C PRO N 26 14.76 -28.54 31.76
N SER N 27 15.04 -28.87 33.03
CA SER N 27 15.79 -27.98 33.89
C SER N 27 17.27 -28.02 33.53
N ILE N 28 18.05 -27.17 34.20
CA ILE N 28 19.50 -27.16 34.03
C ILE N 28 19.99 -28.36 34.82
N ASN N 29 20.36 -29.41 34.11
CA ASN N 29 20.62 -30.73 34.72
C ASN N 29 21.94 -31.37 34.29
N GLY N 30 22.76 -30.63 33.56
CA GLY N 30 24.05 -31.11 33.11
C GLY N 30 25.12 -30.38 33.89
N PHE N 31 25.82 -31.11 34.76
CA PHE N 31 26.84 -30.53 35.63
C PHE N 31 28.20 -30.49 34.95
N ILE N 32 28.86 -29.33 35.00
CA ILE N 32 30.28 -29.22 34.67
C ILE N 32 30.96 -28.51 35.84
N ASN N 33 32.02 -29.15 36.36
CA ASN N 33 32.73 -28.69 37.56
C ASN N 33 31.77 -28.36 38.71
N ASP N 34 30.78 -29.22 38.92
CA ASP N 34 29.85 -29.16 40.06
C ASP N 34 28.85 -28.00 40.07
N THR N 35 28.70 -27.33 38.93
CA THR N 35 27.59 -26.40 38.73
C THR N 35 26.72 -26.89 37.57
N PRO N 36 25.39 -26.86 37.74
CA PRO N 36 24.53 -27.20 36.62
C PRO N 36 24.57 -26.10 35.57
N VAL N 37 25.10 -26.41 34.38
CA VAL N 37 25.28 -25.40 33.33
C VAL N 37 24.60 -25.75 31.98
N ILE N 38 24.32 -27.04 31.76
CA ILE N 38 23.67 -27.47 30.53
C ILE N 38 22.22 -27.93 30.76
N ARG N 39 21.31 -27.35 29.98
CA ARG N 39 19.92 -27.74 30.00
C ARG N 39 19.75 -28.86 28.97
N CYS N 40 19.57 -30.09 29.47
CA CYS N 40 19.54 -31.30 28.64
C CYS N 40 18.12 -31.85 28.49
N PHE N 41 17.59 -31.82 27.29
CA PHE N 41 16.44 -32.65 26.96
C PHE N 41 16.98 -34.01 26.54
N ILE N 42 16.62 -35.05 27.30
CA ILE N 42 17.01 -36.40 26.98
C ILE N 42 15.77 -37.27 27.03
N CYS N 43 15.65 -38.10 26.01
CA CYS N 43 14.58 -39.05 25.91
C CYS N 43 15.19 -40.38 25.49
N LEU N 44 15.02 -41.41 26.33
CA LEU N 44 15.41 -42.78 25.99
C LEU N 44 14.17 -43.60 25.72
N THR N 45 13.91 -43.89 24.44
CA THR N 45 12.74 -44.65 24.05
C THR N 45 13.09 -46.07 23.60
N ARG N 46 12.60 -47.04 24.37
CA ARG N 46 12.75 -48.43 24.06
C ARG N 46 11.50 -48.91 23.33
N ASP N 47 11.71 -49.44 22.14
CA ASP N 47 10.64 -50.10 21.41
C ASP N 47 10.88 -51.61 21.53
N SER N 48 10.85 -52.38 20.45
CA SER N 48 10.90 -53.83 20.58
C SER N 48 12.28 -54.31 21.04
N ASN N 49 13.33 -53.68 20.54
CA ASN N 49 14.68 -54.18 20.79
C ASN N 49 15.72 -53.09 20.94
N LEU N 50 15.60 -52.03 20.16
CA LEU N 50 16.54 -50.93 20.20
C LEU N 50 16.00 -49.81 21.08
N VAL N 51 16.93 -49.11 21.71
CA VAL N 51 16.64 -47.86 22.40
C VAL N 51 17.10 -46.71 21.51
N THR N 52 16.18 -45.79 21.23
CA THR N 52 16.51 -44.53 20.59
C THR N 52 16.77 -43.47 21.67
N VAL N 53 17.96 -42.88 21.58
CA VAL N 53 18.33 -41.70 22.34
C VAL N 53 17.96 -40.47 21.51
N ASN N 54 17.02 -39.67 21.98
CA ASN N 54 16.68 -38.42 21.34
C ASN N 54 17.03 -37.33 22.34
N ALA N 55 17.87 -36.38 21.96
CA ALA N 55 18.40 -35.41 22.92
C ALA N 55 18.77 -34.07 22.28
N SER N 56 18.67 -33.02 23.10
CA SER N 56 19.06 -31.68 22.71
C SER N 56 19.56 -30.96 23.95
N PHE N 57 20.48 -30.02 23.74
CA PHE N 57 21.20 -29.36 24.82
C PHE N 57 21.22 -27.86 24.56
N VAL N 58 20.93 -27.09 25.60
CA VAL N 58 21.13 -25.65 25.59
C VAL N 58 22.06 -25.30 26.75
N GLY N 59 23.22 -24.71 26.41
CA GLY N 59 24.13 -24.21 27.43
C GLY N 59 23.56 -22.96 28.10
N GLU N 60 23.78 -22.84 29.40
CA GLU N 60 23.35 -21.67 30.18
C GLU N 60 24.53 -21.02 30.92
N GLY N 61 24.35 -19.77 31.31
CA GLY N 61 25.36 -19.01 32.05
C GLY N 61 26.58 -18.72 31.19
N GLY N 62 27.74 -19.14 31.66
CA GLY N 62 28.98 -19.03 30.92
C GLY N 62 29.12 -20.01 29.75
N TYR N 63 28.17 -20.94 29.64
CA TYR N 63 28.09 -21.89 28.51
C TYR N 63 26.97 -21.56 27.52
N ARG N 64 26.32 -20.41 27.70
CA ARG N 64 25.29 -19.99 26.76
C ARG N 64 25.88 -19.81 25.37
N ILE N 65 27.09 -19.25 25.32
CA ILE N 65 27.86 -19.02 24.10
C ILE N 65 29.19 -19.78 24.19
N VAL N 66 29.52 -20.54 23.15
CA VAL N 66 30.78 -21.27 23.14
C VAL N 66 31.69 -20.74 22.03
N SER N 67 32.99 -20.78 22.28
CA SER N 67 33.97 -20.27 21.35
C SER N 67 34.73 -21.45 20.75
N PRO N 68 35.49 -21.20 19.67
CA PRO N 68 36.30 -22.24 19.08
C PRO N 68 37.34 -22.88 20.01
N THR N 69 37.80 -22.16 21.03
CA THR N 69 38.78 -22.70 22.00
C THR N 69 38.11 -23.32 23.26
N GLN N 70 36.79 -23.48 23.24
CA GLN N 70 36.06 -24.03 24.39
C GLN N 70 36.59 -25.40 24.81
N SER N 71 36.70 -25.61 26.12
CA SER N 71 37.06 -26.92 26.65
C SER N 71 35.99 -27.97 26.29
N GLN N 72 36.44 -29.10 25.76
CA GLN N 72 35.60 -30.27 25.52
C GLN N 72 35.13 -30.81 26.88
N PHE N 73 33.98 -31.47 26.90
CA PHE N 73 33.47 -32.04 28.17
C PHE N 73 32.52 -33.20 27.93
N SER N 74 32.33 -33.99 29.00
CA SER N 74 31.44 -35.12 29.04
C SER N 74 30.33 -34.92 30.04
N LEU N 75 29.10 -35.28 29.64
CA LEU N 75 27.98 -35.39 30.55
C LEU N 75 27.62 -36.89 30.70
N ILE N 76 27.93 -37.44 31.87
CA ILE N 76 27.74 -38.87 32.13
C ILE N 76 26.45 -39.11 32.92
N MET N 77 25.61 -40.00 32.39
CA MET N 77 24.48 -40.55 33.13
C MET N 77 24.87 -41.93 33.63
N GLU N 78 24.75 -42.14 34.93
CA GLU N 78 25.07 -43.42 35.53
C GLU N 78 23.79 -44.11 35.99
N PHE N 79 23.61 -45.36 35.61
CA PHE N 79 22.43 -46.12 35.99
C PHE N 79 22.79 -47.38 36.75
N ASP N 80 21.97 -47.74 37.72
CA ASP N 80 22.12 -49.00 38.43
C ASP N 80 21.66 -50.19 37.58
N GLN N 81 21.82 -51.40 38.10
CA GLN N 81 21.49 -52.61 37.36
C GLN N 81 20.01 -52.76 36.99
N PHE N 82 19.14 -51.92 37.58
CA PHE N 82 17.69 -51.92 37.38
C PHE N 82 17.21 -50.74 36.55
N GLY N 83 18.15 -49.96 36.02
CA GLY N 83 17.85 -48.88 35.11
C GLY N 83 17.44 -47.58 35.76
N GLN N 84 17.76 -47.45 37.05
CA GLN N 84 17.44 -46.24 37.80
C GLN N 84 18.66 -45.33 37.78
N LEU N 85 18.43 -44.07 37.39
CA LEU N 85 19.47 -43.07 37.32
C LEU N 85 20.07 -42.88 38.70
N MET N 86 21.39 -42.81 38.76
CA MET N 86 22.10 -42.70 40.04
C MET N 86 22.39 -41.23 40.33
N SER N 87 22.80 -40.97 41.55
CA SER N 87 23.03 -39.60 42.04
C SER N 87 24.40 -39.05 41.67
N THR N 88 25.25 -39.89 41.06
CA THR N 88 26.68 -39.63 40.95
C THR N 88 27.18 -39.10 39.59
N GLY N 89 26.34 -39.13 38.56
CA GLY N 89 26.73 -38.63 37.24
C GLY N 89 26.62 -37.12 37.10
N ASN N 90 27.06 -36.59 35.95
CA ASN N 90 26.83 -35.18 35.60
C ASN N 90 25.35 -34.89 35.32
N ILE N 91 24.64 -35.93 34.90
CA ILE N 91 23.18 -35.91 34.83
C ILE N 91 22.72 -37.00 35.79
N ASN N 92 21.97 -36.63 36.82
CA ASN N 92 21.73 -37.51 37.96
C ASN N 92 20.31 -37.41 38.55
N SER N 93 20.07 -38.26 39.54
CA SER N 93 18.76 -38.40 40.18
C SER N 93 18.26 -37.17 40.97
N THR N 94 19.05 -36.10 41.09
CA THR N 94 18.56 -34.88 41.74
C THR N 94 17.75 -34.01 40.78
N THR N 95 17.67 -34.41 39.52
CA THR N 95 16.90 -33.69 38.54
C THR N 95 15.73 -34.53 38.01
N THR N 96 14.70 -33.82 37.53
CA THR N 96 13.51 -34.45 36.99
C THR N 96 13.87 -35.48 35.91
N TRP N 97 13.43 -36.71 36.14
CA TRP N 97 13.75 -37.82 35.29
C TRP N 97 12.86 -38.97 35.69
N GLY N 98 12.25 -39.63 34.70
CA GLY N 98 11.36 -40.73 34.97
C GLY N 98 10.67 -41.14 33.70
N GLU N 99 9.58 -41.88 33.84
CA GLU N 99 8.89 -42.50 32.72
C GLU N 99 7.90 -41.54 32.06
N LYS N 100 7.81 -41.63 30.72
CA LYS N 100 6.80 -40.90 29.99
C LYS N 100 5.62 -41.81 29.76
N PRO N 101 4.46 -41.49 30.38
CA PRO N 101 3.27 -42.23 30.00
C PRO N 101 2.89 -41.96 28.55
N TRP N 102 2.49 -43.00 27.84
CA TRP N 102 1.88 -42.81 26.53
C TRP N 102 0.64 -41.94 26.73
N GLY N 103 0.57 -40.82 26.05
CA GLY N 103 -0.65 -40.01 26.08
C GLY N 103 -0.54 -38.72 26.85
N ASN N 104 0.55 -38.53 27.59
CA ASN N 104 0.83 -37.24 28.21
C ASN N 104 2.30 -36.93 28.41
N ASN N 105 2.58 -35.69 28.77
CA ASN N 105 3.92 -35.17 28.83
C ASN N 105 4.47 -35.12 30.25
N THR N 106 3.90 -35.93 31.16
CA THR N 106 4.39 -36.01 32.54
C THR N 106 5.64 -36.87 32.65
N VAL N 107 6.35 -36.69 33.74
CA VAL N 107 7.51 -37.50 34.08
C VAL N 107 7.17 -38.23 35.36
N GLN N 108 7.08 -39.56 35.27
CA GLN N 108 6.70 -40.42 36.39
C GLN N 108 7.94 -41.01 37.07
N PRO N 109 8.24 -40.56 38.30
CA PRO N 109 9.46 -40.95 39.01
C PRO N 109 9.46 -42.34 39.66
N ARG N 110 8.29 -42.94 39.84
CA ARG N 110 8.14 -44.21 40.55
C ARG N 110 8.76 -45.31 39.69
N PRO N 111 9.88 -45.92 40.16
CA PRO N 111 10.59 -46.88 39.30
C PRO N 111 9.79 -48.15 38.96
N SER N 112 10.04 -48.67 37.77
CA SER N 112 9.50 -49.97 37.37
C SER N 112 10.63 -50.88 36.91
N HIS N 113 10.42 -52.18 37.03
CA HIS N 113 11.35 -53.17 36.50
C HIS N 113 11.60 -52.94 34.99
N THR N 114 10.62 -52.39 34.28
CA THR N 114 10.71 -52.07 32.85
C THR N 114 11.79 -51.04 32.48
N TRP N 115 12.22 -50.22 33.44
CA TRP N 115 13.22 -49.20 33.21
C TRP N 115 14.55 -49.78 32.70
N LYS N 116 14.84 -51.01 33.10
CA LYS N 116 16.02 -51.78 32.66
C LYS N 116 16.09 -51.94 31.15
N LEU N 117 14.92 -51.92 30.51
CA LEU N 117 14.82 -52.11 29.06
C LEU N 117 15.37 -50.91 28.28
N CYS N 118 15.46 -49.74 28.93
CA CYS N 118 16.09 -48.57 28.31
C CYS N 118 17.63 -48.56 28.47
N MET N 119 18.18 -49.54 29.15
CA MET N 119 19.62 -49.61 29.39
C MET N 119 20.34 -50.26 28.21
N PRO N 120 21.59 -49.85 27.97
CA PRO N 120 22.42 -50.47 26.94
C PRO N 120 22.80 -51.92 27.27
N ASN N 121 22.34 -52.85 26.45
CA ASN N 121 22.57 -54.30 26.61
C ASN N 121 24.00 -54.60 27.07
N ARG N 122 24.14 -55.19 28.26
CA ARG N 122 25.47 -55.33 28.87
C ARG N 122 26.34 -56.35 28.15
N GLU N 123 25.72 -57.35 27.52
CA GLU N 123 26.47 -58.34 26.76
C GLU N 123 26.87 -57.81 25.38
N VAL N 124 26.00 -57.03 24.73
CA VAL N 124 26.35 -56.39 23.46
C VAL N 124 27.41 -55.33 23.72
N TYR N 125 27.20 -54.55 24.77
CA TYR N 125 28.16 -53.51 25.13
C TYR N 125 28.99 -53.90 26.33
N SER N 126 29.72 -55.02 26.20
CA SER N 126 30.59 -55.51 27.27
C SER N 126 31.92 -54.78 27.29
N THR N 127 32.31 -54.21 26.15
CA THR N 127 33.31 -53.14 26.08
C THR N 127 32.63 -51.88 25.55
N PRO N 128 33.12 -50.70 25.98
CA PRO N 128 32.48 -49.45 25.58
C PRO N 128 32.33 -49.29 24.05
N ALA N 129 31.16 -48.79 23.62
CA ALA N 129 30.91 -48.47 22.20
C ALA N 129 30.70 -46.98 22.09
N ALA N 130 30.81 -46.46 20.87
CA ALA N 130 30.73 -45.03 20.65
C ALA N 130 30.02 -44.71 19.34
N THR N 131 29.39 -43.54 19.30
CA THR N 131 28.92 -42.95 18.05
C THR N 131 29.18 -41.46 18.11
N ILE N 132 30.13 -41.01 17.31
CA ILE N 132 30.38 -39.59 17.17
C ILE N 132 29.60 -39.07 15.97
N SER N 133 28.83 -38.02 16.23
CA SER N 133 28.02 -37.39 15.23
C SER N 133 28.15 -35.90 15.22
N ARG N 134 27.95 -35.33 14.04
CA ARG N 134 27.83 -33.90 13.90
C ARG N 134 26.77 -33.37 14.87
N CYS N 135 27.06 -32.24 15.47
CA CYS N 135 26.15 -31.58 16.39
C CYS N 135 26.05 -30.11 15.97
N GLY N 136 25.06 -29.82 15.11
CA GLY N 136 24.80 -28.44 14.69
C GLY N 136 24.47 -27.57 15.88
N LEU N 137 24.95 -26.33 15.86
CA LEU N 137 24.65 -25.36 16.89
C LEU N 137 23.91 -24.21 16.26
N ASP N 138 22.84 -23.77 16.93
CA ASP N 138 22.08 -22.59 16.51
C ASP N 138 21.76 -22.64 15.01
N SER N 139 21.36 -23.82 14.53
CA SER N 139 21.35 -24.12 13.09
C SER N 139 20.34 -23.31 12.28
N ILE N 140 19.21 -22.99 12.88
CA ILE N 140 18.18 -22.19 12.20
C ILE N 140 18.68 -20.76 12.02
N ALA N 141 19.16 -20.16 13.10
CA ALA N 141 19.65 -18.76 13.06
C ALA N 141 20.86 -18.58 12.15
N VAL N 142 21.80 -19.54 12.15
CA VAL N 142 22.96 -19.49 11.26
C VAL N 142 22.70 -20.17 9.90
N ASP N 143 21.47 -20.64 9.69
CA ASP N 143 21.08 -21.33 8.48
C ASP N 143 22.06 -22.43 8.06
N GLY N 144 22.50 -23.22 9.03
CA GLY N 144 23.33 -24.39 8.75
C GLY N 144 24.70 -24.13 8.18
N ALA N 145 25.32 -22.99 8.53
CA ALA N 145 26.68 -22.70 8.08
C ALA N 145 27.57 -23.85 8.55
N PRO N 146 28.36 -24.45 7.64
CA PRO N 146 29.14 -25.64 7.96
C PRO N 146 30.09 -25.49 9.17
N SER N 147 30.61 -24.28 9.39
CA SER N 147 31.50 -24.00 10.54
C SER N 147 30.74 -23.63 11.81
N ARG N 148 29.48 -24.04 11.92
CA ARG N 148 28.68 -23.81 13.13
C ARG N 148 28.26 -25.13 13.80
N SER N 149 28.91 -26.21 13.41
CA SER N 149 28.72 -27.51 14.01
C SER N 149 29.95 -27.87 14.83
N ILE N 150 29.71 -28.56 15.94
CA ILE N 150 30.74 -29.25 16.68
C ILE N 150 30.40 -30.74 16.52
N ASP N 151 31.02 -31.58 17.33
CA ASP N 151 30.62 -32.99 17.43
C ASP N 151 30.04 -33.30 18.78
N CYS N 152 29.15 -34.29 18.80
CA CYS N 152 28.71 -34.90 20.04
C CYS N 152 28.91 -36.40 19.90
N MET N 153 29.71 -36.97 20.78
CA MET N 153 29.93 -38.40 20.79
C MET N 153 29.18 -39.04 21.94
N LEU N 154 28.26 -39.95 21.63
CA LEU N 154 27.67 -40.81 22.65
C LEU N 154 28.63 -41.96 22.92
N ILE N 155 29.00 -42.14 24.18
CA ILE N 155 29.79 -43.31 24.60
C ILE N 155 28.88 -44.21 25.41
N ILE N 156 28.85 -45.49 25.05
CA ILE N 156 27.95 -46.47 25.67
C ILE N 156 28.71 -47.40 26.59
N ASN N 157 28.38 -47.35 27.88
CA ASN N 157 28.93 -48.26 28.90
C ASN N 157 30.41 -48.11 29.21
N LYS N 158 30.93 -46.89 29.08
CA LYS N 158 32.24 -46.59 29.60
C LYS N 158 32.15 -46.70 31.12
N PRO N 159 32.98 -47.56 31.75
CA PRO N 159 32.82 -47.80 33.19
C PRO N 159 33.02 -46.55 34.03
N LYS N 160 32.16 -46.34 35.01
CA LYS N 160 32.31 -45.25 35.96
C LYS N 160 31.81 -45.73 37.30
N GLY N 161 32.66 -45.60 38.32
CA GLY N 161 32.32 -46.01 39.68
C GLY N 161 31.68 -47.39 39.73
N VAL N 162 30.53 -47.48 40.40
CA VAL N 162 29.81 -48.75 40.57
C VAL N 162 28.52 -48.77 39.73
N ALA N 163 28.50 -47.94 38.69
CA ALA N 163 27.41 -47.93 37.71
C ALA N 163 27.41 -49.24 36.92
N THR N 164 26.23 -49.79 36.67
CA THR N 164 26.11 -50.97 35.81
C THR N 164 26.11 -50.50 34.37
N TYR N 165 25.34 -49.47 34.08
CA TYR N 165 25.23 -48.88 32.74
C TYR N 165 25.60 -47.42 32.80
N THR N 166 26.16 -46.91 31.71
CA THR N 166 26.43 -45.48 31.57
C THR N 166 26.16 -45.02 30.16
N LEU N 167 25.66 -43.79 30.03
CA LEU N 167 25.59 -43.08 28.77
C LEU N 167 26.32 -41.75 28.90
N THR N 168 27.28 -41.51 28.00
CA THR N 168 28.06 -40.25 28.00
C THR N 168 27.79 -39.47 26.75
N PHE N 169 27.30 -38.24 26.91
CA PHE N 169 27.32 -37.26 25.85
C PHE N 169 28.62 -36.45 25.98
N ARG N 170 29.54 -36.66 25.05
CA ARG N 170 30.80 -35.93 25.02
C ARG N 170 30.80 -34.92 23.87
N PHE N 171 31.00 -33.66 24.22
CA PHE N 171 30.97 -32.58 23.25
C PHE N 171 32.40 -32.18 22.93
N LEU N 172 32.70 -32.20 21.63
CA LEU N 172 34.05 -32.26 21.10
C LEU N 172 34.21 -31.36 19.90
N ASN N 173 35.47 -31.01 19.62
CA ASN N 173 35.87 -30.33 18.39
C ASN N 173 35.12 -29.02 18.19
N PHE N 174 35.16 -28.19 19.23
CA PHE N 174 34.71 -26.81 19.19
C PHE N 174 35.60 -25.98 18.27
N ASN N 175 36.84 -26.41 18.07
CA ASN N 175 37.72 -25.71 17.13
C ASN N 175 37.27 -25.80 15.67
N ARG N 176 36.22 -26.57 15.40
CA ARG N 176 35.51 -26.52 14.12
C ARG N 176 34.79 -25.18 13.91
N LEU N 177 34.39 -24.57 15.01
CA LEU N 177 33.60 -23.34 14.98
C LEU N 177 34.38 -22.19 14.36
N SER N 178 33.67 -21.33 13.64
CA SER N 178 34.29 -20.16 13.00
C SER N 178 34.38 -18.99 13.96
N GLY N 179 33.50 -19.00 14.96
CA GLY N 179 33.51 -17.97 16.00
C GLY N 179 32.60 -18.36 17.13
N GLY N 180 32.39 -17.45 18.08
CA GLY N 180 31.43 -17.64 19.15
C GLY N 180 30.05 -17.97 18.60
N THR N 181 29.46 -19.03 19.13
CA THR N 181 28.20 -19.58 18.63
C THR N 181 27.31 -19.89 19.81
N LEU N 182 26.05 -19.49 19.73
CA LEU N 182 25.07 -19.90 20.74
C LEU N 182 25.05 -21.44 20.88
N PHE N 183 25.17 -21.93 22.11
CA PHE N 183 25.25 -23.35 22.38
C PHE N 183 23.84 -23.91 22.49
N LYS N 184 23.15 -23.92 21.34
CA LYS N 184 21.79 -24.42 21.21
C LYS N 184 21.85 -25.54 20.16
N THR N 185 21.91 -26.78 20.63
CA THR N 185 22.28 -27.87 19.76
C THR N 185 21.08 -28.27 18.92
N ASP N 186 21.39 -28.97 17.83
CA ASP N 186 20.41 -29.72 17.10
C ASP N 186 19.83 -30.79 17.99
N VAL N 187 18.72 -31.34 17.53
CA VAL N 187 18.16 -32.55 18.07
C VAL N 187 19.02 -33.69 17.53
N LEU N 188 19.60 -34.43 18.46
CA LEU N 188 20.52 -35.52 18.17
C LEU N 188 19.85 -36.88 18.40
N THR N 189 20.18 -37.84 17.55
CA THR N 189 19.63 -39.17 17.65
C THR N 189 20.70 -40.23 17.66
N PHE N 190 20.65 -41.13 18.64
CA PHE N 190 21.55 -42.31 18.68
C PHE N 190 20.70 -43.54 18.93
N THR N 191 21.30 -44.70 18.64
CA THR N 191 20.63 -45.98 18.80
C THR N 191 21.58 -47.01 19.42
N TYR N 192 21.04 -47.84 20.30
CA TYR N 192 21.75 -49.00 20.78
C TYR N 192 20.79 -50.15 21.09
N VAL N 193 21.35 -51.34 21.22
CA VAL N 193 20.54 -52.52 21.59
C VAL N 193 20.18 -52.43 23.07
N GLY N 194 18.90 -52.61 23.34
CA GLY N 194 18.38 -52.52 24.68
C GLY N 194 18.67 -53.76 25.49
N GLU N 195 18.70 -53.56 26.80
CA GLU N 195 18.88 -54.63 27.75
C GLU N 195 17.63 -55.50 27.82
N ASN N 196 17.86 -56.79 28.08
CA ASN N 196 16.79 -57.76 28.33
C ASN N 196 16.28 -57.67 29.77
N GLN N 197 14.99 -57.92 29.97
CA GLN N 197 14.39 -57.87 31.30
C GLN N 197 15.01 -58.89 32.25
N SER O 7 -21.36 34.28 -25.59
CA SER O 7 -20.91 33.37 -24.50
C SER O 7 -22.08 32.63 -23.87
N LEU O 8 -21.87 31.35 -23.55
CA LEU O 8 -22.82 30.60 -22.74
C LEU O 8 -22.87 31.26 -21.36
N SER O 9 -24.06 31.74 -20.99
CA SER O 9 -24.22 32.44 -19.73
C SER O 9 -25.56 32.07 -19.10
N ILE O 10 -25.58 32.10 -17.77
CA ILE O 10 -26.80 31.88 -17.00
C ILE O 10 -27.33 33.25 -16.57
N THR O 11 -28.66 33.40 -16.62
CA THR O 11 -29.32 34.65 -16.20
C THR O 11 -29.40 34.72 -14.67
N THR O 12 -28.85 35.80 -14.09
CA THR O 12 -28.80 35.97 -12.64
C THR O 12 -27.99 34.83 -12.02
N PRO O 13 -26.66 34.86 -12.16
CA PRO O 13 -25.81 33.76 -11.67
C PRO O 13 -25.63 33.71 -10.13
N GLU O 14 -26.44 34.47 -9.40
CA GLU O 14 -26.39 34.52 -7.93
C GLU O 14 -27.74 35.00 -7.38
N GLU O 15 -28.40 34.14 -6.59
CA GLU O 15 -29.68 34.47 -5.96
C GLU O 15 -29.76 33.97 -4.53
N MET O 16 -30.65 34.60 -3.76
CA MET O 16 -31.16 34.03 -2.52
C MET O 16 -32.67 33.88 -2.69
N ILE O 17 -33.19 32.70 -2.34
CA ILE O 17 -34.62 32.41 -2.42
C ILE O 17 -35.12 31.98 -1.04
N GLU O 18 -36.09 32.71 -0.50
CA GLU O 18 -36.75 32.36 0.75
C GLU O 18 -38.12 31.77 0.46
N LYS O 19 -38.39 30.60 1.03
CA LYS O 19 -39.69 29.94 0.89
C LYS O 19 -40.14 29.33 2.23
N ALA O 20 -41.46 29.15 2.36
CA ALA O 20 -42.03 28.54 3.56
C ALA O 20 -41.85 27.04 3.50
N LYS O 21 -41.68 26.42 4.68
CA LYS O 21 -41.61 24.97 4.80
C LYS O 21 -42.87 24.36 4.19
N GLY O 22 -42.70 23.29 3.42
CA GLY O 22 -43.83 22.63 2.74
C GLY O 22 -44.08 23.15 1.33
N GLU O 23 -43.68 24.38 1.04
CA GLU O 23 -43.83 24.94 -0.30
C GLU O 23 -42.80 24.32 -1.24
N THR O 24 -42.94 24.57 -2.53
CA THR O 24 -41.96 24.09 -3.49
C THR O 24 -41.10 25.27 -3.98
N ALA O 25 -39.78 25.07 -3.97
CA ALA O 25 -38.84 26.08 -4.44
C ALA O 25 -38.60 25.92 -5.93
N TYR O 26 -38.83 26.99 -6.68
CA TYR O 26 -38.45 27.07 -8.09
C TYR O 26 -37.05 27.69 -8.15
N LEU O 27 -36.06 26.87 -8.49
CA LEU O 27 -34.67 27.30 -8.59
C LEU O 27 -34.36 27.57 -10.06
N PRO O 28 -34.32 28.86 -10.46
CA PRO O 28 -34.17 29.16 -11.88
C PRO O 28 -32.75 28.99 -12.38
N CYS O 29 -32.62 28.37 -13.54
CA CYS O 29 -31.34 28.31 -14.23
C CYS O 29 -31.57 28.35 -15.73
N LYS O 30 -31.71 29.57 -16.25
CA LYS O 30 -31.95 29.78 -17.66
C LYS O 30 -30.66 30.23 -18.30
N PHE O 31 -30.37 29.67 -19.47
CA PHE O 31 -29.11 29.92 -20.14
C PHE O 31 -29.31 30.30 -21.61
N THR O 32 -28.34 31.06 -22.13
CA THR O 32 -28.33 31.48 -23.52
C THR O 32 -27.05 30.96 -24.15
N LEU O 33 -27.17 30.39 -25.33
CA LEU O 33 -26.06 29.73 -25.98
C LEU O 33 -25.44 30.65 -27.03
N SER O 34 -24.17 30.39 -27.31
CA SER O 34 -23.42 31.07 -28.36
C SER O 34 -23.45 30.14 -29.57
N PRO O 35 -23.29 30.68 -30.80
CA PRO O 35 -23.17 29.79 -31.96
C PRO O 35 -22.01 28.78 -31.87
N GLU O 36 -20.95 29.13 -31.13
CA GLU O 36 -19.79 28.25 -30.96
C GLU O 36 -20.09 27.06 -30.03
N ASP O 37 -21.15 27.16 -29.22
CA ASP O 37 -21.46 26.14 -28.22
C ASP O 37 -22.06 24.88 -28.83
N GLN O 38 -21.20 24.07 -29.43
CA GLN O 38 -21.59 22.94 -30.29
C GLN O 38 -21.54 21.58 -29.61
N GLY O 39 -21.01 21.54 -28.38
CA GLY O 39 -20.94 20.30 -27.64
C GLY O 39 -22.30 19.81 -27.15
N PRO O 40 -22.34 18.61 -26.57
CA PRO O 40 -23.57 18.11 -25.99
C PRO O 40 -23.94 18.87 -24.72
N LEU O 41 -25.22 19.09 -24.52
CA LEU O 41 -25.72 19.76 -23.33
C LEU O 41 -25.55 18.83 -22.15
N ASP O 42 -24.95 19.37 -21.09
CA ASP O 42 -24.40 18.61 -19.98
C ASP O 42 -24.74 19.49 -18.79
N ILE O 43 -25.81 19.13 -18.07
CA ILE O 43 -26.26 19.91 -16.93
C ILE O 43 -26.17 19.11 -15.63
N GLU O 44 -25.89 19.81 -14.54
CA GLU O 44 -25.71 19.21 -13.25
C GLU O 44 -26.12 20.20 -12.17
N TRP O 45 -27.00 19.78 -11.27
CA TRP O 45 -27.26 20.56 -10.09
C TRP O 45 -26.56 19.90 -8.92
N LEU O 46 -26.04 20.71 -8.02
CA LEU O 46 -25.35 20.26 -6.84
C LEU O 46 -25.91 20.99 -5.64
N ILE O 47 -25.79 20.38 -4.47
CA ILE O 47 -26.14 21.05 -3.22
C ILE O 47 -24.91 21.10 -2.30
N SER O 48 -24.71 22.24 -1.67
CA SER O 48 -23.79 22.36 -0.56
C SER O 48 -24.64 22.66 0.66
N PRO O 49 -24.98 21.61 1.45
CA PRO O 49 -25.91 21.86 2.55
C PRO O 49 -25.27 22.64 3.69
N ALA O 50 -26.06 23.48 4.35
CA ALA O 50 -25.63 24.08 5.61
C ALA O 50 -25.57 23.01 6.72
N ASP O 51 -26.38 21.95 6.56
CA ASP O 51 -26.28 20.71 7.36
C ASP O 51 -24.84 20.20 7.41
N VAL O 55 -20.44 18.91 0.75
CA VAL O 55 -20.20 20.01 -0.18
C VAL O 55 -20.16 19.49 -1.62
N ASP O 56 -20.80 20.21 -2.55
CA ASP O 56 -20.88 19.82 -3.96
C ASP O 56 -21.34 18.35 -4.16
N GLN O 57 -22.55 18.07 -3.69
CA GLN O 57 -23.19 16.76 -3.87
C GLN O 57 -24.19 16.89 -5.01
N VAL O 58 -23.99 16.12 -6.09
CA VAL O 58 -24.93 16.12 -7.22
C VAL O 58 -26.32 15.71 -6.73
N ILE O 59 -27.33 16.41 -7.23
CA ILE O 59 -28.72 16.08 -6.91
C ILE O 59 -29.47 15.57 -8.16
N ILE O 60 -29.14 16.13 -9.32
CA ILE O 60 -29.80 15.75 -10.56
C ILE O 60 -28.93 16.13 -11.78
N LEU O 61 -28.96 15.30 -12.81
CA LEU O 61 -28.19 15.53 -14.04
C LEU O 61 -29.06 15.47 -15.30
N TYR O 62 -28.67 16.25 -16.31
CA TYR O 62 -29.15 16.10 -17.68
C TYR O 62 -27.97 15.88 -18.64
N SER O 63 -27.90 14.68 -19.22
CA SER O 63 -26.96 14.40 -20.30
C SER O 63 -27.58 13.37 -21.27
N GLY O 64 -27.34 13.57 -22.55
CA GLY O 64 -27.84 12.68 -23.60
C GLY O 64 -29.35 12.66 -23.73
N ASP O 65 -29.97 13.82 -23.52
CA ASP O 65 -31.44 13.94 -23.49
C ASP O 65 -32.10 13.08 -22.40
N LYS O 66 -31.37 12.79 -21.33
CA LYS O 66 -31.89 11.96 -20.24
C LYS O 66 -31.61 12.56 -18.86
N ILE O 67 -32.56 12.34 -17.96
CA ILE O 67 -32.50 12.84 -16.60
C ILE O 67 -32.13 11.71 -15.65
N TYR O 68 -31.11 11.94 -14.85
CA TYR O 68 -30.71 11.01 -13.79
C TYR O 68 -30.80 11.77 -12.47
N ASP O 69 -31.59 11.22 -11.55
CA ASP O 69 -31.95 11.92 -10.30
C ASP O 69 -31.91 11.05 -9.04
N ASP O 70 -31.21 9.93 -9.08
CA ASP O 70 -31.14 9.07 -7.90
C ASP O 70 -29.72 9.13 -7.31
N TYR O 71 -29.36 10.31 -6.80
CA TYR O 71 -28.00 10.55 -6.26
C TYR O 71 -27.98 11.02 -4.81
N TYR O 72 -28.90 11.93 -4.47
CA TYR O 72 -28.98 12.54 -3.14
C TYR O 72 -30.23 12.05 -2.39
N PRO O 73 -30.04 11.09 -1.46
CA PRO O 73 -31.17 10.44 -0.75
C PRO O 73 -32.19 11.38 -0.11
N ASP O 74 -31.73 12.47 0.51
CA ASP O 74 -32.62 13.41 1.21
C ASP O 74 -33.61 14.11 0.29
N LEU O 75 -33.30 14.17 -1.01
CA LEU O 75 -34.16 14.82 -2.00
C LEU O 75 -34.94 13.81 -2.85
N LYS O 76 -34.81 12.52 -2.53
CA LYS O 76 -35.49 11.43 -3.25
C LYS O 76 -36.95 11.74 -3.57
N GLY O 77 -37.26 11.86 -4.87
CA GLY O 77 -38.62 12.10 -5.34
C GLY O 77 -39.10 13.54 -5.27
N ARG O 78 -38.22 14.44 -4.84
CA ARG O 78 -38.57 15.85 -4.58
C ARG O 78 -37.91 16.86 -5.52
N VAL O 79 -36.92 16.42 -6.31
CA VAL O 79 -36.25 17.30 -7.28
C VAL O 79 -36.60 16.92 -8.72
N HIS O 80 -36.90 17.92 -9.54
CA HIS O 80 -37.13 17.69 -10.96
C HIS O 80 -37.00 18.95 -11.79
N PHE O 81 -36.54 18.77 -13.04
CA PHE O 81 -36.45 19.84 -14.00
C PHE O 81 -37.86 20.28 -14.37
N THR O 82 -38.05 21.59 -14.49
CA THR O 82 -39.38 22.17 -14.68
C THR O 82 -39.76 22.30 -16.16
N SER O 83 -38.78 22.57 -17.01
CA SER O 83 -39.03 22.76 -18.43
C SER O 83 -39.34 21.45 -19.16
N ASN O 84 -40.26 21.53 -20.11
CA ASN O 84 -40.50 20.43 -21.04
C ASN O 84 -39.35 20.38 -22.06
N ASP O 85 -39.08 21.49 -22.73
CA ASP O 85 -37.95 21.58 -23.67
C ASP O 85 -36.73 22.21 -23.01
N LEU O 86 -35.99 21.39 -22.27
CA LEU O 86 -34.86 21.84 -21.46
C LEU O 86 -33.67 22.36 -22.28
N LYS O 87 -33.52 21.86 -23.51
CA LYS O 87 -32.43 22.26 -24.41
C LYS O 87 -32.56 23.69 -24.94
N SER O 88 -33.77 24.23 -24.87
CA SER O 88 -34.06 25.58 -25.37
C SER O 88 -33.50 26.69 -24.47
N GLY O 89 -32.99 26.32 -23.30
CA GLY O 89 -32.34 27.28 -22.41
C GLY O 89 -32.82 27.28 -20.97
N ASP O 90 -33.47 26.21 -20.52
CA ASP O 90 -34.10 26.18 -19.21
C ASP O 90 -33.75 24.95 -18.39
N ALA O 91 -32.68 25.07 -17.60
CA ALA O 91 -32.24 24.02 -16.68
C ALA O 91 -32.79 24.20 -15.26
N SER O 92 -33.87 24.97 -15.10
CA SER O 92 -34.43 25.23 -13.79
C SER O 92 -34.99 23.96 -13.18
N ILE O 93 -34.94 23.87 -11.85
CA ILE O 93 -35.54 22.74 -11.13
C ILE O 93 -36.54 23.22 -10.07
N ASN O 94 -37.52 22.37 -9.79
CA ASN O 94 -38.36 22.48 -8.60
C ASN O 94 -37.78 21.61 -7.48
N VAL O 95 -37.83 22.11 -6.25
CA VAL O 95 -37.64 21.28 -5.07
C VAL O 95 -38.96 21.32 -4.29
N THR O 96 -39.68 20.20 -4.29
CA THR O 96 -41.04 20.17 -3.73
C THR O 96 -41.03 19.81 -2.25
N ASN O 97 -42.13 20.12 -1.57
CA ASN O 97 -42.35 19.79 -0.17
C ASN O 97 -41.15 20.16 0.69
N LEU O 98 -40.76 21.43 0.62
CA LEU O 98 -39.56 21.91 1.29
C LEU O 98 -39.56 21.59 2.78
N GLN O 99 -38.37 21.33 3.30
CA GLN O 99 -38.17 21.14 4.73
C GLN O 99 -36.97 21.98 5.18
N LEU O 100 -36.82 22.15 6.49
CA LEU O 100 -35.75 22.98 7.03
C LEU O 100 -34.36 22.42 6.72
N SER O 101 -34.29 21.10 6.50
CA SER O 101 -33.05 20.41 6.15
C SER O 101 -32.58 20.70 4.72
N ASP O 102 -33.47 21.26 3.90
CA ASP O 102 -33.15 21.67 2.52
C ASP O 102 -32.38 22.99 2.41
N ILE O 103 -32.11 23.65 3.53
CA ILE O 103 -31.34 24.89 3.52
C ILE O 103 -29.91 24.56 3.10
N GLY O 104 -29.43 25.31 2.10
CA GLY O 104 -28.10 25.09 1.55
C GLY O 104 -27.96 25.86 0.25
N THR O 105 -26.74 25.83 -0.30
CA THR O 105 -26.46 26.47 -1.57
C THR O 105 -26.63 25.45 -2.68
N TYR O 106 -27.40 25.82 -3.70
CA TYR O 106 -27.68 24.95 -4.84
C TYR O 106 -26.99 25.52 -6.07
N GLN O 107 -26.13 24.72 -6.69
CA GLN O 107 -25.36 25.16 -7.83
C GLN O 107 -25.86 24.50 -9.12
N CYS O 108 -26.10 25.34 -10.13
CA CYS O 108 -26.46 24.89 -11.46
C CYS O 108 -25.24 25.02 -12.38
N LYS O 109 -24.83 23.90 -12.95
CA LYS O 109 -23.66 23.84 -13.81
C LYS O 109 -24.10 23.45 -15.21
N VAL O 110 -23.96 24.37 -16.15
CA VAL O 110 -24.37 24.12 -17.53
C VAL O 110 -23.12 24.09 -18.38
N LYS O 111 -22.91 22.97 -19.09
CA LYS O 111 -21.87 22.91 -20.07
C LYS O 111 -22.47 22.65 -21.44
N LYS O 112 -21.98 23.38 -22.44
CA LYS O 112 -22.25 23.06 -23.82
C LYS O 112 -21.04 23.55 -24.60
N ALA O 113 -20.08 22.64 -24.78
CA ALA O 113 -18.70 23.00 -25.09
C ALA O 113 -18.61 23.89 -26.33
N PRO O 114 -17.71 24.89 -26.33
CA PRO O 114 -16.80 25.30 -25.24
C PRO O 114 -17.45 26.06 -24.08
N GLY O 115 -18.73 26.36 -24.18
CA GLY O 115 -19.42 27.14 -23.16
C GLY O 115 -19.52 26.42 -21.83
N VAL O 116 -19.34 27.19 -20.76
CA VAL O 116 -19.45 26.71 -19.39
C VAL O 116 -19.96 27.88 -18.56
N ALA O 117 -21.02 27.66 -17.80
CA ALA O 117 -21.48 28.67 -16.85
C ALA O 117 -22.04 27.96 -15.67
N ASN O 118 -21.93 28.59 -14.51
CA ASN O 118 -22.60 28.10 -13.34
C ASN O 118 -23.28 29.23 -12.55
N LYS O 119 -24.24 28.81 -11.76
CA LYS O 119 -25.06 29.70 -10.95
C LYS O 119 -25.17 29.10 -9.57
N LYS O 120 -25.15 29.95 -8.54
CA LYS O 120 -25.40 29.54 -7.17
C LYS O 120 -26.67 30.19 -6.65
N ILE O 121 -27.51 29.39 -5.98
CA ILE O 121 -28.72 29.86 -5.32
C ILE O 121 -28.69 29.47 -3.84
N HIS O 122 -28.82 30.46 -2.98
CA HIS O 122 -28.86 30.24 -1.54
C HIS O 122 -30.31 30.09 -1.13
N LEU O 123 -30.73 28.86 -0.84
CA LEU O 123 -32.12 28.59 -0.49
C LEU O 123 -32.31 28.61 1.03
N VAL O 124 -33.25 29.45 1.48
CA VAL O 124 -33.67 29.46 2.88
C VAL O 124 -35.10 28.96 2.95
N VAL O 125 -35.36 28.07 3.92
CA VAL O 125 -36.70 27.59 4.24
C VAL O 125 -37.10 28.14 5.61
N LEU O 126 -38.14 28.96 5.65
CA LEU O 126 -38.69 29.50 6.89
C LEU O 126 -39.93 28.70 7.30
N VAL O 127 -40.20 28.63 8.60
CA VAL O 127 -41.43 28.02 9.09
C VAL O 127 -42.63 28.97 8.90
N ALA P 5 -14.64 36.84 -14.32
CA ALA P 5 -14.99 38.30 -14.24
C ALA P 5 -14.00 39.14 -15.05
N ARG P 6 -14.47 40.28 -15.54
CA ARG P 6 -13.68 41.16 -16.40
C ARG P 6 -12.60 41.92 -15.63
N SER P 7 -12.93 42.32 -14.40
CA SER P 7 -11.96 42.94 -13.50
C SER P 7 -12.39 42.74 -12.03
N LEU P 8 -11.51 43.12 -11.10
CA LEU P 8 -11.81 43.01 -9.68
C LEU P 8 -12.95 43.96 -9.31
N SER P 9 -13.98 43.42 -8.69
CA SER P 9 -15.15 44.18 -8.31
C SER P 9 -15.77 43.62 -7.05
N ILE P 10 -16.53 44.46 -6.36
CA ILE P 10 -17.33 44.07 -5.20
C ILE P 10 -18.81 44.11 -5.60
N THR P 11 -19.64 43.32 -4.94
CA THR P 11 -21.10 43.32 -5.17
C THR P 11 -21.83 44.27 -4.21
N THR P 12 -22.63 45.17 -4.78
CA THR P 12 -23.24 46.28 -4.02
C THR P 12 -22.13 47.17 -3.46
N PRO P 13 -21.60 48.08 -4.30
CA PRO P 13 -20.65 49.15 -3.91
C PRO P 13 -21.10 50.06 -2.75
N GLU P 14 -22.41 50.23 -2.56
CA GLU P 14 -22.89 51.10 -1.47
C GLU P 14 -24.21 50.64 -0.85
N GLU P 15 -24.26 50.73 0.47
CA GLU P 15 -25.29 50.11 1.27
C GLU P 15 -25.46 50.91 2.56
N MET P 16 -26.69 50.94 3.07
CA MET P 16 -26.95 51.47 4.41
C MET P 16 -27.54 50.34 5.25
N ILE P 17 -27.02 50.18 6.47
CA ILE P 17 -27.40 49.10 7.36
C ILE P 17 -27.72 49.68 8.73
N GLU P 18 -28.92 49.36 9.23
CA GLU P 18 -29.37 49.80 10.55
C GLU P 18 -29.54 48.58 11.45
N LYS P 19 -29.05 48.68 12.68
CA LYS P 19 -29.15 47.58 13.65
C LYS P 19 -29.31 48.15 15.07
N ALA P 20 -29.88 47.35 15.95
CA ALA P 20 -30.17 47.78 17.32
C ALA P 20 -28.92 47.60 18.20
N LYS P 21 -28.80 48.43 19.24
CA LYS P 21 -27.68 48.35 20.18
C LYS P 21 -27.59 46.96 20.81
N GLY P 22 -26.37 46.44 20.90
CA GLY P 22 -26.11 45.10 21.45
C GLY P 22 -26.18 43.98 20.42
N GLU P 23 -26.77 44.26 19.26
CA GLU P 23 -26.82 43.29 18.17
C GLU P 23 -25.50 43.28 17.41
N THR P 24 -25.40 42.38 16.44
CA THR P 24 -24.23 42.25 15.61
C THR P 24 -24.56 42.61 14.17
N ALA P 25 -23.80 43.54 13.60
CA ALA P 25 -23.94 43.94 12.21
C ALA P 25 -23.15 42.99 11.32
N TYR P 26 -23.79 42.48 10.28
CA TYR P 26 -23.07 41.73 9.25
C TYR P 26 -22.81 42.69 8.09
N LEU P 27 -21.54 43.04 7.89
CA LEU P 27 -21.18 44.00 6.85
C LEU P 27 -20.62 43.24 5.64
N PRO P 28 -21.43 43.13 4.56
CA PRO P 28 -20.98 42.35 3.40
C PRO P 28 -19.91 43.03 2.56
N CYS P 29 -18.96 42.22 2.10
CA CYS P 29 -18.00 42.64 1.10
C CYS P 29 -17.54 41.40 0.33
N LYS P 30 -18.30 41.05 -0.70
CA LYS P 30 -17.95 39.92 -1.54
C LYS P 30 -17.37 40.45 -2.84
N PHE P 31 -16.31 39.79 -3.31
CA PHE P 31 -15.58 40.26 -4.47
C PHE P 31 -15.34 39.15 -5.47
N THR P 32 -15.17 39.56 -6.73
CA THR P 32 -14.92 38.65 -7.84
C THR P 32 -13.57 39.01 -8.42
N LEU P 33 -12.73 38.00 -8.64
CA LEU P 33 -11.42 38.23 -9.20
C LEU P 33 -11.45 38.03 -10.71
N SER P 34 -10.55 38.72 -11.39
CA SER P 34 -10.34 38.59 -12.82
C SER P 34 -9.04 37.79 -13.04
N PRO P 35 -8.90 37.13 -14.20
CA PRO P 35 -7.64 36.44 -14.55
C PRO P 35 -6.35 37.27 -14.39
N GLU P 36 -6.42 38.58 -14.63
CA GLU P 36 -5.24 39.47 -14.55
C GLU P 36 -4.81 39.75 -13.11
N ASP P 37 -5.71 39.51 -12.16
CA ASP P 37 -5.46 39.82 -10.74
C ASP P 37 -4.50 38.79 -10.12
N GLN P 38 -3.23 38.95 -10.46
CA GLN P 38 -2.18 38.00 -10.09
C GLN P 38 -1.40 38.43 -8.83
N GLY P 39 -1.69 39.61 -8.29
CA GLY P 39 -1.03 40.09 -7.09
C GLY P 39 -1.46 39.35 -5.83
N PRO P 40 -0.85 39.69 -4.68
CA PRO P 40 -1.27 39.10 -3.42
C PRO P 40 -2.57 39.73 -2.92
N LEU P 41 -3.45 38.92 -2.35
CA LEU P 41 -4.74 39.41 -1.84
C LEU P 41 -4.48 40.29 -0.61
N ASP P 42 -4.97 41.53 -0.69
CA ASP P 42 -4.60 42.58 0.22
C ASP P 42 -5.89 43.34 0.58
N ILE P 43 -6.53 42.91 1.67
CA ILE P 43 -7.80 43.47 2.13
C ILE P 43 -7.59 44.34 3.38
N GLU P 44 -8.36 45.43 3.47
CA GLU P 44 -8.53 46.15 4.72
C GLU P 44 -9.95 46.71 4.85
N TRP P 45 -10.39 46.89 6.09
CA TRP P 45 -11.60 47.63 6.40
C TRP P 45 -11.24 48.87 7.19
N LEU P 46 -11.99 49.94 6.95
CA LEU P 46 -11.76 51.23 7.56
C LEU P 46 -13.06 51.79 8.14
N ILE P 47 -12.94 52.53 9.24
CA ILE P 47 -14.08 53.25 9.77
C ILE P 47 -13.79 54.75 9.76
N SER P 48 -14.78 55.50 9.30
CA SER P 48 -14.86 56.93 9.52
C SER P 48 -16.04 57.14 10.46
N PRO P 49 -15.77 57.30 11.76
CA PRO P 49 -16.81 57.40 12.77
C PRO P 49 -17.50 58.77 12.81
N ALA P 50 -18.81 58.76 13.06
CA ALA P 50 -19.59 59.97 13.28
C ALA P 50 -19.14 60.73 14.54
N ASP P 51 -18.73 59.99 15.56
CA ASP P 51 -18.12 60.52 16.80
C ASP P 51 -17.13 61.67 16.60
N ASN P 52 -16.03 61.40 15.90
CA ASN P 52 -14.90 62.34 15.86
C ASN P 52 -14.43 62.69 14.46
N GLN P 53 -13.48 63.63 14.42
CA GLN P 53 -12.98 64.20 13.17
C GLN P 53 -12.25 63.17 12.32
N LYS P 54 -11.69 62.13 12.94
CA LYS P 54 -10.85 61.19 12.21
C LYS P 54 -11.63 60.36 11.20
N VAL P 55 -10.92 59.90 10.18
CA VAL P 55 -11.51 59.33 8.97
C VAL P 55 -10.58 58.22 8.48
N ASP P 56 -11.12 57.22 7.78
CA ASP P 56 -10.31 56.14 7.19
C ASP P 56 -9.34 55.50 8.18
N GLN P 57 -9.88 55.07 9.33
CA GLN P 57 -9.10 54.41 10.36
C GLN P 57 -9.26 52.90 10.23
N VAL P 58 -8.17 52.18 9.98
CA VAL P 58 -8.20 50.70 9.96
C VAL P 58 -8.86 50.11 11.17
N ILE P 59 -9.72 49.12 10.94
CA ILE P 59 -10.28 48.31 12.01
C ILE P 59 -9.81 46.84 11.92
N ILE P 60 -9.57 46.35 10.71
CA ILE P 60 -9.12 44.98 10.51
C ILE P 60 -8.45 44.81 9.14
N LEU P 61 -7.45 43.93 9.08
CA LEU P 61 -6.61 43.75 7.88
C LEU P 61 -6.46 42.28 7.52
N TYR P 62 -6.44 42.00 6.22
CA TYR P 62 -6.03 40.70 5.70
C TYR P 62 -4.91 40.81 4.66
N SER P 63 -3.73 40.28 5.01
CA SER P 63 -2.58 40.24 4.12
C SER P 63 -1.66 39.07 4.51
N GLY P 64 -1.04 38.45 3.52
CA GLY P 64 -0.19 37.28 3.74
C GLY P 64 -0.93 36.10 4.36
N ASP P 65 -2.20 35.95 3.99
CA ASP P 65 -3.10 34.94 4.53
C ASP P 65 -3.23 35.03 6.06
N LYS P 66 -3.00 36.21 6.64
CA LYS P 66 -3.11 36.42 8.08
C LYS P 66 -4.05 37.58 8.37
N ILE P 67 -4.85 37.45 9.42
CA ILE P 67 -5.70 38.52 9.91
C ILE P 67 -4.99 39.31 11.03
N TYR P 68 -5.10 40.63 10.94
CA TYR P 68 -4.59 41.55 11.95
C TYR P 68 -5.74 42.44 12.41
N ASP P 69 -6.00 42.50 13.71
CA ASP P 69 -7.19 43.19 14.21
C ASP P 69 -7.07 44.06 15.47
N ASP P 70 -5.85 44.39 15.89
CA ASP P 70 -5.68 45.18 17.13
C ASP P 70 -5.36 46.64 16.82
N TYR P 71 -6.25 47.31 16.10
CA TYR P 71 -5.96 48.66 15.55
C TYR P 71 -6.81 49.75 16.22
N TYR P 72 -8.11 49.50 16.25
CA TYR P 72 -9.12 50.48 16.64
C TYR P 72 -9.67 50.11 18.03
N PRO P 73 -9.18 50.78 19.09
CA PRO P 73 -9.46 50.44 20.50
C PRO P 73 -10.94 50.23 20.85
N ASP P 74 -11.80 51.10 20.31
CA ASP P 74 -13.24 51.03 20.59
C ASP P 74 -13.91 49.78 20.03
N LEU P 75 -13.28 49.13 19.07
CA LEU P 75 -13.81 47.89 18.47
C LEU P 75 -13.03 46.65 18.90
N LYS P 76 -12.28 46.74 19.99
CA LYS P 76 -11.45 45.63 20.43
C LYS P 76 -12.28 44.39 20.77
N GLY P 77 -11.96 43.27 20.11
CA GLY P 77 -12.66 42.00 20.32
C GLY P 77 -14.04 41.95 19.69
N ARG P 78 -14.38 42.95 18.88
CA ARG P 78 -15.74 43.05 18.32
C ARG P 78 -15.79 43.10 16.80
N VAL P 79 -14.65 42.97 16.12
CA VAL P 79 -14.61 42.87 14.66
C VAL P 79 -13.93 41.57 14.24
N HIS P 80 -14.61 40.79 13.41
CA HIS P 80 -14.04 39.56 12.86
C HIS P 80 -14.50 39.33 11.42
N PHE P 81 -13.63 38.71 10.62
CA PHE P 81 -14.02 38.20 9.31
C PHE P 81 -14.95 37.02 9.49
N THR P 82 -16.04 37.00 8.72
CA THR P 82 -17.08 36.00 8.88
C THR P 82 -16.75 34.70 8.15
N SER P 83 -16.07 34.81 7.01
CA SER P 83 -15.72 33.63 6.20
C SER P 83 -14.50 32.90 6.72
N ASN P 84 -14.52 31.57 6.57
CA ASN P 84 -13.33 30.75 6.79
C ASN P 84 -12.39 30.83 5.59
N ASP P 85 -12.96 30.79 4.38
CA ASP P 85 -12.18 30.87 3.14
C ASP P 85 -12.36 32.24 2.50
N LEU P 86 -11.63 33.21 3.06
CA LEU P 86 -11.75 34.61 2.67
C LEU P 86 -11.23 34.84 1.25
N LYS P 87 -10.16 34.13 0.88
CA LYS P 87 -9.52 34.34 -0.42
C LYS P 87 -10.33 33.88 -1.63
N SER P 88 -11.46 33.20 -1.42
CA SER P 88 -12.33 32.81 -2.52
C SER P 88 -13.48 33.80 -2.77
N GLY P 89 -13.36 35.01 -2.22
CA GLY P 89 -14.24 36.13 -2.60
C GLY P 89 -15.17 36.69 -1.54
N ASP P 90 -14.85 36.52 -0.26
CA ASP P 90 -15.73 36.99 0.82
C ASP P 90 -14.92 37.67 1.92
N ALA P 91 -14.81 38.99 1.84
CA ALA P 91 -14.13 39.80 2.84
C ALA P 91 -15.11 40.41 3.85
N SER P 92 -16.30 39.83 3.99
CA SER P 92 -17.33 40.35 4.90
C SER P 92 -16.86 40.23 6.34
N ILE P 93 -17.30 41.17 7.16
CA ILE P 93 -17.03 41.14 8.59
C ILE P 93 -18.34 41.25 9.36
N ASN P 94 -18.34 40.80 10.61
CA ASN P 94 -19.36 41.27 11.53
C ASN P 94 -18.75 42.17 12.62
N VAL P 95 -19.56 43.11 13.11
CA VAL P 95 -19.21 43.94 14.26
C VAL P 95 -20.21 43.58 15.35
N THR P 96 -19.74 42.94 16.41
CA THR P 96 -20.60 42.39 17.45
C THR P 96 -20.81 43.39 18.59
N ASN P 97 -21.87 43.17 19.37
CA ASN P 97 -22.16 43.94 20.57
C ASN P 97 -22.20 45.44 20.26
N LEU P 98 -23.03 45.80 19.28
CA LEU P 98 -23.04 47.15 18.71
C LEU P 98 -23.27 48.28 19.73
N GLN P 99 -22.45 49.33 19.61
CA GLN P 99 -22.53 50.53 20.45
C GLN P 99 -22.80 51.75 19.57
N LEU P 100 -23.26 52.83 20.18
CA LEU P 100 -23.52 54.09 19.47
C LEU P 100 -22.27 54.70 18.87
N SER P 101 -21.12 54.36 19.45
CA SER P 101 -19.83 54.83 18.94
C SER P 101 -19.42 54.11 17.65
N ASP P 102 -20.09 53.00 17.34
CA ASP P 102 -19.86 52.28 16.08
C ASP P 102 -20.51 52.95 14.86
N ILE P 103 -21.34 53.96 15.09
CA ILE P 103 -21.99 54.71 14.00
C ILE P 103 -20.91 55.39 13.17
N GLY P 104 -20.93 55.13 11.86
CA GLY P 104 -19.97 55.68 10.93
C GLY P 104 -20.05 55.02 9.56
N THR P 105 -19.16 55.43 8.65
CA THR P 105 -19.02 54.79 7.35
C THR P 105 -17.87 53.77 7.38
N TYR P 106 -18.17 52.55 6.94
CA TYR P 106 -17.20 51.47 6.91
C TYR P 106 -16.85 51.20 5.46
N GLN P 107 -15.56 51.10 5.19
CA GLN P 107 -15.10 50.91 3.83
C GLN P 107 -14.29 49.63 3.71
N CYS P 108 -14.66 48.80 2.73
CA CYS P 108 -13.95 47.57 2.41
C CYS P 108 -13.10 47.80 1.16
N LYS P 109 -11.78 47.79 1.33
CA LYS P 109 -10.86 47.91 0.19
C LYS P 109 -10.26 46.55 -0.11
N VAL P 110 -10.43 46.09 -1.36
CA VAL P 110 -9.89 44.81 -1.80
C VAL P 110 -8.86 45.07 -2.90
N LYS P 111 -7.63 44.63 -2.68
CA LYS P 111 -6.56 44.68 -3.67
C LYS P 111 -6.08 43.29 -4.03
N LYS P 112 -5.92 43.06 -5.31
CA LYS P 112 -5.20 41.90 -5.82
C LYS P 112 -4.63 42.34 -7.18
N ALA P 113 -3.40 42.82 -7.16
CA ALA P 113 -2.87 43.69 -8.22
C ALA P 113 -2.91 43.04 -9.59
N PRO P 114 -3.27 43.81 -10.65
CA PRO P 114 -3.62 45.23 -10.69
C PRO P 114 -5.04 45.59 -10.26
N GLY P 115 -5.83 44.60 -9.83
CA GLY P 115 -7.20 44.82 -9.42
C GLY P 115 -7.32 45.59 -8.12
N VAL P 116 -8.29 46.49 -8.09
CA VAL P 116 -8.67 47.24 -6.88
C VAL P 116 -10.17 47.48 -6.93
N ALA P 117 -10.83 47.34 -5.78
CA ALA P 117 -12.23 47.68 -5.66
C ALA P 117 -12.46 48.15 -4.24
N ASN P 118 -13.41 49.05 -4.05
CA ASN P 118 -13.87 49.31 -2.69
C ASN P 118 -15.37 49.51 -2.58
N LYS P 119 -15.86 49.48 -1.34
CA LYS P 119 -17.26 49.76 -1.08
C LYS P 119 -17.42 50.40 0.28
N LYS P 120 -18.45 51.22 0.41
CA LYS P 120 -18.76 51.87 1.66
C LYS P 120 -20.09 51.37 2.19
N ILE P 121 -20.15 51.19 3.51
CA ILE P 121 -21.39 50.87 4.23
C ILE P 121 -21.59 51.86 5.37
N HIS P 122 -22.74 52.53 5.36
CA HIS P 122 -23.09 53.45 6.45
C HIS P 122 -23.88 52.66 7.51
N LEU P 123 -23.23 52.44 8.65
CA LEU P 123 -23.85 51.72 9.76
C LEU P 123 -24.50 52.70 10.73
N VAL P 124 -25.68 52.31 11.22
CA VAL P 124 -26.41 53.07 12.22
C VAL P 124 -26.82 52.13 13.35
N VAL P 125 -26.56 52.55 14.57
CA VAL P 125 -26.86 51.76 15.76
C VAL P 125 -27.97 52.50 16.51
N LEU P 126 -29.05 51.77 16.81
CA LEU P 126 -30.25 52.36 17.39
C LEU P 126 -30.46 51.88 18.83
N VAL P 127 -30.81 52.80 19.72
CA VAL P 127 -31.08 52.46 21.12
C VAL P 127 -32.27 51.51 21.29
N ALA Q 16 -35.68 -51.04 14.75
CA ALA Q 16 -34.63 -50.52 13.84
C ALA Q 16 -35.22 -49.57 12.79
N PRO Q 17 -34.40 -48.64 12.27
CA PRO Q 17 -34.83 -47.74 11.22
C PRO Q 17 -34.90 -48.44 9.86
N ILE Q 18 -35.56 -47.81 8.90
CA ILE Q 18 -35.72 -48.41 7.59
C ILE Q 18 -36.09 -47.31 6.60
N THR Q 19 -35.47 -47.32 5.41
CA THR Q 19 -35.76 -46.38 4.34
C THR Q 19 -36.23 -47.11 3.08
N LEU Q 20 -37.35 -46.66 2.51
CA LEU Q 20 -37.79 -47.11 1.19
C LEU Q 20 -37.67 -45.91 0.27
N TRP Q 21 -37.22 -46.14 -0.95
CA TRP Q 21 -37.00 -45.04 -1.87
C TRP Q 21 -36.89 -45.47 -3.33
N THR Q 22 -36.84 -44.46 -4.19
CA THR Q 22 -36.75 -44.60 -5.63
C THR Q 22 -35.29 -44.79 -6.08
N GLY Q 23 -34.36 -44.58 -5.16
CA GLY Q 23 -32.95 -44.46 -5.50
C GLY Q 23 -32.65 -43.05 -5.97
N PRO Q 24 -31.38 -42.73 -6.16
CA PRO Q 24 -31.01 -41.45 -6.74
C PRO Q 24 -31.17 -41.51 -8.27
N GLY Q 25 -31.19 -40.36 -8.92
CA GLY Q 25 -31.52 -40.32 -10.34
C GLY Q 25 -32.77 -41.15 -10.60
N PRO Q 26 -33.91 -40.73 -10.01
CA PRO Q 26 -35.15 -41.48 -10.23
C PRO Q 26 -35.57 -41.49 -11.69
N SER Q 27 -36.25 -42.55 -12.09
CA SER Q 27 -36.80 -42.65 -13.42
C SER Q 27 -38.08 -41.86 -13.49
N ILE Q 28 -38.63 -41.75 -14.70
CA ILE Q 28 -39.91 -41.10 -14.89
C ILE Q 28 -40.95 -42.10 -14.40
N ASN Q 29 -41.49 -41.81 -13.23
CA ASN Q 29 -42.30 -42.77 -12.47
C ASN Q 29 -43.63 -42.21 -11.99
N GLY Q 30 -43.93 -40.95 -12.34
CA GLY Q 30 -45.19 -40.31 -12.00
C GLY Q 30 -46.10 -40.24 -13.22
N PHE Q 31 -47.14 -41.08 -13.22
CA PHE Q 31 -48.12 -41.16 -14.31
C PHE Q 31 -49.20 -40.09 -14.20
N ILE Q 32 -49.50 -39.42 -15.32
CA ILE Q 32 -50.71 -38.58 -15.42
C ILE Q 32 -51.43 -38.95 -16.72
N ASN Q 33 -52.72 -39.27 -16.60
CA ASN Q 33 -53.51 -39.77 -17.73
C ASN Q 33 -52.79 -40.88 -18.49
N ASP Q 34 -52.33 -41.89 -17.74
CA ASP Q 34 -51.68 -43.10 -18.28
C ASP Q 34 -50.33 -42.88 -18.97
N THR Q 35 -49.72 -41.71 -18.75
CA THR Q 35 -48.35 -41.46 -19.23
C THR Q 35 -47.44 -41.00 -18.10
N PRO Q 36 -46.26 -41.65 -17.94
CA PRO Q 36 -45.30 -41.19 -16.96
C PRO Q 36 -44.63 -39.90 -17.43
N VAL Q 37 -44.92 -38.80 -16.73
CA VAL Q 37 -44.44 -37.49 -17.12
C VAL Q 37 -43.68 -36.75 -16.01
N ILE Q 38 -43.83 -37.22 -14.77
CA ILE Q 38 -43.17 -36.64 -13.62
C ILE Q 38 -42.11 -37.61 -13.13
N ARG Q 39 -40.91 -37.08 -12.95
CA ARG Q 39 -39.80 -37.85 -12.45
C ARG Q 39 -39.75 -37.52 -10.97
N CYS Q 40 -40.10 -38.50 -10.13
CA CYS Q 40 -40.25 -38.28 -8.68
C CYS Q 40 -39.12 -38.95 -7.89
N PHE Q 41 -38.41 -38.16 -7.10
CA PHE Q 41 -37.50 -38.70 -6.09
C PHE Q 41 -38.30 -38.80 -4.80
N ILE Q 42 -38.44 -40.00 -4.26
CA ILE Q 42 -39.22 -40.20 -3.07
C ILE Q 42 -38.41 -41.05 -2.11
N CYS Q 43 -38.31 -40.56 -0.89
CA CYS Q 43 -37.63 -41.27 0.16
C CYS Q 43 -38.52 -41.30 1.41
N LEU Q 44 -38.85 -42.50 1.87
CA LEU Q 44 -39.58 -42.68 3.12
C LEU Q 44 -38.64 -43.29 4.14
N THR Q 45 -38.23 -42.47 5.10
CA THR Q 45 -37.31 -42.88 6.14
C THR Q 45 -37.96 -42.95 7.51
N ARG Q 46 -38.03 -44.16 8.03
CA ARG Q 46 -38.52 -44.45 9.35
C ARG Q 46 -37.36 -44.50 10.35
N ASP Q 47 -37.44 -43.66 11.38
CA ASP Q 47 -36.51 -43.75 12.49
C ASP Q 47 -37.25 -44.41 13.63
N SER Q 48 -37.18 -43.89 14.86
CA SER Q 48 -37.77 -44.60 15.99
C SER Q 48 -39.29 -44.70 15.88
N ASN Q 49 -39.94 -43.58 15.54
CA ASN Q 49 -41.39 -43.47 15.58
C ASN Q 49 -42.00 -42.79 14.35
N LEU Q 50 -41.33 -41.73 13.89
CA LEU Q 50 -41.85 -40.94 12.81
C LEU Q 50 -41.26 -41.40 11.49
N VAL Q 51 -42.05 -41.23 10.44
CA VAL Q 51 -41.57 -41.40 9.07
C VAL Q 51 -41.40 -40.01 8.44
N THR Q 52 -40.21 -39.75 7.92
CA THR Q 52 -39.98 -38.52 7.16
C THR Q 52 -40.15 -38.86 5.69
N VAL Q 53 -40.98 -38.06 5.02
CA VAL Q 53 -41.17 -38.11 3.58
C VAL Q 53 -40.30 -36.99 3.04
N ASN Q 54 -39.27 -37.35 2.28
CA ASN Q 54 -38.38 -36.41 1.63
C ASN Q 54 -38.53 -36.69 0.12
N ALA Q 55 -38.96 -35.67 -0.62
CA ALA Q 55 -39.28 -35.84 -2.03
C ALA Q 55 -39.01 -34.59 -2.86
N SER Q 56 -38.71 -34.81 -4.14
CA SER Q 56 -38.60 -33.74 -5.12
C SER Q 56 -39.04 -34.28 -6.46
N PHE Q 57 -39.51 -33.39 -7.31
CA PHE Q 57 -40.22 -33.76 -8.55
C PHE Q 57 -39.68 -32.94 -9.72
N VAL Q 58 -39.53 -33.59 -10.86
CA VAL Q 58 -39.13 -32.92 -12.10
C VAL Q 58 -40.10 -33.34 -13.20
N GLY Q 59 -40.85 -32.38 -13.74
CA GLY Q 59 -41.71 -32.67 -14.87
C GLY Q 59 -40.93 -32.87 -16.15
N GLU Q 60 -41.45 -33.77 -17.02
CA GLU Q 60 -40.80 -34.14 -18.26
C GLU Q 60 -41.79 -34.06 -19.42
N GLY Q 61 -41.25 -33.92 -20.64
CA GLY Q 61 -42.07 -33.80 -21.85
C GLY Q 61 -43.00 -32.60 -21.80
N GLY Q 62 -44.30 -32.86 -21.83
CA GLY Q 62 -45.32 -31.80 -21.75
C GLY Q 62 -45.49 -31.16 -20.38
N TYR Q 63 -44.92 -31.80 -19.35
CA TYR Q 63 -44.97 -31.28 -17.99
C TYR Q 63 -43.64 -30.68 -17.56
N ARG Q 64 -42.73 -30.51 -18.52
CA ARG Q 64 -41.41 -29.94 -18.25
C ARG Q 64 -41.52 -28.49 -17.83
N ILE Q 65 -42.45 -27.77 -18.45
CA ILE Q 65 -42.78 -26.40 -18.06
C ILE Q 65 -44.26 -26.35 -17.75
N VAL Q 66 -44.62 -25.64 -16.68
CA VAL Q 66 -46.00 -25.52 -16.25
C VAL Q 66 -46.42 -24.06 -16.28
N SER Q 67 -47.69 -23.82 -16.63
CA SER Q 67 -48.24 -22.47 -16.73
C SER Q 67 -49.23 -22.22 -15.57
N PRO Q 68 -49.57 -20.95 -15.30
CA PRO Q 68 -50.58 -20.63 -14.28
C PRO Q 68 -51.94 -21.31 -14.48
N THR Q 69 -52.24 -21.70 -15.71
CA THR Q 69 -53.51 -22.34 -16.06
C THR Q 69 -53.43 -23.88 -15.96
N GLN Q 70 -52.27 -24.39 -15.54
CA GLN Q 70 -52.12 -25.83 -15.29
C GLN Q 70 -53.16 -26.30 -14.29
N SER Q 71 -53.79 -27.45 -14.57
CA SER Q 71 -54.74 -28.05 -13.65
C SER Q 71 -54.02 -28.91 -12.61
N GLN Q 72 -54.67 -29.02 -11.47
CA GLN Q 72 -54.16 -29.71 -10.31
C GLN Q 72 -54.25 -31.20 -10.56
N PHE Q 73 -53.29 -31.94 -10.01
CA PHE Q 73 -53.25 -33.38 -10.19
C PHE Q 73 -52.63 -34.04 -8.98
N SER Q 74 -52.97 -35.31 -8.78
CA SER Q 74 -52.42 -36.10 -7.70
C SER Q 74 -51.52 -37.21 -8.24
N LEU Q 75 -50.45 -37.48 -7.50
CA LEU Q 75 -49.65 -38.67 -7.74
C LEU Q 75 -49.78 -39.53 -6.49
N ILE Q 76 -50.55 -40.61 -6.60
CA ILE Q 76 -50.91 -41.46 -5.46
C ILE Q 76 -50.06 -42.73 -5.43
N MET Q 77 -49.43 -42.99 -4.29
CA MET Q 77 -48.78 -44.26 -4.02
C MET Q 77 -49.71 -45.12 -3.19
N GLU Q 78 -49.92 -46.36 -3.63
CA GLU Q 78 -50.79 -47.32 -2.95
C GLU Q 78 -49.94 -48.47 -2.43
N PHE Q 79 -50.10 -48.76 -1.14
CA PHE Q 79 -49.32 -49.80 -0.47
C PHE Q 79 -50.23 -50.84 0.11
N ASP Q 80 -49.81 -52.10 0.09
CA ASP Q 80 -50.56 -53.12 0.81
C ASP Q 80 -50.29 -53.01 2.31
N GLN Q 81 -50.92 -53.90 3.07
CA GLN Q 81 -50.87 -53.87 4.52
C GLN Q 81 -49.47 -54.18 5.09
N PHE Q 82 -48.58 -54.68 4.24
CA PHE Q 82 -47.22 -55.04 4.64
C PHE Q 82 -46.17 -54.06 4.12
N GLY Q 83 -46.65 -52.93 3.59
CA GLY Q 83 -45.81 -51.84 3.18
C GLY Q 83 -45.18 -51.98 1.81
N GLN Q 84 -45.76 -52.82 0.95
CA GLN Q 84 -45.25 -53.00 -0.42
C GLN Q 84 -46.06 -52.18 -1.43
N LEU Q 85 -45.34 -51.42 -2.25
CA LEU Q 85 -45.94 -50.61 -3.29
C LEU Q 85 -46.76 -51.48 -4.26
N MET Q 86 -48.00 -51.08 -4.50
CA MET Q 86 -48.87 -51.81 -5.42
C MET Q 86 -48.75 -51.21 -6.82
N SER Q 87 -49.32 -51.92 -7.80
CA SER Q 87 -49.25 -51.53 -9.22
C SER Q 87 -50.30 -50.49 -9.64
N THR Q 88 -51.26 -50.24 -8.76
CA THR Q 88 -52.50 -49.56 -9.14
C THR Q 88 -52.44 -48.01 -9.08
N GLY Q 89 -51.44 -47.47 -8.40
CA GLY Q 89 -51.33 -46.01 -8.21
C GLY Q 89 -50.62 -45.28 -9.34
N ASN Q 90 -50.54 -43.97 -9.21
CA ASN Q 90 -49.80 -43.12 -10.18
C ASN Q 90 -48.31 -43.34 -10.08
N ILE Q 91 -47.85 -43.60 -8.86
CA ILE Q 91 -46.49 -44.04 -8.61
C ILE Q 91 -46.67 -45.46 -8.11
N ASN Q 92 -46.01 -46.41 -8.77
CA ASN Q 92 -46.38 -47.83 -8.59
C ASN Q 92 -45.20 -48.80 -8.78
N SER Q 93 -45.50 -50.09 -8.64
CA SER Q 93 -44.47 -51.12 -8.59
C SER Q 93 -43.87 -51.51 -9.95
N THR Q 94 -44.30 -50.82 -11.01
CA THR Q 94 -43.64 -50.99 -12.33
C THR Q 94 -42.31 -50.23 -12.40
N THR Q 95 -42.07 -49.29 -11.48
CA THR Q 95 -40.78 -48.58 -11.45
C THR Q 95 -39.91 -48.99 -10.26
N THR Q 96 -38.65 -48.57 -10.34
CA THR Q 96 -37.64 -48.83 -9.32
C THR Q 96 -38.02 -48.24 -7.96
N TRP Q 97 -38.25 -49.13 -7.01
CA TRP Q 97 -38.66 -48.79 -5.67
C TRP Q 97 -38.26 -49.92 -4.74
N GLY Q 98 -37.70 -49.58 -3.58
CA GLY Q 98 -37.39 -50.58 -2.58
C GLY Q 98 -36.53 -50.01 -1.48
N GLU Q 99 -35.83 -50.90 -0.79
CA GLU Q 99 -35.15 -50.52 0.42
C GLU Q 99 -33.76 -49.94 0.14
N LYS Q 100 -33.43 -48.87 0.88
CA LYS Q 100 -32.09 -48.31 0.86
C LYS Q 100 -31.30 -48.89 2.02
N PRO Q 101 -30.26 -49.70 1.71
CA PRO Q 101 -29.40 -50.18 2.78
C PRO Q 101 -28.57 -49.04 3.36
N TRP Q 102 -28.32 -49.09 4.67
CA TRP Q 102 -27.41 -48.16 5.28
C TRP Q 102 -26.04 -48.43 4.67
N GLY Q 103 -25.44 -47.42 4.05
CA GLY Q 103 -24.08 -47.50 3.55
C GLY Q 103 -23.93 -47.48 2.03
N ASN Q 104 -25.04 -47.54 1.29
CA ASN Q 104 -24.98 -47.41 -0.15
C ASN Q 104 -26.27 -46.88 -0.76
N ASN Q 105 -26.21 -46.61 -2.05
CA ASN Q 105 -27.29 -45.95 -2.76
C ASN Q 105 -28.12 -46.91 -3.60
N THR Q 106 -28.05 -48.20 -3.30
CA THR Q 106 -28.84 -49.18 -4.04
C THR Q 106 -30.31 -49.15 -3.63
N VAL Q 107 -31.14 -49.73 -4.48
CA VAL Q 107 -32.55 -49.93 -4.25
C VAL Q 107 -32.77 -51.45 -4.20
N GLN Q 108 -33.10 -51.97 -3.02
CA GLN Q 108 -33.30 -53.42 -2.85
C GLN Q 108 -34.80 -53.76 -2.91
N PRO Q 109 -35.23 -54.50 -3.96
CA PRO Q 109 -36.64 -54.82 -4.19
C PRO Q 109 -37.23 -55.99 -3.36
N ARG Q 110 -36.38 -56.74 -2.66
CA ARG Q 110 -36.79 -57.88 -1.86
C ARG Q 110 -37.52 -57.44 -0.57
N PRO Q 111 -38.83 -57.75 -0.44
CA PRO Q 111 -39.59 -57.25 0.70
C PRO Q 111 -39.09 -57.78 2.03
N SER Q 112 -39.18 -56.92 3.04
CA SER Q 112 -38.93 -57.31 4.43
C SER Q 112 -40.17 -56.98 5.25
N HIS Q 113 -40.29 -57.64 6.40
CA HIS Q 113 -41.34 -57.30 7.36
C HIS Q 113 -41.25 -55.84 7.80
N THR Q 114 -40.03 -55.31 7.82
CA THR Q 114 -39.78 -53.94 8.24
C THR Q 114 -40.41 -52.83 7.36
N TRP Q 115 -40.81 -53.18 6.14
CA TRP Q 115 -41.33 -52.20 5.18
C TRP Q 115 -42.63 -51.53 5.69
N LYS Q 116 -43.38 -52.26 6.52
CA LYS Q 116 -44.59 -51.71 7.13
C LYS Q 116 -44.28 -50.53 8.06
N LEU Q 117 -43.09 -50.54 8.66
CA LEU Q 117 -42.65 -49.45 9.53
C LEU Q 117 -42.61 -48.09 8.85
N CYS Q 118 -42.54 -48.08 7.51
CA CYS Q 118 -42.57 -46.84 6.74
C CYS Q 118 -43.98 -46.35 6.44
N MET Q 119 -44.97 -47.15 6.80
CA MET Q 119 -46.36 -46.84 6.48
C MET Q 119 -47.01 -45.94 7.52
N PRO Q 120 -47.95 -45.08 7.09
CA PRO Q 120 -48.66 -44.21 8.03
C PRO Q 120 -49.61 -44.98 8.96
N ASN Q 121 -49.28 -44.93 10.26
CA ASN Q 121 -50.02 -45.62 11.33
C ASN Q 121 -51.52 -45.62 11.09
N ARG Q 122 -52.11 -46.80 10.91
CA ARG Q 122 -53.53 -46.90 10.54
C ARG Q 122 -54.49 -46.50 11.65
N GLU Q 123 -54.03 -46.48 12.90
CA GLU Q 123 -54.84 -45.99 14.02
C GLU Q 123 -54.77 -44.47 14.13
N VAL Q 124 -53.57 -43.92 14.02
CA VAL Q 124 -53.40 -42.48 14.05
C VAL Q 124 -54.08 -41.86 12.83
N TYR Q 125 -53.98 -42.55 11.69
CA TYR Q 125 -54.52 -42.03 10.42
C TYR Q 125 -55.66 -42.91 9.92
N SER Q 126 -56.67 -43.04 10.77
CA SER Q 126 -57.83 -43.89 10.50
C SER Q 126 -58.90 -43.16 9.70
N THR Q 127 -58.81 -41.82 9.68
CA THR Q 127 -59.40 -40.99 8.63
C THR Q 127 -58.25 -40.22 7.94
N PRO Q 128 -58.47 -39.75 6.71
CA PRO Q 128 -57.37 -39.09 6.01
C PRO Q 128 -56.80 -37.84 6.70
N ALA Q 129 -55.48 -37.67 6.57
CA ALA Q 129 -54.77 -36.50 7.12
C ALA Q 129 -54.06 -35.77 5.97
N ALA Q 130 -53.82 -34.48 6.13
CA ALA Q 130 -53.17 -33.73 5.07
C ALA Q 130 -52.12 -32.79 5.61
N THR Q 131 -51.11 -32.51 4.79
CA THR Q 131 -50.21 -31.39 5.00
C THR Q 131 -50.01 -30.66 3.67
N ILE Q 132 -50.53 -29.45 3.56
CA ILE Q 132 -50.26 -28.61 2.43
C ILE Q 132 -49.12 -27.67 2.76
N SER Q 133 -48.10 -27.70 1.92
CA SER Q 133 -46.96 -26.84 2.09
C SER Q 133 -46.57 -26.15 0.77
N ARG Q 134 -45.75 -25.12 0.93
CA ARG Q 134 -45.17 -24.42 -0.19
C ARG Q 134 -44.38 -25.38 -1.03
N CYS Q 135 -44.38 -25.14 -2.34
CA CYS Q 135 -43.60 -25.92 -3.26
C CYS Q 135 -42.99 -24.99 -4.28
N GLY Q 136 -41.76 -24.55 -4.00
CA GLY Q 136 -41.02 -23.71 -4.91
C GLY Q 136 -40.64 -24.44 -6.18
N LEU Q 137 -40.74 -23.72 -7.30
CA LEU Q 137 -40.33 -24.23 -8.60
C LEU Q 137 -39.10 -23.48 -9.10
N ASP Q 138 -38.09 -24.24 -9.54
CA ASP Q 138 -36.91 -23.68 -10.22
C ASP Q 138 -36.30 -22.56 -9.37
N SER Q 139 -36.22 -22.83 -8.07
CA SER Q 139 -35.99 -21.79 -7.05
C SER Q 139 -34.61 -21.17 -7.09
N ILE Q 140 -33.61 -21.95 -7.51
CA ILE Q 140 -32.26 -21.45 -7.61
C ILE Q 140 -32.17 -20.46 -8.78
N ALA Q 141 -32.77 -20.84 -9.91
CA ALA Q 141 -32.72 -20.08 -11.17
C ALA Q 141 -33.60 -18.83 -11.15
N VAL Q 142 -34.71 -18.85 -10.41
CA VAL Q 142 -35.55 -17.66 -10.26
C VAL Q 142 -35.24 -16.92 -8.96
N ASP Q 143 -34.20 -17.37 -8.28
CA ASP Q 143 -33.78 -16.82 -6.98
C ASP Q 143 -34.91 -16.63 -5.96
N GLY Q 144 -35.73 -17.67 -5.81
CA GLY Q 144 -36.76 -17.70 -4.77
C GLY Q 144 -37.85 -16.65 -4.91
N ALA Q 145 -38.12 -16.25 -6.16
CA ALA Q 145 -39.13 -15.24 -6.45
C ALA Q 145 -40.48 -15.72 -5.90
N PRO Q 146 -41.17 -14.87 -5.11
CA PRO Q 146 -42.41 -15.28 -4.48
C PRO Q 146 -43.46 -15.93 -5.40
N SER Q 147 -43.59 -15.44 -6.64
CA SER Q 147 -44.60 -15.93 -7.57
C SER Q 147 -44.12 -17.10 -8.42
N ARG Q 148 -43.12 -17.84 -7.93
CA ARG Q 148 -42.63 -19.05 -8.59
C ARG Q 148 -42.83 -20.28 -7.73
N SER Q 149 -43.77 -20.21 -6.79
CA SER Q 149 -44.11 -21.34 -5.92
C SER Q 149 -45.53 -21.80 -6.21
N ILE Q 150 -45.74 -23.11 -6.12
CA ILE Q 150 -47.08 -23.66 -6.05
C ILE Q 150 -47.23 -24.28 -4.66
N ASP Q 151 -48.30 -25.03 -4.46
CA ASP Q 151 -48.45 -25.85 -3.26
C ASP Q 151 -48.36 -27.33 -3.61
N CYS Q 152 -47.83 -28.10 -2.68
CA CYS Q 152 -47.90 -29.54 -2.78
C CYS Q 152 -48.49 -30.05 -1.46
N MET Q 153 -49.64 -30.70 -1.56
CA MET Q 153 -50.28 -31.29 -0.42
C MET Q 153 -50.05 -32.79 -0.39
N LEU Q 154 -49.53 -33.27 0.74
CA LEU Q 154 -49.45 -34.69 1.02
C LEU Q 154 -50.76 -35.08 1.67
N ILE Q 155 -51.46 -36.06 1.08
CA ILE Q 155 -52.63 -36.63 1.73
C ILE Q 155 -52.25 -38.03 2.22
N ILE Q 156 -52.52 -38.29 3.50
CA ILE Q 156 -52.19 -39.56 4.14
C ILE Q 156 -53.43 -40.45 4.29
N ASN Q 157 -53.40 -41.60 3.62
CA ASN Q 157 -54.43 -42.65 3.79
C ASN Q 157 -55.82 -42.27 3.31
N LYS Q 158 -55.90 -41.43 2.28
CA LYS Q 158 -57.16 -41.27 1.56
C LYS Q 158 -57.43 -42.61 0.86
N PRO Q 159 -58.61 -43.22 1.10
CA PRO Q 159 -58.82 -44.60 0.62
C PRO Q 159 -58.80 -44.77 -0.91
N LYS Q 160 -58.21 -45.86 -1.37
CA LYS Q 160 -58.13 -46.19 -2.81
C LYS Q 160 -58.19 -47.71 -2.99
N GLY Q 161 -59.27 -48.19 -3.60
CA GLY Q 161 -59.40 -49.61 -3.91
C GLY Q 161 -59.19 -50.44 -2.66
N VAL Q 162 -58.31 -51.44 -2.74
CA VAL Q 162 -57.99 -52.31 -1.60
C VAL Q 162 -56.63 -52.00 -0.97
N ALA Q 163 -56.08 -50.82 -1.27
CA ALA Q 163 -54.86 -50.37 -0.64
C ALA Q 163 -55.12 -50.19 0.85
N THR Q 164 -54.13 -50.56 1.67
CA THR Q 164 -54.23 -50.35 3.10
C THR Q 164 -53.71 -48.97 3.48
N TYR Q 165 -52.64 -48.54 2.81
CA TYR Q 165 -52.05 -47.23 3.05
C TYR Q 165 -51.94 -46.50 1.73
N THR Q 166 -52.18 -45.20 1.76
CA THR Q 166 -51.92 -44.35 0.60
C THR Q 166 -51.13 -43.10 0.97
N LEU Q 167 -50.26 -42.69 0.05
CA LEU Q 167 -49.63 -41.38 0.09
C LEU Q 167 -49.86 -40.66 -1.23
N THR Q 168 -50.45 -39.48 -1.16
CA THR Q 168 -50.79 -38.73 -2.35
C THR Q 168 -50.00 -37.44 -2.32
N PHE Q 169 -49.26 -37.18 -3.39
CA PHE Q 169 -48.70 -35.86 -3.66
C PHE Q 169 -49.65 -35.13 -4.61
N ARG Q 170 -50.30 -34.09 -4.10
CA ARG Q 170 -51.25 -33.33 -4.89
C ARG Q 170 -50.73 -31.93 -5.11
N PHE Q 171 -50.47 -31.59 -6.37
CA PHE Q 171 -49.91 -30.29 -6.71
C PHE Q 171 -51.06 -29.37 -7.05
N LEU Q 172 -51.06 -28.21 -6.40
CA LEU Q 172 -52.21 -27.32 -6.38
C LEU Q 172 -51.75 -25.88 -6.53
N ASN Q 173 -52.69 -25.02 -6.91
CA ASN Q 173 -52.51 -23.57 -6.90
C ASN Q 173 -51.41 -23.10 -7.85
N PHE Q 174 -51.42 -23.65 -9.05
CA PHE Q 174 -50.54 -23.19 -10.14
C PHE Q 174 -50.82 -21.76 -10.55
N ASN Q 175 -52.04 -21.31 -10.32
CA ASN Q 175 -52.45 -19.95 -10.69
C ASN Q 175 -51.79 -18.83 -9.86
N ARG Q 176 -50.99 -19.23 -8.87
CA ARG Q 176 -50.06 -18.34 -8.18
C ARG Q 176 -48.81 -18.06 -9.03
N LEU Q 177 -48.53 -18.90 -10.02
CA LEU Q 177 -47.36 -18.70 -10.89
C LEU Q 177 -47.53 -17.44 -11.74
N SER Q 178 -46.50 -16.61 -11.77
CA SER Q 178 -46.55 -15.35 -12.53
C SER Q 178 -46.48 -15.62 -14.04
N GLY Q 179 -45.97 -16.78 -14.41
CA GLY Q 179 -45.92 -17.21 -15.80
C GLY Q 179 -45.39 -18.63 -15.91
N GLY Q 180 -45.01 -19.01 -17.13
CA GLY Q 180 -44.40 -20.31 -17.39
C GLY Q 180 -43.16 -20.56 -16.55
N THR Q 181 -43.19 -21.66 -15.79
CA THR Q 181 -42.13 -22.00 -14.85
C THR Q 181 -41.70 -23.44 -15.07
N LEU Q 182 -40.39 -23.69 -14.97
CA LEU Q 182 -39.86 -25.03 -15.10
C LEU Q 182 -40.34 -25.84 -13.89
N PHE Q 183 -40.99 -26.98 -14.14
CA PHE Q 183 -41.57 -27.80 -13.07
C PHE Q 183 -40.48 -28.63 -12.39
N LYS Q 184 -39.58 -27.91 -11.73
CA LYS Q 184 -38.45 -28.47 -11.04
C LYS Q 184 -38.62 -28.08 -9.57
N THR Q 185 -39.20 -28.97 -8.78
CA THR Q 185 -39.59 -28.62 -7.43
C THR Q 185 -38.43 -28.55 -6.45
N ASP Q 186 -38.65 -27.77 -5.41
CA ASP Q 186 -37.84 -27.82 -4.21
C ASP Q 186 -37.85 -29.21 -3.62
N VAL Q 187 -36.89 -29.47 -2.74
CA VAL Q 187 -36.93 -30.65 -1.88
C VAL Q 187 -37.99 -30.40 -0.81
N LEU Q 188 -38.95 -31.32 -0.74
CA LEU Q 188 -40.11 -31.20 0.13
C LEU Q 188 -39.99 -32.20 1.24
N THR Q 189 -40.36 -31.79 2.45
CA THR Q 189 -40.33 -32.69 3.59
C THR Q 189 -41.70 -32.73 4.28
N PHE Q 190 -42.16 -33.93 4.56
CA PHE Q 190 -43.36 -34.14 5.35
C PHE Q 190 -43.05 -35.15 6.43
N THR Q 191 -43.94 -35.27 7.40
CA THR Q 191 -43.74 -36.15 8.55
C THR Q 191 -45.08 -36.76 9.00
N TYR Q 192 -45.06 -38.03 9.36
CA TYR Q 192 -46.19 -38.72 9.96
C TYR Q 192 -45.74 -39.84 10.87
N VAL Q 193 -46.64 -40.26 11.76
CA VAL Q 193 -46.39 -41.36 12.68
C VAL Q 193 -46.37 -42.69 11.92
N GLY Q 194 -45.30 -43.45 12.12
CA GLY Q 194 -45.13 -44.74 11.45
C GLY Q 194 -45.96 -45.83 12.11
N GLU Q 195 -46.27 -46.84 11.29
CA GLU Q 195 -46.99 -48.00 11.68
C GLU Q 195 -46.16 -48.87 12.65
N ASN Q 196 -46.86 -49.63 13.48
CA ASN Q 196 -46.21 -50.57 14.40
C ASN Q 196 -45.94 -51.91 13.73
N GLN Q 197 -44.84 -52.56 14.09
CA GLN Q 197 -44.48 -53.85 13.48
C GLN Q 197 -45.60 -54.86 13.69
N ALA R 16 -30.88 -43.54 23.95
CA ALA R 16 -32.04 -44.19 23.28
C ALA R 16 -33.07 -43.14 22.81
N PRO R 17 -33.88 -43.51 21.79
CA PRO R 17 -35.02 -42.68 21.43
C PRO R 17 -36.15 -42.76 22.45
N ILE R 18 -37.02 -41.76 22.44
CA ILE R 18 -38.19 -41.75 23.29
C ILE R 18 -39.24 -40.85 22.66
N THR R 19 -40.48 -41.36 22.62
CA THR R 19 -41.66 -40.62 22.16
C THR R 19 -42.65 -40.43 23.32
N LEU R 20 -43.09 -39.19 23.50
CA LEU R 20 -44.18 -38.84 24.38
C LEU R 20 -45.34 -38.38 23.52
N TRP R 21 -46.53 -38.88 23.83
CA TRP R 21 -47.67 -38.48 23.03
C TRP R 21 -49.01 -38.62 23.74
N THR R 22 -50.06 -38.19 23.05
CA THR R 22 -51.45 -38.21 23.48
C THR R 22 -52.14 -39.54 23.18
N GLY R 23 -51.49 -40.39 22.39
CA GLY R 23 -52.11 -41.58 21.85
C GLY R 23 -52.86 -41.27 20.58
N PRO R 24 -53.28 -42.29 19.85
CA PRO R 24 -54.13 -42.00 18.71
C PRO R 24 -55.53 -41.74 19.27
N GLY R 25 -56.38 -41.10 18.49
CA GLY R 25 -57.73 -40.79 18.95
C GLY R 25 -57.67 -39.95 20.21
N PRO R 26 -56.96 -38.82 20.16
CA PRO R 26 -56.76 -38.00 21.35
C PRO R 26 -58.09 -37.45 21.88
N SER R 27 -58.13 -37.25 23.19
CA SER R 27 -59.25 -36.63 23.85
C SER R 27 -59.34 -35.15 23.52
N ILE R 28 -60.46 -34.53 23.90
CA ILE R 28 -60.53 -33.07 23.90
C ILE R 28 -59.65 -32.61 25.09
N ASN R 29 -58.49 -32.07 24.77
CA ASN R 29 -57.42 -31.85 25.75
C ASN R 29 -56.80 -30.44 25.69
N GLY R 30 -57.36 -29.58 24.86
CA GLY R 30 -56.90 -28.22 24.72
C GLY R 30 -57.95 -27.30 25.29
N PHE R 31 -57.61 -26.68 26.42
CA PHE R 31 -58.48 -25.74 27.13
C PHE R 31 -58.32 -24.33 26.57
N ILE R 32 -59.46 -23.72 26.24
CA ILE R 32 -59.56 -22.28 26.02
C ILE R 32 -60.61 -21.78 27.01
N ASN R 33 -60.22 -20.79 27.82
CA ASN R 33 -61.09 -20.23 28.86
C ASN R 33 -61.74 -21.28 29.77
N ASP R 34 -60.91 -22.22 30.23
CA ASP R 34 -61.29 -23.23 31.23
C ASP R 34 -62.25 -24.33 30.74
N THR R 35 -62.44 -24.43 29.42
CA THR R 35 -63.26 -25.48 28.81
C THR R 35 -62.44 -26.24 27.76
N PRO R 36 -62.43 -27.58 27.81
CA PRO R 36 -61.67 -28.29 26.81
C PRO R 36 -62.42 -28.23 25.49
N VAL R 37 -61.83 -27.57 24.50
CA VAL R 37 -62.52 -27.37 23.22
C VAL R 37 -61.74 -27.85 21.97
N ILE R 38 -60.47 -28.15 22.14
CA ILE R 38 -59.63 -28.56 21.02
C ILE R 38 -59.13 -29.97 21.27
N ARG R 39 -59.31 -30.80 20.26
CA ARG R 39 -58.83 -32.15 20.28
C ARG R 39 -57.42 -32.13 19.65
N CYS R 40 -56.39 -32.28 20.49
CA CYS R 40 -55.00 -32.12 20.07
C CYS R 40 -54.30 -33.46 20.02
N PHE R 41 -53.90 -33.91 18.82
CA PHE R 41 -52.97 -35.01 18.72
C PHE R 41 -51.59 -34.37 18.77
N ILE R 42 -50.79 -34.77 19.74
CA ILE R 42 -49.46 -34.22 19.88
C ILE R 42 -48.49 -35.36 20.14
N CYS R 43 -47.40 -35.33 19.38
CA CYS R 43 -46.36 -36.35 19.45
C CYS R 43 -45.02 -35.64 19.50
N LEU R 44 -44.31 -35.84 20.61
CA LEU R 44 -42.94 -35.38 20.78
C LEU R 44 -42.00 -36.58 20.67
N THR R 45 -41.33 -36.69 19.53
CA THR R 45 -40.42 -37.79 19.29
C THR R 45 -38.96 -37.31 19.29
N ARG R 46 -38.21 -37.85 20.23
CA ARG R 46 -36.80 -37.60 20.38
C ARG R 46 -36.06 -38.76 19.74
N ASP R 47 -35.26 -38.46 18.73
CA ASP R 47 -34.34 -39.44 18.18
C ASP R 47 -32.95 -39.13 18.74
N SER R 48 -31.89 -39.11 17.95
CA SER R 48 -30.55 -38.99 18.54
C SER R 48 -30.37 -37.65 19.28
N ASN R 49 -30.79 -36.55 18.65
CA ASN R 49 -30.49 -35.22 19.14
C ASN R 49 -31.68 -34.27 19.11
N LEU R 50 -32.43 -34.30 18.01
CA LEU R 50 -33.56 -33.39 17.82
C LEU R 50 -34.86 -34.04 18.28
N VAL R 51 -35.80 -33.19 18.67
CA VAL R 51 -37.15 -33.60 18.98
C VAL R 51 -37.99 -33.07 17.83
N THR R 52 -38.80 -33.95 17.26
CA THR R 52 -39.77 -33.59 16.25
C THR R 52 -41.11 -33.53 16.93
N VAL R 53 -41.76 -32.38 16.75
CA VAL R 53 -43.12 -32.19 17.19
C VAL R 53 -43.99 -32.50 16.00
N ASN R 54 -44.87 -33.48 16.15
CA ASN R 54 -45.81 -33.82 15.12
C ASN R 54 -47.20 -33.68 15.72
N ALA R 55 -48.00 -32.77 15.20
CA ALA R 55 -49.27 -32.44 15.87
C ALA R 55 -50.37 -32.11 14.90
N SER R 56 -51.60 -32.37 15.31
CA SER R 56 -52.76 -31.93 14.56
C SER R 56 -53.91 -31.62 15.52
N PHE R 57 -54.79 -30.74 15.08
CA PHE R 57 -55.82 -30.18 15.92
C PHE R 57 -57.20 -30.17 15.24
N VAL R 58 -58.23 -30.52 16.02
CA VAL R 58 -59.62 -30.46 15.59
C VAL R 58 -60.42 -29.71 16.65
N GLY R 59 -61.04 -28.60 16.24
CA GLY R 59 -61.92 -27.86 17.12
C GLY R 59 -63.22 -28.61 17.31
N GLU R 60 -63.73 -28.57 18.54
CA GLU R 60 -64.99 -29.20 18.89
C GLU R 60 -65.95 -28.16 19.49
N GLY R 61 -67.25 -28.45 19.41
CA GLY R 61 -68.26 -27.58 19.99
C GLY R 61 -68.24 -26.23 19.31
N GLY R 62 -68.18 -25.17 20.10
CA GLY R 62 -68.12 -23.80 19.55
C GLY R 62 -66.93 -23.53 18.63
N TYR R 63 -65.83 -24.27 18.82
CA TYR R 63 -64.63 -24.14 17.99
C TYR R 63 -64.58 -25.10 16.79
N ARG R 64 -65.66 -25.84 16.56
CA ARG R 64 -65.71 -26.78 15.45
C ARG R 64 -65.52 -26.08 14.12
N ILE R 65 -66.17 -24.93 13.99
CA ILE R 65 -66.01 -24.07 12.82
C ILE R 65 -65.48 -22.75 13.33
N VAL R 66 -64.40 -22.28 12.71
CA VAL R 66 -63.85 -20.96 13.01
C VAL R 66 -64.09 -20.01 11.85
N SER R 67 -64.08 -18.72 12.15
CA SER R 67 -64.38 -17.67 11.17
C SER R 67 -63.20 -16.70 11.12
N PRO R 68 -63.16 -15.83 10.10
CA PRO R 68 -62.05 -14.88 9.96
C PRO R 68 -61.90 -13.88 11.12
N THR R 69 -62.99 -13.64 11.86
CA THR R 69 -62.96 -12.76 13.04
C THR R 69 -62.53 -13.48 14.32
N GLN R 70 -62.32 -14.79 14.25
CA GLN R 70 -61.87 -15.59 15.40
C GLN R 70 -60.60 -15.00 15.98
N SER R 71 -60.60 -14.84 17.30
CA SER R 71 -59.44 -14.32 17.98
C SER R 71 -58.38 -15.42 18.15
N GLN R 72 -57.14 -14.97 18.17
CA GLN R 72 -55.97 -15.82 18.27
C GLN R 72 -55.90 -16.37 19.68
N PHE R 73 -55.27 -17.54 19.81
CA PHE R 73 -55.16 -18.22 21.08
C PHE R 73 -53.95 -19.15 21.13
N SER R 74 -53.44 -19.32 22.34
CA SER R 74 -52.32 -20.19 22.62
C SER R 74 -52.79 -21.39 23.43
N LEU R 75 -52.29 -22.56 23.06
CA LEU R 75 -52.38 -23.75 23.90
C LEU R 75 -50.97 -24.01 24.41
N ILE R 76 -50.78 -23.80 25.71
CA ILE R 76 -49.46 -23.93 26.31
C ILE R 76 -49.37 -25.28 27.04
N MET R 77 -48.27 -25.99 26.79
CA MET R 77 -47.93 -27.17 27.59
C MET R 77 -46.84 -26.70 28.54
N GLU R 78 -47.03 -26.97 29.83
CA GLU R 78 -46.01 -26.68 30.84
C GLU R 78 -45.40 -27.99 31.31
N PHE R 79 -44.08 -28.04 31.34
CA PHE R 79 -43.34 -29.21 31.82
C PHE R 79 -42.42 -28.77 32.94
N ASP R 80 -42.26 -29.65 33.93
CA ASP R 80 -41.30 -29.42 35.00
C ASP R 80 -39.89 -29.79 34.52
N GLN R 81 -38.90 -29.63 35.41
CA GLN R 81 -37.48 -29.86 35.13
C GLN R 81 -37.11 -31.30 34.75
N PHE R 82 -38.05 -32.23 34.92
CA PHE R 82 -37.82 -33.65 34.61
C PHE R 82 -38.58 -34.08 33.37
N GLY R 83 -39.25 -33.13 32.73
CA GLY R 83 -39.99 -33.37 31.49
C GLY R 83 -41.41 -33.88 31.67
N GLN R 84 -41.97 -33.68 32.86
CA GLN R 84 -43.32 -34.14 33.14
C GLN R 84 -44.30 -33.02 32.95
N LEU R 85 -45.36 -33.32 32.20
CA LEU R 85 -46.45 -32.40 31.98
C LEU R 85 -47.05 -31.97 33.32
N MET R 86 -47.14 -30.67 33.51
CA MET R 86 -47.76 -30.13 34.71
C MET R 86 -49.29 -30.03 34.51
N SER R 87 -50.00 -29.80 35.61
CA SER R 87 -51.46 -29.74 35.60
C SER R 87 -52.00 -28.36 35.23
N THR R 88 -51.11 -27.43 34.93
CA THR R 88 -51.44 -26.00 34.86
C THR R 88 -51.52 -25.37 33.47
N GLY R 89 -51.11 -26.07 32.42
CA GLY R 89 -51.20 -25.51 31.07
C GLY R 89 -52.57 -25.70 30.45
N ASN R 90 -52.75 -25.17 29.24
CA ASN R 90 -53.96 -25.39 28.45
C ASN R 90 -54.07 -26.82 27.99
N ILE R 91 -52.91 -27.46 27.83
CA ILE R 91 -52.79 -28.89 27.61
C ILE R 91 -52.01 -29.38 28.82
N ASN R 92 -52.59 -30.31 29.58
CA ASN R 92 -52.09 -30.63 30.91
C ASN R 92 -52.30 -32.08 31.33
N SER R 93 -51.79 -32.40 32.52
CA SER R 93 -51.73 -33.78 33.02
C SER R 93 -53.05 -34.40 33.46
N THR R 94 -54.16 -33.65 33.31
CA THR R 94 -55.49 -34.23 33.46
C THR R 94 -55.92 -35.01 32.22
N THR R 95 -55.19 -34.85 31.12
CA THR R 95 -55.44 -35.62 29.88
C THR R 95 -54.42 -36.75 29.67
N THR R 96 -54.83 -37.73 28.86
CA THR R 96 -53.96 -38.86 28.51
C THR R 96 -52.69 -38.38 27.82
N TRP R 97 -51.56 -38.70 28.44
CA TRP R 97 -50.27 -38.25 27.99
C TRP R 97 -49.20 -39.13 28.60
N GLY R 98 -48.18 -39.47 27.82
CA GLY R 98 -47.12 -40.34 28.30
C GLY R 98 -46.37 -40.94 27.16
N GLU R 99 -45.66 -42.00 27.45
CA GLU R 99 -44.70 -42.59 26.52
C GLU R 99 -45.34 -43.56 25.55
N LYS R 100 -44.91 -43.49 24.28
CA LYS R 100 -45.28 -44.48 23.26
C LYS R 100 -44.25 -45.59 23.22
N PRO R 101 -44.64 -46.83 23.62
CA PRO R 101 -43.71 -47.94 23.37
C PRO R 101 -43.54 -48.21 21.89
N TRP R 102 -42.31 -48.55 21.50
CA TRP R 102 -42.05 -49.00 20.14
C TRP R 102 -42.87 -50.27 19.96
N GLY R 103 -43.70 -50.32 18.92
CA GLY R 103 -44.44 -51.54 18.60
C GLY R 103 -45.92 -51.58 18.96
N ASN R 104 -46.40 -50.58 19.70
CA ASN R 104 -47.84 -50.42 19.94
C ASN R 104 -48.27 -48.96 20.08
N ASN R 105 -49.57 -48.73 20.22
CA ASN R 105 -50.14 -47.39 20.33
C ASN R 105 -50.61 -47.08 21.74
N THR R 106 -50.01 -47.71 22.75
CA THR R 106 -50.38 -47.42 24.13
C THR R 106 -49.75 -46.08 24.54
N VAL R 107 -50.31 -45.51 25.60
CA VAL R 107 -49.78 -44.31 26.24
C VAL R 107 -49.38 -44.79 27.63
N GLN R 108 -48.09 -44.75 27.94
CA GLN R 108 -47.60 -45.22 29.22
C GLN R 108 -47.37 -44.03 30.16
N PRO R 109 -48.14 -43.94 31.24
CA PRO R 109 -48.12 -42.71 32.06
C PRO R 109 -47.03 -42.68 33.12
N ARG R 110 -46.42 -43.82 33.39
CA ARG R 110 -45.44 -43.93 34.44
C ARG R 110 -44.16 -43.19 34.04
N PRO R 111 -43.83 -42.09 34.76
CA PRO R 111 -42.70 -41.26 34.36
C PRO R 111 -41.36 -41.97 34.39
N SER R 112 -40.46 -41.48 33.57
CA SER R 112 -39.13 -42.03 33.47
C SER R 112 -38.22 -40.84 33.27
N HIS R 113 -36.98 -40.98 33.71
CA HIS R 113 -35.97 -39.93 33.59
C HIS R 113 -35.70 -39.57 32.13
N THR R 114 -35.90 -40.55 31.24
CA THR R 114 -35.75 -40.35 29.80
C THR R 114 -36.66 -39.29 29.22
N TRP R 115 -37.79 -39.02 29.89
CA TRP R 115 -38.78 -38.03 29.42
C TRP R 115 -38.19 -36.62 29.26
N LYS R 116 -37.15 -36.30 30.04
CA LYS R 116 -36.45 -35.03 29.92
C LYS R 116 -35.92 -34.83 28.51
N LEU R 117 -35.53 -35.92 27.86
CA LEU R 117 -34.96 -35.89 26.52
C LEU R 117 -35.85 -35.28 25.44
N CYS R 118 -37.16 -35.25 25.67
CA CYS R 118 -38.10 -34.63 24.72
C CYS R 118 -38.28 -33.13 24.98
N MET R 119 -37.58 -32.61 25.98
CA MET R 119 -37.74 -31.22 26.34
C MET R 119 -36.83 -30.34 25.49
N PRO R 120 -37.24 -29.11 25.20
CA PRO R 120 -36.40 -28.17 24.49
C PRO R 120 -35.17 -27.73 25.31
N ASN R 121 -34.00 -28.17 24.87
CA ASN R 121 -32.70 -27.86 25.48
C ASN R 121 -32.65 -26.47 26.09
N ARG R 122 -32.49 -26.38 27.41
CA ARG R 122 -32.61 -25.10 28.12
C ARG R 122 -31.45 -24.15 27.88
N GLU R 123 -30.28 -24.69 27.58
CA GLU R 123 -29.13 -23.87 27.17
C GLU R 123 -29.29 -23.32 25.74
N VAL R 124 -29.75 -24.15 24.79
CA VAL R 124 -30.05 -23.69 23.42
C VAL R 124 -31.21 -22.68 23.40
N TYR R 125 -32.24 -22.96 24.20
CA TYR R 125 -33.44 -22.13 24.29
C TYR R 125 -33.51 -21.48 25.66
N SER R 126 -32.45 -20.72 25.98
CA SER R 126 -32.36 -19.97 27.24
C SER R 126 -33.14 -18.67 27.15
N THR R 127 -33.37 -18.21 25.93
CA THR R 127 -34.40 -17.24 25.64
C THR R 127 -35.41 -17.86 24.66
N PRO R 128 -36.65 -17.35 24.63
CA PRO R 128 -37.67 -18.00 23.81
C PRO R 128 -37.36 -18.05 22.29
N ALA R 129 -37.72 -19.19 21.69
CA ALA R 129 -37.54 -19.48 20.27
C ALA R 129 -38.91 -19.72 19.65
N ALA R 130 -39.00 -19.60 18.33
CA ALA R 130 -40.28 -19.82 17.68
C ALA R 130 -40.15 -20.22 16.22
N THR R 131 -41.18 -20.89 15.72
CA THR R 131 -41.36 -21.19 14.31
C THR R 131 -42.82 -20.96 13.97
N ILE R 132 -43.10 -19.99 13.11
CA ILE R 132 -44.45 -19.82 12.58
C ILE R 132 -44.56 -20.47 11.20
N SER R 133 -45.55 -21.35 11.09
CA SER R 133 -45.76 -22.10 9.88
C SER R 133 -47.21 -22.00 9.44
N ARG R 134 -47.40 -22.25 8.17
CA ARG R 134 -48.73 -22.41 7.62
C ARG R 134 -49.47 -23.50 8.36
N CYS R 135 -50.78 -23.33 8.47
CA CYS R 135 -51.62 -24.30 9.11
C CYS R 135 -52.90 -24.36 8.27
N GLY R 136 -52.89 -25.25 7.29
CA GLY R 136 -54.07 -25.44 6.46
C GLY R 136 -55.21 -26.00 7.26
N LEU R 137 -56.43 -25.59 6.91
CA LEU R 137 -57.64 -26.06 7.59
C LEU R 137 -58.54 -26.77 6.61
N ASP R 138 -59.03 -27.94 7.00
CA ASP R 138 -60.00 -28.71 6.21
C ASP R 138 -59.49 -28.84 4.77
N SER R 139 -58.21 -29.19 4.66
CA SER R 139 -57.43 -29.02 3.45
C SER R 139 -57.84 -29.97 2.33
N ILE R 140 -58.22 -31.19 2.67
CA ILE R 140 -58.66 -32.15 1.66
C ILE R 140 -59.98 -31.67 1.06
N ALA R 141 -60.93 -31.28 1.91
CA ALA R 141 -62.28 -30.87 1.45
C ALA R 141 -62.27 -29.55 0.68
N VAL R 142 -61.41 -28.60 1.06
CA VAL R 142 -61.32 -27.31 0.34
C VAL R 142 -60.31 -27.37 -0.80
N ASP R 143 -59.76 -28.56 -1.03
CA ASP R 143 -58.67 -28.79 -1.98
C ASP R 143 -57.52 -27.77 -1.87
N GLY R 144 -57.08 -27.50 -0.66
CA GLY R 144 -55.93 -26.60 -0.44
C GLY R 144 -56.08 -25.18 -0.97
N ALA R 145 -57.31 -24.67 -1.02
CA ALA R 145 -57.58 -23.27 -1.38
C ALA R 145 -56.72 -22.34 -0.52
N PRO R 146 -55.91 -21.48 -1.15
CA PRO R 146 -55.01 -20.62 -0.37
C PRO R 146 -55.67 -19.83 0.77
N SER R 147 -56.92 -19.42 0.60
CA SER R 147 -57.62 -18.63 1.62
C SER R 147 -58.22 -19.49 2.73
N ARG R 148 -57.70 -20.72 2.91
CA ARG R 148 -58.22 -21.63 3.93
C ARG R 148 -57.14 -22.12 4.89
N SER R 149 -56.01 -21.41 4.93
CA SER R 149 -54.94 -21.66 5.88
C SER R 149 -54.92 -20.55 6.92
N ILE R 150 -54.60 -20.90 8.15
CA ILE R 150 -54.20 -19.92 9.15
C ILE R 150 -52.72 -20.14 9.42
N ASP R 151 -52.19 -19.50 10.45
CA ASP R 151 -50.84 -19.85 10.93
C ASP R 151 -50.89 -20.52 12.28
N CYS R 152 -49.90 -21.38 12.51
CA CYS R 152 -49.64 -21.93 13.82
C CYS R 152 -48.15 -21.72 14.13
N MET R 153 -47.90 -20.96 15.18
CA MET R 153 -46.57 -20.70 15.68
C MET R 153 -46.29 -21.53 16.91
N LEU R 154 -45.26 -22.38 16.84
CA LEU R 154 -44.71 -22.98 18.04
C LEU R 154 -43.81 -21.96 18.77
N ILE R 155 -44.05 -21.74 20.05
CA ILE R 155 -43.12 -20.99 20.89
C ILE R 155 -42.44 -21.97 21.81
N ILE R 156 -41.11 -21.94 21.83
CA ILE R 156 -40.29 -22.84 22.64
C ILE R 156 -39.74 -22.08 23.85
N ASN R 157 -40.11 -22.55 25.04
CA ASN R 157 -39.62 -22.03 26.34
C ASN R 157 -39.96 -20.57 26.65
N LYS R 158 -41.11 -20.09 26.17
CA LYS R 158 -41.62 -18.83 26.67
C LYS R 158 -42.03 -19.09 28.11
N PRO R 159 -41.52 -18.29 29.06
CA PRO R 159 -41.81 -18.63 30.46
C PRO R 159 -43.30 -18.57 30.82
N LYS R 160 -43.73 -19.53 31.62
CA LYS R 160 -45.07 -19.52 32.17
C LYS R 160 -44.96 -20.09 33.58
N GLY R 161 -45.31 -19.29 34.58
CA GLY R 161 -45.39 -19.76 35.96
C GLY R 161 -44.08 -20.25 36.51
N VAL R 162 -44.07 -21.49 37.00
CA VAL R 162 -42.87 -22.13 37.52
C VAL R 162 -42.46 -23.32 36.64
N ALA R 163 -42.87 -23.28 35.37
CA ALA R 163 -42.53 -24.33 34.40
C ALA R 163 -41.08 -24.19 34.04
N THR R 164 -40.39 -25.31 33.89
CA THR R 164 -39.01 -25.31 33.43
C THR R 164 -38.99 -25.24 31.91
N TYR R 165 -39.87 -26.01 31.26
CA TYR R 165 -40.01 -25.98 29.81
C TYR R 165 -41.47 -25.74 29.45
N THR R 166 -41.68 -24.99 28.37
CA THR R 166 -43.00 -24.81 27.79
C THR R 166 -42.95 -25.01 26.27
N LEU R 167 -44.02 -25.61 25.73
CA LEU R 167 -44.30 -25.60 24.32
C LEU R 167 -45.68 -24.96 24.14
N THR R 168 -45.74 -23.93 23.31
CA THR R 168 -46.98 -23.23 23.01
C THR R 168 -47.32 -23.42 21.54
N PHE R 169 -48.56 -23.85 21.27
CA PHE R 169 -49.13 -23.79 19.92
C PHE R 169 -50.04 -22.56 19.82
N ARG R 170 -49.57 -21.57 19.08
CA ARG R 170 -50.31 -20.32 18.93
C ARG R 170 -50.94 -20.22 17.55
N PHE R 171 -52.27 -20.25 17.54
CA PHE R 171 -53.06 -20.20 16.33
C PHE R 171 -53.39 -18.75 15.98
N LEU R 172 -52.99 -18.36 14.78
CA LEU R 172 -52.84 -16.94 14.41
C LEU R 172 -53.36 -16.67 13.02
N ASN R 173 -53.73 -15.41 12.78
CA ASN R 173 -54.04 -14.90 11.45
C ASN R 173 -55.25 -15.62 10.83
N PHE R 174 -56.25 -15.84 11.67
CA PHE R 174 -57.55 -16.33 11.25
C PHE R 174 -58.21 -15.42 10.19
N ASN R 175 -57.86 -14.13 10.19
CA ASN R 175 -58.36 -13.16 9.20
C ASN R 175 -57.86 -13.37 7.77
N ARG R 176 -56.98 -14.35 7.58
CA ARG R 176 -56.62 -14.83 6.24
C ARG R 176 -57.72 -15.66 5.62
N LEU R 177 -58.65 -16.15 6.45
CA LEU R 177 -59.70 -17.04 5.98
C LEU R 177 -60.74 -16.27 5.16
N SER R 178 -61.17 -16.88 4.06
CA SER R 178 -62.19 -16.30 3.18
C SER R 178 -63.56 -16.34 3.83
N GLY R 179 -63.79 -17.38 4.64
CA GLY R 179 -65.04 -17.54 5.35
C GLY R 179 -64.93 -18.61 6.41
N GLY R 180 -66.09 -19.01 6.93
CA GLY R 180 -66.18 -20.03 7.96
C GLY R 180 -65.56 -21.33 7.50
N THR R 181 -64.54 -21.79 8.22
CA THR R 181 -63.82 -23.00 7.89
C THR R 181 -63.83 -23.95 9.08
N LEU R 182 -64.04 -25.24 8.80
CA LEU R 182 -63.90 -26.30 9.79
C LEU R 182 -62.50 -26.24 10.39
N PHE R 183 -62.40 -26.09 11.70
CA PHE R 183 -61.09 -26.06 12.37
C PHE R 183 -60.48 -27.47 12.45
N LYS R 184 -60.05 -27.97 11.30
CA LYS R 184 -59.50 -29.33 11.16
C LYS R 184 -58.11 -29.17 10.54
N THR R 185 -57.09 -29.08 11.39
CA THR R 185 -55.78 -28.65 10.90
C THR R 185 -55.05 -29.74 10.13
N ASP R 186 -54.09 -29.28 9.35
CA ASP R 186 -53.10 -30.16 8.75
C ASP R 186 -52.27 -30.81 9.84
N VAL R 187 -51.57 -31.87 9.48
CA VAL R 187 -50.52 -32.41 10.31
C VAL R 187 -49.37 -31.40 10.27
N LEU R 188 -48.99 -30.88 11.43
CA LEU R 188 -47.93 -29.87 11.55
C LEU R 188 -46.68 -30.50 12.12
N THR R 189 -45.54 -30.04 11.63
CA THR R 189 -44.24 -30.52 12.09
C THR R 189 -43.31 -29.38 12.47
N PHE R 190 -42.73 -29.52 13.66
CA PHE R 190 -41.75 -28.59 14.17
C PHE R 190 -40.58 -29.40 14.71
N THR R 191 -39.42 -28.77 14.80
CA THR R 191 -38.21 -29.41 15.30
C THR R 191 -37.44 -28.49 16.24
N TYR R 192 -36.91 -29.05 17.31
CA TYR R 192 -36.01 -28.32 18.17
C TYR R 192 -34.97 -29.28 18.76
N VAL R 193 -33.92 -28.72 19.35
CA VAL R 193 -32.82 -29.50 19.91
C VAL R 193 -33.28 -30.06 21.25
N GLY R 194 -33.11 -31.37 21.41
CA GLY R 194 -33.50 -32.05 22.63
C GLY R 194 -32.61 -31.71 23.81
N GLU R 195 -33.18 -31.79 25.01
CA GLU R 195 -32.45 -31.56 26.24
C GLU R 195 -31.53 -32.76 26.50
N ASN R 196 -30.46 -32.53 27.25
CA ASN R 196 -29.52 -33.60 27.60
C ASN R 196 -29.94 -34.28 28.90
N GLN R 197 -29.60 -35.57 29.02
CA GLN R 197 -29.95 -36.34 30.20
C GLN R 197 -29.21 -35.83 31.43
N ALA S 16 -24.67 -45.44 12.93
CA ALA S 16 -25.04 -44.67 14.14
C ALA S 16 -25.21 -43.17 13.84
N PRO S 17 -25.99 -42.47 14.67
CA PRO S 17 -26.23 -41.05 14.42
C PRO S 17 -25.04 -40.17 14.79
N ILE S 18 -24.99 -38.96 14.24
CA ILE S 18 -23.95 -38.00 14.52
C ILE S 18 -24.51 -36.60 14.29
N THR S 19 -24.18 -35.67 15.20
CA THR S 19 -24.58 -34.27 15.09
C THR S 19 -23.34 -33.37 15.02
N LEU S 20 -23.30 -32.53 13.99
CA LEU S 20 -22.35 -31.42 13.93
C LEU S 20 -23.10 -30.10 14.21
N TRP S 21 -22.51 -29.24 15.01
CA TRP S 21 -23.16 -28.00 15.35
C TRP S 21 -22.19 -26.91 15.80
N THR S 22 -22.75 -25.72 15.98
CA THR S 22 -22.04 -24.53 16.41
C THR S 22 -21.96 -24.47 17.93
N GLY S 23 -22.79 -25.27 18.59
CA GLY S 23 -22.99 -25.17 20.01
C GLY S 23 -24.11 -24.20 20.30
N PRO S 24 -24.55 -24.13 21.58
CA PRO S 24 -25.53 -23.15 21.97
C PRO S 24 -24.79 -21.84 22.19
N GLY S 25 -25.48 -20.71 22.13
CA GLY S 25 -24.83 -19.43 22.20
C GLY S 25 -23.77 -19.36 21.11
N PRO S 26 -24.20 -19.42 19.85
CA PRO S 26 -23.23 -19.36 18.78
C PRO S 26 -22.55 -18.00 18.72
N SER S 27 -21.30 -17.97 18.30
CA SER S 27 -20.60 -16.71 18.09
C SER S 27 -21.10 -16.09 16.79
N ILE S 28 -20.67 -14.86 16.51
CA ILE S 28 -20.98 -14.18 15.25
C ILE S 28 -20.11 -14.83 14.19
N ASN S 29 -20.71 -15.72 13.42
CA ASN S 29 -20.00 -16.65 12.54
C ASN S 29 -20.44 -16.59 11.09
N GLY S 30 -21.38 -15.70 10.78
CA GLY S 30 -21.87 -15.48 9.42
C GLY S 30 -21.25 -14.22 8.84
N PHE S 31 -20.40 -14.39 7.84
CA PHE S 31 -19.71 -13.27 7.17
C PHE S 31 -20.53 -12.68 6.03
N ILE S 32 -20.80 -11.38 6.10
CA ILE S 32 -21.33 -10.63 4.96
C ILE S 32 -20.31 -9.55 4.63
N ASN S 33 -19.74 -9.66 3.42
CA ASN S 33 -18.70 -8.75 2.91
C ASN S 33 -17.47 -8.67 3.81
N ASP S 34 -16.88 -9.84 4.08
CA ASP S 34 -15.64 -9.99 4.88
C ASP S 34 -15.77 -9.59 6.35
N THR S 35 -17.00 -9.36 6.82
CA THR S 35 -17.25 -8.98 8.21
C THR S 35 -18.25 -9.97 8.85
N PRO S 36 -17.95 -10.47 10.07
CA PRO S 36 -18.91 -11.36 10.73
C PRO S 36 -20.04 -10.57 11.38
N VAL S 37 -21.25 -10.73 10.84
CA VAL S 37 -22.38 -9.91 11.20
C VAL S 37 -23.65 -10.69 11.60
N ILE S 38 -23.69 -11.98 11.26
CA ILE S 38 -24.82 -12.85 11.60
C ILE S 38 -24.38 -13.90 12.58
N ARG S 39 -25.11 -14.00 13.67
CA ARG S 39 -24.90 -15.01 14.66
C ARG S 39 -25.78 -16.23 14.27
N CYS S 40 -25.14 -17.29 13.82
CA CYS S 40 -25.82 -18.46 13.26
C CYS S 40 -25.77 -19.65 14.21
N PHE S 41 -26.91 -20.08 14.74
CA PHE S 41 -27.02 -21.39 15.38
C PHE S 41 -27.34 -22.38 14.29
N ILE S 42 -26.47 -23.38 14.12
CA ILE S 42 -26.65 -24.36 13.08
C ILE S 42 -26.38 -25.73 13.67
N CYS S 43 -27.28 -26.65 13.36
CA CYS S 43 -27.21 -28.00 13.83
C CYS S 43 -27.49 -28.91 12.66
N LEU S 44 -26.54 -29.78 12.36
CA LEU S 44 -26.69 -30.82 11.35
C LEU S 44 -26.77 -32.14 12.10
N THR S 45 -27.97 -32.70 12.19
CA THR S 45 -28.16 -33.96 12.89
C THR S 45 -28.50 -35.10 11.92
N ARG S 46 -27.62 -36.09 11.88
CA ARG S 46 -27.81 -37.27 11.06
C ARG S 46 -28.36 -38.40 11.94
N ASP S 47 -29.51 -38.92 11.57
CA ASP S 47 -30.06 -40.11 12.17
C ASP S 47 -29.80 -41.29 11.22
N SER S 48 -30.76 -42.15 10.91
CA SER S 48 -30.46 -43.35 10.09
C SER S 48 -30.03 -43.04 8.66
N ASN S 49 -30.71 -42.09 8.03
CA ASN S 49 -30.55 -41.84 6.61
C ASN S 49 -30.59 -40.37 6.25
N LEU S 50 -31.48 -39.63 6.91
CA LEU S 50 -31.64 -38.20 6.62
C LEU S 50 -30.83 -37.32 7.59
N VAL S 51 -30.46 -36.14 7.11
CA VAL S 51 -29.84 -35.12 7.95
C VAL S 51 -30.87 -34.01 8.11
N THR S 52 -31.13 -33.62 9.34
CA THR S 52 -32.00 -32.49 9.63
C THR S 52 -31.11 -31.29 9.87
N VAL S 53 -31.40 -30.21 9.15
CA VAL S 53 -30.78 -28.94 9.39
C VAL S 53 -31.74 -28.15 10.29
N ASN S 54 -31.32 -27.90 11.53
CA ASN S 54 -32.03 -27.04 12.47
C ASN S 54 -31.14 -25.80 12.66
N ALA S 55 -31.65 -24.64 12.27
CA ALA S 55 -30.87 -23.39 12.26
C ALA S 55 -31.72 -22.20 12.70
N SER S 56 -31.05 -21.19 13.27
CA SER S 56 -31.69 -19.92 13.60
C SER S 56 -30.62 -18.86 13.55
N PHE S 57 -31.03 -17.63 13.23
CA PHE S 57 -30.10 -16.56 12.92
C PHE S 57 -30.47 -15.27 13.66
N VAL S 58 -29.47 -14.60 14.22
CA VAL S 58 -29.63 -13.29 14.84
C VAL S 58 -28.63 -12.33 14.18
N GLY S 59 -29.14 -11.28 13.55
CA GLY S 59 -28.28 -10.27 12.95
C GLY S 59 -27.71 -9.35 14.01
N GLU S 60 -26.48 -8.91 13.80
CA GLU S 60 -25.75 -8.09 14.77
C GLU S 60 -25.20 -6.85 14.07
N GLY S 61 -24.97 -5.78 14.84
CA GLY S 61 -24.38 -4.55 14.32
C GLY S 61 -25.27 -3.82 13.32
N GLY S 62 -24.77 -3.65 12.10
CA GLY S 62 -25.57 -3.07 11.02
C GLY S 62 -26.66 -4.00 10.48
N TYR S 63 -26.61 -5.27 10.86
CA TYR S 63 -27.63 -6.24 10.45
C TYR S 63 -28.60 -6.63 11.58
N ARG S 64 -28.49 -5.99 12.74
CA ARG S 64 -29.40 -6.26 13.85
C ARG S 64 -30.86 -6.02 13.45
N ILE S 65 -31.09 -4.90 12.79
CA ILE S 65 -32.41 -4.58 12.23
C ILE S 65 -32.28 -4.55 10.71
N VAL S 66 -33.23 -5.19 10.01
CA VAL S 66 -33.26 -5.18 8.56
C VAL S 66 -34.52 -4.46 8.04
N SER S 67 -34.37 -3.79 6.90
CA SER S 67 -35.45 -3.03 6.29
C SER S 67 -35.99 -3.73 5.05
N PRO S 68 -37.20 -3.34 4.60
CA PRO S 68 -37.74 -3.85 3.33
C PRO S 68 -36.75 -3.79 2.15
N THR S 69 -35.91 -2.75 2.15
CA THR S 69 -34.94 -2.51 1.08
C THR S 69 -33.63 -3.27 1.26
N GLN S 70 -33.56 -4.13 2.29
CA GLN S 70 -32.35 -4.90 2.55
C GLN S 70 -32.01 -5.77 1.35
N SER S 71 -30.73 -5.82 1.01
CA SER S 71 -30.28 -6.65 -0.11
C SER S 71 -30.20 -8.12 0.35
N GLN S 72 -30.49 -9.01 -0.59
CA GLN S 72 -30.49 -10.45 -0.35
C GLN S 72 -29.03 -10.93 -0.23
N PHE S 73 -28.81 -12.05 0.47
CA PHE S 73 -27.47 -12.59 0.65
C PHE S 73 -27.48 -14.07 1.00
N SER S 74 -26.34 -14.72 0.73
CA SER S 74 -26.12 -16.14 0.99
C SER S 74 -25.05 -16.35 2.05
N LEU S 75 -25.29 -17.28 2.97
CA LEU S 75 -24.26 -17.80 3.87
C LEU S 75 -23.91 -19.22 3.45
N ILE S 76 -22.74 -19.40 2.85
CA ILE S 76 -22.30 -20.69 2.31
C ILE S 76 -21.36 -21.37 3.30
N MET S 77 -21.68 -22.62 3.65
CA MET S 77 -20.77 -23.50 4.36
C MET S 77 -20.16 -24.42 3.31
N GLU S 78 -18.84 -24.52 3.32
CA GLU S 78 -18.12 -25.40 2.41
C GLU S 78 -17.47 -26.49 3.23
N PHE S 79 -17.68 -27.73 2.79
CA PHE S 79 -17.12 -28.90 3.47
C PHE S 79 -16.29 -29.70 2.50
N ASP S 80 -15.22 -30.32 2.99
CA ASP S 80 -14.41 -31.21 2.17
C ASP S 80 -15.03 -32.60 2.08
N GLN S 81 -14.32 -33.53 1.44
CA GLN S 81 -14.86 -34.84 1.09
C GLN S 81 -15.03 -35.77 2.30
N PHE S 82 -14.55 -35.33 3.46
CA PHE S 82 -14.62 -36.07 4.71
C PHE S 82 -15.56 -35.39 5.69
N GLY S 83 -16.26 -34.35 5.25
CA GLY S 83 -17.25 -33.67 6.06
C GLY S 83 -16.70 -32.64 7.02
N GLN S 84 -15.49 -32.16 6.74
CA GLN S 84 -14.87 -31.14 7.59
C GLN S 84 -15.10 -29.76 6.99
N LEU S 85 -15.57 -28.84 7.84
CA LEU S 85 -15.82 -27.46 7.44
C LEU S 85 -14.51 -26.82 7.01
N MET S 86 -14.56 -26.09 5.90
CA MET S 86 -13.41 -25.46 5.32
C MET S 86 -13.39 -24.01 5.74
N SER S 87 -12.25 -23.34 5.47
CA SER S 87 -12.03 -21.95 5.85
C SER S 87 -12.64 -20.94 4.88
N THR S 88 -13.22 -21.43 3.79
CA THR S 88 -13.50 -20.62 2.60
C THR S 88 -14.91 -20.00 2.52
N GLY S 89 -15.89 -20.58 3.22
CA GLY S 89 -17.26 -20.07 3.16
C GLY S 89 -17.51 -18.82 3.98
N ASN S 90 -18.74 -18.34 3.95
CA ASN S 90 -19.23 -17.28 4.85
C ASN S 90 -19.37 -17.77 6.28
N ILE S 91 -19.62 -19.08 6.41
CA ILE S 91 -19.61 -19.77 7.69
C ILE S 91 -18.52 -20.80 7.56
N ASN S 92 -17.48 -20.68 8.38
CA ASN S 92 -16.26 -21.43 8.14
C ASN S 92 -15.52 -21.89 9.40
N SER S 93 -14.38 -22.55 9.18
CA SER S 93 -13.64 -23.25 10.24
C SER S 93 -12.90 -22.34 11.24
N THR S 94 -12.96 -21.02 11.02
CA THR S 94 -12.51 -20.07 12.03
C THR S 94 -13.51 -19.90 13.20
N THR S 95 -14.76 -20.36 13.04
CA THR S 95 -15.72 -20.34 14.15
C THR S 95 -15.89 -21.70 14.81
N THR S 96 -16.38 -21.67 16.03
CA THR S 96 -16.62 -22.88 16.81
C THR S 96 -17.61 -23.77 16.06
N TRP S 97 -17.15 -24.99 15.79
CA TRP S 97 -17.90 -25.94 15.00
C TRP S 97 -17.34 -27.29 15.34
N GLY S 98 -18.20 -28.27 15.46
CA GLY S 98 -17.76 -29.61 15.83
C GLY S 98 -18.90 -30.49 16.21
N GLU S 99 -18.56 -31.66 16.75
CA GLU S 99 -19.53 -32.68 17.10
C GLU S 99 -20.21 -32.41 18.44
N LYS S 100 -21.53 -32.61 18.49
CA LYS S 100 -22.24 -32.64 19.76
C LYS S 100 -22.26 -34.06 20.28
N PRO S 101 -21.61 -34.31 21.44
CA PRO S 101 -21.80 -35.60 22.06
C PRO S 101 -23.21 -35.74 22.64
N TRP S 102 -23.74 -36.95 22.58
CA TRP S 102 -24.98 -37.23 23.25
C TRP S 102 -24.75 -37.08 24.75
N GLY S 103 -25.55 -36.22 25.38
CA GLY S 103 -25.51 -36.05 26.82
C GLY S 103 -24.96 -34.74 27.30
N ASN S 104 -24.40 -33.95 26.40
CA ASN S 104 -23.90 -32.63 26.76
C ASN S 104 -23.92 -31.66 25.60
N ASN S 105 -23.66 -30.39 25.93
CA ASN S 105 -23.70 -29.31 24.97
C ASN S 105 -22.31 -28.84 24.55
N THR S 106 -21.29 -29.70 24.64
CA THR S 106 -19.99 -29.32 24.11
C THR S 106 -19.98 -29.37 22.58
N VAL S 107 -19.01 -28.66 22.00
CA VAL S 107 -18.68 -28.73 20.60
C VAL S 107 -17.32 -29.39 20.53
N GLN S 108 -17.25 -30.57 19.93
CA GLN S 108 -16.00 -31.34 19.88
C GLN S 108 -15.37 -31.20 18.50
N PRO S 109 -14.20 -30.54 18.42
CA PRO S 109 -13.58 -30.18 17.14
C PRO S 109 -12.85 -31.32 16.41
N ARG S 110 -12.57 -32.40 17.14
CA ARG S 110 -11.79 -33.51 16.62
C ARG S 110 -12.53 -34.21 15.50
N PRO S 111 -12.00 -34.14 14.27
CA PRO S 111 -12.70 -34.79 13.17
C PRO S 111 -12.80 -36.31 13.34
N SER S 112 -13.94 -36.84 12.92
CA SER S 112 -14.16 -38.27 12.88
C SER S 112 -14.63 -38.63 11.48
N HIS S 113 -14.42 -39.88 11.11
CA HIS S 113 -14.91 -40.41 9.83
C HIS S 113 -16.44 -40.30 9.72
N THR S 114 -17.12 -40.16 10.85
CA THR S 114 -18.59 -40.11 10.91
C THR S 114 -19.15 -38.77 10.44
N TRP S 115 -18.29 -37.75 10.41
CA TRP S 115 -18.69 -36.42 10.01
C TRP S 115 -19.23 -36.39 8.59
N LYS S 116 -18.72 -37.27 7.74
CA LYS S 116 -19.17 -37.36 6.35
C LYS S 116 -20.67 -37.68 6.27
N LEU S 117 -21.19 -38.38 7.28
CA LEU S 117 -22.61 -38.77 7.34
C LEU S 117 -23.55 -37.58 7.47
N CYS S 118 -23.02 -36.44 7.89
CA CYS S 118 -23.79 -35.19 7.91
C CYS S 118 -23.82 -34.47 6.57
N MET S 119 -23.10 -34.98 5.59
CA MET S 119 -22.98 -34.30 4.30
C MET S 119 -24.13 -34.69 3.37
N PRO S 120 -24.53 -33.77 2.47
CA PRO S 120 -25.55 -34.12 1.50
C PRO S 120 -25.05 -35.13 0.46
N ASN S 121 -25.74 -36.25 0.37
CA ASN S 121 -25.42 -37.38 -0.49
C ASN S 121 -25.05 -36.90 -1.91
N ARG S 122 -23.80 -37.09 -2.32
CA ARG S 122 -23.32 -36.54 -3.60
C ARG S 122 -24.04 -37.11 -4.83
N GLU S 123 -24.45 -38.37 -4.79
CA GLU S 123 -25.28 -38.94 -5.86
C GLU S 123 -26.67 -38.33 -5.93
N VAL S 124 -27.37 -38.34 -4.79
CA VAL S 124 -28.72 -37.77 -4.74
C VAL S 124 -28.67 -36.31 -5.22
N TYR S 125 -27.68 -35.55 -4.75
CA TYR S 125 -27.55 -34.14 -5.07
C TYR S 125 -26.38 -33.90 -6.02
N SER S 126 -26.38 -34.62 -7.15
CA SER S 126 -25.35 -34.44 -8.19
C SER S 126 -25.55 -33.11 -8.92
N THR S 127 -26.79 -32.62 -8.94
CA THR S 127 -27.08 -31.23 -9.30
C THR S 127 -27.68 -30.53 -8.08
N PRO S 128 -27.48 -29.21 -7.96
CA PRO S 128 -27.97 -28.52 -6.77
C PRO S 128 -29.50 -28.70 -6.48
N ALA S 129 -29.83 -28.83 -5.20
CA ALA S 129 -31.19 -28.97 -4.74
C ALA S 129 -31.52 -27.75 -3.86
N ALA S 130 -32.80 -27.46 -3.68
CA ALA S 130 -33.20 -26.28 -2.90
C ALA S 130 -34.50 -26.48 -2.15
N THR S 131 -34.63 -25.82 -1.01
CA THR S 131 -35.90 -25.69 -0.32
C THR S 131 -36.03 -24.24 0.13
N ILE S 132 -36.91 -23.51 -0.52
CA ILE S 132 -37.24 -22.17 -0.06
C ILE S 132 -38.41 -22.29 0.89
N SER S 133 -38.26 -21.65 2.05
CA SER S 133 -39.23 -21.73 3.13
C SER S 133 -39.42 -20.39 3.81
N ARG S 134 -40.58 -20.25 4.43
CA ARG S 134 -40.90 -19.05 5.18
C ARG S 134 -39.89 -18.88 6.31
N CYS S 135 -39.57 -17.62 6.60
CA CYS S 135 -38.61 -17.31 7.66
C CYS S 135 -39.11 -16.10 8.46
N GLY S 136 -39.90 -16.40 9.50
CA GLY S 136 -40.41 -15.39 10.41
C GLY S 136 -39.29 -14.64 11.10
N LEU S 137 -39.44 -13.32 11.19
CA LEU S 137 -38.53 -12.47 11.94
C LEU S 137 -39.26 -11.94 13.16
N ASP S 138 -38.58 -11.99 14.31
CA ASP S 138 -39.09 -11.42 15.56
C ASP S 138 -40.51 -11.87 15.88
N SER S 139 -40.76 -13.16 15.73
CA SER S 139 -42.13 -13.67 15.60
C SER S 139 -42.99 -13.59 16.86
N ILE S 140 -42.37 -13.81 18.02
CA ILE S 140 -43.06 -13.69 19.28
C ILE S 140 -43.47 -12.24 19.45
N ALA S 141 -42.51 -11.33 19.30
CA ALA S 141 -42.73 -9.89 19.57
C ALA S 141 -43.77 -9.26 18.64
N VAL S 142 -43.73 -9.59 17.36
CA VAL S 142 -44.73 -9.11 16.37
C VAL S 142 -45.92 -10.06 16.23
N ASP S 143 -45.94 -11.11 17.05
CA ASP S 143 -47.06 -12.05 17.14
C ASP S 143 -47.45 -12.66 15.80
N GLY S 144 -46.43 -13.06 15.03
CA GLY S 144 -46.63 -13.73 13.76
C GLY S 144 -47.29 -12.91 12.66
N ALA S 145 -47.18 -11.58 12.73
CA ALA S 145 -47.80 -10.71 11.72
C ALA S 145 -47.29 -11.12 10.34
N PRO S 146 -48.21 -11.42 9.39
CA PRO S 146 -47.80 -11.92 8.07
C PRO S 146 -46.73 -11.09 7.36
N SER S 147 -46.76 -9.77 7.55
CA SER S 147 -45.80 -8.86 6.91
C SER S 147 -44.45 -8.78 7.62
N ARG S 148 -44.15 -9.74 8.49
CA ARG S 148 -42.90 -9.77 9.25
C ARG S 148 -42.07 -11.03 8.96
N SER S 149 -42.36 -11.70 7.84
CA SER S 149 -41.57 -12.84 7.38
C SER S 149 -40.80 -12.50 6.10
N ILE S 150 -39.58 -13.00 6.03
CA ILE S 150 -38.82 -13.07 4.79
C ILE S 150 -38.77 -14.53 4.38
N ASP S 151 -37.99 -14.85 3.34
CA ASP S 151 -37.71 -16.26 3.00
C ASP S 151 -36.28 -16.64 3.31
N CYS S 152 -36.08 -17.92 3.64
CA CYS S 152 -34.75 -18.52 3.71
C CYS S 152 -34.73 -19.73 2.82
N MET S 153 -33.82 -19.74 1.86
CA MET S 153 -33.66 -20.86 0.97
C MET S 153 -32.36 -21.62 1.29
N LEU S 154 -32.50 -22.90 1.61
CA LEU S 154 -31.34 -23.80 1.67
C LEU S 154 -31.01 -24.25 0.27
N ILE S 155 -29.77 -24.01 -0.14
CA ILE S 155 -29.25 -24.63 -1.37
C ILE S 155 -28.29 -25.73 -0.96
N ILE S 156 -28.48 -26.91 -1.56
CA ILE S 156 -27.69 -28.10 -1.27
C ILE S 156 -26.78 -28.39 -2.45
N ASN S 157 -25.47 -28.38 -2.20
CA ASN S 157 -24.45 -28.74 -3.21
C ASN S 157 -24.39 -27.88 -4.46
N LYS S 158 -24.65 -26.58 -4.32
CA LYS S 158 -24.27 -25.64 -5.35
C LYS S 158 -22.75 -25.55 -5.28
N PRO S 159 -22.06 -25.76 -6.43
CA PRO S 159 -20.60 -25.81 -6.44
C PRO S 159 -19.92 -24.52 -6.01
N LYS S 160 -18.84 -24.64 -5.25
CA LYS S 160 -18.07 -23.46 -4.84
C LYS S 160 -16.62 -23.88 -4.58
N GLY S 161 -15.70 -23.33 -5.36
CA GLY S 161 -14.26 -23.54 -5.11
C GLY S 161 -13.88 -25.01 -5.20
N VAL S 162 -13.06 -25.46 -4.26
CA VAL S 162 -12.61 -26.87 -4.20
C VAL S 162 -13.42 -27.67 -3.15
N ALA S 163 -14.61 -27.17 -2.82
CA ALA S 163 -15.49 -27.83 -1.85
C ALA S 163 -16.13 -29.09 -2.48
N THR S 164 -16.30 -30.13 -1.67
CA THR S 164 -17.02 -31.33 -2.11
C THR S 164 -18.51 -31.17 -1.82
N TYR S 165 -18.83 -30.63 -0.66
CA TYR S 165 -20.21 -30.37 -0.27
C TYR S 165 -20.38 -28.90 0.08
N THR S 166 -21.56 -28.37 -0.22
CA THR S 166 -21.93 -27.05 0.30
C THR S 166 -23.35 -27.01 0.84
N LEU S 167 -23.54 -26.11 1.81
CA LEU S 167 -24.86 -25.75 2.29
C LEU S 167 -24.93 -24.24 2.33
N THR S 168 -25.92 -23.69 1.65
CA THR S 168 -26.11 -22.25 1.56
C THR S 168 -27.44 -21.88 2.22
N PHE S 169 -27.37 -20.96 3.16
CA PHE S 169 -28.57 -20.31 3.69
C PHE S 169 -28.68 -18.99 2.97
N ARG S 170 -29.66 -18.88 2.08
CA ARG S 170 -29.86 -17.67 1.33
C ARG S 170 -31.12 -16.95 1.82
N PHE S 171 -30.94 -15.71 2.24
CA PHE S 171 -32.02 -14.92 2.77
C PHE S 171 -32.57 -14.00 1.69
N LEU S 172 -33.88 -14.14 1.47
CA LEU S 172 -34.53 -13.57 0.31
C LEU S 172 -35.82 -12.85 0.67
N ASN S 173 -36.22 -11.97 -0.26
CA ASN S 173 -37.53 -11.33 -0.24
C ASN S 173 -37.74 -10.54 1.03
N PHE S 174 -36.73 -9.73 1.35
CA PHE S 174 -36.84 -8.74 2.41
C PHE S 174 -37.91 -7.69 2.11
N ASN S 175 -38.25 -7.53 0.83
CA ASN S 175 -39.31 -6.62 0.41
C ASN S 175 -40.73 -7.05 0.82
N ARG S 176 -40.88 -8.32 1.24
CA ARG S 176 -42.10 -8.79 1.92
C ARG S 176 -42.43 -7.99 3.18
N LEU S 177 -41.39 -7.41 3.82
CA LEU S 177 -41.53 -6.76 5.12
C LEU S 177 -42.27 -5.41 5.07
N SER S 178 -43.16 -5.22 6.03
CA SER S 178 -43.93 -3.99 6.19
C SER S 178 -43.02 -2.82 6.59
N GLY S 179 -41.98 -3.13 7.36
CA GLY S 179 -41.04 -2.10 7.82
C GLY S 179 -39.78 -2.70 8.43
N GLY S 180 -39.03 -1.85 9.13
CA GLY S 180 -37.82 -2.27 9.83
C GLY S 180 -38.12 -3.33 10.87
N THR S 181 -37.36 -4.42 10.82
CA THR S 181 -37.62 -5.59 11.66
C THR S 181 -36.32 -6.11 12.24
N LEU S 182 -36.37 -6.47 13.53
CA LEU S 182 -35.26 -7.13 14.19
C LEU S 182 -34.96 -8.41 13.42
N PHE S 183 -33.70 -8.56 12.99
CA PHE S 183 -33.30 -9.72 12.19
C PHE S 183 -33.04 -10.89 13.13
N LYS S 184 -34.13 -11.41 13.69
CA LYS S 184 -34.09 -12.51 14.64
C LYS S 184 -35.01 -13.59 14.12
N THR S 185 -34.45 -14.51 13.34
CA THR S 185 -35.25 -15.47 12.63
C THR S 185 -35.88 -16.52 13.55
N ASP S 186 -36.93 -17.15 13.02
CA ASP S 186 -37.48 -18.38 13.57
C ASP S 186 -36.43 -19.49 13.57
N VAL S 187 -36.76 -20.60 14.21
CA VAL S 187 -36.00 -21.84 14.12
C VAL S 187 -36.42 -22.46 12.79
N LEU S 188 -35.44 -22.71 11.94
CA LEU S 188 -35.69 -23.24 10.61
C LEU S 188 -35.27 -24.69 10.58
N THR S 189 -36.02 -25.49 9.83
CA THR S 189 -35.74 -26.89 9.67
C THR S 189 -35.77 -27.23 8.19
N PHE S 190 -34.70 -27.91 7.73
CA PHE S 190 -34.62 -28.52 6.40
C PHE S 190 -34.14 -29.95 6.57
N THR S 191 -34.23 -30.70 5.48
CA THR S 191 -33.94 -32.15 5.48
C THR S 191 -33.35 -32.52 4.12
N TYR S 192 -32.35 -33.39 4.14
CA TYR S 192 -31.79 -33.96 2.92
C TYR S 192 -31.21 -35.33 3.21
N VAL S 193 -30.96 -36.11 2.16
CA VAL S 193 -30.40 -37.45 2.31
C VAL S 193 -28.92 -37.33 2.65
N GLY S 194 -28.53 -37.96 3.74
CA GLY S 194 -27.16 -37.95 4.16
C GLY S 194 -26.28 -38.79 3.26
N GLU S 195 -24.99 -38.46 3.28
CA GLU S 195 -23.99 -39.19 2.55
C GLU S 195 -23.74 -40.56 3.18
N ASN S 196 -23.31 -41.52 2.36
CA ASN S 196 -22.96 -42.85 2.82
C ASN S 196 -21.51 -42.86 3.28
N GLN S 197 -21.18 -43.73 4.24
CA GLN S 197 -19.81 -43.87 4.74
C GLN S 197 -18.88 -44.41 3.67
N SER T 7 43.02 44.42 -22.21
CA SER T 7 42.56 45.29 -21.08
C SER T 7 43.62 45.42 -19.97
N LEU T 8 43.43 46.42 -19.10
CA LEU T 8 44.38 46.72 -18.02
C LEU T 8 44.46 45.55 -17.03
N SER T 9 45.68 45.11 -16.75
CA SER T 9 45.90 43.94 -15.90
C SER T 9 47.13 44.11 -15.03
N ILE T 10 47.11 43.47 -13.87
CA ILE T 10 48.29 43.36 -13.01
C ILE T 10 48.80 41.91 -13.10
N THR T 11 50.12 41.75 -13.07
CA THR T 11 50.78 40.44 -13.09
C THR T 11 50.76 39.84 -11.68
N THR T 12 50.20 38.62 -11.56
CA THR T 12 50.03 37.94 -10.28
C THR T 12 49.02 38.68 -9.37
N PRO T 13 47.72 38.61 -9.71
CA PRO T 13 46.71 39.38 -8.94
C PRO T 13 46.50 38.97 -7.46
N GLU T 14 47.15 37.91 -6.99
CA GLU T 14 47.20 37.64 -5.54
C GLU T 14 48.42 36.80 -5.10
N GLU T 15 49.06 37.24 -4.02
CA GLU T 15 50.26 36.61 -3.47
C GLU T 15 50.23 36.55 -1.96
N MET T 16 51.15 35.75 -1.42
CA MET T 16 51.55 35.80 -0.02
C MET T 16 53.07 35.98 0.04
N ILE T 17 53.52 36.95 0.84
CA ILE T 17 54.94 37.16 1.11
C ILE T 17 55.23 36.96 2.61
N GLU T 18 56.12 36.01 2.90
CA GLU T 18 56.66 35.83 4.24
C GLU T 18 57.94 36.63 4.39
N LYS T 19 58.01 37.44 5.45
CA LYS T 19 59.19 38.25 5.75
C LYS T 19 59.53 38.21 7.24
N ALA T 20 60.76 38.64 7.57
CA ALA T 20 61.23 38.69 8.96
C ALA T 20 61.34 40.14 9.40
N LYS T 21 61.22 40.37 10.70
CA LYS T 21 61.26 41.71 11.29
C LYS T 21 62.59 42.41 11.00
N GLY T 22 62.52 43.69 10.63
CA GLY T 22 63.71 44.48 10.30
C GLY T 22 64.15 44.39 8.84
N GLU T 23 63.53 43.49 8.08
CA GLU T 23 63.79 43.37 6.65
C GLU T 23 62.84 44.30 5.89
N THR T 24 63.12 44.51 4.60
CA THR T 24 62.26 45.31 3.75
C THR T 24 61.51 44.39 2.79
N ALA T 25 60.20 44.55 2.71
CA ALA T 25 59.36 43.71 1.86
C ALA T 25 59.17 44.40 0.51
N TYR T 26 59.48 43.68 -0.56
CA TYR T 26 59.26 44.16 -1.92
C TYR T 26 57.87 43.70 -2.36
N LEU T 27 56.93 44.63 -2.44
CA LEU T 27 55.55 44.34 -2.81
C LEU T 27 55.33 44.65 -4.30
N PRO T 28 55.37 43.61 -5.16
CA PRO T 28 55.33 43.87 -6.59
C PRO T 28 53.92 44.16 -7.12
N CYS T 29 53.85 45.06 -8.10
CA CYS T 29 52.59 45.40 -8.76
C CYS T 29 52.92 45.94 -10.15
N LYS T 30 53.18 45.01 -11.06
CA LYS T 30 53.54 45.33 -12.44
C LYS T 30 52.27 45.26 -13.26
N PHE T 31 52.02 46.28 -14.08
CA PHE T 31 50.78 46.34 -14.85
C PHE T 31 51.02 46.53 -16.35
N THR T 32 50.08 46.02 -17.15
CA THR T 32 50.10 46.19 -18.59
C THR T 32 48.95 47.10 -18.99
N LEU T 33 49.22 48.05 -19.88
CA LEU T 33 48.21 49.01 -20.35
C LEU T 33 47.62 48.57 -21.68
N SER T 34 46.31 48.76 -21.82
CA SER T 34 45.57 48.50 -23.05
C SER T 34 45.55 49.80 -23.86
N PRO T 35 45.42 49.72 -25.20
CA PRO T 35 45.35 50.95 -26.02
C PRO T 35 44.18 51.87 -25.66
N GLU T 36 43.06 51.28 -25.25
CA GLU T 36 41.86 52.04 -24.84
C GLU T 36 42.03 52.79 -23.51
N ASP T 37 43.02 52.43 -22.71
CA ASP T 37 43.27 53.06 -21.41
C ASP T 37 43.84 54.46 -21.54
N GLN T 38 42.95 55.42 -21.73
CA GLN T 38 43.30 56.78 -22.11
C GLN T 38 43.18 57.80 -20.97
N GLY T 39 42.63 57.38 -19.84
CA GLY T 39 42.49 58.24 -18.68
C GLY T 39 43.82 58.47 -17.97
N PRO T 40 43.82 59.37 -16.97
CA PRO T 40 45.06 59.60 -16.23
C PRO T 40 45.42 58.35 -15.42
N LEU T 41 46.71 57.99 -15.41
CA LEU T 41 47.18 56.91 -14.55
C LEU T 41 47.01 57.32 -13.08
N ASP T 42 46.41 56.41 -12.32
CA ASP T 42 45.79 56.72 -11.04
C ASP T 42 46.02 55.48 -10.18
N ILE T 43 47.06 55.52 -9.34
CA ILE T 43 47.50 54.34 -8.59
C ILE T 43 47.45 54.59 -7.09
N GLU T 44 47.02 53.58 -6.33
CA GLU T 44 47.08 53.64 -4.88
C GLU T 44 47.29 52.30 -4.24
N TRP T 45 48.00 52.33 -3.11
CA TRP T 45 48.21 51.14 -2.30
C TRP T 45 47.45 51.33 -1.00
N LEU T 46 46.82 50.25 -0.53
CA LEU T 46 46.02 50.27 0.69
C LEU T 46 46.53 49.19 1.61
N ILE T 47 46.22 49.35 2.90
CA ILE T 47 46.55 48.39 3.95
C ILE T 47 45.29 48.03 4.74
N SER T 48 45.04 46.74 4.88
CA SER T 48 44.06 46.23 5.85
C SER T 48 44.84 45.57 6.98
N PRO T 49 45.15 46.36 8.04
CA PRO T 49 45.96 45.83 9.13
C PRO T 49 45.23 44.77 9.95
N ALA T 50 45.92 43.68 10.28
CA ALA T 50 45.38 42.65 11.16
C ALA T 50 45.21 43.14 12.62
N ASP T 51 45.99 44.16 12.98
CA ASP T 51 46.01 44.71 14.35
C ASP T 51 44.69 45.32 14.82
N ASN T 52 44.00 46.03 13.93
CA ASN T 52 42.83 46.82 14.33
C ASN T 52 41.62 46.70 13.38
N GLN T 53 40.58 47.47 13.69
CA GLN T 53 39.28 47.34 13.05
C GLN T 53 39.22 48.00 11.68
N LYS T 54 40.02 49.06 11.48
CA LYS T 54 39.97 49.82 10.24
C LYS T 54 40.57 49.05 9.06
N VAL T 55 40.01 49.30 7.88
CA VAL T 55 40.32 48.54 6.67
C VAL T 55 40.53 49.51 5.51
N ASP T 56 41.19 49.03 4.46
CA ASP T 56 41.34 49.78 3.22
C ASP T 56 41.89 51.20 3.46
N GLN T 57 43.00 51.27 4.18
CA GLN T 57 43.62 52.55 4.52
C GLN T 57 44.78 52.86 3.57
N VAL T 58 44.68 53.99 2.86
CA VAL T 58 45.76 54.43 1.96
C VAL T 58 47.10 54.47 2.67
N ILE T 59 48.14 54.02 1.98
CA ILE T 59 49.52 54.12 2.49
C ILE T 59 50.41 54.99 1.59
N ILE T 60 50.15 54.95 0.29
CA ILE T 60 50.86 55.75 -0.69
C ILE T 60 50.00 55.87 -1.96
N LEU T 61 50.27 56.93 -2.73
CA LEU T 61 49.45 57.34 -3.84
C LEU T 61 50.31 57.85 -5.00
N TYR T 62 49.89 57.58 -6.24
CA TYR T 62 50.47 58.23 -7.43
C TYR T 62 49.38 58.78 -8.35
N SER T 63 49.32 60.11 -8.49
CA SER T 63 48.43 60.75 -9.45
C SER T 63 49.04 62.07 -9.89
N GLY T 64 48.74 62.48 -11.13
CA GLY T 64 49.31 63.69 -11.71
C GLY T 64 50.83 63.66 -11.77
N ASP T 65 51.37 62.47 -12.01
CA ASP T 65 52.81 62.23 -12.06
C ASP T 65 53.55 62.72 -10.81
N LYS T 66 52.87 62.60 -9.67
CA LYS T 66 53.37 63.03 -8.38
C LYS T 66 53.07 61.93 -7.36
N ILE T 67 53.94 61.79 -6.36
CA ILE T 67 53.77 60.77 -5.33
C ILE T 67 53.40 61.42 -4.01
N TYR T 68 52.39 60.85 -3.35
CA TYR T 68 51.91 61.32 -2.04
C TYR T 68 51.93 60.16 -1.05
N ASP T 69 52.59 60.33 0.09
CA ASP T 69 52.81 59.23 1.02
C ASP T 69 52.56 59.51 2.52
N ASP T 70 51.99 60.66 2.87
CA ASP T 70 51.86 61.06 4.28
C ASP T 70 50.46 60.69 4.84
N TYR T 71 50.08 59.42 4.75
CA TYR T 71 48.70 59.00 5.10
C TYR T 71 48.59 58.08 6.31
N TYR T 72 49.42 57.05 6.35
CA TYR T 72 49.38 56.02 7.38
C TYR T 72 50.50 56.27 8.39
N PRO T 73 50.15 56.86 9.57
CA PRO T 73 51.17 57.18 10.57
C PRO T 73 52.15 56.05 10.90
N ASP T 74 51.68 54.81 10.97
CA ASP T 74 52.54 53.68 11.33
C ASP T 74 53.66 53.43 10.33
N LEU T 75 53.37 53.64 9.05
CA LEU T 75 54.34 53.42 7.97
C LEU T 75 55.11 54.69 7.56
N LYS T 76 55.07 55.71 8.40
CA LYS T 76 55.75 56.97 8.16
C LYS T 76 57.23 56.75 7.80
N GLY T 77 57.61 57.20 6.61
CA GLY T 77 58.99 57.16 6.13
C GLY T 77 59.47 55.77 5.73
N ARG T 78 58.55 54.80 5.71
CA ARG T 78 58.90 53.39 5.45
C ARG T 78 58.31 52.82 4.17
N VAL T 79 57.49 53.61 3.47
CA VAL T 79 56.90 53.19 2.20
C VAL T 79 57.40 54.10 1.08
N HIS T 80 57.74 53.48 -0.05
CA HIS T 80 58.09 54.24 -1.27
C HIS T 80 57.98 53.36 -2.51
N PHE T 81 57.63 54.00 -3.63
CA PHE T 81 57.64 53.35 -4.93
C PHE T 81 59.08 53.04 -5.32
N THR T 82 59.31 51.85 -5.86
CA THR T 82 60.66 51.42 -6.21
C THR T 82 61.12 51.90 -7.59
N SER T 83 60.19 52.02 -8.54
CA SER T 83 60.53 52.40 -9.91
C SER T 83 60.88 53.88 -10.10
N ASN T 84 61.87 54.14 -10.95
CA ASN T 84 62.14 55.50 -11.46
C ASN T 84 61.23 55.85 -12.65
N ASP T 85 60.59 54.84 -13.23
CA ASP T 85 59.70 55.01 -14.38
C ASP T 85 58.40 54.24 -14.13
N LEU T 86 57.57 54.81 -13.25
CA LEU T 86 56.35 54.15 -12.78
C LEU T 86 55.24 54.09 -13.83
N LYS T 87 55.12 55.13 -14.65
CA LYS T 87 54.11 55.15 -15.71
C LYS T 87 54.29 54.07 -16.80
N SER T 88 55.49 53.52 -16.95
CA SER T 88 55.73 52.45 -17.93
C SER T 88 55.13 51.08 -17.55
N GLY T 89 54.79 50.88 -16.27
CA GLY T 89 54.12 49.65 -15.85
C GLY T 89 54.58 49.01 -14.55
N ASP T 90 55.08 49.81 -13.62
CA ASP T 90 55.62 49.29 -12.36
C ASP T 90 55.20 50.16 -11.17
N ALA T 91 54.19 49.69 -10.44
CA ALA T 91 53.68 50.40 -9.27
C ALA T 91 54.11 49.71 -7.96
N SER T 92 55.23 48.99 -8.02
CA SER T 92 55.70 48.21 -6.89
C SER T 92 56.24 49.12 -5.80
N ILE T 93 56.10 48.70 -4.55
CA ILE T 93 56.61 49.47 -3.40
C ILE T 93 57.49 48.62 -2.48
N ASN T 94 58.30 49.32 -1.68
CA ASN T 94 59.04 48.72 -0.58
C ASN T 94 58.42 49.12 0.75
N VAL T 95 58.25 48.14 1.64
CA VAL T 95 57.98 48.42 3.06
C VAL T 95 59.22 48.06 3.88
N THR T 96 60.06 49.06 4.14
CA THR T 96 61.33 48.87 4.83
C THR T 96 61.17 48.72 6.35
N ASN T 97 62.21 48.18 6.98
CA ASN T 97 62.28 47.95 8.43
C ASN T 97 60.99 47.36 9.00
N LEU T 98 60.62 46.19 8.48
CA LEU T 98 59.34 45.56 8.80
C LEU T 98 59.15 45.36 10.31
N GLN T 99 57.94 45.65 10.78
CA GLN T 99 57.55 45.42 12.17
C GLN T 99 56.41 44.40 12.20
N LEU T 100 56.08 43.95 13.41
CA LEU T 100 55.03 42.95 13.61
C LEU T 100 53.65 43.52 13.26
N SER T 101 53.51 44.83 13.45
CA SER T 101 52.27 45.55 13.20
C SER T 101 51.99 45.79 11.72
N ASP T 102 52.96 45.44 10.85
CA ASP T 102 52.77 45.57 9.40
C ASP T 102 51.96 44.42 8.82
N ILE T 103 51.69 43.40 9.64
CA ILE T 103 50.91 42.25 9.21
C ILE T 103 49.54 42.73 8.72
N GLY T 104 49.19 42.33 7.51
CA GLY T 104 47.91 42.69 6.92
C GLY T 104 47.87 42.41 5.43
N THR T 105 46.76 42.78 4.80
CA THR T 105 46.57 42.65 3.36
C THR T 105 46.87 43.99 2.69
N TYR T 106 47.78 43.97 1.72
CA TYR T 106 48.16 45.17 0.99
C TYR T 106 47.57 45.14 -0.40
N GLN T 107 46.74 46.12 -0.72
CA GLN T 107 46.11 46.17 -2.01
C GLN T 107 46.73 47.25 -2.92
N CYS T 108 47.08 46.85 -4.14
CA CYS T 108 47.51 47.75 -5.20
C CYS T 108 46.37 47.95 -6.17
N LYS T 109 45.91 49.19 -6.33
CA LYS T 109 44.88 49.53 -7.31
C LYS T 109 45.51 50.39 -8.39
N VAL T 110 45.46 49.93 -9.63
CA VAL T 110 45.82 50.73 -10.80
C VAL T 110 44.55 51.08 -11.59
N LYS T 111 44.36 52.36 -11.87
CA LYS T 111 43.31 52.80 -12.78
C LYS T 111 43.96 53.55 -13.92
N LYS T 112 43.46 53.32 -15.12
CA LYS T 112 43.71 54.22 -16.23
C LYS T 112 42.49 54.11 -17.15
N ALA T 113 41.50 54.95 -16.89
CA ALA T 113 40.14 54.77 -17.43
C ALA T 113 40.15 54.45 -18.92
N PRO T 114 39.32 53.48 -19.36
CA PRO T 114 38.39 52.64 -18.58
C PRO T 114 39.05 51.51 -17.78
N GLY T 115 40.36 51.34 -17.89
CA GLY T 115 41.08 50.26 -17.20
C GLY T 115 41.08 50.38 -15.69
N VAL T 116 40.85 49.25 -15.04
CA VAL T 116 40.94 49.14 -13.57
C VAL T 116 41.49 47.76 -13.25
N ALA T 117 42.50 47.69 -12.42
CA ALA T 117 42.96 46.40 -11.92
C ALA T 117 43.45 46.54 -10.49
N ASN T 118 43.28 45.50 -9.69
CA ASN T 118 43.94 45.45 -8.41
C ASN T 118 44.57 44.10 -8.07
N LYS T 119 45.44 44.17 -7.07
CA LYS T 119 46.22 43.05 -6.61
C LYS T 119 46.26 43.12 -5.10
N LYS T 120 45.94 42.01 -4.44
CA LYS T 120 46.06 41.89 -2.98
C LYS T 120 47.26 41.02 -2.63
N ILE T 121 48.07 41.48 -1.68
CA ILE T 121 49.19 40.70 -1.14
C ILE T 121 49.01 40.57 0.36
N HIS T 122 48.99 39.34 0.86
CA HIS T 122 48.88 39.10 2.29
C HIS T 122 50.30 39.06 2.87
N LEU T 123 50.68 40.12 3.59
CA LEU T 123 52.02 40.27 4.15
C LEU T 123 52.09 39.74 5.59
N VAL T 124 52.98 38.77 5.82
CA VAL T 124 53.20 38.18 7.15
C VAL T 124 54.64 38.44 7.60
N VAL T 125 54.80 38.91 8.84
CA VAL T 125 56.09 39.37 9.37
C VAL T 125 56.54 38.53 10.57
N ALA U 5 23.76 -84.05 23.97
CA ALA U 5 23.83 -83.36 25.29
C ALA U 5 22.65 -82.40 25.48
N ARG U 6 22.60 -81.76 26.65
CA ARG U 6 21.49 -80.87 27.03
C ARG U 6 21.64 -79.52 26.35
N SER U 7 22.86 -79.00 26.35
CA SER U 7 23.20 -77.69 25.74
C SER U 7 24.55 -77.78 25.04
N LEU U 8 24.88 -76.74 24.26
CA LEU U 8 26.23 -76.60 23.71
C LEU U 8 27.20 -76.15 24.81
N SER U 9 28.14 -77.02 25.15
CA SER U 9 29.14 -76.70 26.17
C SER U 9 30.49 -77.27 25.80
N ILE U 10 31.51 -76.73 26.47
CA ILE U 10 32.89 -77.18 26.31
C ILE U 10 33.28 -77.91 27.59
N THR U 11 34.05 -78.99 27.44
CA THR U 11 34.52 -79.78 28.58
C THR U 11 35.73 -79.10 29.23
N THR U 12 35.71 -79.04 30.56
CA THR U 12 36.68 -78.27 31.36
C THR U 12 36.93 -76.88 30.77
N PRO U 13 35.98 -75.94 30.97
CA PRO U 13 36.07 -74.61 30.36
C PRO U 13 37.24 -73.70 30.83
N GLU U 14 38.13 -74.19 31.69
CA GLU U 14 39.39 -73.50 31.95
C GLU U 14 40.52 -74.44 32.40
N GLU U 15 41.70 -74.25 31.82
CA GLU U 15 42.91 -75.01 32.19
C GLU U 15 44.14 -74.11 32.18
N MET U 16 45.14 -74.50 32.98
CA MET U 16 46.42 -73.79 33.03
C MET U 16 47.52 -74.77 32.65
N ILE U 17 48.26 -74.44 31.58
CA ILE U 17 49.21 -75.37 30.96
C ILE U 17 50.64 -74.81 30.98
N GLU U 18 51.58 -75.65 31.39
CA GLU U 18 53.01 -75.33 31.31
C GLU U 18 53.69 -76.19 30.23
N LYS U 19 54.60 -75.58 29.49
CA LYS U 19 55.43 -76.27 28.50
C LYS U 19 56.81 -75.63 28.42
N ALA U 20 57.75 -76.31 27.76
CA ALA U 20 59.12 -75.84 27.65
C ALA U 20 59.41 -75.26 26.26
N LYS U 21 60.43 -74.40 26.19
CA LYS U 21 60.84 -73.73 24.95
C LYS U 21 61.15 -74.74 23.85
N GLY U 22 60.36 -74.74 22.78
CA GLY U 22 60.57 -75.62 21.63
C GLY U 22 59.56 -76.74 21.46
N GLU U 23 58.88 -77.12 22.54
CA GLU U 23 57.88 -78.19 22.50
C GLU U 23 56.57 -77.70 21.85
N THR U 24 55.67 -78.62 21.59
CA THR U 24 54.36 -78.29 21.04
C THR U 24 53.30 -78.34 22.16
N ALA U 25 52.60 -77.22 22.34
CA ALA U 25 51.54 -77.13 23.35
C ALA U 25 50.26 -77.60 22.71
N TYR U 26 49.59 -78.58 23.34
CA TYR U 26 48.29 -79.05 22.87
C TYR U 26 47.20 -78.36 23.68
N LEU U 27 46.33 -77.62 22.98
CA LEU U 27 45.26 -76.86 23.62
C LEU U 27 43.89 -77.52 23.34
N PRO U 28 43.35 -78.25 24.34
CA PRO U 28 42.11 -78.99 24.09
C PRO U 28 40.87 -78.12 24.14
N CYS U 29 40.02 -78.25 23.12
CA CYS U 29 38.70 -77.64 23.13
C CYS U 29 37.69 -78.63 22.56
N LYS U 30 37.14 -79.45 23.45
CA LYS U 30 36.17 -80.45 23.09
C LYS U 30 34.81 -79.91 23.48
N PHE U 31 33.83 -80.07 22.59
CA PHE U 31 32.50 -79.54 22.84
C PHE U 31 31.42 -80.56 22.51
N THR U 32 30.24 -80.33 23.08
CA THR U 32 29.08 -81.16 22.78
C THR U 32 27.93 -80.32 22.19
N LEU U 33 27.17 -80.93 21.29
CA LEU U 33 26.03 -80.28 20.65
C LEU U 33 24.74 -80.82 21.25
N SER U 34 23.74 -79.95 21.38
CA SER U 34 22.40 -80.37 21.78
C SER U 34 21.50 -80.31 20.55
N PRO U 35 20.29 -80.92 20.61
CA PRO U 35 19.41 -81.01 19.43
C PRO U 35 18.97 -79.64 18.89
N GLU U 36 18.92 -78.63 19.77
CA GLU U 36 18.55 -77.27 19.41
C GLU U 36 19.59 -76.61 18.50
N ASP U 37 20.84 -77.06 18.60
CA ASP U 37 21.98 -76.38 18.00
C ASP U 37 22.00 -76.61 16.50
N GLN U 38 21.24 -75.78 15.79
CA GLN U 38 20.93 -76.00 14.38
C GLN U 38 21.53 -74.96 13.44
N GLY U 39 22.25 -73.96 13.98
CA GLY U 39 22.96 -72.99 13.15
C GLY U 39 24.23 -73.58 12.56
N PRO U 40 24.96 -72.79 11.75
CA PRO U 40 26.25 -73.25 11.22
C PRO U 40 27.34 -73.32 12.29
N LEU U 41 28.23 -74.30 12.19
CA LEU U 41 29.34 -74.42 13.14
C LEU U 41 30.40 -73.34 12.90
N ASP U 42 30.72 -72.63 13.98
CA ASP U 42 31.50 -71.40 13.95
C ASP U 42 32.54 -71.55 15.07
N ILE U 43 33.81 -71.72 14.72
CA ILE U 43 34.87 -71.86 15.73
C ILE U 43 35.95 -70.82 15.52
N GLU U 44 36.43 -70.25 16.63
CA GLU U 44 37.63 -69.40 16.60
C GLU U 44 38.48 -69.55 17.86
N TRP U 45 39.78 -69.41 17.67
CA TRP U 45 40.71 -69.33 18.79
C TRP U 45 41.28 -67.93 18.85
N LEU U 46 41.37 -67.40 20.06
CA LEU U 46 41.84 -66.05 20.28
C LEU U 46 43.02 -66.13 21.23
N ILE U 47 43.95 -65.19 21.11
CA ILE U 47 45.07 -65.07 22.03
C ILE U 47 45.11 -63.67 22.65
N SER U 48 45.15 -63.63 23.99
CA SER U 48 45.48 -62.43 24.72
C SER U 48 46.91 -62.60 25.25
N PRO U 49 47.91 -62.19 24.46
CA PRO U 49 49.31 -62.40 24.85
C PRO U 49 49.72 -61.56 26.07
N ALA U 50 50.58 -62.13 26.90
CA ALA U 50 51.15 -61.39 28.05
C ALA U 50 52.03 -60.24 27.60
N ASP U 51 52.77 -60.45 26.51
CA ASP U 51 53.79 -59.48 26.05
C ASP U 51 53.24 -58.22 25.37
N ASN U 52 51.99 -58.25 24.92
CA ASN U 52 51.34 -57.10 24.27
C ASN U 52 50.10 -56.60 25.02
N GLN U 53 49.77 -55.33 24.81
CA GLN U 53 48.53 -54.74 25.31
C GLN U 53 47.30 -55.31 24.58
N LYS U 54 47.49 -55.69 23.32
CA LYS U 54 46.37 -56.16 22.48
C LYS U 54 45.81 -57.49 23.00
N VAL U 55 44.50 -57.63 22.89
CA VAL U 55 43.76 -58.70 23.54
C VAL U 55 42.76 -59.30 22.57
N ASP U 56 42.34 -60.54 22.83
CA ASP U 56 41.34 -61.25 22.02
C ASP U 56 41.70 -61.24 20.52
N GLN U 57 42.93 -61.60 20.20
CA GLN U 57 43.38 -61.59 18.80
C GLN U 57 43.22 -62.96 18.14
N VAL U 58 42.48 -63.00 17.03
CA VAL U 58 42.25 -64.25 16.32
C VAL U 58 43.57 -64.89 15.91
N ILE U 59 43.69 -66.19 16.17
CA ILE U 59 44.85 -66.96 15.71
C ILE U 59 44.48 -67.99 14.63
N ILE U 60 43.26 -68.53 14.69
CA ILE U 60 42.79 -69.53 13.72
C ILE U 60 41.27 -69.63 13.76
N LEU U 61 40.67 -70.00 12.63
CA LEU U 61 39.24 -69.93 12.47
C LEU U 61 38.69 -71.10 11.65
N TYR U 62 37.56 -71.64 12.10
CA TYR U 62 36.85 -72.67 11.34
C TYR U 62 35.43 -72.16 11.04
N SER U 63 35.13 -71.99 9.76
CA SER U 63 33.83 -71.50 9.34
C SER U 63 33.47 -72.07 7.96
N GLY U 64 32.21 -72.49 7.82
CA GLY U 64 31.72 -73.07 6.57
C GLY U 64 32.57 -74.20 6.04
N ASP U 65 32.95 -75.13 6.93
CA ASP U 65 33.80 -76.29 6.61
C ASP U 65 35.21 -75.96 6.11
N LYS U 66 35.71 -74.76 6.41
CA LYS U 66 37.03 -74.34 5.95
C LYS U 66 37.83 -73.72 7.08
N ILE U 67 39.15 -73.78 6.95
CA ILE U 67 40.08 -73.35 7.97
C ILE U 67 40.82 -72.12 7.47
N TYR U 68 40.84 -71.06 8.29
CA TYR U 68 41.55 -69.82 7.98
C TYR U 68 42.57 -69.56 9.08
N ASP U 69 43.85 -69.42 8.70
CA ASP U 69 44.96 -69.46 9.67
C ASP U 69 46.08 -68.42 9.46
N ASP U 70 45.81 -67.32 8.76
CA ASP U 70 46.85 -66.30 8.52
C ASP U 70 46.45 -64.94 9.10
N TYR U 71 46.17 -64.94 10.42
CA TYR U 71 45.71 -63.73 11.11
C TYR U 71 46.81 -63.19 12.02
N TYR U 72 47.31 -64.05 12.89
CA TYR U 72 48.31 -63.69 13.88
C TYR U 72 49.69 -64.03 13.29
N PRO U 73 50.44 -63.00 12.86
CA PRO U 73 51.71 -63.25 12.14
C PRO U 73 52.84 -63.85 12.99
N ASP U 74 52.76 -63.68 14.31
CA ASP U 74 53.76 -64.26 15.21
C ASP U 74 53.73 -65.79 15.21
N LEU U 75 52.54 -66.36 15.04
CA LEU U 75 52.36 -67.81 15.00
C LEU U 75 52.24 -68.36 13.56
N LYS U 76 52.84 -67.66 12.59
CA LYS U 76 52.78 -68.07 11.18
C LYS U 76 53.27 -69.50 10.98
N GLY U 77 52.36 -70.36 10.50
CA GLY U 77 52.68 -71.75 10.20
C GLY U 77 52.76 -72.68 11.41
N ARG U 78 52.47 -72.16 12.60
CA ARG U 78 52.67 -72.91 13.85
C ARG U 78 51.38 -73.25 14.60
N VAL U 79 50.22 -72.92 14.02
CA VAL U 79 48.94 -73.24 14.63
C VAL U 79 48.10 -74.07 13.67
N HIS U 80 47.53 -75.16 14.18
CA HIS U 80 46.61 -75.97 13.39
C HIS U 80 45.70 -76.81 14.28
N PHE U 81 44.46 -76.99 13.83
CA PHE U 81 43.52 -77.88 14.50
C PHE U 81 44.05 -79.31 14.44
N THR U 82 43.99 -80.02 15.56
CA THR U 82 44.50 -81.39 15.65
C THR U 82 43.53 -82.41 15.05
N SER U 83 42.24 -82.13 15.14
CA SER U 83 41.21 -83.08 14.71
C SER U 83 41.08 -83.20 13.20
N ASN U 84 40.88 -84.44 12.76
CA ASN U 84 40.53 -84.73 11.37
C ASN U 84 39.04 -84.49 11.10
N ASP U 85 38.27 -84.34 12.18
CA ASP U 85 36.82 -84.14 12.09
C ASP U 85 36.35 -83.24 13.23
N LEU U 86 36.40 -81.92 12.99
CA LEU U 86 36.02 -80.93 13.99
C LEU U 86 34.54 -80.96 14.33
N LYS U 87 33.71 -81.00 13.29
CA LYS U 87 32.25 -80.98 13.46
C LYS U 87 31.71 -82.04 14.43
N SER U 88 32.47 -83.12 14.61
CA SER U 88 32.11 -84.16 15.59
C SER U 88 32.40 -83.79 17.06
N GLY U 89 33.03 -82.63 17.30
CA GLY U 89 33.16 -82.09 18.65
C GLY U 89 34.57 -81.84 19.17
N ASP U 90 35.56 -81.75 18.28
CA ASP U 90 36.96 -81.57 18.67
C ASP U 90 37.59 -80.36 17.99
N ALA U 91 37.54 -79.23 18.68
CA ALA U 91 38.13 -77.96 18.21
C ALA U 91 39.52 -77.71 18.80
N SER U 92 40.24 -78.78 19.12
CA SER U 92 41.55 -78.66 19.74
C SER U 92 42.58 -78.23 18.72
N ILE U 93 43.59 -77.50 19.20
CA ILE U 93 44.72 -77.08 18.38
C ILE U 93 46.03 -77.42 19.08
N ASN U 94 47.13 -77.20 18.38
CA ASN U 94 48.44 -77.14 19.02
C ASN U 94 49.31 -76.02 18.45
N VAL U 95 50.13 -75.44 19.32
CA VAL U 95 51.11 -74.44 18.93
C VAL U 95 52.49 -75.09 18.92
N THR U 96 53.01 -75.39 17.72
CA THR U 96 54.32 -76.02 17.57
C THR U 96 55.44 -75.01 17.78
N ASN U 97 56.61 -75.50 18.20
CA ASN U 97 57.82 -74.69 18.37
C ASN U 97 57.66 -73.54 19.38
N LEU U 98 57.20 -73.86 20.58
CA LEU U 98 56.88 -72.85 21.60
C LEU U 98 58.01 -71.86 21.90
N GLN U 99 57.66 -70.57 21.94
CA GLN U 99 58.59 -69.47 22.19
C GLN U 99 58.15 -68.73 23.46
N LEU U 100 59.04 -67.88 23.98
CA LEU U 100 58.75 -67.06 25.16
C LEU U 100 57.63 -66.04 24.91
N SER U 101 57.49 -65.60 23.66
CA SER U 101 56.47 -64.63 23.27
C SER U 101 55.10 -65.27 22.98
N ASP U 102 54.95 -66.56 23.31
CA ASP U 102 53.68 -67.26 23.16
C ASP U 102 52.89 -67.33 24.47
N ILE U 103 53.49 -66.88 25.56
CA ILE U 103 52.81 -66.84 26.87
C ILE U 103 51.59 -65.90 26.81
N GLY U 104 50.43 -66.43 27.19
CA GLY U 104 49.18 -65.67 27.22
C GLY U 104 48.00 -66.58 27.43
N THR U 105 46.81 -65.97 27.45
CA THR U 105 45.55 -66.71 27.60
C THR U 105 44.97 -67.00 26.22
N TYR U 106 44.71 -68.26 25.96
CA TYR U 106 44.14 -68.70 24.69
C TYR U 106 42.68 -69.03 24.90
N GLN U 107 41.84 -68.47 24.04
CA GLN U 107 40.40 -68.67 24.18
C GLN U 107 39.85 -69.42 22.98
N CYS U 108 39.14 -70.50 23.27
CA CYS U 108 38.35 -71.23 22.28
C CYS U 108 36.90 -70.77 22.38
N LYS U 109 36.30 -70.42 21.25
CA LYS U 109 34.89 -69.99 21.22
C LYS U 109 34.16 -70.82 20.18
N VAL U 110 33.13 -71.55 20.62
CA VAL U 110 32.33 -72.39 19.74
C VAL U 110 30.89 -71.87 19.70
N LYS U 111 30.38 -71.66 18.48
CA LYS U 111 28.99 -71.30 18.26
C LYS U 111 28.34 -72.31 17.32
N LYS U 112 27.15 -72.76 17.67
CA LYS U 112 26.26 -73.46 16.75
C LYS U 112 24.86 -73.10 17.21
N ALA U 113 24.35 -72.02 16.62
CA ALA U 113 23.24 -71.26 17.17
C ALA U 113 22.00 -72.12 17.41
N PRO U 114 21.32 -71.91 18.56
CA PRO U 114 21.58 -70.89 19.57
C PRO U 114 22.73 -71.17 20.54
N GLY U 115 23.40 -72.32 20.38
CA GLY U 115 24.49 -72.72 21.27
C GLY U 115 25.68 -71.79 21.16
N VAL U 116 26.24 -71.43 22.31
CA VAL U 116 27.47 -70.65 22.40
C VAL U 116 28.23 -71.11 23.62
N ALA U 117 29.52 -71.40 23.46
CA ALA U 117 30.38 -71.70 24.61
C ALA U 117 31.78 -71.16 24.35
N ASN U 118 32.51 -70.84 25.42
CA ASN U 118 33.91 -70.48 25.32
C ASN U 118 34.77 -71.13 26.40
N LYS U 119 36.05 -71.27 26.11
CA LYS U 119 37.01 -71.90 27.03
C LYS U 119 38.29 -71.09 27.05
N LYS U 120 38.84 -70.89 28.25
CA LYS U 120 40.12 -70.19 28.45
C LYS U 120 41.23 -71.21 28.76
N ILE U 121 42.38 -71.05 28.11
CA ILE U 121 43.57 -71.85 28.43
C ILE U 121 44.75 -70.90 28.66
N HIS U 122 45.29 -70.91 29.87
CA HIS U 122 46.44 -70.09 30.21
C HIS U 122 47.68 -70.89 29.89
N LEU U 123 48.52 -70.35 29.00
CA LEU U 123 49.75 -71.04 28.58
C LEU U 123 50.99 -70.33 29.16
N VAL U 124 51.77 -71.08 29.95
CA VAL U 124 53.04 -70.59 30.50
C VAL U 124 54.21 -71.26 29.78
N VAL U 125 55.28 -70.48 29.55
CA VAL U 125 56.47 -70.94 28.83
C VAL U 125 57.70 -70.26 29.42
N ALA V 5 -16.08 -48.63 -10.78
CA ALA V 5 -15.42 -49.96 -10.77
C ALA V 5 -15.17 -50.48 -9.35
N ARG V 6 -14.51 -51.64 -9.27
CA ARG V 6 -14.16 -52.30 -8.00
C ARG V 6 -12.80 -51.82 -7.42
N SER V 7 -11.91 -51.40 -8.31
CA SER V 7 -10.68 -50.70 -7.93
C SER V 7 -10.19 -49.84 -9.10
N LEU V 8 -9.15 -49.03 -8.84
CA LEU V 8 -8.55 -48.21 -9.89
C LEU V 8 -7.74 -49.09 -10.84
N SER V 9 -8.07 -49.01 -12.13
CA SER V 9 -7.33 -49.73 -13.16
C SER V 9 -7.36 -48.96 -14.48
N ILE V 10 -6.43 -49.33 -15.37
CA ILE V 10 -6.30 -48.76 -16.70
C ILE V 10 -6.63 -49.85 -17.72
N THR V 11 -7.41 -49.50 -18.74
CA THR V 11 -7.81 -50.45 -19.78
C THR V 11 -6.66 -50.69 -20.77
N THR V 12 -6.25 -51.94 -20.93
CA THR V 12 -5.07 -52.32 -21.74
C THR V 12 -3.77 -51.80 -21.11
N PRO V 13 -3.34 -52.37 -19.96
CA PRO V 13 -2.11 -51.90 -19.31
C PRO V 13 -0.78 -52.16 -20.06
N GLU V 14 -0.82 -52.88 -21.19
CA GLU V 14 0.36 -53.09 -22.03
C GLU V 14 0.00 -53.01 -23.50
N GLU V 15 0.67 -52.11 -24.21
CA GLU V 15 0.33 -51.77 -25.57
C GLU V 15 1.61 -51.59 -26.39
N MET V 16 1.51 -51.84 -27.68
CA MET V 16 2.63 -51.67 -28.61
C MET V 16 2.15 -50.89 -29.82
N ILE V 17 2.71 -49.71 -30.00
CA ILE V 17 2.30 -48.76 -31.04
C ILE V 17 3.44 -48.54 -32.00
N GLU V 18 3.14 -48.64 -33.29
CA GLU V 18 4.10 -48.37 -34.35
C GLU V 18 3.56 -47.21 -35.19
N LYS V 19 4.41 -46.21 -35.42
CA LYS V 19 4.08 -45.05 -36.23
C LYS V 19 5.25 -44.67 -37.11
N ALA V 20 5.01 -43.80 -38.08
CA ALA V 20 6.08 -43.28 -38.94
C ALA V 20 6.51 -41.91 -38.45
N LYS V 21 7.77 -41.54 -38.70
CA LYS V 21 8.29 -40.24 -38.28
C LYS V 21 7.42 -39.13 -38.86
N GLY V 22 7.21 -38.07 -38.09
CA GLY V 22 6.35 -36.96 -38.51
C GLY V 22 4.90 -37.08 -38.02
N GLU V 23 4.40 -38.31 -37.91
CA GLU V 23 3.03 -38.54 -37.45
C GLU V 23 2.90 -38.19 -35.98
N THR V 24 1.66 -38.07 -35.50
CA THR V 24 1.42 -37.93 -34.07
C THR V 24 0.95 -39.30 -33.57
N ALA V 25 1.46 -39.68 -32.40
CA ALA V 25 1.08 -40.93 -31.76
C ALA V 25 0.07 -40.64 -30.64
N TYR V 26 -1.08 -41.29 -30.71
CA TYR V 26 -2.07 -41.25 -29.64
C TYR V 26 -1.72 -42.37 -28.67
N LEU V 27 -1.30 -42.00 -27.46
CA LEU V 27 -0.94 -42.98 -26.44
C LEU V 27 -2.10 -43.07 -25.43
N PRO V 28 -2.96 -44.10 -25.56
CA PRO V 28 -4.14 -44.17 -24.69
C PRO V 28 -3.83 -44.56 -23.25
N CYS V 29 -4.51 -43.89 -22.32
CA CYS V 29 -4.48 -44.27 -20.91
C CYS V 29 -5.79 -43.85 -20.26
N LYS V 30 -6.83 -44.65 -20.49
CA LYS V 30 -8.13 -44.43 -19.89
C LYS V 30 -8.23 -45.25 -18.60
N PHE V 31 -8.82 -44.68 -17.57
CA PHE V 31 -8.86 -45.31 -16.25
C PHE V 31 -10.24 -45.23 -15.59
N THR V 32 -10.52 -46.21 -14.72
CA THR V 32 -11.77 -46.26 -13.96
C THR V 32 -11.47 -45.94 -12.51
N LEU V 33 -12.41 -45.30 -11.83
CA LEU V 33 -12.28 -44.96 -10.41
C LEU V 33 -13.29 -45.76 -9.60
N SER V 34 -12.89 -46.17 -8.39
CA SER V 34 -13.78 -46.86 -7.48
C SER V 34 -14.16 -45.89 -6.35
N PRO V 35 -15.27 -46.17 -5.62
CA PRO V 35 -15.71 -45.29 -4.54
C PRO V 35 -14.72 -45.05 -3.40
N GLU V 36 -13.74 -45.94 -3.22
CA GLU V 36 -12.75 -45.79 -2.15
C GLU V 36 -11.62 -44.82 -2.52
N ASP V 37 -11.46 -44.56 -3.81
CA ASP V 37 -10.42 -43.66 -4.32
C ASP V 37 -10.77 -42.19 -4.03
N GLN V 38 -10.52 -41.78 -2.79
CA GLN V 38 -10.90 -40.47 -2.26
C GLN V 38 -9.76 -39.45 -2.29
N GLY V 39 -8.56 -39.86 -2.69
CA GLY V 39 -7.40 -38.96 -2.68
C GLY V 39 -7.43 -38.00 -3.85
N PRO V 40 -6.42 -37.12 -3.95
CA PRO V 40 -6.33 -36.23 -5.12
C PRO V 40 -5.87 -36.98 -6.36
N LEU V 41 -6.53 -36.75 -7.50
CA LEU V 41 -6.11 -37.34 -8.74
C LEU V 41 -4.72 -36.80 -9.05
N ASP V 42 -3.84 -37.70 -9.44
CA ASP V 42 -2.42 -37.46 -9.51
C ASP V 42 -1.87 -38.30 -10.66
N ILE V 43 -1.64 -37.67 -11.80
CA ILE V 43 -1.27 -38.41 -13.02
C ILE V 43 0.09 -37.95 -13.52
N GLU V 44 0.81 -38.88 -14.13
CA GLU V 44 2.12 -38.58 -14.63
C GLU V 44 2.50 -39.54 -15.78
N TRP V 45 3.06 -38.98 -16.85
CA TRP V 45 3.64 -39.76 -17.93
C TRP V 45 5.16 -39.66 -17.88
N LEU V 46 5.80 -40.78 -18.18
CA LEU V 46 7.25 -40.92 -18.12
C LEU V 46 7.75 -41.63 -19.38
N ILE V 47 9.03 -41.42 -19.70
CA ILE V 47 9.67 -42.08 -20.81
C ILE V 47 10.97 -42.76 -20.39
N SER V 48 11.16 -43.99 -20.89
CA SER V 48 12.45 -44.68 -20.84
C SER V 48 12.91 -44.77 -22.29
N PRO V 49 13.70 -43.78 -22.75
CA PRO V 49 14.11 -43.74 -24.16
C PRO V 49 15.09 -44.84 -24.55
N ALA V 50 14.98 -45.31 -25.79
CA ALA V 50 15.93 -46.31 -26.33
C ALA V 50 17.33 -45.73 -26.56
N ASP V 51 17.41 -44.46 -26.97
CA ASP V 51 18.69 -43.88 -27.41
C ASP V 51 19.68 -43.52 -26.29
N ASN V 52 19.25 -43.51 -25.03
CA ASN V 52 20.18 -43.28 -23.91
C ASN V 52 19.88 -44.12 -22.67
N GLN V 53 20.79 -44.06 -21.71
CA GLN V 53 20.71 -44.90 -20.51
C GLN V 53 19.66 -44.44 -19.49
N LYS V 54 19.12 -43.24 -19.66
CA LYS V 54 18.11 -42.69 -18.74
C LYS V 54 16.81 -43.51 -18.76
N VAL V 55 16.16 -43.54 -17.60
CA VAL V 55 14.99 -44.35 -17.37
C VAL V 55 13.97 -43.51 -16.59
N ASP V 56 12.68 -43.78 -16.78
CA ASP V 56 11.60 -43.15 -16.00
C ASP V 56 11.67 -41.61 -15.92
N GLN V 57 11.84 -40.96 -17.06
CA GLN V 57 11.92 -39.50 -17.13
C GLN V 57 10.54 -38.87 -17.37
N VAL V 58 10.07 -38.05 -16.43
CA VAL V 58 8.79 -37.32 -16.60
C VAL V 58 8.73 -36.59 -17.91
N ILE V 59 7.59 -36.68 -18.58
CA ILE V 59 7.35 -35.85 -19.74
C ILE V 59 6.22 -34.85 -19.47
N ILE V 60 5.16 -35.31 -18.81
CA ILE V 60 4.04 -34.44 -18.46
C ILE V 60 3.36 -34.97 -17.21
N LEU V 61 2.76 -34.08 -16.43
CA LEU V 61 2.06 -34.51 -15.23
C LEU V 61 0.81 -33.67 -14.97
N TYR V 62 -0.07 -34.20 -14.13
CA TYR V 62 -1.32 -33.56 -13.75
C TYR V 62 -1.46 -33.69 -12.24
N SER V 63 -1.51 -32.58 -11.53
CA SER V 63 -1.85 -32.59 -10.10
C SER V 63 -2.47 -31.26 -9.70
N GLY V 64 -3.35 -31.29 -8.72
CA GLY V 64 -4.10 -30.11 -8.28
C GLY V 64 -4.87 -29.45 -9.40
N ASP V 65 -5.40 -30.24 -10.32
CA ASP V 65 -6.20 -29.75 -11.45
C ASP V 65 -5.44 -28.82 -12.39
N LYS V 66 -4.13 -29.00 -12.47
CA LYS V 66 -3.27 -28.26 -13.38
C LYS V 66 -2.38 -29.24 -14.10
N ILE V 67 -2.05 -28.88 -15.33
CA ILE V 67 -1.15 -29.65 -16.19
C ILE V 67 0.21 -28.96 -16.14
N TYR V 68 1.26 -29.74 -15.89
CA TYR V 68 2.63 -29.25 -15.98
C TYR V 68 3.37 -30.07 -17.04
N ASP V 69 3.99 -29.38 -18.01
CA ASP V 69 4.58 -30.03 -19.19
C ASP V 69 6.02 -29.60 -19.54
N ASP V 70 6.65 -28.80 -18.70
CA ASP V 70 8.04 -28.34 -18.96
C ASP V 70 9.06 -29.27 -18.27
N TYR V 71 9.26 -30.49 -18.81
CA TYR V 71 10.11 -31.50 -18.10
C TYR V 71 11.14 -32.27 -18.93
N TYR V 72 10.72 -32.79 -20.08
CA TYR V 72 11.60 -33.56 -20.96
C TYR V 72 11.95 -32.74 -22.22
N PRO V 73 13.17 -32.18 -22.28
CA PRO V 73 13.52 -31.24 -23.37
C PRO V 73 13.32 -31.74 -24.81
N ASP V 74 13.60 -33.02 -25.08
CA ASP V 74 13.45 -33.57 -26.45
C ASP V 74 12.00 -33.63 -26.92
N LEU V 75 11.06 -33.65 -25.98
CA LEU V 75 9.64 -33.71 -26.30
C LEU V 75 8.94 -32.37 -26.08
N LYS V 76 9.70 -31.31 -25.81
CA LYS V 76 9.12 -29.99 -25.49
C LYS V 76 8.14 -29.51 -26.58
N GLY V 77 6.94 -29.13 -26.14
CA GLY V 77 5.88 -28.66 -27.05
C GLY V 77 5.13 -29.73 -27.82
N ARG V 78 5.62 -30.97 -27.79
CA ARG V 78 5.06 -32.07 -28.59
C ARG V 78 4.18 -33.05 -27.82
N VAL V 79 4.00 -32.82 -26.52
CA VAL V 79 3.20 -33.71 -25.68
C VAL V 79 2.03 -32.95 -25.06
N HIS V 80 0.84 -33.53 -25.14
CA HIS V 80 -0.32 -32.94 -24.47
C HIS V 80 -1.43 -33.95 -24.16
N PHE V 81 -2.11 -33.71 -23.04
CA PHE V 81 -3.29 -34.47 -22.71
C PHE V 81 -4.39 -34.17 -23.75
N THR V 82 -4.96 -35.23 -24.31
CA THR V 82 -5.97 -35.11 -25.36
C THR V 82 -7.37 -34.78 -24.82
N SER V 83 -7.68 -35.25 -23.61
CA SER V 83 -9.02 -35.06 -23.03
C SER V 83 -9.25 -33.63 -22.52
N ASN V 84 -10.50 -33.19 -22.63
CA ASN V 84 -10.98 -31.93 -22.07
C ASN V 84 -11.27 -32.08 -20.58
N ASP V 85 -11.63 -33.28 -20.17
CA ASP V 85 -11.86 -33.60 -18.76
C ASP V 85 -11.06 -34.86 -18.39
N LEU V 86 -9.80 -34.66 -18.01
CA LEU V 86 -8.95 -35.76 -17.51
C LEU V 86 -9.56 -36.45 -16.30
N LYS V 87 -10.14 -35.65 -15.41
CA LYS V 87 -10.66 -36.19 -14.14
C LYS V 87 -11.79 -37.21 -14.32
N SER V 88 -12.44 -37.20 -15.47
CA SER V 88 -13.50 -38.16 -15.76
C SER V 88 -12.99 -39.54 -16.20
N GLY V 89 -11.68 -39.71 -16.30
CA GLY V 89 -11.08 -41.02 -16.57
C GLY V 89 -10.27 -41.17 -17.85
N ASP V 90 -9.77 -40.07 -18.39
CA ASP V 90 -8.97 -40.11 -19.62
C ASP V 90 -7.65 -39.33 -19.47
N ALA V 91 -6.57 -40.06 -19.20
CA ALA V 91 -5.24 -39.51 -19.05
C ALA V 91 -4.39 -39.63 -20.33
N SER V 92 -5.03 -39.93 -21.46
CA SER V 92 -4.34 -40.15 -22.73
C SER V 92 -3.54 -38.93 -23.19
N ILE V 93 -2.45 -39.18 -23.91
CA ILE V 93 -1.66 -38.12 -24.51
C ILE V 93 -1.38 -38.33 -25.99
N ASN V 94 -1.09 -37.22 -26.66
CA ASN V 94 -0.56 -37.23 -28.02
C ASN V 94 0.90 -36.88 -27.97
N VAL V 95 1.73 -37.63 -28.68
CA VAL V 95 3.09 -37.19 -29.00
C VAL V 95 3.16 -36.85 -30.48
N THR V 96 3.20 -35.55 -30.77
CA THR V 96 3.09 -35.00 -32.11
C THR V 96 4.45 -34.95 -32.81
N ASN V 97 4.42 -34.86 -34.14
CA ASN V 97 5.63 -34.80 -34.96
C ASN V 97 6.71 -35.80 -34.51
N LEU V 98 6.38 -37.08 -34.55
CA LEU V 98 7.25 -38.12 -34.01
C LEU V 98 8.66 -38.13 -34.60
N GLN V 99 9.65 -38.13 -33.72
CA GLN V 99 11.07 -38.16 -34.09
C GLN V 99 11.57 -39.59 -33.85
N LEU V 100 12.72 -39.94 -34.43
CA LEU V 100 13.34 -41.24 -34.18
C LEU V 100 13.89 -41.32 -32.76
N SER V 101 14.16 -40.16 -32.15
CA SER V 101 14.56 -40.10 -30.75
C SER V 101 13.42 -40.39 -29.75
N ASP V 102 12.18 -40.41 -30.24
CA ASP V 102 11.01 -40.70 -29.40
C ASP V 102 10.77 -42.19 -29.13
N ILE V 103 11.55 -43.06 -29.77
CA ILE V 103 11.42 -44.50 -29.56
C ILE V 103 11.74 -44.85 -28.10
N GLY V 104 10.79 -45.51 -27.44
CA GLY V 104 10.98 -45.92 -26.07
C GLY V 104 9.71 -46.47 -25.44
N THR V 105 9.78 -46.70 -24.13
CA THR V 105 8.63 -47.13 -23.37
C THR V 105 8.08 -45.92 -22.63
N TYR V 106 6.78 -45.68 -22.80
CA TYR V 106 6.09 -44.59 -22.14
C TYR V 106 5.21 -45.16 -21.05
N GLN V 107 5.27 -44.56 -19.86
CA GLN V 107 4.50 -45.06 -18.73
C GLN V 107 3.49 -44.04 -18.20
N CYS V 108 2.24 -44.44 -18.20
CA CYS V 108 1.17 -43.70 -17.56
C CYS V 108 1.00 -44.24 -16.17
N LYS V 109 1.07 -43.37 -15.18
CA LYS V 109 0.81 -43.71 -13.81
C LYS V 109 -0.36 -42.88 -13.33
N VAL V 110 -1.41 -43.54 -12.86
CA VAL V 110 -2.58 -42.86 -12.31
C VAL V 110 -2.72 -43.19 -10.82
N LYS V 111 -2.80 -42.14 -9.99
CA LYS V 111 -3.08 -42.32 -8.57
C LYS V 111 -4.28 -41.52 -8.17
N LYS V 112 -5.18 -42.17 -7.46
CA LYS V 112 -6.19 -41.47 -6.68
C LYS V 112 -6.36 -42.30 -5.43
N ALA V 113 -5.58 -41.95 -4.41
CA ALA V 113 -5.38 -42.75 -3.20
C ALA V 113 -6.68 -43.31 -2.65
N PRO V 114 -6.70 -44.62 -2.29
CA PRO V 114 -5.61 -45.60 -2.37
C PRO V 114 -5.38 -46.22 -3.76
N GLY V 115 -6.22 -45.85 -4.73
CA GLY V 115 -6.07 -46.33 -6.09
C GLY V 115 -4.74 -45.98 -6.71
N VAL V 116 -4.14 -46.96 -7.39
CA VAL V 116 -2.97 -46.74 -8.24
C VAL V 116 -3.07 -47.73 -9.39
N ALA V 117 -2.63 -47.30 -10.56
CA ALA V 117 -2.51 -48.17 -11.73
C ALA V 117 -1.45 -47.58 -12.65
N ASN V 118 -0.82 -48.42 -13.46
CA ASN V 118 0.12 -47.93 -14.46
C ASN V 118 -0.02 -48.72 -15.77
N LYS V 119 0.38 -48.07 -16.86
CA LYS V 119 0.30 -48.67 -18.19
C LYS V 119 1.61 -48.39 -18.90
N LYS V 120 2.15 -49.40 -19.57
CA LYS V 120 3.33 -49.24 -20.42
C LYS V 120 2.97 -49.30 -21.90
N ILE V 121 3.54 -48.38 -22.68
CA ILE V 121 3.40 -48.37 -24.13
C ILE V 121 4.77 -48.35 -24.77
N HIS V 122 5.04 -49.33 -25.63
CA HIS V 122 6.30 -49.35 -26.36
C HIS V 122 6.07 -48.70 -27.72
N LEU V 123 6.62 -47.51 -27.90
CA LEU V 123 6.43 -46.73 -29.11
C LEU V 123 7.61 -46.91 -30.05
N VAL V 124 7.35 -47.43 -31.24
CA VAL V 124 8.35 -47.53 -32.31
C VAL V 124 8.00 -46.49 -33.38
N VAL V 125 9.03 -45.87 -33.93
CA VAL V 125 8.90 -44.86 -34.96
C VAL V 125 9.76 -45.27 -36.16
N LEU V 126 9.12 -45.43 -37.31
CA LEU V 126 9.78 -45.87 -38.54
C LEU V 126 10.12 -44.69 -39.44
N VAL V 127 11.15 -44.86 -40.27
CA VAL V 127 11.47 -43.87 -41.30
C VAL V 127 10.91 -44.33 -42.66
N SER W 7 -2.82 -31.56 43.32
CA SER W 7 -1.75 -31.32 42.31
C SER W 7 -0.75 -30.28 42.81
N LEU W 8 0.47 -30.35 42.27
CA LEU W 8 1.48 -29.32 42.50
C LEU W 8 1.00 -28.02 41.84
N SER W 9 0.98 -26.95 42.64
CA SER W 9 0.46 -25.66 42.19
C SER W 9 1.22 -24.52 42.87
N ILE W 10 1.25 -23.36 42.21
CA ILE W 10 1.74 -22.13 42.82
C ILE W 10 0.54 -21.19 43.07
N THR W 11 0.57 -20.46 44.18
CA THR W 11 -0.52 -19.54 44.53
C THR W 11 -0.37 -18.23 43.77
N THR W 12 -1.43 -17.83 43.07
CA THR W 12 -1.46 -16.64 42.21
C THR W 12 -0.41 -16.74 41.08
N PRO W 13 -0.71 -17.57 40.04
CA PRO W 13 0.22 -17.80 38.92
C PRO W 13 0.62 -16.58 38.06
N GLU W 14 0.02 -15.41 38.27
CA GLU W 14 0.49 -14.19 37.62
C GLU W 14 0.24 -12.94 38.46
N GLU W 15 1.24 -12.04 38.46
CA GLU W 15 1.17 -10.79 39.22
C GLU W 15 1.90 -9.66 38.48
N MET W 16 1.51 -8.42 38.79
CA MET W 16 2.22 -7.24 38.33
C MET W 16 2.67 -6.45 39.55
N ILE W 17 3.96 -6.11 39.59
CA ILE W 17 4.59 -5.50 40.76
C ILE W 17 5.42 -4.29 40.34
N GLU W 18 5.11 -3.13 40.90
CA GLU W 18 5.84 -1.90 40.59
C GLU W 18 6.64 -1.43 41.81
N LYS W 19 7.91 -1.10 41.56
CA LYS W 19 8.83 -0.65 42.62
C LYS W 19 9.66 0.55 42.16
N ALA W 20 10.34 1.18 43.12
CA ALA W 20 11.18 2.35 42.85
C ALA W 20 12.66 1.95 42.76
N LYS W 21 13.46 2.84 42.20
CA LYS W 21 14.91 2.62 42.09
C LYS W 21 15.51 2.46 43.49
N GLY W 22 16.37 1.46 43.66
CA GLY W 22 17.03 1.22 44.94
C GLY W 22 16.23 0.37 45.92
N GLU W 23 14.94 0.15 45.64
CA GLU W 23 14.10 -0.74 46.45
C GLU W 23 14.47 -2.21 46.19
N THR W 24 14.07 -3.08 47.11
CA THR W 24 14.25 -4.52 46.94
C THR W 24 12.90 -5.17 46.68
N ALA W 25 12.74 -5.77 45.50
CA ALA W 25 11.48 -6.39 45.10
C ALA W 25 11.38 -7.81 45.68
N TYR W 26 10.24 -8.11 46.29
CA TYR W 26 9.95 -9.44 46.80
C TYR W 26 9.03 -10.12 45.78
N LEU W 27 9.53 -11.20 45.19
CA LEU W 27 8.80 -11.95 44.17
C LEU W 27 8.29 -13.25 44.79
N PRO W 28 7.01 -13.26 45.24
CA PRO W 28 6.49 -14.47 45.88
C PRO W 28 6.30 -15.67 44.95
N CYS W 29 6.69 -16.85 45.41
CA CYS W 29 6.42 -18.09 44.69
C CYS W 29 6.22 -19.23 45.67
N LYS W 30 5.04 -19.26 46.27
CA LYS W 30 4.70 -20.29 47.24
C LYS W 30 3.94 -21.41 46.52
N PHE W 31 4.31 -22.66 46.82
CA PHE W 31 3.72 -23.81 46.16
C PHE W 31 3.25 -24.86 47.16
N THR W 32 2.26 -25.65 46.73
CA THR W 32 1.70 -26.74 47.52
C THR W 32 1.97 -28.04 46.76
N LEU W 33 2.47 -29.06 47.46
CA LEU W 33 2.79 -30.34 46.83
C LEU W 33 1.66 -31.35 46.98
N SER W 34 1.62 -32.29 46.04
CA SER W 34 0.67 -33.39 46.01
C SER W 34 1.40 -34.63 46.57
N PRO W 35 0.67 -35.64 47.05
CA PRO W 35 1.36 -36.85 47.52
C PRO W 35 2.02 -37.70 46.41
N GLU W 36 1.54 -37.55 45.17
CA GLU W 36 2.13 -38.25 44.04
C GLU W 36 3.45 -37.61 43.58
N ASP W 37 3.71 -36.39 44.06
CA ASP W 37 4.92 -35.65 43.68
C ASP W 37 6.13 -36.21 44.44
N GLN W 38 6.66 -37.32 43.93
CA GLN W 38 7.74 -38.05 44.62
C GLN W 38 9.09 -37.85 43.95
N GLY W 39 9.15 -37.01 42.91
CA GLY W 39 10.42 -36.69 42.28
C GLY W 39 11.20 -35.70 43.14
N PRO W 40 12.46 -35.40 42.75
CA PRO W 40 13.26 -34.42 43.48
C PRO W 40 12.78 -32.99 43.24
N LEU W 41 12.81 -32.17 44.28
CA LEU W 41 12.43 -30.77 44.19
C LEU W 41 13.42 -30.03 43.29
N ASP W 42 12.87 -29.38 42.28
CA ASP W 42 13.61 -28.89 41.14
C ASP W 42 13.01 -27.53 40.74
N ILE W 43 13.58 -26.46 41.30
CA ILE W 43 13.08 -25.08 41.15
C ILE W 43 14.07 -24.16 40.38
N GLU W 44 13.52 -23.31 39.51
CA GLU W 44 14.30 -22.26 38.85
C GLU W 44 13.50 -20.97 38.63
N TRP W 45 14.21 -19.85 38.73
CA TRP W 45 13.70 -18.55 38.31
C TRP W 45 14.39 -18.17 37.02
N LEU W 46 13.63 -17.55 36.11
CA LEU W 46 14.18 -16.99 34.88
C LEU W 46 13.77 -15.55 34.71
N ILE W 47 14.55 -14.81 33.95
CA ILE W 47 14.20 -13.43 33.59
C ILE W 47 14.08 -13.31 32.08
N SER W 48 13.08 -12.57 31.63
CA SER W 48 13.02 -12.08 30.25
C SER W 48 13.06 -10.56 30.32
N PRO W 49 14.25 -9.97 30.17
CA PRO W 49 14.40 -8.52 30.32
C PRO W 49 13.89 -7.72 29.12
N ALA W 50 13.38 -6.51 29.37
CA ALA W 50 12.84 -5.66 28.33
C ALA W 50 13.93 -5.06 27.44
N ASP W 51 15.12 -4.83 28.00
CA ASP W 51 16.21 -4.15 27.28
C ASP W 51 16.98 -5.08 26.33
N ASN W 52 17.11 -6.34 26.70
CA ASN W 52 17.79 -7.32 25.87
C ASN W 52 16.78 -8.10 25.04
N GLN W 53 17.23 -8.64 23.90
CA GLN W 53 16.45 -9.54 23.05
C GLN W 53 16.38 -10.95 23.65
N LYS W 54 17.27 -11.22 24.60
CA LYS W 54 17.35 -12.51 25.26
C LYS W 54 16.06 -12.82 26.02
N VAL W 55 15.70 -14.10 26.08
CA VAL W 55 14.48 -14.54 26.73
C VAL W 55 14.81 -15.69 27.68
N ASP W 56 14.03 -15.80 28.76
CA ASP W 56 14.06 -16.96 29.66
C ASP W 56 15.47 -17.34 30.10
N GLN W 57 16.14 -16.38 30.74
CA GLN W 57 17.51 -16.58 31.22
C GLN W 57 17.46 -16.90 32.71
N VAL W 58 18.11 -17.99 33.12
CA VAL W 58 18.18 -18.34 34.54
C VAL W 58 18.87 -17.23 35.33
N ILE W 59 18.30 -16.93 36.48
CA ILE W 59 18.91 -16.00 37.43
C ILE W 59 19.30 -16.74 38.72
N ILE W 60 18.50 -17.73 39.12
CA ILE W 60 18.76 -18.53 40.33
C ILE W 60 18.09 -19.90 40.21
N LEU W 61 18.67 -20.88 40.88
CA LEU W 61 18.30 -22.27 40.73
C LEU W 61 18.42 -23.03 42.06
N TYR W 62 17.42 -23.85 42.37
CA TYR W 62 17.49 -24.76 43.52
C TYR W 62 17.41 -26.20 43.04
N SER W 63 18.48 -26.94 43.30
CA SER W 63 18.59 -28.33 42.90
C SER W 63 19.47 -29.09 43.91
N GLY W 64 19.08 -30.32 44.21
CA GLY W 64 19.83 -31.20 45.12
C GLY W 64 20.14 -30.58 46.47
N ASP W 65 19.15 -29.88 47.02
CA ASP W 65 19.28 -29.13 48.27
C ASP W 65 20.36 -28.04 48.27
N LYS W 66 20.73 -27.55 47.10
CA LYS W 66 21.75 -26.52 46.97
C LYS W 66 21.24 -25.40 46.09
N ILE W 67 21.72 -24.19 46.36
CA ILE W 67 21.35 -23.01 45.59
C ILE W 67 22.49 -22.66 44.65
N TYR W 68 22.14 -22.34 43.41
CA TYR W 68 23.10 -21.90 42.41
C TYR W 68 22.63 -20.57 41.82
N ASP W 69 23.49 -19.54 41.88
CA ASP W 69 23.10 -18.17 41.57
C ASP W 69 24.20 -17.39 40.84
N ASP W 70 24.99 -18.09 40.02
CA ASP W 70 26.14 -17.50 39.34
C ASP W 70 25.92 -17.55 37.82
N TYR W 71 24.72 -17.18 37.38
CA TYR W 71 24.28 -17.36 35.99
C TYR W 71 24.15 -16.06 35.20
N TYR W 72 23.48 -15.09 35.82
CA TYR W 72 23.05 -13.84 35.20
C TYR W 72 23.90 -12.70 35.77
N PRO W 73 24.95 -12.28 35.01
CA PRO W 73 25.89 -11.26 35.45
C PRO W 73 25.29 -9.95 36.00
N ASP W 74 24.18 -9.50 35.41
CA ASP W 74 23.55 -8.23 35.83
C ASP W 74 22.91 -8.27 37.22
N LEU W 75 22.56 -9.47 37.70
CA LEU W 75 22.01 -9.63 39.05
C LEU W 75 23.04 -10.17 40.06
N LYS W 76 24.32 -10.18 39.68
CA LYS W 76 25.37 -10.69 40.57
C LYS W 76 25.26 -10.09 41.99
N GLY W 77 24.95 -10.95 42.95
CA GLY W 77 24.84 -10.57 44.37
C GLY W 77 23.50 -10.03 44.82
N ARG W 78 22.61 -9.73 43.87
CA ARG W 78 21.35 -9.06 44.17
C ARG W 78 20.11 -9.98 44.20
N VAL W 79 20.27 -11.22 43.75
CA VAL W 79 19.18 -12.21 43.83
C VAL W 79 19.49 -13.27 44.89
N HIS W 80 18.51 -13.54 45.76
CA HIS W 80 18.58 -14.66 46.70
C HIS W 80 17.18 -15.16 47.06
N PHE W 81 17.09 -16.44 47.43
CA PHE W 81 15.86 -17.01 47.96
C PHE W 81 15.62 -16.45 49.36
N THR W 82 14.38 -16.14 49.67
CA THR W 82 14.04 -15.50 50.95
C THR W 82 13.78 -16.52 52.07
N SER W 83 13.34 -17.73 51.71
CA SER W 83 12.88 -18.71 52.70
C SER W 83 13.99 -19.58 53.30
N ASN W 84 13.87 -19.80 54.62
CA ASN W 84 14.81 -20.61 55.39
C ASN W 84 14.61 -22.10 55.14
N ASP W 85 13.34 -22.51 54.99
CA ASP W 85 12.98 -23.88 54.61
C ASP W 85 12.23 -23.83 53.28
N LEU W 86 13.01 -23.78 52.20
CA LEU W 86 12.50 -23.63 50.85
C LEU W 86 11.74 -24.87 50.38
N LYS W 87 12.29 -26.05 50.67
CA LYS W 87 11.64 -27.32 50.34
C LYS W 87 10.20 -27.45 50.86
N SER W 88 9.86 -26.74 51.93
CA SER W 88 8.52 -26.78 52.52
C SER W 88 7.42 -26.10 51.69
N GLY W 89 7.79 -25.31 50.69
CA GLY W 89 6.81 -24.69 49.80
C GLY W 89 6.95 -23.20 49.54
N ASP W 90 8.16 -22.66 49.64
CA ASP W 90 8.41 -21.23 49.44
C ASP W 90 9.66 -20.98 48.60
N ALA W 91 9.47 -20.85 47.29
CA ALA W 91 10.55 -20.56 46.35
C ALA W 91 10.74 -19.05 46.11
N SER W 92 10.16 -18.22 46.96
CA SER W 92 10.20 -16.77 46.78
C SER W 92 11.64 -16.26 46.81
N ILE W 93 11.87 -15.18 46.06
CA ILE W 93 13.18 -14.52 46.00
C ILE W 93 13.07 -13.00 46.17
N ASN W 94 14.16 -12.40 46.62
CA ASN W 94 14.32 -10.95 46.64
C ASN W 94 15.27 -10.50 45.55
N VAL W 95 14.98 -9.34 44.96
CA VAL W 95 15.91 -8.70 44.02
C VAL W 95 16.23 -7.31 44.58
N THR W 96 17.37 -7.20 45.27
CA THR W 96 17.75 -6.00 46.01
C THR W 96 18.36 -4.91 45.12
N ASN W 97 18.27 -3.66 45.58
CA ASN W 97 18.78 -2.49 44.85
C ASN W 97 18.33 -2.45 43.37
N LEU W 98 17.01 -2.37 43.17
CA LEU W 98 16.41 -2.40 41.83
C LEU W 98 16.88 -1.25 40.93
N GLN W 99 17.32 -1.60 39.72
CA GLN W 99 17.69 -0.61 38.71
C GLN W 99 16.65 -0.63 37.59
N LEU W 100 16.83 0.23 36.59
CA LEU W 100 15.90 0.30 35.46
C LEU W 100 16.13 -0.83 34.44
N SER W 101 17.31 -1.44 34.51
CA SER W 101 17.63 -2.59 33.65
C SER W 101 17.03 -3.90 34.17
N ASP W 102 16.47 -3.87 35.39
CA ASP W 102 15.80 -5.03 35.98
C ASP W 102 14.34 -5.19 35.52
N ILE W 103 13.87 -4.30 34.67
CA ILE W 103 12.51 -4.38 34.15
C ILE W 103 12.36 -5.63 33.27
N GLY W 104 11.35 -6.43 33.56
CA GLY W 104 11.06 -7.60 32.74
C GLY W 104 10.09 -8.57 33.40
N THR W 105 9.91 -9.72 32.75
CA THR W 105 9.07 -10.79 33.26
C THR W 105 9.93 -11.82 34.01
N TYR W 106 9.59 -12.06 35.27
CA TYR W 106 10.28 -13.07 36.08
C TYR W 106 9.40 -14.30 36.23
N GLN W 107 9.92 -15.47 35.86
CA GLN W 107 9.17 -16.73 35.94
C GLN W 107 9.73 -17.69 36.98
N CYS W 108 8.83 -18.24 37.79
CA CYS W 108 9.18 -19.24 38.79
C CYS W 108 8.66 -20.57 38.27
N LYS W 109 9.57 -21.51 37.99
CA LYS W 109 9.20 -22.87 37.60
C LYS W 109 9.52 -23.81 38.77
N VAL W 110 8.50 -24.51 39.27
CA VAL W 110 8.68 -25.53 40.30
C VAL W 110 8.33 -26.92 39.76
N LYS W 111 9.29 -27.83 39.83
CA LYS W 111 9.07 -29.23 39.47
C LYS W 111 9.28 -30.15 40.67
N LYS W 112 8.38 -31.11 40.81
CA LYS W 112 8.58 -32.24 41.68
C LYS W 112 7.79 -33.38 41.07
N ALA W 113 8.48 -34.19 40.28
CA ALA W 113 7.85 -35.10 39.33
C ALA W 113 6.79 -36.00 39.98
N PRO W 114 5.62 -36.17 39.33
CA PRO W 114 5.19 -35.62 38.04
C PRO W 114 4.62 -34.20 38.05
N GLY W 115 4.54 -33.57 39.21
CA GLY W 115 4.01 -32.22 39.33
C GLY W 115 4.90 -31.15 38.70
N VAL W 116 4.26 -30.16 38.07
CA VAL W 116 4.95 -29.03 37.47
C VAL W 116 4.03 -27.82 37.60
N ALA W 117 4.55 -26.70 38.09
CA ALA W 117 3.80 -25.45 38.10
C ALA W 117 4.74 -24.33 37.76
N ASN W 118 4.21 -23.28 37.15
CA ASN W 118 5.00 -22.07 36.97
C ASN W 118 4.18 -20.79 37.11
N LYS W 119 4.87 -19.74 37.53
CA LYS W 119 4.24 -18.45 37.81
C LYS W 119 5.06 -17.34 37.17
N LYS W 120 4.39 -16.38 36.54
CA LYS W 120 5.05 -15.19 35.98
C LYS W 120 4.81 -13.97 36.87
N ILE W 121 5.78 -13.06 36.85
CA ILE W 121 5.73 -11.81 37.60
C ILE W 121 6.33 -10.72 36.72
N HIS W 122 5.58 -9.66 36.49
CA HIS W 122 6.04 -8.54 35.67
C HIS W 122 6.52 -7.40 36.57
N LEU W 123 7.85 -7.20 36.60
CA LEU W 123 8.46 -6.20 37.46
C LEU W 123 8.71 -4.89 36.70
N VAL W 124 8.23 -3.78 37.25
CA VAL W 124 8.49 -2.45 36.69
C VAL W 124 9.35 -1.66 37.68
N VAL W 125 10.19 -0.77 37.15
CA VAL W 125 11.07 0.09 37.97
C VAL W 125 11.20 1.47 37.34
N SER X 7 -9.60 -27.94 30.86
CA SER X 7 -10.66 -26.99 31.28
C SER X 7 -10.24 -25.54 31.00
N LEU X 8 -10.82 -24.96 29.94
CA LEU X 8 -10.58 -23.55 29.61
C LEU X 8 -11.14 -22.66 30.72
N SER X 9 -10.30 -21.76 31.23
CA SER X 9 -10.68 -20.94 32.38
C SER X 9 -10.26 -19.48 32.22
N ILE X 10 -11.01 -18.58 32.84
CA ILE X 10 -10.66 -17.17 32.94
C ILE X 10 -10.32 -16.84 34.40
N THR X 11 -9.37 -15.92 34.60
CA THR X 11 -8.99 -15.47 35.95
C THR X 11 -10.00 -14.47 36.52
N THR X 12 -10.51 -14.75 37.73
CA THR X 12 -11.55 -13.95 38.41
C THR X 12 -12.83 -13.75 37.56
N PRO X 13 -13.68 -14.79 37.48
CA PRO X 13 -14.87 -14.82 36.59
C PRO X 13 -15.92 -13.70 36.77
N GLU X 14 -15.81 -12.89 37.82
CA GLU X 14 -16.61 -11.66 37.94
C GLU X 14 -15.98 -10.65 38.91
N GLU X 15 -15.93 -9.39 38.50
CA GLU X 15 -15.43 -8.31 39.35
C GLU X 15 -16.08 -6.96 38.99
N MET X 16 -16.02 -6.02 39.93
CA MET X 16 -16.67 -4.72 39.80
C MET X 16 -15.63 -3.61 39.75
N ILE X 17 -15.72 -2.76 38.73
CA ILE X 17 -14.70 -1.75 38.47
C ILE X 17 -15.32 -0.35 38.36
N GLU X 18 -14.74 0.61 39.07
CA GLU X 18 -15.26 1.98 39.16
C GLU X 18 -14.28 2.97 38.54
N LYS X 19 -14.81 3.87 37.70
CA LYS X 19 -14.01 4.95 37.09
C LYS X 19 -14.84 6.22 36.90
N ALA X 20 -14.16 7.33 36.63
CA ALA X 20 -14.79 8.63 36.36
C ALA X 20 -14.74 8.97 34.87
N LYS X 21 -15.54 9.95 34.46
CA LYS X 21 -15.64 10.36 33.05
C LYS X 21 -14.29 10.75 32.44
N GLY X 22 -14.13 10.47 31.15
CA GLY X 22 -12.91 10.83 30.42
C GLY X 22 -11.73 9.89 30.61
N GLU X 23 -11.85 8.96 31.57
CA GLU X 23 -10.77 8.04 31.90
C GLU X 23 -10.79 6.81 30.99
N THR X 24 -9.74 5.99 31.12
CA THR X 24 -9.58 4.78 30.32
C THR X 24 -9.71 3.55 31.19
N ALA X 25 -10.70 2.70 30.86
CA ALA X 25 -11.00 1.52 31.65
C ALA X 25 -10.33 0.28 31.08
N TYR X 26 -9.48 -0.35 31.88
CA TYR X 26 -8.87 -1.64 31.50
C TYR X 26 -9.73 -2.78 32.04
N LEU X 27 -10.33 -3.55 31.13
CA LEU X 27 -11.16 -4.69 31.48
C LEU X 27 -10.37 -5.98 31.28
N PRO X 28 -9.95 -6.63 32.38
CA PRO X 28 -9.09 -7.81 32.31
C PRO X 28 -9.83 -9.10 31.93
N CYS X 29 -9.34 -9.78 30.90
CA CYS X 29 -9.87 -11.08 30.51
C CYS X 29 -8.74 -11.98 30.01
N LYS X 30 -8.01 -12.58 30.95
CA LYS X 30 -6.92 -13.51 30.65
C LYS X 30 -7.42 -14.92 30.87
N PHE X 31 -6.99 -15.85 30.00
CA PHE X 31 -7.49 -17.23 30.02
C PHE X 31 -6.38 -18.28 29.92
N THR X 32 -6.70 -19.48 30.41
CA THR X 32 -5.78 -20.62 30.42
C THR X 32 -6.37 -21.76 29.58
N LEU X 33 -5.67 -22.15 28.52
CA LEU X 33 -6.13 -23.23 27.64
C LEU X 33 -5.69 -24.62 28.14
N SER X 34 -6.41 -25.63 27.69
CA SER X 34 -6.19 -27.03 28.06
C SER X 34 -5.70 -27.79 26.82
N PRO X 35 -5.06 -28.96 27.01
CA PRO X 35 -4.65 -29.74 25.84
C PRO X 35 -5.80 -30.21 24.94
N GLU X 36 -7.00 -30.34 25.53
CA GLU X 36 -8.19 -30.76 24.78
C GLU X 36 -8.72 -29.63 23.88
N ASP X 37 -8.43 -28.38 24.25
CA ASP X 37 -8.94 -27.21 23.53
C ASP X 37 -8.28 -27.05 22.15
N GLN X 38 -8.81 -27.78 21.18
CA GLN X 38 -8.23 -27.90 19.85
C GLN X 38 -8.93 -27.06 18.78
N GLY X 39 -10.04 -26.42 19.14
CA GLY X 39 -10.80 -25.61 18.19
C GLY X 39 -10.14 -24.28 17.91
N PRO X 40 -10.73 -23.49 17.00
CA PRO X 40 -10.20 -22.15 16.71
C PRO X 40 -10.53 -21.18 17.85
N LEU X 41 -9.59 -20.28 18.15
CA LEU X 41 -9.77 -19.30 19.21
C LEU X 41 -10.82 -18.25 18.79
N ASP X 42 -11.82 -18.06 19.63
CA ASP X 42 -13.03 -17.34 19.25
C ASP X 42 -13.46 -16.52 20.46
N ILE X 43 -13.03 -15.26 20.48
CA ILE X 43 -13.27 -14.37 21.62
C ILE X 43 -14.32 -13.33 21.23
N GLU X 44 -15.13 -12.95 22.21
CA GLU X 44 -16.18 -11.98 22.00
C GLU X 44 -16.38 -11.17 23.28
N TRP X 45 -16.51 -9.86 23.13
CA TRP X 45 -16.88 -8.97 24.23
C TRP X 45 -18.27 -8.41 23.98
N LEU X 46 -19.12 -8.49 24.99
CA LEU X 46 -20.49 -8.02 24.88
C LEU X 46 -20.78 -6.93 25.90
N ILE X 47 -21.81 -6.12 25.63
CA ILE X 47 -22.26 -5.11 26.58
C ILE X 47 -23.77 -5.20 26.78
N SER X 48 -24.19 -5.30 28.03
CA SER X 48 -25.59 -5.11 28.44
C SER X 48 -25.68 -3.77 29.19
N PRO X 49 -25.95 -2.67 28.47
CA PRO X 49 -25.95 -1.36 29.11
C PRO X 49 -27.16 -1.10 29.99
N ALA X 50 -26.95 -0.40 31.11
CA ALA X 50 -28.04 0.08 31.96
C ALA X 50 -28.73 1.27 31.28
N ASP X 51 -28.04 1.87 30.33
CA ASP X 51 -28.52 3.02 29.55
C ASP X 51 -29.82 2.71 28.79
N ASN X 52 -29.83 1.60 28.06
CA ASN X 52 -30.97 1.25 27.20
C ASN X 52 -31.39 -0.24 27.30
N GLN X 53 -32.48 -0.57 26.64
CA GLN X 53 -33.17 -1.86 26.82
C GLN X 53 -32.40 -3.08 26.30
N LYS X 54 -31.75 -2.93 25.15
CA LYS X 54 -31.09 -4.05 24.48
C LYS X 54 -29.98 -4.69 25.33
N VAL X 55 -29.84 -6.00 25.21
CA VAL X 55 -28.96 -6.80 26.06
C VAL X 55 -27.95 -7.57 25.19
N ASP X 56 -26.80 -7.90 25.78
CA ASP X 56 -25.78 -8.75 25.14
C ASP X 56 -25.40 -8.35 23.71
N GLN X 57 -24.96 -7.09 23.58
CA GLN X 57 -24.58 -6.51 22.29
C GLN X 57 -23.07 -6.59 22.08
N VAL X 58 -22.65 -7.10 20.92
CA VAL X 58 -21.23 -7.11 20.55
C VAL X 58 -20.64 -5.71 20.57
N ILE X 59 -19.44 -5.61 21.10
CA ILE X 59 -18.66 -4.38 21.02
C ILE X 59 -17.39 -4.62 20.19
N ILE X 60 -16.87 -5.84 20.27
CA ILE X 60 -15.62 -6.20 19.63
C ILE X 60 -15.47 -7.73 19.68
N LEU X 61 -14.87 -8.30 18.65
CA LEU X 61 -14.60 -9.74 18.65
C LEU X 61 -13.27 -10.07 17.98
N TYR X 62 -12.70 -11.20 18.39
CA TYR X 62 -11.50 -11.77 17.77
C TYR X 62 -11.89 -13.12 17.17
N SER X 63 -11.51 -13.34 15.92
CA SER X 63 -11.85 -14.54 15.20
C SER X 63 -10.97 -14.66 13.97
N GLY X 64 -10.39 -15.85 13.78
CA GLY X 64 -9.53 -16.13 12.63
C GLY X 64 -8.31 -15.24 12.57
N ASP X 65 -7.66 -15.06 13.72
CA ASP X 65 -6.48 -14.17 13.86
C ASP X 65 -6.74 -12.77 13.29
N LYS X 66 -7.90 -12.20 13.63
CA LYS X 66 -8.33 -10.91 13.10
C LYS X 66 -9.30 -10.25 14.08
N ILE X 67 -9.10 -8.96 14.33
CA ILE X 67 -9.96 -8.17 15.20
C ILE X 67 -11.06 -7.49 14.39
N TYR X 68 -12.30 -7.60 14.86
CA TYR X 68 -13.44 -6.92 14.24
C TYR X 68 -14.13 -6.06 15.30
N ASP X 69 -14.28 -4.77 15.04
CA ASP X 69 -14.57 -3.80 16.12
C ASP X 69 -15.59 -2.69 15.80
N ASP X 70 -16.43 -2.89 14.78
CA ASP X 70 -17.43 -1.86 14.43
C ASP X 70 -18.85 -2.43 14.53
N TYR X 71 -19.29 -2.63 15.77
CA TYR X 71 -20.61 -3.21 16.07
C TYR X 71 -21.49 -2.29 16.92
N TYR X 72 -20.88 -1.68 17.94
CA TYR X 72 -21.59 -0.81 18.88
C TYR X 72 -21.28 0.66 18.57
N PRO X 73 -22.26 1.41 18.01
CA PRO X 73 -22.00 2.78 17.55
C PRO X 73 -21.49 3.73 18.63
N ASP X 74 -21.99 3.58 19.85
CA ASP X 74 -21.59 4.44 20.96
C ASP X 74 -20.12 4.28 21.36
N LEU X 75 -19.54 3.11 21.13
CA LEU X 75 -18.14 2.85 21.49
C LEU X 75 -17.17 3.07 20.31
N LYS X 76 -17.69 3.56 19.19
CA LYS X 76 -16.88 3.77 17.97
C LYS X 76 -15.51 4.37 18.29
N GLY X 77 -14.45 3.61 17.99
CA GLY X 77 -13.07 4.07 18.18
C GLY X 77 -12.53 4.07 19.61
N ARG X 78 -13.30 3.54 20.55
CA ARG X 78 -12.95 3.59 21.96
C ARG X 78 -12.74 2.21 22.60
N VAL X 79 -12.91 1.13 21.82
CA VAL X 79 -12.63 -0.24 22.27
C VAL X 79 -11.43 -0.82 21.52
N HIS X 80 -10.47 -1.34 22.28
CA HIS X 80 -9.27 -1.98 21.72
C HIS X 80 -8.84 -3.16 22.59
N PHE X 81 -8.46 -4.26 21.94
CA PHE X 81 -7.74 -5.33 22.62
C PHE X 81 -6.34 -4.80 23.02
N THR X 82 -5.97 -5.03 24.27
CA THR X 82 -4.73 -4.48 24.82
C THR X 82 -3.48 -5.29 24.47
N SER X 83 -3.63 -6.60 24.37
CA SER X 83 -2.48 -7.48 24.10
C SER X 83 -2.10 -7.50 22.63
N ASN X 84 -0.79 -7.60 22.36
CA ASN X 84 -0.28 -7.80 21.00
C ASN X 84 -0.40 -9.26 20.56
N ASP X 85 -0.34 -10.20 21.51
CA ASP X 85 -0.57 -11.63 21.25
C ASP X 85 -1.73 -12.15 22.09
N LEU X 86 -2.94 -12.06 21.56
CA LEU X 86 -4.15 -12.60 22.20
C LEU X 86 -4.08 -14.13 22.26
N LYS X 87 -3.59 -14.75 21.20
CA LYS X 87 -3.42 -16.21 21.09
C LYS X 87 -2.85 -16.87 22.35
N SER X 88 -1.93 -16.17 23.04
CA SER X 88 -1.33 -16.68 24.26
C SER X 88 -2.38 -16.92 25.35
N GLY X 89 -3.15 -15.88 25.66
CA GLY X 89 -4.19 -15.96 26.69
C GLY X 89 -4.55 -14.63 27.34
N ASP X 90 -4.62 -13.57 26.55
CA ASP X 90 -4.90 -12.23 27.03
C ASP X 90 -5.90 -11.56 26.10
N ALA X 91 -7.19 -11.69 26.44
CA ALA X 91 -8.28 -11.10 25.67
C ALA X 91 -8.77 -9.80 26.32
N SER X 92 -7.91 -9.15 27.11
CA SER X 92 -8.31 -7.94 27.83
C SER X 92 -8.51 -6.79 26.87
N ILE X 93 -9.44 -5.89 27.21
CA ILE X 93 -9.77 -4.76 26.36
C ILE X 93 -9.68 -3.43 27.12
N ASN X 94 -9.73 -2.35 26.36
CA ASN X 94 -9.62 -1.02 26.90
C ASN X 94 -10.80 -0.18 26.43
N VAL X 95 -11.50 0.47 27.37
CA VAL X 95 -12.56 1.42 27.02
C VAL X 95 -12.08 2.83 27.37
N THR X 96 -11.62 3.55 26.34
CA THR X 96 -10.98 4.85 26.50
C THR X 96 -11.99 6.01 26.44
N ASN X 97 -11.69 7.09 27.18
CA ASN X 97 -12.53 8.30 27.21
C ASN X 97 -13.98 8.04 27.66
N LEU X 98 -14.11 7.55 28.91
CA LEU X 98 -15.39 7.06 29.42
C LEU X 98 -16.50 8.11 29.54
N GLN X 99 -17.74 7.65 29.53
CA GLN X 99 -18.93 8.47 29.75
C GLN X 99 -19.85 7.76 30.73
N LEU X 100 -20.91 8.45 31.17
CA LEU X 100 -21.93 7.84 32.04
C LEU X 100 -22.84 6.87 31.27
N SER X 101 -22.83 6.99 29.94
CA SER X 101 -23.55 6.05 29.06
C SER X 101 -22.89 4.67 29.03
N ASP X 102 -21.61 4.61 29.40
CA ASP X 102 -20.86 3.35 29.39
C ASP X 102 -21.12 2.47 30.62
N ILE X 103 -22.00 2.92 31.52
CA ILE X 103 -22.42 2.11 32.66
C ILE X 103 -23.19 0.90 32.15
N GLY X 104 -22.71 -0.29 32.51
CA GLY X 104 -23.33 -1.54 32.09
C GLY X 104 -22.44 -2.73 32.37
N THR X 105 -22.93 -3.91 31.99
CA THR X 105 -22.20 -5.16 32.21
C THR X 105 -21.44 -5.52 30.93
N TYR X 106 -20.14 -5.75 31.09
CA TYR X 106 -19.27 -6.06 29.96
C TYR X 106 -18.86 -7.53 30.09
N GLN X 107 -19.30 -8.36 29.16
CA GLN X 107 -19.06 -9.79 29.21
C GLN X 107 -17.97 -10.21 28.23
N CYS X 108 -16.96 -10.90 28.75
CA CYS X 108 -15.92 -11.49 27.94
C CYS X 108 -16.18 -12.98 27.80
N LYS X 109 -16.50 -13.41 26.59
CA LYS X 109 -16.74 -14.82 26.29
C LYS X 109 -15.58 -15.36 25.47
N VAL X 110 -14.84 -16.31 26.03
CA VAL X 110 -13.75 -16.98 25.31
C VAL X 110 -14.17 -18.41 24.94
N LYS X 111 -13.85 -18.81 23.71
CA LYS X 111 -14.11 -20.17 23.23
C LYS X 111 -12.86 -20.74 22.55
N LYS X 112 -12.55 -22.00 22.85
CA LYS X 112 -11.63 -22.77 22.04
C LYS X 112 -12.05 -24.23 22.17
N ALA X 113 -12.85 -24.69 21.22
CA ALA X 113 -13.62 -25.93 21.35
C ALA X 113 -12.76 -27.12 21.81
N PRO X 114 -13.29 -27.93 22.75
CA PRO X 114 -14.55 -27.84 23.46
C PRO X 114 -14.58 -26.80 24.60
N GLY X 115 -13.47 -26.12 24.84
CA GLY X 115 -13.36 -25.16 25.93
C GLY X 115 -14.20 -23.93 25.69
N VAL X 116 -14.88 -23.49 26.76
CA VAL X 116 -15.76 -22.31 26.76
C VAL X 116 -15.68 -21.73 28.16
N ALA X 117 -15.52 -20.43 28.26
CA ALA X 117 -15.59 -19.73 29.56
C ALA X 117 -16.01 -18.29 29.33
N ASN X 118 -16.50 -17.65 30.38
CA ASN X 118 -16.89 -16.25 30.29
C ASN X 118 -16.69 -15.53 31.60
N LYS X 119 -16.74 -14.20 31.53
CA LYS X 119 -16.54 -13.34 32.67
C LYS X 119 -17.36 -12.08 32.49
N LYS X 120 -18.03 -11.64 33.56
CA LYS X 120 -18.75 -10.37 33.55
C LYS X 120 -18.01 -9.34 34.42
N ILE X 121 -17.92 -8.13 33.90
CA ILE X 121 -17.35 -7.01 34.63
C ILE X 121 -18.39 -5.90 34.66
N HIS X 122 -18.72 -5.42 35.86
CA HIS X 122 -19.73 -4.38 36.02
C HIS X 122 -19.05 -3.01 36.13
N LEU X 123 -19.26 -2.18 35.12
CA LEU X 123 -18.62 -0.87 35.03
C LEU X 123 -19.60 0.23 35.47
#